data_5M64
#
_entry.id   5M64
#
_cell.length_a   1.00
_cell.length_b   1.00
_cell.length_c   1.00
_cell.angle_alpha   90.00
_cell.angle_beta   90.00
_cell.angle_gamma   90.00
#
_symmetry.space_group_name_H-M   'P 1'
#
loop_
_entity.id
_entity.type
_entity.pdbx_description
1 polymer 'DNA-directed RNA polymerase I subunit RPA190'
2 polymer 'DNA-directed RNA polymerase I subunit RPA135'
3 polymer 'DNA-directed RNA polymerases I and III subunit RPAC1'
4 polymer 'DNA-directed RNA polymerase I subunit RPA14'
5 polymer 'DNA-directed RNA polymerases I, II, and III subunit RPABC1'
6 polymer 'DNA-directed RNA polymerases I, II, and III subunit RPABC2'
7 polymer 'DNA-directed RNA polymerase I subunit RPA43'
8 polymer 'DNA-directed RNA polymerases I, II, and III subunit RPABC3'
9 polymer 'DNA-directed RNA polymerase I subunit RPA12'
10 polymer 'DNA-directed RNA polymerases I, II, and III subunit RPABC5'
11 polymer 'DNA-directed RNA polymerases I and III subunit RPAC2'
12 polymer 'DNA-directed RNA polymerases I, II, and III subunit RPABC4'
13 polymer 'DNA-directed RNA polymerase I subunit RPA49'
14 polymer 'DNA-directed RNA polymerase I subunit RPA34'
15 polymer 'Non-template DNA'
16 polymer 'Template DNA'
17 polymer RNA
18 non-polymer 'ZINC ION'
#
loop_
_entity_poly.entity_id
_entity_poly.type
_entity_poly.pdbx_seq_one_letter_code
_entity_poly.pdbx_strand_id
1 'polypeptide(L)'
;MDISKPVGSEITSVDFGILTAKEIRNLSAKQITNPTVLDNLGHPVSGGLYDLALGAFLRNLCSTCGLDEKFCPGHQGHIE
LPVPCYNPLFFNQLYIYLRASCLFCHHFRLKSVEVHRYACKLRLLQYGLIDESYKLDEITLGSLNSSMYTDDEAIEDNED
EMDGEGSKQSKDISSTLLNELKSKRSEYVDMAIAKALSDGRTTERGSFTATVNDERKKLVHEFHKKLLSRGKCDNCGMFS
PKFRKDGFTKIFETALNEKQITNNRVKGFIRQDMIKKQKQAKKLDGSNEASANDEESFDVGRNPTTRPKTGSTYILSTEV
KNILDTVFRKEQCVLQYVFHSRPNLSRKLVKADSFFMDVLVVPPTRFRLPSKLGEEVHENSQNQLLSKVLTTSLLIRDLN
DDLSKLQKDKVSLEDRRVIFSRLMNAFVTIQNDVNAFIDSTKAQGRTSGKVPIPGVKQALEKKEGLFRKHMMGKRVNYAA
RSVISPDPNIETNEIGVPPVFAVKLTYPEPVTAYNIAELRQAVINGPDKWPGATQIQNEDGSLVSLIGMSVEQRKALANQ
LLTPSSNVSTHTLNKKVYRHIKNRDVVLMNRQPTLHKASMMGHKVRVLPNEKTLRLHYANTGAYNADFDGDEMNMHFPQN
ENARAEALNLANTDSQYLTPTSGSPVRGLIQDHISAGVWLTSKDSFFTREQYQQYIYGCIRPEDGHTTRSKIVTLPPTIF
KPYPLWTGKQIITTVLLNVTPPDMPGINLISKNKIKNEYWGKGSLENEVLFKDGALLCGILDKSQYGASKYGIVHSLHEV
YGPEVAAKVLSVLGRLFTNYITATAFTCGMDDLRLTAEGNKWRTDILKTSVDTGREAAAEVTNLDKDTPADDPELLKRLQ
EILRDNNKSGILDAVTSSKVNAITSQVVSKCVPDGTMKKFPCNSMQAMALSGAKGSNVNVSQIMCLLGQQALEGRRVPVM
VSGKTLPSFKPYETDAMAGGYVKGRFYSGIKPQEYYFHCMAGREGLIDTAVKTSRSGYLQRCLTKQLEGVHVSYDNSIRD
ADGTLVQFMYGGDAIDITKESHMTQFEFCLDNYYALLKKYNPSALIEHLDVESALKYSKKTLKYRKKHSKEPHYKQSVKY
DPVLAKYNPAKYLGSVSENFQDKLESFLDKNSKLFKSSDGVNEKKFRALMQLKYMRSLINPGEAVGIIASQSVGEPSTQM
TLNTFHFAGHGAANVTLGIPRLREIVMTASAAIKTPQMTLPIWNDVSDEQADTFCKSISKVLLSEVIDKVIVTETTGTSN
TAGGNAARSYVIHMRFFDNNEYSEEYDVSKEELQNVISNQFIHLLEAAIVKEIKKQKRTTGPDIGVAVPRLQTDVANSSS
NSKRLEEDNDEEQSHKKTKQAVSYDEPDEDEIETMREAEKSSDEEGIDSDKESDSDSEDEDVDMNEQINKSIVEANNNMN
KVQRDRQSAIISHHRFITKYNFDDESGKWCEFKLELAADTEKLLMVNIVEEICRKSIIRQIPHIDRCVHPEPENGKRVLV
TEGVNFQAMWDQEAFIDVDGITSNDVAAVLKTYGVEAARNTIVNEINNVFSRYAISVSFRHLDLIADMMTRQGTYLAFNR
QGMETSTSSFMKMSYETTCQFLTKAVLDNEREQLDSPSARIVVGKLNNVGTGSFDVLAKVPNAA
;
A
2 'polypeptide(L)'
;MSKVIKPPGQARTADFRTLERESRFINPPKDKSAFPLLQEAVQPHIGSFNALTEGPDGGLLNLGVKDIGEKVIFDGKPLN
SEDEISNSGYLGNKLSVSVEQVSIAKPMSNDGVSSAVERKVYPSESRQRLTSYRGKLLLKLKWSVNNGEENLFEVRDCGG
LPVMLQSNRCHLNKMSPYELVQHKEESDEIGGYFIVNGIEKLIRMLIVQRRNHPMAIIRPSFANRGASYSHYGIQIRSVR
PDQTSQTNVLHYLNDGQVTFRFSWRKNEYLVPVVMILKALCHTSDREIFDGIIGNDVKDSFLTDRLELLLRGFKKRYPHL
QNRTQVLQYLGDKFRVVFQASPDQSDLEVGQEVLDRIVLVHLGKDGSQDKFRMLLFMIRKLYSLVAGECSPDNPDATQHQ
EVLLGGFLYGMILKEKIDEYLQNIIAQVRMDINRGMAINFKDKRYMSRVLMRVNENIGSKMQYFLSTGNLVSQSGLDLQQ
VSGYTVVAEKINFYRFISHFRMVHRGSFFAQLKTTTVRKLLPESWGFLCPVHTPDGSPCGLLNHFAHKCRISTQQSDVSR
IPSILYSLGVAPASHTFAAGPSLCCVQIDGKIIGWVSHEQGKIIADTLRYWKVEGKTPGLPIDLEIGYVPPSTRGQYPGL
YLFGGHSRMLRPVRYLPLDKEDIVGPFEQVYMNIAVTPQEIQNNVHTHVEFTPTNILSILANLTPFSDFNQSPRNMYQCQ
MGKQTMGTPGVALCHRSDNKLYRLQTGQTPIVKANLYDDYGMDNFPNGFNAVVAVISYTGYDMDDAMIINKSADERGFGY
GTMYKTEKVDLALNRNRGDPITQHFGFGNDEWPKEWLEKLDEDGLPYIGTYVEEGDPICAYFDDTLNKTKIKTYHSSEPA
YIEEVNLIGDESNKFQELQTVSIKYRIRRTPQIGDKFSSRHGQKGVCSRKWPTIDMPFSETGIQPDIIINPHAFPSRMTI
GMFVESLAGKAGALHGIAQDSTPWIFNEDDTPADYFGEQLAKAGYNYHGNEPMYSGATGEELRADIYVGVVYYQRLRHMV
NDKFQVRSTGPVNSLTMQPVKGRKRHGGIRVGEMERDALIGHGTSFLLQDRLLNSSDYTQASVCRECGSILTTQQSVPRI
GSISTVCCRRCSMRFEDAKKLLTKSEDGEKIFIDDSQIWEDGQGNKFVGGNETTTVAIPFVLKYLDSELSAMGIRLRYNV
EPK
;
B
3 'polypeptide(L)'
;MSNIVGIEYNRVTNTTSTDFPGFSKDAENEWNVEKFKKDFEVNISSLDAREANFDLINIDTSIANAFRRIMISEVPSVAA
EYVYFFNNTSVIQDEVLAHRIGLVPLKVDPDMLTWVDSNLPDDEKFTDENTIVLSLNVKCTRNPDAPKGSTDPKELYNNA
HVYARDLKFEPQGRQSTTFADCPVVPADPDILLAKLRPGQEISLKAHCILGIGGDHAKFSPVSTASYRLLPQINILQPIK
GESARRFQKCFPPGVIGIDEGSDEAYVKDARKDTVSREVLRYEEFADKVKLGRVRNHFIFNVESAGAMTPEEIFFKSVRI
LKNKAEYLKNCPITQ
;
C
4 'polypeptide(L)'
;MMKGSRRTGNNTATTLNTPVVIHATQLPQHVSTDEVLQFLESFIDEKENIIDSTTMNTISGNAADADAAAVANTSLNIDT
NLSSSISQLKRIQRDFKGLPPAQDFSAAPIQVSTTEKKETSIGVSATGGKKTTFADE
;
D
5 'polypeptide(L)'
;MDQENERNISRLWRAFRTVKEMVKDRGYFITQEEVELPLEDFKAKYCDSMGRPQRKMMSFQANPTEESISKFPDMGSLWV
EFCDEPSVGVKTMKTFVIHIQEKNFQTGIFVYQNNITPSAMKLVPSIPPATIETFNEAALVVNITHHELVPKHIRLSSDE
KRELLKRYRLKESQLPRIQRADPVALYLGLKRGEVVKIIRKSETSGRYASYRICM
;
E
6 'polypeptide(L)'
;MSDYEEAFNDGNENFEDFDVEHFSDEETYEEKPQFKDGETTDANGKTIVTGGNGPEDFQQHEQIRRKTLKEKAIPKDQRA
TTPYMTKYERARILGTRALQISMNAPVFVDLEGETDPLRIAMKELAEKKIPLVIRRYLPDGSFEDWSVEELIVDL
;
F
7 'polypeptide(L)'
;MSQVKRANENRETARFIKKHKKQVTNPIDEKNGTSNCIVRVPIALYVSLAPMYLENPLQGVMKQHLNPLVMKYNNKVGGV
VLGYEGLKILDADPLSKEDTSEKLIKITPDTPFGFTWCHVNLYVWQPQVGDVLEGYIFIQSASHIGLLIHDAFNASIKKN
NIPVDWTFVHNDVEEDADVINTDENNGNNNNEDNKDSNGGSNSLGKFSFGNRSLGHWVDSNGEPIDGKLRFTVRNVHTTG
RVVSVDGTLISDADEEGNGYNSSRSQAESLPIVSNKKIVFDDEVSIENKESHKELDLPEVKEDNGSEIVYEENTSESNDG
ESSDSD
;
G
8 'polypeptide(L)'
;MSNTLFDDIFQVSEVDPGRYNKVCRIEAASTTQDQCKLTLDINVELFPVAAQDSLTVTIASSLNLEDTPANDSSATRSWR
PPQAGDRSLADDYDYVMYGTAYKFEEVSKDLIAVYYSFGGLLMRLEGNYRNLNNLKQENAYLLIRR
;
H
9 'polypeptide(L)'
;MSVVGSLIFCLDCGDLLENPNAVLGSNVECSQCKAIYPKSQFSNLKVVTTTADDAFPSSLRAKKSVVKTSLKKNELKDGA
TIKEKCPQCGNEEMNYHTLQLRSADEGATVFYTCTSCGYKFRTNN
;
I
10 'polypeptide(L)' MIVPVRCFSCGKVVGDKWESYLNLLQEDELDEGTALSRLGLKRYCCRRMILTHVDLIEKFLRYNPLEKRD J
11 'polypeptide(L)'
;MTEDIEQKKTATEVTPQEPKHIQEEEEQDVDMTGDEEQEEEPDREKIKLLTQATSEDGTSASFQIVEEDHTLGNALRYVI
MKNPDVEFCGYSIPHPSENLLNIRIQTYGETTAVDALQKGLKDLMDLCDVVESKFTEKIKSM
;
K
12 'polypeptide(L)' MSREGFQIPTNLDAAAAGTSQARTATLKYICAECSSKLSLSRTDAVRCKDCGHRILLKARTKRLVQFEAR L
13 'polypeptide(L)'
;MSVKRSVSEIEIESVQDQPSVAVGSFFKGFRAPSDTTFDLYKKKKSEKDEFVLHGENERLEYEGYTDSSSQASNQYVVGL
FNPEKKSIQLYKAPVLVSKVVSKSSKNLRGPKIKSKSDTRPSALRNALGEAFGTKKAKKAIADLERNRIDSDKLTDSAID
IVDSVRTASKDLPTRAQLDEITSNDRPTPLANIDATDVEQIYPIESIIPKKELQFIRVSSILKEADKEKKLELFPYQNNS
KYVAKKLDSLTQPSQMTKLQLLYYLSLLLGVYENRRVNNKTKLLERLNSPPEILVDGILSRFTVIKPGQFGRSKDRSYFI
DPQNEDKILCYILAIIMHLDNFIVEITPLAHELNLKPSKVVSLFRVLGAIVKGATVAQAEAFGIPKSTAASYKIATMKVP
FKLPEMTRRGRGPRR
;
M
14 'polypeptide(L)'
;MSKLSKDYVSDSDSDDEVISNEFSIPDGFKKCKHLKNFPLNGDNKKKAKQQQVWLIKFPSNVDISKLKSLPVDFESSTTM
TIDKHDYKIMDDTDIESSLTQDNLSNMTLLVPSESKESLKIASTAKDNAPLQFDKVFSVSETAKIPAIDYSKVRVPRKDV
PKVEGLKLEHFATGYDAEDFHVAEEVKENKKEPKKRSHHDDEEESSEKKKKKKEKREKREKKDKKDKKKKHRD
;
N
15 'polydeoxyribonucleotide'
;(DG)(DG)(DT)(DT)(DT)(DA)(DG)(DT)(DC)(DA)(DT)(DG)(DG)(DA)(DG)(DT)(DA)(DC)(DA)(DA)
(DG)(DT)(DG)(DT)(DG)(DA)(DG)(DG)(DA)(DA)(DA)(DA)(DG)(DT)(DA)(DG)(DT)(DT)(DG)(DG)
(DC)(DG)(DT)(DA)(DG)(DC)(DA)(DG)(DG)(DA)(DG)(DA)(DA)(DG)(DT)(DA)(DA)(DA)(DG)(DC)
(DA)(DG)(DT)(DT)(DG)(DA)(DA)(DG)(DA)(DC)
;
S
16 'polydeoxyribonucleotide'
;(DG)(DT)(DC)(DT)(DT)(DC)(DA)(DA)(DC)(DT)(DG)(DC)(DT)(DT)(DT)(DC)(DG)(DC)(DA)(DT)
(DG)(DA)(DA)(DG)(DT)(DA)(DC)(DC)(DT)(DC)(DC)(DC)(DA)(DA)(DC)(DT)(DA)(DC)(DT)(DT)
(DT)(DT)(DC)(DC)(DT)(DC)(DA)(DC)(DA)(DC)(DT)(DT)(DG)(DT)(DA)(DC)(DT)(DC)(DC)(DA)
(DT)(DG)(DA)(DC)(DT)(DA)(DA)(DA)(DC)(DC)
;
T
17 'polyribonucleotide' GAGGUACUUC R
#
loop_
_chem_comp.id
_chem_comp.type
_chem_comp.name
_chem_comp.formula
A RNA linking ADENOSINE-5'-MONOPHOSPHATE 'C10 H14 N5 O7 P'
C RNA linking CYTIDINE-5'-MONOPHOSPHATE 'C9 H14 N3 O8 P'
DA DNA linking 2'-DEOXYADENOSINE-5'-MONOPHOSPHATE 'C10 H14 N5 O6 P'
DC DNA linking 2'-DEOXYCYTIDINE-5'-MONOPHOSPHATE 'C9 H14 N3 O7 P'
DG DNA linking 2'-DEOXYGUANOSINE-5'-MONOPHOSPHATE 'C10 H14 N5 O7 P'
DT DNA linking THYMIDINE-5'-MONOPHOSPHATE 'C10 H15 N2 O8 P'
G RNA linking GUANOSINE-5'-MONOPHOSPHATE 'C10 H14 N5 O8 P'
U RNA linking URIDINE-5'-MONOPHOSPHATE 'C9 H13 N2 O9 P'
ZN non-polymer 'ZINC ION' 'Zn 2'
#
# COMPACT_ATOMS: atom_id res chain seq x y z
N MET A 1 13.21 -25.73 -10.42
CA MET A 1 13.84 -26.98 -10.04
C MET A 1 13.48 -28.10 -11.01
N ASP A 2 14.50 -28.72 -11.59
CA ASP A 2 14.30 -29.81 -12.54
C ASP A 2 14.01 -31.11 -11.78
N ILE A 3 12.93 -31.79 -12.17
CA ILE A 3 12.59 -33.07 -11.57
C ILE A 3 13.55 -34.18 -11.97
N SER A 4 14.40 -33.94 -12.97
CA SER A 4 15.34 -34.96 -13.42
C SER A 4 16.48 -35.14 -12.42
N LYS A 5 17.16 -34.05 -12.06
CA LYS A 5 18.29 -34.10 -11.14
C LYS A 5 17.80 -33.89 -9.72
N PRO A 6 17.87 -34.89 -8.84
CA PRO A 6 17.41 -34.73 -7.46
C PRO A 6 18.51 -34.11 -6.60
N VAL A 7 18.23 -34.03 -5.30
CA VAL A 7 19.19 -33.58 -4.31
C VAL A 7 19.59 -34.77 -3.45
N GLY A 8 20.89 -34.93 -3.24
CA GLY A 8 21.42 -36.05 -2.51
C GLY A 8 21.64 -35.84 -1.02
N SER A 9 21.12 -34.74 -0.46
CA SER A 9 21.31 -34.46 0.96
C SER A 9 20.12 -33.66 1.46
N GLU A 10 20.10 -33.44 2.77
CA GLU A 10 19.03 -32.70 3.43
C GLU A 10 19.62 -31.80 4.50
N ILE A 11 19.08 -30.59 4.61
CA ILE A 11 19.50 -29.62 5.62
C ILE A 11 18.43 -29.62 6.71
N THR A 12 18.80 -30.06 7.93
CA THR A 12 17.84 -30.17 9.01
C THR A 12 18.24 -29.44 10.28
N SER A 13 19.46 -28.93 10.40
CA SER A 13 19.87 -28.18 11.57
C SER A 13 21.03 -27.26 11.19
N VAL A 14 21.11 -26.13 11.89
CA VAL A 14 22.09 -25.08 11.61
C VAL A 14 22.69 -24.61 12.92
N ASP A 15 24.00 -24.37 12.91
CA ASP A 15 24.72 -23.86 14.08
C ASP A 15 25.58 -22.68 13.66
N PHE A 16 25.59 -21.63 14.49
CA PHE A 16 26.35 -20.42 14.19
C PHE A 16 27.78 -20.57 14.70
N GLY A 17 28.53 -19.47 14.70
CA GLY A 17 29.90 -19.51 15.16
C GLY A 17 30.58 -18.18 14.96
N ILE A 18 31.89 -18.17 15.20
CA ILE A 18 32.70 -16.97 15.12
C ILE A 18 34.00 -17.32 14.40
N LEU A 19 34.59 -16.31 13.76
CA LEU A 19 35.87 -16.52 13.07
C LEU A 19 37.01 -16.63 14.08
N THR A 20 38.08 -17.29 13.65
CA THR A 20 39.25 -17.52 14.49
C THR A 20 40.48 -16.95 13.81
N ALA A 21 41.41 -16.43 14.62
CA ALA A 21 42.63 -15.82 14.08
C ALA A 21 43.46 -16.79 13.24
N LYS A 22 43.25 -18.10 13.42
CA LYS A 22 43.99 -19.08 12.63
C LYS A 22 43.30 -19.39 11.30
N GLU A 23 41.97 -19.37 11.27
CA GLU A 23 41.25 -19.69 10.04
C GLU A 23 41.02 -18.48 9.15
N ILE A 24 41.28 -17.26 9.65
CA ILE A 24 41.13 -16.06 8.84
C ILE A 24 42.37 -15.90 7.96
N ARG A 25 43.31 -16.85 8.07
CA ARG A 25 44.50 -16.85 7.23
C ARG A 25 44.37 -17.80 6.06
N ASN A 26 43.60 -18.89 6.21
CA ASN A 26 43.48 -19.92 5.18
C ASN A 26 42.13 -19.88 4.47
N LEU A 27 41.22 -18.99 4.85
CA LEU A 27 39.91 -18.93 4.21
C LEU A 27 39.92 -18.14 2.92
N SER A 28 41.04 -17.51 2.57
CA SER A 28 41.15 -16.65 1.40
C SER A 28 42.11 -17.27 0.39
N ALA A 29 42.31 -16.56 -0.72
CA ALA A 29 43.21 -16.97 -1.77
C ALA A 29 44.29 -15.95 -2.10
N LYS A 30 44.00 -14.66 -1.95
CA LYS A 30 44.97 -13.62 -2.26
C LYS A 30 44.59 -12.35 -1.50
N GLN A 31 45.61 -11.63 -1.04
CA GLN A 31 45.40 -10.41 -0.28
C GLN A 31 45.01 -9.26 -1.21
N ILE A 32 44.52 -8.18 -0.61
CA ILE A 32 44.15 -6.96 -1.32
C ILE A 32 44.90 -5.81 -0.65
N THR A 33 45.81 -5.19 -1.39
CA THR A 33 46.70 -4.17 -0.83
C THR A 33 46.48 -2.80 -1.43
N ASN A 34 46.53 -2.67 -2.76
CA ASN A 34 46.45 -1.36 -3.38
C ASN A 34 45.06 -0.77 -3.19
N PRO A 35 44.97 0.57 -2.80
CA PRO A 35 43.65 1.22 -2.59
C PRO A 35 43.01 1.68 -3.90
N THR A 36 42.78 0.72 -4.79
CA THR A 36 42.17 1.02 -6.08
C THR A 36 41.38 -0.19 -6.55
N VAL A 37 40.28 0.07 -7.24
CA VAL A 37 39.46 -0.99 -7.80
C VAL A 37 39.96 -1.41 -9.18
N LEU A 38 40.37 -0.44 -10.00
CA LEU A 38 40.96 -0.74 -11.31
C LEU A 38 41.67 0.50 -11.79
N ASP A 39 42.75 0.29 -12.56
CA ASP A 39 43.51 1.39 -13.12
C ASP A 39 42.85 1.86 -14.41
N ASN A 40 43.56 2.68 -15.18
CA ASN A 40 43.02 3.17 -16.43
C ASN A 40 42.99 2.06 -17.48
N LEU A 41 42.57 2.42 -18.70
CA LEU A 41 42.47 1.54 -19.86
C LEU A 41 41.36 0.49 -19.71
N GLY A 42 40.69 0.43 -18.56
CA GLY A 42 39.57 -0.46 -18.38
C GLY A 42 39.93 -1.92 -18.15
N HIS A 43 40.62 -2.20 -17.04
CA HIS A 43 40.97 -3.56 -16.68
C HIS A 43 41.31 -3.59 -15.20
N PRO A 44 41.04 -4.70 -14.51
CA PRO A 44 41.39 -4.79 -13.09
C PRO A 44 42.89 -4.82 -12.88
N VAL A 45 43.29 -4.71 -11.61
CA VAL A 45 44.69 -4.70 -11.23
C VAL A 45 44.97 -5.90 -10.32
N SER A 46 46.24 -6.24 -10.21
CA SER A 46 46.66 -7.34 -9.35
C SER A 46 46.51 -6.96 -7.88
N GLY A 47 45.98 -7.88 -7.09
CA GLY A 47 45.74 -7.61 -5.69
C GLY A 47 44.74 -6.51 -5.43
N GLY A 48 43.87 -6.21 -6.39
CA GLY A 48 42.92 -5.13 -6.27
C GLY A 48 41.60 -5.58 -5.65
N LEU A 49 40.72 -4.60 -5.45
CA LEU A 49 39.41 -4.89 -4.88
C LEU A 49 38.62 -5.82 -5.80
N TYR A 50 38.52 -5.47 -7.08
CA TYR A 50 37.88 -6.35 -8.07
C TYR A 50 38.92 -7.24 -8.74
N ASP A 51 39.65 -7.98 -7.90
CA ASP A 51 40.68 -8.88 -8.41
C ASP A 51 40.05 -10.12 -9.01
N LEU A 52 40.80 -10.76 -9.91
CA LEU A 52 40.37 -11.99 -10.55
C LEU A 52 40.58 -13.21 -9.66
N ALA A 53 41.17 -13.05 -8.48
CA ALA A 53 41.41 -14.19 -7.60
C ALA A 53 40.14 -14.59 -6.85
N LEU A 54 39.44 -13.62 -6.26
CA LEU A 54 38.24 -13.89 -5.50
C LEU A 54 36.99 -14.00 -6.36
N GLY A 55 37.14 -14.09 -7.67
CA GLY A 55 36.02 -14.23 -8.58
C GLY A 55 36.24 -13.43 -9.85
N ALA A 56 35.45 -13.75 -10.87
CA ALA A 56 35.55 -13.07 -12.14
C ALA A 56 34.83 -11.73 -12.10
N PHE A 57 35.21 -10.84 -13.02
CA PHE A 57 34.62 -9.52 -13.10
C PHE A 57 34.68 -9.04 -14.55
N LEU A 58 33.51 -8.67 -15.10
CA LEU A 58 33.39 -8.20 -16.47
C LEU A 58 33.92 -9.24 -17.46
N ARG A 59 33.24 -10.39 -17.46
CA ARG A 59 33.48 -11.51 -18.38
C ARG A 59 34.94 -11.96 -18.41
N ASN A 60 35.73 -11.58 -17.40
CA ASN A 60 37.11 -12.01 -17.34
C ASN A 60 37.20 -13.48 -16.92
N LEU A 61 38.36 -14.07 -17.19
CA LEU A 61 38.62 -15.45 -16.82
C LEU A 61 39.16 -15.48 -15.38
N CYS A 62 38.47 -16.22 -14.52
CA CYS A 62 38.87 -16.28 -13.12
C CYS A 62 40.25 -16.90 -12.98
N SER A 63 41.14 -16.22 -12.25
CA SER A 63 42.51 -16.69 -12.13
C SER A 63 42.63 -17.88 -11.21
N THR A 64 41.73 -18.02 -10.24
CA THR A 64 41.78 -19.12 -9.28
C THR A 64 40.88 -20.29 -9.68
N CYS A 65 39.59 -20.03 -9.89
CA CYS A 65 38.66 -21.10 -10.23
C CYS A 65 38.83 -21.54 -11.68
N GLY A 66 39.21 -20.62 -12.58
CA GLY A 66 39.40 -20.98 -13.97
C GLY A 66 38.12 -21.12 -14.76
N LEU A 67 37.07 -20.40 -14.39
CA LEU A 67 35.78 -20.47 -15.06
C LEU A 67 35.26 -19.06 -15.31
N ASP A 68 34.16 -18.98 -16.05
CA ASP A 68 33.53 -17.70 -16.38
C ASP A 68 32.56 -17.30 -15.27
N GLU A 69 31.75 -16.28 -15.54
CA GLU A 69 30.77 -15.78 -14.57
C GLU A 69 29.49 -16.59 -14.55
N LYS A 70 29.47 -17.77 -15.17
CA LYS A 70 28.28 -18.62 -15.19
C LYS A 70 28.48 -19.93 -14.45
N PHE A 71 29.71 -20.28 -14.09
CA PHE A 71 30.00 -21.51 -13.35
C PHE A 71 30.84 -21.30 -12.11
N CYS A 72 31.56 -20.19 -11.99
CA CYS A 72 32.39 -19.93 -10.82
C CYS A 72 31.53 -19.35 -9.69
N PRO A 73 31.39 -20.05 -8.57
CA PRO A 73 30.56 -19.56 -7.47
C PRO A 73 31.20 -18.48 -6.61
N GLY A 74 32.36 -17.96 -7.01
CA GLY A 74 33.05 -16.95 -6.22
C GLY A 74 34.05 -17.55 -5.26
N HIS A 75 34.80 -16.66 -4.61
CA HIS A 75 35.82 -17.06 -3.65
C HIS A 75 35.80 -16.07 -2.48
N GLN A 76 36.80 -16.16 -1.61
CA GLN A 76 36.85 -15.36 -0.41
C GLN A 76 38.18 -14.62 -0.33
N GLY A 77 38.16 -13.44 0.29
CA GLY A 77 39.36 -12.66 0.51
C GLY A 77 39.18 -11.78 1.73
N HIS A 78 40.29 -11.17 2.16
CA HIS A 78 40.28 -10.35 3.36
C HIS A 78 41.36 -9.28 3.23
N ILE A 79 41.44 -8.43 4.26
CA ILE A 79 42.42 -7.36 4.33
C ILE A 79 43.09 -7.40 5.70
N GLU A 80 44.41 -7.24 5.72
CA GLU A 80 45.14 -7.25 6.98
C GLU A 80 45.07 -5.87 7.64
N LEU A 81 44.78 -5.87 8.95
CA LEU A 81 44.67 -4.64 9.72
C LEU A 81 45.84 -4.51 10.69
N PRO A 82 46.28 -3.28 10.98
CA PRO A 82 47.41 -3.12 11.89
C PRO A 82 47.08 -3.49 13.34
N VAL A 83 45.91 -3.06 13.83
CA VAL A 83 45.52 -3.32 15.21
C VAL A 83 44.15 -3.99 15.22
N PRO A 84 43.88 -4.90 16.17
CA PRO A 84 42.55 -5.50 16.25
C PRO A 84 41.50 -4.47 16.60
N CYS A 85 40.41 -4.45 15.83
CA CYS A 85 39.33 -3.49 16.02
C CYS A 85 38.23 -4.09 16.90
N TYR A 86 37.30 -3.22 17.28
CA TYR A 86 36.15 -3.62 18.07
C TYR A 86 35.03 -4.10 17.15
N ASN A 87 33.84 -4.30 17.69
CA ASN A 87 32.68 -4.68 16.89
C ASN A 87 31.40 -4.21 17.58
N PRO A 88 30.68 -3.25 17.00
CA PRO A 88 29.40 -2.84 17.59
C PRO A 88 28.41 -3.98 17.73
N LEU A 89 28.52 -5.02 16.92
CA LEU A 89 27.70 -6.22 17.10
C LEU A 89 28.09 -7.01 18.33
N PHE A 90 29.23 -6.70 18.95
CA PHE A 90 29.63 -7.33 20.20
C PHE A 90 30.10 -6.36 21.26
N PHE A 91 30.37 -5.10 20.91
CA PHE A 91 30.86 -4.13 21.90
C PHE A 91 29.86 -3.97 23.04
N ASN A 92 28.57 -3.95 22.74
CA ASN A 92 27.56 -3.83 23.78
C ASN A 92 27.47 -5.07 24.65
N GLN A 93 28.20 -6.14 24.33
CA GLN A 93 28.14 -7.39 25.08
C GLN A 93 29.39 -7.63 25.91
N LEU A 94 30.58 -7.55 25.31
CA LEU A 94 31.79 -7.80 26.09
C LEU A 94 32.22 -6.60 26.91
N TYR A 95 31.62 -5.43 26.69
CA TYR A 95 31.96 -4.27 27.51
C TYR A 95 31.52 -4.47 28.95
N ILE A 96 30.50 -5.29 29.18
CA ILE A 96 30.14 -5.67 30.55
C ILE A 96 31.32 -6.35 31.23
N TYR A 97 31.94 -7.31 30.54
CA TYR A 97 33.16 -7.92 31.05
C TYR A 97 34.32 -6.94 31.06
N LEU A 98 34.34 -6.00 30.11
CA LEU A 98 35.43 -5.02 30.06
C LEU A 98 35.38 -4.07 31.24
N ARG A 99 34.18 -3.73 31.71
CA ARG A 99 34.04 -2.81 32.84
C ARG A 99 33.96 -3.54 34.18
N ALA A 100 33.80 -4.86 34.18
CA ALA A 100 33.70 -5.62 35.42
C ALA A 100 34.97 -6.37 35.77
N SER A 101 35.80 -6.72 34.78
CA SER A 101 37.01 -7.47 35.05
C SER A 101 38.03 -6.60 35.77
N CYS A 102 38.67 -7.17 36.78
CA CYS A 102 39.69 -6.45 37.53
C CYS A 102 40.95 -6.28 36.68
N LEU A 103 41.72 -5.24 36.99
CA LEU A 103 42.90 -4.91 36.20
C LEU A 103 44.20 -5.43 36.81
N PHE A 104 44.24 -5.69 38.10
CA PHE A 104 45.42 -6.22 38.76
C PHE A 104 45.29 -7.69 39.15
N CYS A 105 44.11 -8.13 39.59
CA CYS A 105 43.90 -9.52 39.93
C CYS A 105 43.47 -10.36 38.74
N HIS A 106 43.01 -9.73 37.66
CA HIS A 106 42.58 -10.39 36.42
C HIS A 106 41.41 -11.34 36.61
N HIS A 107 40.75 -11.30 37.77
CA HIS A 107 39.53 -12.05 38.00
C HIS A 107 38.33 -11.11 37.95
N PHE A 108 37.14 -11.68 38.08
CA PHE A 108 35.95 -10.88 38.29
C PHE A 108 35.98 -10.29 39.70
N ARG A 109 35.44 -9.07 39.83
CA ARG A 109 35.45 -8.41 41.13
C ARG A 109 34.54 -9.09 42.15
N LEU A 110 33.81 -10.13 41.75
CA LEU A 110 33.06 -10.95 42.69
C LEU A 110 34.03 -11.90 43.40
N LYS A 111 33.49 -12.79 44.23
CA LYS A 111 34.29 -13.83 44.87
C LYS A 111 34.11 -15.14 44.11
N SER A 112 35.11 -16.01 44.22
CA SER A 112 35.06 -17.30 43.54
C SER A 112 33.90 -18.16 44.03
N VAL A 113 33.35 -17.86 45.21
CA VAL A 113 32.22 -18.62 45.72
C VAL A 113 30.97 -18.33 44.88
N GLU A 114 30.67 -17.06 44.66
CA GLU A 114 29.49 -16.69 43.89
C GLU A 114 29.71 -16.86 42.38
N VAL A 115 30.94 -16.64 41.91
CA VAL A 115 31.23 -16.88 40.50
C VAL A 115 31.05 -18.35 40.15
N HIS A 116 31.61 -19.24 40.98
CA HIS A 116 31.39 -20.67 40.80
C HIS A 116 29.96 -21.07 41.13
N ARG A 117 29.25 -20.29 41.96
CA ARG A 117 27.86 -20.58 42.23
C ARG A 117 27.00 -20.41 40.98
N TYR A 118 27.14 -19.27 40.30
CA TYR A 118 26.42 -19.07 39.06
C TYR A 118 26.94 -19.99 37.96
N ALA A 119 28.26 -20.22 37.93
CA ALA A 119 28.83 -21.14 36.94
C ALA A 119 28.41 -22.58 37.17
N CYS A 120 28.05 -22.95 38.40
CA CYS A 120 27.63 -24.31 38.69
C CYS A 120 26.13 -24.49 38.49
N LYS A 121 25.33 -23.52 38.92
CA LYS A 121 23.89 -23.56 38.65
C LYS A 121 23.64 -23.55 37.15
N LEU A 122 24.41 -22.76 36.41
CA LEU A 122 24.30 -22.78 34.95
C LEU A 122 24.89 -24.07 34.39
N ARG A 123 25.91 -24.62 35.05
CA ARG A 123 26.47 -25.90 34.61
C ARG A 123 25.47 -27.04 34.74
N LEU A 124 24.39 -26.83 35.50
CA LEU A 124 23.32 -27.80 35.62
C LEU A 124 22.07 -27.42 34.83
N LEU A 125 22.02 -26.20 34.31
CA LEU A 125 20.81 -25.68 33.69
C LEU A 125 20.67 -26.03 32.20
N GLN A 126 21.73 -26.53 31.56
CA GLN A 126 21.64 -26.83 30.13
C GLN A 126 20.67 -27.98 29.87
N TYR A 127 20.61 -28.95 30.79
CA TYR A 127 19.66 -30.04 30.66
C TYR A 127 18.33 -29.64 31.28
N GLY A 128 17.35 -30.54 31.21
CA GLY A 128 16.06 -30.27 31.81
C GLY A 128 16.05 -30.54 33.30
N LEU A 129 16.80 -29.74 34.06
CA LEU A 129 16.94 -29.89 35.50
C LEU A 129 16.55 -28.61 36.22
N ILE A 130 15.45 -27.99 35.79
CA ILE A 130 14.96 -26.78 36.45
C ILE A 130 14.55 -27.07 37.89
N ASP A 131 14.20 -28.32 38.19
CA ASP A 131 13.88 -28.68 39.57
C ASP A 131 15.12 -28.63 40.45
N GLU A 132 16.23 -29.20 39.99
CA GLU A 132 17.48 -29.17 40.74
C GLU A 132 18.21 -27.85 40.63
N SER A 133 17.75 -26.94 39.78
CA SER A 133 18.41 -25.65 39.64
C SER A 133 18.33 -24.85 40.93
N TYR A 134 17.12 -24.65 41.46
CA TYR A 134 16.97 -23.95 42.73
C TYR A 134 17.38 -24.82 43.91
N LYS A 135 17.46 -26.14 43.72
CA LYS A 135 17.95 -27.01 44.79
C LYS A 135 19.46 -26.84 45.01
N LEU A 136 20.18 -26.35 44.00
CA LEU A 136 21.61 -26.09 44.18
C LEU A 136 21.86 -24.90 45.09
N ASP A 137 20.95 -23.92 45.11
CA ASP A 137 21.17 -22.70 45.85
C ASP A 137 21.02 -22.89 47.35
N GLU A 138 20.08 -23.75 47.77
CA GLU A 138 19.74 -23.89 49.18
C GLU A 138 20.66 -24.88 49.90
N ILE A 139 21.98 -24.70 49.77
CA ILE A 139 22.96 -25.54 50.44
C ILE A 139 23.97 -24.61 51.11
N THR A 140 23.90 -24.49 52.42
CA THR A 140 24.85 -23.67 53.18
C THR A 140 25.06 -24.34 54.54
N LEU A 141 26.12 -25.12 54.64
CA LEU A 141 26.43 -25.82 55.88
C LEU A 141 27.95 -25.95 56.02
N GLY A 142 28.40 -26.05 57.26
CA GLY A 142 29.82 -26.20 57.54
C GLY A 142 30.10 -26.90 58.85
N ASP A 172 38.69 -13.06 55.35
CA ASP A 172 37.77 -12.87 56.47
C ASP A 172 37.42 -14.19 57.13
N ILE A 173 37.70 -15.29 56.43
CA ILE A 173 37.41 -16.63 56.92
C ILE A 173 38.35 -17.59 56.25
N SER A 174 38.56 -18.76 56.87
CA SER A 174 39.46 -19.75 56.31
C SER A 174 38.93 -20.27 54.97
N SER A 175 39.85 -20.48 54.04
CA SER A 175 39.49 -20.92 52.69
C SER A 175 39.23 -22.42 52.60
N THR A 176 39.57 -23.19 53.64
CA THR A 176 39.35 -24.62 53.59
C THR A 176 37.87 -24.96 53.48
N LEU A 177 37.03 -24.25 54.22
CA LEU A 177 35.59 -24.48 54.12
C LEU A 177 35.04 -24.08 52.77
N LEU A 178 35.71 -23.14 52.07
CA LEU A 178 35.30 -22.81 50.72
C LEU A 178 35.72 -23.90 49.74
N ASN A 179 36.82 -24.59 50.03
CA ASN A 179 37.27 -25.68 49.16
C ASN A 179 36.30 -26.85 49.22
N GLU A 180 35.84 -27.21 50.42
CA GLU A 180 34.86 -28.28 50.54
C GLU A 180 33.50 -27.87 50.01
N LEU A 181 33.21 -26.56 49.96
CA LEU A 181 32.00 -26.10 49.29
C LEU A 181 32.07 -26.35 47.79
N LYS A 182 33.22 -26.04 47.18
CA LYS A 182 33.40 -26.31 45.76
C LYS A 182 33.33 -27.80 45.46
N SER A 183 33.97 -28.61 46.30
CA SER A 183 33.86 -30.06 46.16
C SER A 183 32.43 -30.54 46.36
N LYS A 184 31.66 -29.83 47.20
CA LYS A 184 30.26 -30.18 47.38
C LYS A 184 29.46 -29.83 46.13
N ARG A 185 29.76 -28.71 45.49
CA ARG A 185 29.10 -28.35 44.24
C ARG A 185 29.37 -29.39 43.16
N SER A 186 30.62 -29.86 43.07
CA SER A 186 30.97 -30.85 42.07
C SER A 186 30.31 -32.19 42.36
N GLU A 187 30.38 -32.65 43.62
CA GLU A 187 29.83 -33.95 43.97
C GLU A 187 28.30 -33.99 43.87
N TYR A 188 27.63 -32.84 43.93
CA TYR A 188 26.19 -32.79 43.82
C TYR A 188 25.74 -32.68 42.36
N VAL A 189 26.37 -31.81 41.59
CA VAL A 189 26.00 -31.64 40.19
C VAL A 189 26.37 -32.89 39.39
N ASP A 190 27.53 -33.48 39.67
CA ASP A 190 27.91 -34.70 38.98
C ASP A 190 26.95 -35.83 39.27
N MET A 191 26.41 -35.88 40.50
CA MET A 191 25.43 -36.91 40.84
C MET A 191 24.06 -36.62 40.24
N ALA A 192 23.63 -35.35 40.27
CA ALA A 192 22.35 -34.98 39.67
C ALA A 192 22.37 -35.20 38.17
N ILE A 193 23.44 -34.77 37.50
CA ILE A 193 23.56 -34.99 36.06
C ILE A 193 23.66 -36.49 35.76
N ALA A 194 24.34 -37.25 36.62
CA ALA A 194 24.42 -38.69 36.43
C ALA A 194 23.04 -39.33 36.43
N LYS A 195 22.23 -39.03 37.46
CA LYS A 195 20.90 -39.61 37.53
C LYS A 195 20.02 -39.13 36.38
N ALA A 196 20.16 -37.86 35.99
CA ALA A 196 19.38 -37.34 34.86
C ALA A 196 19.73 -38.06 33.57
N LEU A 197 21.03 -38.16 33.26
CA LEU A 197 21.48 -38.89 32.08
C LEU A 197 21.32 -40.40 32.23
N SER A 198 20.93 -40.89 33.41
CA SER A 198 20.82 -42.33 33.61
C SER A 198 19.43 -42.84 33.27
N ASP A 199 18.39 -42.21 33.80
CA ASP A 199 17.02 -42.73 33.71
C ASP A 199 16.14 -41.75 32.94
N GLY A 200 16.19 -41.84 31.61
CA GLY A 200 15.16 -41.29 30.75
C GLY A 200 14.94 -39.79 30.74
N ARG A 201 15.67 -39.05 31.59
CA ARG A 201 15.37 -37.63 31.74
C ARG A 201 15.88 -36.82 30.56
N THR A 202 17.13 -37.03 30.16
CA THR A 202 17.70 -36.25 29.07
C THR A 202 18.79 -37.08 28.38
N THR A 203 19.07 -36.71 27.13
CA THR A 203 20.10 -37.35 26.34
C THR A 203 21.40 -36.54 26.42
N GLU A 204 22.45 -37.07 25.78
CA GLU A 204 23.73 -36.39 25.80
C GLU A 204 23.70 -35.08 25.04
N ARG A 205 22.82 -34.95 24.04
CA ARG A 205 22.73 -33.72 23.28
C ARG A 205 22.20 -32.55 24.10
N GLY A 206 21.49 -32.83 25.19
CA GLY A 206 20.94 -31.77 26.01
C GLY A 206 19.58 -31.29 25.55
N SER A 207 18.64 -31.16 26.48
CA SER A 207 17.29 -30.73 26.15
C SER A 207 17.18 -29.21 26.22
N PHE A 208 16.36 -28.65 25.34
CA PHE A 208 16.13 -27.21 25.27
C PHE A 208 14.67 -26.96 24.98
N THR A 209 13.99 -26.31 25.92
CA THR A 209 12.57 -26.01 25.81
C THR A 209 12.37 -24.49 25.82
N ALA A 210 11.11 -24.07 25.87
CA ALA A 210 10.74 -22.66 25.85
C ALA A 210 10.73 -22.03 27.25
N THR A 211 11.35 -22.68 28.23
CA THR A 211 11.41 -22.13 29.57
C THR A 211 12.85 -22.05 30.06
N VAL A 212 13.71 -22.95 29.59
CA VAL A 212 15.11 -22.92 30.00
C VAL A 212 15.80 -21.69 29.43
N ASN A 213 15.35 -21.20 28.28
CA ASN A 213 15.88 -19.94 27.75
C ASN A 213 15.43 -18.75 28.57
N ASP A 214 14.21 -18.81 29.12
CA ASP A 214 13.75 -17.75 30.02
C ASP A 214 14.62 -17.69 31.26
N GLU A 215 14.97 -18.85 31.82
CA GLU A 215 15.81 -18.89 33.02
C GLU A 215 17.22 -18.44 32.71
N ARG A 216 17.78 -18.88 31.57
CA ARG A 216 19.14 -18.47 31.21
C ARG A 216 19.20 -16.98 30.89
N LYS A 217 18.18 -16.46 30.21
CA LYS A 217 18.16 -15.02 29.93
C LYS A 217 17.97 -14.21 31.20
N LYS A 218 17.18 -14.73 32.15
CA LYS A 218 17.03 -14.04 33.43
C LYS A 218 18.33 -14.09 34.24
N LEU A 219 19.08 -15.19 34.11
CA LEU A 219 20.34 -15.29 34.84
C LEU A 219 21.41 -14.39 34.22
N VAL A 220 21.49 -14.33 32.90
CA VAL A 220 22.50 -13.49 32.27
C VAL A 220 22.13 -12.01 32.44
N HIS A 221 20.83 -11.69 32.51
CA HIS A 221 20.43 -10.33 32.85
C HIS A 221 20.76 -10.00 34.30
N GLU A 222 20.71 -11.00 35.18
CA GLU A 222 21.18 -10.79 36.55
C GLU A 222 22.68 -10.56 36.58
N PHE A 223 23.43 -11.22 35.68
CA PHE A 223 24.86 -10.98 35.59
C PHE A 223 25.16 -9.57 35.09
N HIS A 224 24.25 -8.99 34.30
CA HIS A 224 24.40 -7.60 33.89
C HIS A 224 23.97 -6.63 34.98
N LYS A 225 23.07 -7.03 35.87
CA LYS A 225 22.70 -6.25 37.05
C LYS A 225 23.52 -6.65 38.27
N LYS A 226 24.68 -7.26 38.06
CA LYS A 226 25.56 -7.74 39.13
C LYS A 226 26.42 -6.59 39.67
N LEU A 227 27.50 -6.96 40.36
CA LEU A 227 28.42 -6.06 41.06
C LEU A 227 28.74 -4.78 40.27
N LEU A 228 28.64 -4.84 38.94
CA LEU A 228 28.91 -3.71 38.06
C LEU A 228 28.32 -2.40 38.58
N SER A 229 27.22 -2.49 39.33
CA SER A 229 26.58 -1.32 39.94
C SER A 229 26.96 -1.12 41.39
N ARG A 230 28.12 -1.64 41.81
CA ARG A 230 28.61 -1.41 43.17
C ARG A 230 30.14 -1.35 43.13
N GLY A 231 30.75 -1.26 44.32
CA GLY A 231 32.14 -0.89 44.42
C GLY A 231 33.17 -1.99 44.58
N LYS A 232 33.64 -2.17 45.82
CA LYS A 232 34.89 -2.88 46.10
C LYS A 232 34.90 -4.29 45.52
N CYS A 233 36.11 -4.75 45.18
CA CYS A 233 36.36 -6.11 44.70
C CYS A 233 36.69 -7.00 45.90
N ASP A 234 35.94 -8.09 46.04
CA ASP A 234 36.12 -8.98 47.19
C ASP A 234 37.41 -9.79 47.14
N ASN A 235 38.04 -9.88 45.97
CA ASN A 235 39.27 -10.66 45.85
C ASN A 235 40.52 -9.81 46.07
N CYS A 236 40.53 -8.59 45.56
CA CYS A 236 41.67 -7.68 45.71
C CYS A 236 41.14 -6.30 46.07
N GLY A 237 41.46 -5.85 47.29
CA GLY A 237 40.90 -4.61 47.81
C GLY A 237 41.63 -3.34 47.42
N MET A 238 41.53 -2.95 46.15
CA MET A 238 42.05 -1.66 45.71
C MET A 238 41.02 -1.00 44.80
N PHE A 239 41.20 0.29 44.57
CA PHE A 239 40.29 1.07 43.75
C PHE A 239 40.70 0.97 42.28
N SER A 240 39.82 0.40 41.47
CA SER A 240 40.04 0.32 40.03
C SER A 240 39.28 1.43 39.32
N PRO A 241 39.92 2.20 38.45
CA PRO A 241 39.22 3.29 37.76
C PRO A 241 38.08 2.76 36.90
N LYS A 242 37.07 3.60 36.71
CA LYS A 242 35.90 3.24 35.94
C LYS A 242 36.09 3.61 34.48
N PHE A 243 35.66 2.72 33.59
CA PHE A 243 35.78 2.96 32.16
C PHE A 243 34.74 3.97 31.72
N ARG A 244 35.19 5.13 31.23
CA ARG A 244 34.31 6.20 30.81
C ARG A 244 33.97 6.04 29.33
N LYS A 245 32.71 5.74 29.04
CA LYS A 245 32.31 5.46 27.67
C LYS A 245 32.42 6.72 26.81
N ASP A 246 33.18 6.63 25.71
CA ASP A 246 33.16 7.68 24.71
C ASP A 246 31.93 7.60 23.81
N GLY A 247 31.27 6.44 23.77
CA GLY A 247 30.05 6.29 23.02
C GLY A 247 30.23 6.12 21.54
N PHE A 248 30.44 4.89 21.08
CA PHE A 248 30.57 4.61 19.63
C PHE A 248 32.00 4.74 19.12
N THR A 249 32.89 4.25 19.95
CA THR A 249 34.33 4.31 19.81
C THR A 249 35.17 4.97 20.88
N LYS A 250 36.42 4.51 20.91
CA LYS A 250 37.44 5.00 21.80
C LYS A 250 37.17 4.89 23.30
N ILE A 251 36.47 3.87 23.78
CA ILE A 251 36.34 3.89 25.24
C ILE A 251 37.63 4.38 25.87
N PHE A 252 37.52 5.31 26.82
CA PHE A 252 38.68 5.90 27.47
C PHE A 252 38.52 5.87 28.99
N GLU A 253 39.64 5.69 29.68
CA GLU A 253 39.64 5.63 31.14
C GLU A 253 39.47 7.03 31.74
N THR A 254 39.16 7.06 33.02
CA THR A 254 39.03 8.31 33.77
C THR A 254 40.10 8.36 34.87
N ALA A 255 40.10 9.45 35.63
CA ALA A 255 41.06 9.65 36.69
C ALA A 255 40.49 9.11 38.01
N LEU A 256 41.17 9.39 39.12
CA LEU A 256 40.75 8.98 40.44
C LEU A 256 40.70 10.20 41.37
N ASN A 257 40.28 9.97 42.60
CA ASN A 257 40.12 11.03 43.59
C ASN A 257 41.04 10.77 44.78
N GLU A 258 40.92 11.60 45.81
CA GLU A 258 41.81 11.50 46.96
C GLU A 258 41.57 10.22 47.75
N LYS A 259 40.30 9.80 47.87
CA LYS A 259 40.01 8.57 48.59
C LYS A 259 40.39 7.32 47.80
N GLN A 260 40.73 7.47 46.52
CA GLN A 260 41.26 6.35 45.76
C GLN A 260 42.77 6.24 45.92
N ILE A 261 43.48 7.37 45.85
CA ILE A 261 44.93 7.34 45.95
C ILE A 261 45.38 7.02 47.36
N THR A 262 44.56 7.37 48.37
CA THR A 262 44.90 6.97 49.74
C THR A 262 44.85 5.47 49.90
N ASN A 263 43.89 4.80 49.24
CA ASN A 263 43.88 3.35 49.22
C ASN A 263 45.07 2.81 48.43
N ASN A 264 45.53 3.56 47.42
CA ASN A 264 46.74 3.18 46.70
C ASN A 264 47.98 3.30 47.58
N ARG A 265 47.94 4.12 48.63
CA ARG A 265 49.05 4.18 49.58
C ARG A 265 48.97 3.04 50.58
N VAL A 266 47.77 2.74 51.09
CA VAL A 266 47.61 1.71 52.10
C VAL A 266 47.69 0.29 51.53
N LYS A 267 47.59 0.15 50.21
CA LYS A 267 47.66 -1.17 49.58
C LYS A 267 49.10 -1.66 49.44
N GLY A 268 50.08 -0.95 50.00
CA GLY A 268 51.47 -1.34 49.89
C GLY A 268 51.81 -2.62 50.61
N PHE A 269 51.52 -2.68 51.91
CA PHE A 269 51.87 -3.85 52.71
C PHE A 269 50.97 -5.04 52.46
N ILE A 270 49.94 -4.92 51.61
CA ILE A 270 49.09 -6.05 51.29
C ILE A 270 49.20 -6.37 49.80
N SER A 312 40.92 10.81 31.66
CA SER A 312 40.55 10.89 30.24
C SER A 312 41.73 10.50 29.35
N THR A 313 42.03 9.21 29.30
CA THR A 313 43.14 8.68 28.51
C THR A 313 42.64 7.58 27.60
N TYR A 314 43.06 7.64 26.33
CA TYR A 314 42.66 6.64 25.35
C TYR A 314 43.24 5.28 25.70
N ILE A 315 42.55 4.23 25.26
CA ILE A 315 42.95 2.85 25.52
C ILE A 315 43.26 2.18 24.19
N LEU A 316 44.51 1.78 24.01
CA LEU A 316 44.92 1.13 22.76
C LEU A 316 44.34 -0.29 22.69
N SER A 317 44.41 -0.86 21.49
CA SER A 317 43.76 -2.15 21.24
C SER A 317 44.55 -3.31 21.81
N THR A 318 45.88 -3.24 21.83
CA THR A 318 46.67 -4.35 22.34
C THR A 318 46.54 -4.49 23.86
N GLU A 319 46.23 -3.40 24.55
CA GLU A 319 46.06 -3.47 26.00
C GLU A 319 44.84 -4.31 26.35
N VAL A 320 43.67 -3.95 25.82
CA VAL A 320 42.47 -4.76 26.05
C VAL A 320 42.59 -6.12 25.38
N LYS A 321 43.44 -6.25 24.36
CA LYS A 321 43.70 -7.57 23.79
C LYS A 321 44.35 -8.49 24.83
N ASN A 322 45.38 -7.99 25.53
CA ASN A 322 46.03 -8.80 26.55
C ASN A 322 45.12 -9.00 27.76
N ILE A 323 44.30 -8.01 28.09
CA ILE A 323 43.40 -8.12 29.24
C ILE A 323 42.38 -9.24 29.00
N LEU A 324 41.66 -9.17 27.87
CA LEU A 324 40.67 -10.19 27.57
C LEU A 324 41.33 -11.53 27.27
N ASP A 325 42.54 -11.53 26.72
CA ASP A 325 43.23 -12.79 26.44
C ASP A 325 43.62 -13.51 27.72
N THR A 326 43.89 -12.76 28.79
CA THR A 326 44.28 -13.36 30.06
C THR A 326 43.07 -13.76 30.91
N VAL A 327 42.06 -12.89 30.99
CA VAL A 327 40.89 -13.19 31.82
C VAL A 327 40.04 -14.29 31.21
N PHE A 328 40.12 -14.50 29.89
CA PHE A 328 39.39 -15.61 29.28
C PHE A 328 40.00 -16.94 29.65
N ARG A 329 41.33 -17.06 29.53
CA ARG A 329 42.01 -18.28 29.95
C ARG A 329 42.05 -18.43 31.46
N LYS A 330 41.70 -17.38 32.22
CA LYS A 330 41.71 -17.44 33.67
C LYS A 330 40.35 -17.81 34.24
N GLU A 331 39.27 -17.43 33.56
CA GLU A 331 37.91 -17.76 33.96
C GLU A 331 37.22 -18.61 32.91
N GLN A 332 37.95 -19.57 32.35
CA GLN A 332 37.38 -20.42 31.30
C GLN A 332 36.28 -21.33 31.83
N CYS A 333 36.29 -21.61 33.14
CA CYS A 333 35.27 -22.48 33.72
C CYS A 333 33.88 -21.86 33.60
N VAL A 334 33.78 -20.55 33.83
CA VAL A 334 32.51 -19.87 33.69
C VAL A 334 32.29 -19.35 32.27
N LEU A 335 33.38 -19.05 31.54
CA LEU A 335 33.24 -18.52 30.19
C LEU A 335 32.77 -19.59 29.22
N GLN A 336 33.19 -20.84 29.43
CA GLN A 336 32.86 -21.91 28.48
C GLN A 336 31.35 -22.15 28.40
N TYR A 337 30.61 -21.87 29.47
CA TYR A 337 29.17 -22.02 29.43
C TYR A 337 28.42 -20.71 29.24
N VAL A 338 28.97 -19.59 29.72
CA VAL A 338 28.29 -18.31 29.56
C VAL A 338 28.16 -17.94 28.09
N PHE A 339 28.95 -18.55 27.21
CA PHE A 339 28.87 -18.36 25.76
C PHE A 339 28.48 -19.66 25.07
N HIS A 340 27.67 -20.49 25.73
CA HIS A 340 27.22 -21.75 25.16
C HIS A 340 25.85 -22.08 25.71
N SER A 341 24.96 -22.53 24.82
CA SER A 341 23.61 -22.93 25.22
C SER A 341 23.45 -24.43 25.35
N ARG A 342 24.20 -25.21 24.59
CA ARG A 342 24.14 -26.66 24.62
C ARG A 342 25.43 -27.23 25.22
N PRO A 343 25.38 -28.46 25.76
CA PRO A 343 26.62 -29.08 26.26
C PRO A 343 27.63 -29.24 25.13
N ASN A 344 28.76 -28.55 25.27
CA ASN A 344 29.78 -28.50 24.22
C ASN A 344 30.50 -29.83 24.16
N LEU A 345 30.09 -30.69 23.23
CA LEU A 345 30.73 -32.00 23.08
C LEU A 345 32.14 -31.87 22.50
N SER A 346 32.31 -31.00 21.50
CA SER A 346 33.61 -30.82 20.89
C SER A 346 34.62 -30.17 21.83
N ARG A 347 34.15 -29.49 22.87
CA ARG A 347 35.00 -28.82 23.86
C ARG A 347 35.94 -27.82 23.19
N LYS A 348 35.32 -26.82 22.56
CA LYS A 348 36.06 -25.76 21.91
C LYS A 348 36.65 -24.80 22.94
N LEU A 349 37.58 -23.97 22.50
CA LEU A 349 38.26 -23.00 23.35
C LEU A 349 38.05 -21.61 22.75
N VAL A 350 37.07 -20.87 23.27
CA VAL A 350 36.83 -19.52 22.81
C VAL A 350 37.99 -18.62 23.24
N LYS A 351 38.32 -17.65 22.38
CA LYS A 351 39.43 -16.76 22.63
C LYS A 351 38.97 -15.32 22.52
N ALA A 352 39.88 -14.40 22.86
CA ALA A 352 39.56 -12.97 22.79
C ALA A 352 39.36 -12.51 21.35
N ASP A 353 39.95 -13.23 20.39
CA ASP A 353 39.80 -12.86 18.98
C ASP A 353 38.37 -13.07 18.47
N SER A 354 37.49 -13.68 19.26
CA SER A 354 36.10 -13.84 18.85
C SER A 354 35.34 -12.52 18.87
N PHE A 355 35.86 -11.51 19.58
CA PHE A 355 35.21 -10.21 19.65
C PHE A 355 36.01 -9.10 18.97
N PHE A 356 37.29 -9.29 18.75
CA PHE A 356 38.13 -8.32 18.05
C PHE A 356 38.35 -8.79 16.62
N MET A 357 38.16 -7.86 15.67
CA MET A 357 38.27 -8.18 14.25
C MET A 357 39.67 -7.85 13.77
N ASP A 358 40.39 -8.89 13.32
CA ASP A 358 41.72 -8.69 12.75
C ASP A 358 41.69 -8.48 11.24
N VAL A 359 40.73 -9.08 10.55
CA VAL A 359 40.59 -8.94 9.11
C VAL A 359 39.13 -8.62 8.79
N LEU A 360 38.92 -8.11 7.58
CA LEU A 360 37.59 -7.78 7.08
C LEU A 360 37.39 -8.57 5.78
N VAL A 361 36.66 -9.68 5.86
CA VAL A 361 36.41 -10.50 4.69
C VAL A 361 35.51 -9.74 3.72
N VAL A 362 35.85 -9.82 2.43
CA VAL A 362 35.12 -9.09 1.39
C VAL A 362 34.23 -10.05 0.62
N PRO A 363 33.02 -9.64 0.23
CA PRO A 363 32.16 -10.51 -0.58
C PRO A 363 32.75 -10.73 -1.96
N PRO A 364 32.35 -11.78 -2.66
CA PRO A 364 32.87 -12.01 -4.01
C PRO A 364 32.50 -10.88 -4.95
N THR A 365 33.34 -10.69 -5.97
CA THR A 365 33.09 -9.62 -6.95
C THR A 365 31.80 -9.87 -7.72
N ARG A 366 31.43 -11.13 -7.94
CA ARG A 366 30.18 -11.43 -8.61
C ARG A 366 28.97 -10.93 -7.83
N PHE A 367 29.08 -10.91 -6.50
CA PHE A 367 28.05 -10.32 -5.65
C PHE A 367 28.22 -8.82 -5.47
N ARG A 368 29.31 -8.24 -5.95
CA ARG A 368 29.59 -6.82 -5.85
C ARG A 368 29.71 -6.20 -7.24
N LEU A 369 28.81 -6.59 -8.14
CA LEU A 369 28.83 -6.08 -9.51
C LEU A 369 28.47 -4.59 -9.50
N PRO A 370 29.23 -3.74 -10.21
CA PRO A 370 28.92 -2.31 -10.24
C PRO A 370 27.58 -2.06 -10.92
N SER A 371 26.62 -1.55 -10.15
CA SER A 371 25.30 -1.26 -10.67
C SER A 371 25.30 0.04 -11.45
N LYS A 372 24.43 0.11 -12.45
CA LYS A 372 24.29 1.28 -13.30
C LYS A 372 22.81 1.63 -13.46
N LEU A 373 22.50 2.91 -13.47
CA LEU A 373 21.13 3.40 -13.63
C LEU A 373 21.18 4.66 -14.48
N GLY A 374 20.96 4.50 -15.79
CA GLY A 374 20.98 5.62 -16.71
C GLY A 374 22.37 6.12 -17.05
N GLU A 375 22.68 7.35 -16.66
CA GLU A 375 23.97 7.94 -16.97
C GLU A 375 25.02 7.64 -15.90
N GLU A 376 24.64 7.65 -14.63
CA GLU A 376 25.60 7.44 -13.55
C GLU A 376 26.11 6.00 -13.56
N VAL A 377 27.43 5.84 -13.54
CA VAL A 377 28.08 4.55 -13.45
C VAL A 377 29.00 4.55 -12.24
N HIS A 378 28.83 3.56 -11.36
CA HIS A 378 29.61 3.51 -10.14
C HIS A 378 29.65 2.08 -9.64
N GLU A 379 30.66 1.78 -8.82
CA GLU A 379 30.82 0.46 -8.23
C GLU A 379 29.81 0.26 -7.10
N ASN A 380 29.90 -0.90 -6.44
CA ASN A 380 28.98 -1.22 -5.36
C ASN A 380 29.21 -0.28 -4.18
N SER A 381 28.20 -0.20 -3.31
CA SER A 381 28.28 0.70 -2.16
C SER A 381 29.40 0.29 -1.21
N GLN A 382 29.57 -1.01 -0.97
CA GLN A 382 30.60 -1.47 -0.05
C GLN A 382 32.00 -1.14 -0.56
N ASN A 383 32.17 -0.94 -1.87
CA ASN A 383 33.49 -0.63 -2.41
C ASN A 383 33.99 0.73 -1.95
N GLN A 384 33.09 1.65 -1.58
CA GLN A 384 33.55 2.97 -1.14
C GLN A 384 34.13 2.90 0.27
N LEU A 385 33.41 2.27 1.20
CA LEU A 385 33.92 2.12 2.56
C LEU A 385 35.17 1.26 2.58
N LEU A 386 35.16 0.16 1.81
CA LEU A 386 36.34 -0.70 1.76
C LEU A 386 37.54 0.03 1.17
N SER A 387 37.31 0.85 0.13
CA SER A 387 38.41 1.63 -0.42
C SER A 387 38.95 2.63 0.60
N LYS A 388 38.06 3.24 1.39
CA LYS A 388 38.51 4.12 2.46
C LYS A 388 39.33 3.37 3.50
N VAL A 389 38.93 2.13 3.81
CA VAL A 389 39.73 1.31 4.71
C VAL A 389 41.06 0.96 4.07
N LEU A 390 41.08 0.73 2.75
CA LEU A 390 42.32 0.38 2.08
C LEU A 390 43.32 1.55 2.09
N THR A 391 42.86 2.74 1.70
CA THR A 391 43.78 3.88 1.63
C THR A 391 44.21 4.33 3.02
N THR A 392 43.32 4.19 4.02
CA THR A 392 43.69 4.56 5.37
C THR A 392 44.54 3.49 6.04
N SER A 393 44.34 2.22 5.68
CA SER A 393 45.19 1.17 6.22
C SER A 393 46.62 1.29 5.70
N LEU A 394 46.79 1.75 4.46
CA LEU A 394 48.14 1.98 3.93
C LEU A 394 48.75 3.25 4.49
N LEU A 395 47.91 4.23 4.87
CA LEU A 395 48.43 5.43 5.54
C LEU A 395 48.98 5.09 6.91
N ILE A 396 48.21 4.32 7.70
CA ILE A 396 48.69 3.87 8.99
C ILE A 396 49.74 2.78 8.85
N ARG A 397 49.75 2.08 7.71
CA ARG A 397 50.81 1.10 7.46
C ARG A 397 52.16 1.79 7.33
N ASP A 398 52.28 2.73 6.38
CA ASP A 398 53.51 3.46 6.17
C ASP A 398 53.81 4.45 7.30
N LEU A 399 52.92 4.57 8.27
CA LEU A 399 53.15 5.49 9.39
C LEU A 399 54.31 5.02 10.26
N ASN A 400 54.29 3.74 10.65
CA ASN A 400 55.32 3.21 11.54
C ASN A 400 56.69 3.15 10.88
N ASP A 401 56.78 3.30 9.56
CA ASP A 401 58.09 3.30 8.90
C ASP A 401 58.91 4.51 9.30
N ASP A 402 58.26 5.66 9.52
CA ASP A 402 58.99 6.85 9.98
C ASP A 402 59.59 6.62 11.36
N LEU A 403 58.83 6.00 12.27
CA LEU A 403 59.35 5.69 13.58
C LEU A 403 60.39 4.57 13.54
N SER A 404 60.24 3.64 12.60
CA SER A 404 61.24 2.58 12.46
C SER A 404 62.56 3.12 11.96
N LYS A 405 62.53 4.16 11.12
CA LYS A 405 63.76 4.80 10.63
C LYS A 405 64.10 6.02 11.48
N LEU A 406 64.39 5.76 12.75
CA LEU A 406 64.71 6.82 13.69
C LEU A 406 66.22 6.90 13.92
N ARG A 417 56.42 14.65 19.65
CA ARG A 417 56.39 14.74 18.19
C ARG A 417 54.96 14.68 17.67
N VAL A 418 54.73 15.28 16.50
CA VAL A 418 53.40 15.30 15.91
C VAL A 418 53.06 13.97 15.23
N ILE A 419 54.06 13.19 14.83
CA ILE A 419 53.78 11.91 14.18
C ILE A 419 53.15 10.94 15.15
N PHE A 420 53.35 11.15 16.46
CA PHE A 420 52.66 10.32 17.45
C PHE A 420 51.18 10.71 17.54
N SER A 421 50.89 12.01 17.44
CA SER A 421 49.49 12.45 17.39
C SER A 421 48.84 12.00 16.09
N ARG A 422 49.64 11.76 15.04
CA ARG A 422 49.08 11.29 13.78
C ARG A 422 48.88 9.78 13.74
N LEU A 423 49.56 9.03 14.61
CA LEU A 423 49.30 7.60 14.72
C LEU A 423 48.16 7.30 15.68
N MET A 424 48.00 8.08 16.74
CA MET A 424 46.82 7.98 17.58
C MET A 424 45.58 8.42 16.81
N ASN A 425 45.72 9.49 16.01
CA ASN A 425 44.64 9.87 15.10
C ASN A 425 44.45 8.83 14.01
N ALA A 426 45.53 8.16 13.61
CA ALA A 426 45.38 7.05 12.68
C ALA A 426 44.64 5.89 13.31
N PHE A 427 44.82 5.66 14.61
CA PHE A 427 44.06 4.61 15.30
C PHE A 427 42.58 4.97 15.36
N VAL A 428 42.30 6.22 15.69
CA VAL A 428 40.92 6.69 15.81
C VAL A 428 40.22 6.76 14.46
N THR A 429 40.97 7.02 13.40
CA THR A 429 40.38 7.12 12.07
C THR A 429 40.29 5.76 11.37
N ILE A 430 41.27 4.88 11.59
CA ILE A 430 41.12 3.49 11.12
C ILE A 430 39.90 2.86 11.77
N GLN A 431 39.77 3.05 13.09
CA GLN A 431 38.55 2.61 13.78
C GLN A 431 37.32 3.28 13.19
N ASN A 432 37.36 4.61 13.05
CA ASN A 432 36.23 5.37 12.49
C ASN A 432 35.93 5.01 11.04
N ASP A 433 36.79 4.22 10.38
CA ASP A 433 36.53 3.76 9.02
C ASP A 433 35.95 2.35 8.98
N VAL A 434 36.43 1.45 9.84
CA VAL A 434 35.90 0.10 9.86
C VAL A 434 34.53 0.05 10.53
N ASN A 435 34.35 0.82 11.61
CA ASN A 435 33.03 0.89 12.22
C ASN A 435 32.04 1.68 11.37
N ALA A 436 32.53 2.58 10.53
CA ALA A 436 31.68 3.21 9.53
C ALA A 436 31.26 2.24 8.45
N PHE A 437 32.11 1.25 8.14
CA PHE A 437 31.72 0.19 7.23
C PHE A 437 30.69 -0.74 7.87
N ILE A 438 30.70 -0.85 9.20
CA ILE A 438 29.77 -1.73 9.90
C ILE A 438 28.57 -1.00 10.48
N ASP A 439 28.59 0.34 10.52
CA ASP A 439 27.50 1.10 11.10
C ASP A 439 27.53 2.51 10.53
N SER A 440 26.36 3.15 10.49
CA SER A 440 26.22 4.48 9.92
C SER A 440 25.63 5.51 10.88
N THR A 441 24.85 5.09 11.87
CA THR A 441 24.23 6.00 12.82
C THR A 441 25.20 6.47 13.91
N LYS A 442 26.50 6.20 13.74
CA LYS A 442 27.50 6.54 14.74
C LYS A 442 28.51 7.56 14.23
N ALA A 443 29.03 7.38 13.02
CA ALA A 443 30.08 8.23 12.49
C ALA A 443 29.47 9.51 11.92
N GLN A 444 30.34 10.13 11.12
CA GLN A 444 30.22 11.44 10.61
C GLN A 444 28.87 11.83 10.12
N GLY A 445 28.48 12.90 10.77
CA GLY A 445 27.24 13.64 10.55
C GLY A 445 27.80 14.43 9.60
N ARG A 446 27.77 14.15 8.31
CA ARG A 446 27.99 15.16 7.29
C ARG A 446 26.79 16.11 7.21
N THR A 447 26.89 17.09 6.32
CA THR A 447 25.81 18.04 6.07
C THR A 447 24.72 17.34 5.26
N SER A 448 23.75 18.11 4.74
CA SER A 448 22.64 17.57 3.98
C SER A 448 23.12 16.57 2.93
N GLY A 449 22.67 15.32 3.07
CA GLY A 449 23.56 14.30 2.20
C GLY A 449 22.20 14.19 1.50
N LYS A 450 21.18 13.92 2.28
CA LYS A 450 19.93 13.63 1.68
C LYS A 450 19.98 12.16 1.99
N VAL A 451 21.18 11.54 1.94
CA VAL A 451 21.15 10.15 2.36
C VAL A 451 22.56 9.59 2.47
N PRO A 452 22.91 8.90 3.55
CA PRO A 452 24.22 8.26 3.64
C PRO A 452 24.34 7.03 2.76
N ILE A 453 25.46 6.35 2.84
CA ILE A 453 25.73 5.17 2.00
C ILE A 453 25.47 3.92 2.82
N PRO A 454 24.69 2.97 2.31
CA PRO A 454 24.38 1.75 3.08
C PRO A 454 25.52 0.76 3.04
N GLY A 455 26.20 0.60 4.18
CA GLY A 455 27.35 -0.29 4.23
C GLY A 455 27.03 -1.76 4.33
N VAL A 456 26.46 -2.21 5.45
CA VAL A 456 26.17 -3.63 5.62
C VAL A 456 24.74 -3.88 6.09
N LYS A 457 24.36 -3.30 7.24
CA LYS A 457 23.14 -3.70 7.92
C LYS A 457 21.93 -2.89 7.50
N GLN A 458 22.12 -1.65 7.06
CA GLN A 458 21.03 -0.89 6.48
C GLN A 458 20.83 -1.18 5.00
N ALA A 459 21.76 -1.93 4.40
CA ALA A 459 21.50 -2.59 3.11
C ALA A 459 20.85 -3.95 3.30
N LEU A 460 21.18 -4.63 4.41
CA LEU A 460 20.46 -5.83 4.82
C LEU A 460 19.10 -5.50 5.42
N GLU A 461 18.83 -4.23 5.73
CA GLU A 461 17.53 -3.75 6.19
C GLU A 461 17.32 -2.38 5.55
N LYS A 462 16.65 -2.35 4.40
CA LYS A 462 16.43 -1.09 3.71
C LYS A 462 15.48 -0.21 4.50
N LYS A 463 14.23 -0.63 4.61
CA LYS A 463 13.31 -0.06 5.60
C LYS A 463 13.12 -1.02 6.77
N GLU A 464 14.24 -1.29 7.46
CA GLU A 464 14.28 -2.08 8.71
C GLU A 464 13.43 -3.34 8.59
N GLY A 465 13.92 -4.28 7.76
CA GLY A 465 13.09 -5.41 7.38
C GLY A 465 13.24 -5.91 5.95
N LEU A 466 14.30 -5.47 5.26
CA LEU A 466 14.64 -5.96 3.92
C LEU A 466 14.52 -7.46 3.78
N PHE A 467 14.68 -8.21 4.88
CA PHE A 467 14.46 -9.64 4.88
C PHE A 467 13.12 -10.04 4.25
N ARG A 468 12.14 -9.13 4.28
CA ARG A 468 10.85 -9.43 3.65
C ARG A 468 10.92 -9.39 2.13
N LYS A 469 11.86 -8.62 1.57
CA LYS A 469 11.94 -8.51 0.12
C LYS A 469 12.50 -9.78 -0.51
N HIS A 470 13.51 -10.38 0.11
CA HIS A 470 14.15 -11.57 -0.44
C HIS A 470 14.01 -12.79 0.46
N MET A 471 14.37 -12.67 1.74
CA MET A 471 14.41 -13.84 2.62
C MET A 471 13.02 -14.43 2.85
N MET A 472 11.97 -13.62 2.78
CA MET A 472 10.62 -14.07 3.08
C MET A 472 9.82 -14.40 1.83
N GLY A 473 9.77 -13.51 0.86
CA GLY A 473 9.03 -13.76 -0.37
C GLY A 473 9.79 -13.31 -1.60
N LYS A 474 10.05 -14.24 -2.51
CA LYS A 474 10.87 -13.98 -3.69
C LYS A 474 10.02 -13.40 -4.82
N ARG A 475 10.71 -12.90 -5.84
CA ARG A 475 10.06 -12.48 -7.08
C ARG A 475 9.77 -13.74 -7.88
N VAL A 476 8.51 -14.19 -7.83
CA VAL A 476 8.15 -15.51 -8.33
C VAL A 476 7.98 -15.45 -9.85
N ASN A 477 8.61 -16.40 -10.55
CA ASN A 477 8.46 -16.54 -11.98
C ASN A 477 7.11 -17.20 -12.30
N TYR A 478 6.80 -17.26 -13.60
CA TYR A 478 5.55 -17.82 -14.09
C TYR A 478 4.34 -17.09 -13.48
N ALA A 479 4.28 -15.80 -13.76
CA ALA A 479 3.23 -14.93 -13.22
C ALA A 479 2.44 -14.29 -14.36
N ALA A 480 1.26 -13.79 -14.02
CA ALA A 480 0.38 -13.13 -14.98
C ALA A 480 -0.52 -12.17 -14.23
N ARG A 481 -0.46 -10.89 -14.59
CA ARG A 481 -1.22 -9.86 -13.90
C ARG A 481 -1.86 -8.94 -14.94
N SER A 482 -3.18 -8.79 -14.86
CA SER A 482 -3.93 -7.93 -15.76
C SER A 482 -5.31 -7.69 -15.14
N VAL A 483 -6.11 -6.86 -15.81
CA VAL A 483 -7.44 -6.54 -15.30
C VAL A 483 -8.35 -7.76 -15.44
N ILE A 484 -9.44 -7.75 -14.68
CA ILE A 484 -10.35 -8.87 -14.59
C ILE A 484 -11.69 -8.50 -15.24
N SER A 485 -12.57 -9.49 -15.37
CA SER A 485 -13.88 -9.31 -15.96
C SER A 485 -14.76 -10.47 -15.56
N PRO A 486 -16.06 -10.27 -15.34
CA PRO A 486 -16.93 -11.37 -14.95
C PRO A 486 -17.51 -12.08 -16.18
N ASP A 487 -17.82 -13.37 -15.98
CA ASP A 487 -18.47 -14.18 -17.01
C ASP A 487 -19.58 -15.02 -16.41
N PRO A 488 -20.72 -15.16 -17.10
CA PRO A 488 -21.72 -16.15 -16.68
C PRO A 488 -21.43 -17.52 -17.29
N ASN A 489 -22.33 -18.48 -17.06
CA ASN A 489 -22.22 -19.81 -17.64
C ASN A 489 -20.94 -20.53 -17.18
N ILE A 490 -20.49 -20.21 -15.97
CA ILE A 490 -19.31 -20.83 -15.36
C ILE A 490 -19.73 -21.46 -14.04
N GLU A 491 -19.40 -22.73 -13.85
CA GLU A 491 -19.83 -23.45 -12.65
C GLU A 491 -18.87 -23.25 -11.48
N THR A 492 -18.64 -21.97 -11.16
CA THR A 492 -17.99 -21.48 -9.94
C THR A 492 -16.50 -21.82 -9.85
N ASN A 493 -15.94 -22.55 -10.81
CA ASN A 493 -14.53 -22.92 -10.71
C ASN A 493 -13.75 -22.80 -12.01
N GLU A 494 -14.34 -22.32 -13.09
CA GLU A 494 -13.59 -22.10 -14.32
C GLU A 494 -13.05 -20.68 -14.37
N ILE A 495 -11.84 -20.54 -14.92
CA ILE A 495 -11.18 -19.25 -15.08
C ILE A 495 -10.85 -19.06 -16.54
N GLY A 496 -11.55 -18.15 -17.20
CA GLY A 496 -11.28 -17.88 -18.60
C GLY A 496 -9.99 -17.12 -18.81
N VAL A 497 -9.03 -17.75 -19.47
CA VAL A 497 -7.73 -17.13 -19.70
C VAL A 497 -7.53 -16.93 -21.20
N PRO A 498 -6.94 -15.82 -21.62
CA PRO A 498 -6.77 -15.56 -23.05
C PRO A 498 -5.63 -16.37 -23.63
N PRO A 499 -5.62 -16.61 -24.94
CA PRO A 499 -4.50 -17.34 -25.54
C PRO A 499 -3.18 -16.58 -25.48
N VAL A 500 -3.22 -15.25 -25.37
CA VAL A 500 -1.99 -14.48 -25.28
C VAL A 500 -1.27 -14.78 -23.97
N PHE A 501 -2.01 -15.08 -22.90
CA PHE A 501 -1.39 -15.54 -21.66
C PHE A 501 -1.15 -17.04 -21.67
N ALA A 502 -1.92 -17.78 -22.46
CA ALA A 502 -1.75 -19.23 -22.52
C ALA A 502 -0.48 -19.62 -23.27
N VAL A 503 -0.10 -18.86 -24.29
CA VAL A 503 1.07 -19.21 -25.09
C VAL A 503 2.36 -19.00 -24.30
N LYS A 504 2.38 -18.03 -23.40
CA LYS A 504 3.59 -17.75 -22.63
C LYS A 504 3.76 -18.73 -21.48
N LEU A 505 2.75 -18.83 -20.61
CA LEU A 505 2.81 -19.76 -19.49
C LEU A 505 2.84 -21.20 -20.00
N THR A 506 3.69 -22.02 -19.37
CA THR A 506 3.88 -23.40 -19.80
C THR A 506 3.94 -24.30 -18.57
N TYR A 507 4.15 -25.60 -18.82
CA TYR A 507 4.16 -26.60 -17.76
C TYR A 507 4.93 -27.81 -18.22
N PRO A 508 5.83 -28.36 -17.41
CA PRO A 508 6.60 -29.54 -17.84
C PRO A 508 5.82 -30.83 -17.70
N GLU A 509 6.12 -31.77 -18.60
CA GLU A 509 5.46 -33.07 -18.59
C GLU A 509 6.39 -34.11 -19.20
N PRO A 510 6.73 -35.16 -18.46
CA PRO A 510 7.67 -36.16 -18.99
C PRO A 510 7.07 -36.98 -20.11
N VAL A 511 7.94 -37.51 -20.97
CA VAL A 511 7.51 -38.27 -22.14
C VAL A 511 7.47 -39.75 -21.81
N THR A 512 6.42 -40.42 -22.25
CA THR A 512 6.26 -41.86 -22.10
C THR A 512 5.24 -42.31 -23.14
N ALA A 513 4.88 -43.59 -23.09
CA ALA A 513 3.78 -44.11 -23.90
C ALA A 513 2.41 -43.71 -23.36
N TYR A 514 2.41 -42.85 -22.34
CA TYR A 514 1.18 -42.45 -21.67
C TYR A 514 0.46 -41.33 -22.43
N ASN A 515 1.20 -40.47 -23.11
CA ASN A 515 0.62 -39.35 -23.85
C ASN A 515 1.22 -39.28 -25.26
N ILE A 516 1.30 -40.43 -25.92
CA ILE A 516 1.90 -40.46 -27.25
C ILE A 516 1.00 -39.80 -28.29
N ALA A 517 -0.30 -39.68 -28.00
CA ALA A 517 -1.22 -39.12 -28.97
C ALA A 517 -1.44 -37.62 -28.74
N GLU A 518 -1.51 -37.21 -27.47
CA GLU A 518 -1.76 -35.80 -27.16
C GLU A 518 -0.48 -34.98 -27.23
N LEU A 519 0.64 -35.55 -26.76
CA LEU A 519 1.89 -34.80 -26.75
C LEU A 519 2.42 -34.57 -28.16
N ARG A 520 2.23 -35.56 -29.05
CA ARG A 520 2.65 -35.38 -30.43
C ARG A 520 1.85 -34.27 -31.12
N GLN A 521 0.63 -34.01 -30.65
CA GLN A 521 -0.15 -32.89 -31.17
C GLN A 521 0.37 -31.57 -30.63
N ALA A 522 0.69 -31.52 -29.33
CA ALA A 522 1.20 -30.29 -28.74
C ALA A 522 2.56 -29.91 -29.34
N VAL A 523 3.35 -30.89 -29.76
CA VAL A 523 4.65 -30.60 -30.36
C VAL A 523 4.49 -30.25 -31.83
N ILE A 524 3.59 -30.94 -32.55
CA ILE A 524 3.41 -30.67 -33.96
C ILE A 524 2.74 -29.33 -34.21
N ASN A 525 2.07 -28.76 -33.21
CA ASN A 525 1.47 -27.44 -33.38
C ASN A 525 2.50 -26.33 -33.16
N GLY A 526 3.18 -26.36 -32.01
CA GLY A 526 4.21 -25.38 -31.72
C GLY A 526 3.67 -24.18 -30.99
N PRO A 527 4.55 -23.21 -30.69
CA PRO A 527 4.11 -21.99 -29.99
C PRO A 527 3.29 -21.04 -30.84
N ASP A 528 3.08 -21.34 -32.12
CA ASP A 528 2.31 -20.44 -32.97
C ASP A 528 0.82 -20.54 -32.69
N LYS A 529 0.30 -21.74 -32.50
CA LYS A 529 -1.13 -21.95 -32.27
C LYS A 529 -1.33 -22.93 -31.11
N TRP A 530 -2.43 -22.71 -30.35
CA TRP A 530 -2.88 -23.48 -29.21
C TRP A 530 -3.76 -24.64 -29.66
N PRO A 531 -3.61 -25.84 -29.06
CA PRO A 531 -2.62 -26.16 -28.03
C PRO A 531 -1.25 -26.52 -28.59
N GLY A 532 -0.21 -25.89 -28.07
CA GLY A 532 1.14 -26.13 -28.54
C GLY A 532 2.15 -26.35 -27.44
N ALA A 533 3.43 -26.37 -27.81
CA ALA A 533 4.52 -26.54 -26.86
C ALA A 533 5.61 -25.51 -27.15
N THR A 534 6.26 -25.05 -26.08
CA THR A 534 7.27 -23.99 -26.22
C THR A 534 8.67 -24.55 -26.34
N GLN A 535 9.11 -25.33 -25.35
CA GLN A 535 10.47 -25.82 -25.29
C GLN A 535 10.49 -27.33 -25.10
N ILE A 536 11.54 -27.96 -25.63
CA ILE A 536 11.76 -29.40 -25.50
C ILE A 536 13.13 -29.61 -24.86
N GLN A 537 13.19 -30.46 -23.85
CA GLN A 537 14.44 -30.80 -23.19
C GLN A 537 14.72 -32.29 -23.32
N ASN A 538 16.01 -32.62 -23.37
CA ASN A 538 16.45 -34.00 -23.56
C ASN A 538 16.84 -34.62 -22.22
N GLU A 539 17.30 -35.88 -22.29
CA GLU A 539 17.67 -36.59 -21.08
C GLU A 539 18.92 -36.00 -20.42
N ASP A 540 19.85 -35.48 -21.22
CA ASP A 540 21.09 -34.93 -20.68
C ASP A 540 20.90 -33.59 -20.01
N GLY A 541 19.70 -33.02 -20.01
CA GLY A 541 19.46 -31.74 -19.38
C GLY A 541 19.75 -30.54 -20.25
N SER A 542 19.61 -30.67 -21.57
CA SER A 542 19.85 -29.57 -22.49
C SER A 542 18.53 -28.91 -22.87
N LEU A 543 18.62 -27.65 -23.30
CA LEU A 543 17.46 -26.86 -23.68
C LEU A 543 17.40 -26.75 -25.19
N VAL A 544 16.22 -27.02 -25.75
CA VAL A 544 15.97 -26.90 -27.18
C VAL A 544 14.74 -26.02 -27.37
N SER A 545 14.90 -24.91 -28.07
CA SER A 545 13.81 -23.98 -28.31
C SER A 545 13.07 -24.33 -29.59
N LEU A 546 11.86 -23.79 -29.71
CA LEU A 546 11.02 -24.03 -30.89
C LEU A 546 10.47 -22.76 -31.51
N ILE A 547 10.75 -21.59 -30.92
CA ILE A 547 10.27 -20.33 -31.48
C ILE A 547 10.99 -19.93 -32.76
N GLY A 548 12.12 -20.57 -33.07
CA GLY A 548 12.86 -20.25 -34.27
C GLY A 548 13.07 -21.44 -35.17
N MET A 549 12.14 -22.39 -35.13
CA MET A 549 12.20 -23.59 -35.96
C MET A 549 10.86 -23.77 -36.67
N SER A 550 10.91 -24.10 -37.95
CA SER A 550 9.71 -24.19 -38.77
C SER A 550 8.96 -25.49 -38.49
N VAL A 551 7.88 -25.71 -39.23
CA VAL A 551 7.04 -26.88 -39.02
C VAL A 551 7.76 -28.16 -39.47
N GLU A 552 8.70 -28.04 -40.41
CA GLU A 552 9.47 -29.22 -40.82
C GLU A 552 10.35 -29.71 -39.68
N GLN A 553 11.00 -28.78 -38.96
CA GLN A 553 11.74 -29.16 -37.77
C GLN A 553 10.81 -29.68 -36.68
N ARG A 554 9.57 -29.16 -36.64
CA ARG A 554 8.57 -29.68 -35.71
C ARG A 554 8.17 -31.11 -36.04
N LYS A 555 8.32 -31.52 -37.31
CA LYS A 555 8.02 -32.90 -37.68
C LYS A 555 9.20 -33.82 -37.36
N ALA A 556 10.42 -33.37 -37.64
CA ALA A 556 11.60 -34.18 -37.33
C ALA A 556 11.75 -34.36 -35.83
N LEU A 557 11.26 -33.40 -35.05
CA LEU A 557 11.30 -33.52 -33.60
C LEU A 557 10.07 -34.27 -33.06
N ALA A 558 8.96 -34.22 -33.79
CA ALA A 558 7.78 -34.97 -33.38
C ALA A 558 8.00 -36.47 -33.49
N ASN A 559 8.84 -36.90 -34.43
CA ASN A 559 9.20 -38.30 -34.58
C ASN A 559 10.37 -38.69 -33.68
N GLN A 560 10.69 -37.87 -32.67
CA GLN A 560 11.79 -38.14 -31.76
C GLN A 560 11.39 -37.99 -30.30
N LEU A 561 10.11 -37.76 -30.02
CA LEU A 561 9.68 -37.57 -28.63
C LEU A 561 9.75 -38.87 -27.84
N LEU A 562 9.58 -40.01 -28.50
CA LEU A 562 9.65 -41.31 -27.85
C LEU A 562 10.87 -42.04 -28.40
N THR A 563 11.95 -42.04 -27.62
CA THR A 563 13.22 -42.64 -28.03
C THR A 563 14.04 -42.96 -26.78
N PRO A 564 14.61 -44.16 -26.69
CA PRO A 564 15.44 -44.50 -25.53
C PRO A 564 16.65 -43.57 -25.44
N SER A 565 17.18 -43.47 -24.23
CA SER A 565 18.28 -42.55 -23.94
C SER A 565 19.56 -43.02 -24.63
N SER A 566 20.60 -42.18 -24.52
CA SER A 566 21.88 -42.49 -25.15
C SER A 566 22.58 -43.64 -24.43
N ASN A 567 22.83 -43.49 -23.14
CA ASN A 567 23.52 -44.49 -22.35
C ASN A 567 22.68 -44.86 -21.14
N VAL A 568 23.09 -45.93 -20.46
CA VAL A 568 22.39 -46.38 -19.25
C VAL A 568 22.56 -45.39 -18.12
N SER A 569 23.50 -44.45 -18.23
CA SER A 569 23.68 -43.43 -17.20
C SER A 569 22.47 -42.51 -17.09
N THR A 570 21.61 -42.47 -18.11
CA THR A 570 20.39 -41.69 -18.09
C THR A 570 19.20 -42.53 -18.57
N HIS A 571 19.24 -43.84 -18.30
CA HIS A 571 18.18 -44.73 -18.75
C HIS A 571 16.90 -44.58 -17.93
N THR A 572 17.00 -44.11 -16.69
CA THR A 572 15.82 -43.98 -15.84
C THR A 572 15.01 -42.74 -16.18
N LEU A 573 15.69 -41.65 -16.56
CA LEU A 573 14.99 -40.40 -16.87
C LEU A 573 14.51 -40.43 -18.31
N ASN A 574 13.79 -39.37 -18.70
CA ASN A 574 13.26 -39.22 -20.04
C ASN A 574 13.11 -37.75 -20.36
N LYS A 575 12.69 -37.45 -21.58
CA LYS A 575 12.51 -36.07 -22.00
C LYS A 575 11.28 -35.47 -21.33
N LYS A 576 11.28 -34.14 -21.23
CA LYS A 576 10.17 -33.38 -20.67
C LYS A 576 9.74 -32.31 -21.67
N VAL A 577 8.45 -32.32 -22.00
CA VAL A 577 7.88 -31.36 -22.95
C VAL A 577 7.15 -30.27 -22.20
N TYR A 578 7.43 -29.02 -22.55
CA TYR A 578 6.79 -27.86 -21.93
C TYR A 578 5.60 -27.45 -22.78
N ARG A 579 4.40 -27.83 -22.34
CA ARG A 579 3.17 -27.49 -23.06
C ARG A 579 2.51 -26.27 -22.44
N HIS A 580 1.70 -25.59 -23.25
CA HIS A 580 1.18 -24.27 -22.88
C HIS A 580 0.16 -24.34 -21.76
N ILE A 581 -1.00 -24.94 -22.05
CA ILE A 581 -2.10 -24.99 -21.09
C ILE A 581 -3.13 -25.98 -21.61
N LYS A 582 -3.93 -26.53 -20.69
CA LYS A 582 -5.04 -27.40 -21.02
C LYS A 582 -6.27 -26.97 -20.23
N ASN A 583 -7.37 -27.69 -20.44
CA ASN A 583 -8.60 -27.48 -19.68
C ASN A 583 -8.72 -28.44 -18.51
N ARG A 584 -7.63 -29.10 -18.13
CA ARG A 584 -7.63 -30.06 -17.05
C ARG A 584 -6.68 -29.72 -15.91
N ASP A 585 -5.63 -28.95 -16.18
CA ASP A 585 -4.68 -28.59 -15.14
C ASP A 585 -5.31 -27.57 -14.17
N VAL A 586 -4.58 -27.29 -13.10
CA VAL A 586 -5.03 -26.39 -12.05
C VAL A 586 -4.18 -25.13 -12.09
N VAL A 587 -4.81 -23.98 -11.83
CA VAL A 587 -4.15 -22.69 -11.84
C VAL A 587 -4.50 -21.94 -10.56
N LEU A 588 -3.52 -21.27 -9.98
CA LEU A 588 -3.69 -20.55 -8.73
C LEU A 588 -4.04 -19.09 -9.00
N MET A 589 -4.80 -18.50 -8.08
CA MET A 589 -5.18 -17.10 -8.17
C MET A 589 -5.08 -16.44 -6.80
N ASN A 590 -4.69 -15.17 -6.79
CA ASN A 590 -4.58 -14.40 -5.56
C ASN A 590 -4.99 -12.96 -5.84
N ARG A 591 -5.62 -12.34 -4.85
CA ARG A 591 -6.07 -10.97 -4.95
C ARG A 591 -5.35 -10.11 -3.91
N GLN A 592 -4.84 -8.95 -4.34
CA GLN A 592 -4.12 -8.05 -3.45
C GLN A 592 -5.00 -6.86 -3.07
N PRO A 593 -4.99 -6.45 -1.80
CA PRO A 593 -4.23 -7.10 -0.73
C PRO A 593 -4.99 -8.25 -0.07
N THR A 594 -4.36 -9.42 0.03
CA THR A 594 -4.98 -10.55 0.71
C THR A 594 -4.89 -10.36 2.22
N LEU A 595 -6.02 -10.58 2.90
CA LEU A 595 -6.07 -10.38 4.34
C LEU A 595 -6.78 -11.49 5.10
N HIS A 596 -7.20 -12.57 4.43
CA HIS A 596 -7.92 -13.65 5.10
C HIS A 596 -7.64 -14.95 4.37
N LYS A 597 -8.38 -15.99 4.74
CA LYS A 597 -8.16 -17.33 4.19
C LYS A 597 -8.77 -17.50 2.80
N ALA A 598 -9.91 -16.85 2.55
CA ALA A 598 -10.60 -16.99 1.27
C ALA A 598 -10.09 -16.04 0.20
N SER A 599 -9.05 -15.25 0.50
CA SER A 599 -8.45 -14.36 -0.48
C SER A 599 -7.30 -15.02 -1.25
N MET A 600 -7.23 -16.35 -1.22
CA MET A 600 -6.16 -17.09 -1.89
C MET A 600 -6.76 -18.44 -2.29
N MET A 601 -7.15 -18.55 -3.56
CA MET A 601 -7.89 -19.71 -4.02
C MET A 601 -7.37 -20.15 -5.39
N GLY A 602 -7.46 -21.46 -5.64
CA GLY A 602 -7.05 -22.02 -6.91
C GLY A 602 -8.21 -22.73 -7.58
N HIS A 603 -8.23 -22.68 -8.91
CA HIS A 603 -9.33 -23.25 -9.69
C HIS A 603 -8.74 -23.87 -10.96
N LYS A 604 -9.60 -24.35 -11.83
CA LYS A 604 -9.21 -24.81 -13.15
C LYS A 604 -9.60 -23.77 -14.19
N VAL A 605 -8.89 -23.78 -15.32
CA VAL A 605 -9.06 -22.76 -16.34
C VAL A 605 -9.78 -23.35 -17.55
N ARG A 606 -10.45 -22.46 -18.28
CA ARG A 606 -11.13 -22.82 -19.53
C ARG A 606 -10.85 -21.68 -20.51
N VAL A 607 -9.96 -21.91 -21.47
CA VAL A 607 -9.50 -20.85 -22.35
C VAL A 607 -10.63 -20.41 -23.27
N LEU A 608 -10.52 -19.17 -23.76
CA LEU A 608 -11.46 -18.64 -24.74
C LEU A 608 -10.72 -17.73 -25.71
N PRO A 609 -10.62 -18.12 -26.99
CA PRO A 609 -9.88 -17.30 -27.99
C PRO A 609 -10.72 -16.13 -28.49
N ASN A 610 -11.10 -15.24 -27.58
CA ASN A 610 -11.97 -14.12 -27.93
C ASN A 610 -11.31 -12.76 -27.73
N GLU A 611 -10.79 -12.47 -26.54
CA GLU A 611 -10.34 -11.13 -26.21
C GLU A 611 -9.13 -11.20 -25.29
N LYS A 612 -8.78 -10.06 -24.70
CA LYS A 612 -7.44 -9.83 -24.14
C LYS A 612 -7.34 -10.00 -22.63
N THR A 613 -8.37 -9.65 -21.87
CA THR A 613 -8.26 -9.61 -20.42
C THR A 613 -8.74 -10.91 -19.78
N LEU A 614 -8.54 -11.01 -18.47
CA LEU A 614 -8.91 -12.20 -17.71
C LEU A 614 -10.41 -12.30 -17.53
N ARG A 615 -10.85 -13.44 -17.00
CA ARG A 615 -12.25 -13.71 -16.74
C ARG A 615 -12.41 -14.24 -15.33
N LEU A 616 -13.47 -13.80 -14.64
CA LEU A 616 -13.74 -14.25 -13.27
C LEU A 616 -15.15 -14.79 -13.14
N HIS A 617 -15.57 -15.11 -11.92
CA HIS A 617 -16.88 -15.67 -11.65
C HIS A 617 -17.67 -14.72 -10.74
N TYR A 618 -18.98 -14.94 -10.69
CA TYR A 618 -19.86 -14.08 -9.91
C TYR A 618 -19.72 -14.33 -8.41
N ALA A 619 -19.42 -15.56 -8.01
CA ALA A 619 -19.33 -15.89 -6.59
C ALA A 619 -17.93 -15.73 -6.03
N ASN A 620 -16.91 -15.69 -6.88
CA ASN A 620 -15.54 -15.57 -6.40
C ASN A 620 -15.22 -14.16 -5.92
N THR A 621 -15.83 -13.14 -6.53
CA THR A 621 -15.59 -11.77 -6.10
C THR A 621 -16.16 -11.49 -4.71
N GLY A 622 -17.16 -12.25 -4.28
CA GLY A 622 -17.67 -12.08 -2.93
C GLY A 622 -16.68 -12.52 -1.87
N ALA A 623 -15.91 -13.57 -2.16
CA ALA A 623 -14.89 -14.02 -1.22
C ALA A 623 -13.65 -13.14 -1.28
N TYR A 624 -13.25 -12.72 -2.48
CA TYR A 624 -12.08 -11.86 -2.63
C TYR A 624 -12.36 -10.43 -2.18
N ASN A 625 -13.63 -10.06 -1.98
CA ASN A 625 -14.01 -8.68 -1.63
C ASN A 625 -13.51 -7.68 -2.66
N ALA A 626 -13.45 -8.10 -3.91
CA ALA A 626 -13.00 -7.25 -5.01
C ALA A 626 -14.18 -6.78 -5.84
N ASP A 627 -13.98 -5.67 -6.54
CA ASP A 627 -15.00 -5.06 -7.39
C ASP A 627 -14.50 -5.03 -8.83
N PHE A 628 -15.30 -4.41 -9.70
CA PHE A 628 -14.96 -4.25 -11.11
C PHE A 628 -14.74 -2.79 -11.48
N ASP A 629 -14.29 -1.98 -10.51
CA ASP A 629 -14.01 -0.57 -10.73
C ASP A 629 -12.53 -0.30 -11.00
N GLY A 630 -11.84 -1.24 -11.64
CA GLY A 630 -10.42 -1.14 -11.87
C GLY A 630 -9.58 -2.12 -11.06
N ASP A 631 -10.21 -2.93 -10.21
CA ASP A 631 -9.47 -3.93 -9.44
C ASP A 631 -8.95 -5.03 -10.35
N GLU A 632 -7.73 -5.48 -10.07
CA GLU A 632 -7.10 -6.54 -10.83
C GLU A 632 -6.37 -7.48 -9.89
N MET A 633 -6.52 -8.78 -10.12
CA MET A 633 -5.89 -9.81 -9.30
C MET A 633 -4.77 -10.46 -10.10
N ASN A 634 -4.15 -11.47 -9.49
CA ASN A 634 -3.00 -12.15 -10.05
C ASN A 634 -3.38 -13.53 -10.56
N MET A 635 -2.53 -14.06 -11.44
CA MET A 635 -2.69 -15.40 -11.99
C MET A 635 -1.36 -16.13 -11.86
N HIS A 636 -1.25 -17.00 -10.86
CA HIS A 636 -0.04 -17.77 -10.63
C HIS A 636 -0.24 -19.20 -11.08
N PHE A 637 0.81 -19.80 -11.63
CA PHE A 637 0.73 -21.11 -12.23
C PHE A 637 1.64 -22.10 -11.49
N PRO A 638 1.13 -23.24 -11.05
CA PRO A 638 1.98 -24.21 -10.37
C PRO A 638 2.81 -25.03 -11.36
N GLN A 639 3.99 -25.43 -10.90
CA GLN A 639 4.94 -26.17 -11.72
C GLN A 639 5.04 -27.65 -11.34
N ASN A 640 4.14 -28.14 -10.48
CA ASN A 640 4.19 -29.52 -10.04
C ASN A 640 2.79 -30.09 -9.99
N GLU A 641 2.66 -31.36 -10.40
CA GLU A 641 1.37 -32.05 -10.31
C GLU A 641 0.93 -32.23 -8.86
N ASN A 642 1.87 -32.28 -7.92
CA ASN A 642 1.49 -32.33 -6.51
C ASN A 642 0.85 -31.01 -6.08
N ALA A 643 1.38 -29.88 -6.57
CA ALA A 643 0.70 -28.61 -6.35
C ALA A 643 -0.66 -28.60 -7.03
N ARG A 644 -0.79 -29.27 -8.18
CA ARG A 644 -2.10 -29.41 -8.81
C ARG A 644 -3.03 -30.28 -7.97
N ALA A 645 -2.48 -31.25 -7.24
CA ALA A 645 -3.31 -32.13 -6.41
C ALA A 645 -3.85 -31.37 -5.20
N GLU A 646 -2.98 -30.67 -4.47
CA GLU A 646 -3.44 -29.94 -3.30
C GLU A 646 -4.27 -28.72 -3.68
N ALA A 647 -4.10 -28.20 -4.89
CA ALA A 647 -4.94 -27.10 -5.35
C ALA A 647 -6.24 -27.56 -5.98
N LEU A 648 -6.41 -28.87 -6.19
CA LEU A 648 -7.65 -29.43 -6.69
C LEU A 648 -8.51 -30.06 -5.60
N ASN A 649 -7.89 -30.50 -4.50
CA ASN A 649 -8.60 -31.12 -3.38
C ASN A 649 -8.67 -30.23 -2.15
N LEU A 650 -7.58 -29.50 -1.84
CA LEU A 650 -7.54 -28.66 -0.65
C LEU A 650 -7.83 -27.20 -0.97
N ALA A 651 -7.07 -26.61 -1.89
CA ALA A 651 -7.25 -25.21 -2.26
C ALA A 651 -8.40 -25.00 -3.24
N ASN A 652 -9.20 -26.02 -3.50
CA ASN A 652 -10.33 -25.88 -4.39
C ASN A 652 -11.41 -24.99 -3.76
N THR A 653 -12.27 -24.44 -4.60
CA THR A 653 -13.26 -23.47 -4.13
C THR A 653 -14.31 -24.14 -3.24
N ASP A 654 -14.61 -25.42 -3.48
CA ASP A 654 -15.64 -26.09 -2.70
C ASP A 654 -15.22 -26.26 -1.25
N SER A 655 -13.94 -26.58 -1.02
CA SER A 655 -13.44 -26.72 0.34
C SER A 655 -13.34 -25.38 1.06
N GLN A 656 -13.40 -24.27 0.33
CA GLN A 656 -13.38 -22.94 0.91
C GLN A 656 -14.75 -22.26 0.84
N TYR A 657 -15.83 -23.05 0.77
CA TYR A 657 -17.16 -22.47 0.76
C TYR A 657 -17.50 -21.81 2.10
N LEU A 658 -16.91 -22.28 3.19
CA LEU A 658 -17.15 -21.75 4.53
C LEU A 658 -15.85 -21.19 5.08
N THR A 659 -15.85 -19.90 5.38
CA THR A 659 -14.64 -19.30 5.94
C THR A 659 -14.53 -19.63 7.43
N PRO A 660 -13.34 -20.02 7.90
CA PRO A 660 -13.15 -20.44 9.29
C PRO A 660 -13.02 -19.29 10.28
N THR A 661 -13.99 -18.37 10.26
CA THR A 661 -14.02 -17.25 11.19
C THR A 661 -15.23 -17.31 12.11
N SER A 662 -16.44 -17.38 11.57
CA SER A 662 -17.64 -17.47 12.38
C SER A 662 -18.68 -18.44 11.84
N GLY A 663 -18.41 -19.11 10.72
CA GLY A 663 -19.40 -19.98 10.11
C GLY A 663 -20.34 -19.28 9.18
N SER A 664 -19.93 -18.18 8.55
CA SER A 664 -20.76 -17.45 7.62
C SER A 664 -20.31 -17.75 6.20
N PRO A 665 -21.10 -18.49 5.42
CA PRO A 665 -20.67 -18.83 4.05
C PRO A 665 -20.55 -17.61 3.15
N VAL A 666 -19.32 -17.29 2.73
CA VAL A 666 -19.08 -16.17 1.81
C VAL A 666 -19.14 -16.77 0.40
N ARG A 667 -20.36 -16.86 -0.12
CA ARG A 667 -20.62 -17.44 -1.43
C ARG A 667 -22.08 -17.17 -1.79
N GLY A 668 -22.36 -17.10 -3.09
CA GLY A 668 -23.70 -16.84 -3.55
C GLY A 668 -23.83 -15.55 -4.33
N LEU A 669 -24.68 -15.55 -5.36
CA LEU A 669 -24.89 -14.35 -6.17
C LEU A 669 -25.47 -13.23 -5.31
N ILE A 670 -25.20 -12.00 -5.73
CA ILE A 670 -25.35 -10.83 -4.86
C ILE A 670 -26.62 -10.03 -5.16
N GLN A 671 -26.75 -9.49 -6.37
CA GLN A 671 -27.77 -8.50 -6.64
C GLN A 671 -28.76 -8.89 -7.72
N ASP A 672 -28.29 -9.25 -8.91
CA ASP A 672 -29.19 -9.31 -10.07
C ASP A 672 -29.99 -10.61 -10.10
N HIS A 673 -29.35 -11.75 -9.84
CA HIS A 673 -30.04 -13.03 -9.93
C HIS A 673 -31.03 -13.23 -8.79
N ILE A 674 -30.85 -12.54 -7.67
CA ILE A 674 -31.81 -12.60 -6.57
C ILE A 674 -32.94 -11.59 -6.76
N SER A 675 -32.61 -10.39 -7.26
CA SER A 675 -33.65 -9.41 -7.55
C SER A 675 -34.61 -9.92 -8.63
N ALA A 676 -34.07 -10.66 -9.61
CA ALA A 676 -34.93 -11.33 -10.57
C ALA A 676 -35.52 -12.61 -10.00
N GLY A 677 -34.83 -13.21 -9.02
CA GLY A 677 -35.37 -14.39 -8.37
C GLY A 677 -36.69 -14.12 -7.67
N VAL A 678 -36.81 -12.97 -7.02
CA VAL A 678 -38.05 -12.62 -6.34
C VAL A 678 -39.21 -12.58 -7.33
N TRP A 679 -38.97 -12.06 -8.53
CA TRP A 679 -40.00 -12.05 -9.56
C TRP A 679 -40.20 -13.44 -10.17
N LEU A 680 -39.15 -14.28 -10.14
CA LEU A 680 -39.25 -15.61 -10.71
C LEU A 680 -40.14 -16.52 -9.87
N THR A 681 -39.79 -16.70 -8.60
CA THR A 681 -40.52 -17.61 -7.72
C THR A 681 -41.81 -17.02 -7.17
N SER A 682 -42.14 -15.77 -7.52
CA SER A 682 -43.36 -15.16 -7.02
C SER A 682 -44.59 -15.85 -7.60
N LYS A 683 -45.72 -15.65 -6.93
CA LYS A 683 -46.98 -16.23 -7.40
C LYS A 683 -47.46 -15.54 -8.68
N ASP A 684 -47.09 -14.28 -8.89
CA ASP A 684 -47.46 -13.57 -10.11
C ASP A 684 -46.48 -13.88 -11.23
N SER A 685 -46.30 -15.17 -11.53
CA SER A 685 -45.40 -15.58 -12.60
C SER A 685 -45.84 -16.96 -13.07
N PHE A 686 -46.46 -17.02 -14.25
CA PHE A 686 -46.97 -18.25 -14.82
C PHE A 686 -46.34 -18.48 -16.19
N PHE A 687 -45.73 -19.64 -16.36
CA PHE A 687 -45.02 -19.99 -17.59
C PHE A 687 -45.78 -21.10 -18.33
N THR A 688 -45.31 -21.40 -19.53
CA THR A 688 -45.87 -22.44 -20.37
C THR A 688 -44.90 -23.62 -20.47
N ARG A 689 -45.29 -24.61 -21.27
CA ARG A 689 -44.44 -25.79 -21.47
C ARG A 689 -43.13 -25.41 -22.13
N GLU A 690 -43.16 -24.42 -23.02
CA GLU A 690 -41.93 -23.98 -23.67
C GLU A 690 -40.95 -23.39 -22.67
N GLN A 691 -41.45 -22.53 -21.77
CA GLN A 691 -40.59 -21.98 -20.73
C GLN A 691 -40.15 -23.05 -19.75
N TYR A 692 -41.05 -23.99 -19.41
CA TYR A 692 -40.69 -25.04 -18.45
C TYR A 692 -39.55 -25.91 -18.97
N GLN A 693 -39.44 -26.10 -20.28
CA GLN A 693 -38.39 -26.93 -20.86
C GLN A 693 -37.11 -26.12 -21.13
N GLN A 694 -37.25 -24.95 -21.74
CA GLN A 694 -36.08 -24.17 -22.11
C GLN A 694 -35.40 -23.55 -20.90
N TYR A 695 -36.17 -23.21 -19.86
CA TYR A 695 -35.57 -22.60 -18.67
C TYR A 695 -34.69 -23.59 -17.91
N ILE A 696 -35.05 -24.86 -17.90
CA ILE A 696 -34.29 -25.83 -17.12
C ILE A 696 -33.18 -26.48 -17.94
N TYR A 697 -33.38 -26.64 -19.26
CA TYR A 697 -32.31 -27.20 -20.08
C TYR A 697 -31.22 -26.17 -20.35
N GLY A 698 -31.59 -24.90 -20.50
CA GLY A 698 -30.61 -23.84 -20.67
C GLY A 698 -29.65 -23.68 -19.50
N CYS A 699 -29.91 -24.38 -18.39
CA CYS A 699 -29.04 -24.33 -17.22
C CYS A 699 -28.51 -25.70 -16.80
N ILE A 700 -29.15 -26.79 -17.21
CA ILE A 700 -28.66 -28.12 -16.89
C ILE A 700 -27.63 -28.54 -17.93
N ARG A 701 -28.03 -28.57 -19.20
CA ARG A 701 -27.17 -28.92 -20.32
C ARG A 701 -26.48 -30.25 -20.05
N PRO A 702 -27.20 -31.38 -20.13
CA PRO A 702 -26.60 -32.68 -19.76
C PRO A 702 -25.40 -33.08 -20.61
N GLU A 703 -25.13 -32.39 -21.72
CA GLU A 703 -23.95 -32.74 -22.52
C GLU A 703 -22.67 -32.41 -21.77
N ASP A 704 -22.65 -31.32 -20.99
CA ASP A 704 -21.57 -31.09 -20.05
C ASP A 704 -21.72 -31.97 -18.81
N GLY A 705 -22.93 -32.41 -18.51
CA GLY A 705 -23.19 -33.32 -17.42
C GLY A 705 -23.76 -32.66 -16.19
N HIS A 706 -25.07 -32.77 -16.00
CA HIS A 706 -25.72 -32.36 -14.77
C HIS A 706 -26.82 -33.32 -14.34
N THR A 707 -27.10 -34.37 -15.11
CA THR A 707 -28.02 -35.41 -14.72
C THR A 707 -27.27 -36.56 -14.06
N THR A 708 -28.02 -37.49 -13.47
CA THR A 708 -27.37 -38.52 -12.68
C THR A 708 -27.77 -39.93 -13.05
N ARG A 709 -29.01 -40.15 -13.51
CA ARG A 709 -29.44 -41.50 -13.83
C ARG A 709 -29.40 -41.80 -15.33
N SER A 710 -30.20 -41.11 -16.12
CA SER A 710 -30.08 -41.13 -17.58
C SER A 710 -30.14 -39.73 -18.20
N LYS A 711 -31.01 -38.87 -17.69
CA LYS A 711 -31.29 -37.55 -18.24
C LYS A 711 -32.29 -36.82 -17.36
N ILE A 712 -32.59 -35.56 -17.66
CA ILE A 712 -33.53 -34.79 -16.87
C ILE A 712 -34.94 -35.32 -17.10
N VAL A 713 -35.76 -35.31 -16.05
CA VAL A 713 -37.13 -35.79 -16.12
C VAL A 713 -38.09 -34.63 -15.90
N THR A 714 -39.35 -34.85 -16.22
CA THR A 714 -40.39 -33.84 -16.08
C THR A 714 -41.41 -34.29 -15.03
N LEU A 715 -42.10 -33.31 -14.46
CA LEU A 715 -43.11 -33.50 -13.44
C LEU A 715 -44.44 -32.96 -13.92
N PRO A 716 -45.56 -33.44 -13.36
CA PRO A 716 -46.86 -32.92 -13.76
C PRO A 716 -46.98 -31.45 -13.39
N PRO A 717 -47.73 -30.67 -14.17
CA PRO A 717 -47.87 -29.24 -13.89
C PRO A 717 -48.87 -28.99 -12.77
N THR A 718 -49.13 -27.71 -12.50
CA THR A 718 -50.04 -27.31 -11.44
C THR A 718 -51.48 -27.20 -11.93
N ILE A 719 -51.69 -26.62 -13.10
CA ILE A 719 -53.03 -26.41 -13.65
C ILE A 719 -53.16 -27.19 -14.94
N PHE A 720 -54.31 -27.85 -15.11
CA PHE A 720 -54.57 -28.68 -16.30
C PHE A 720 -55.42 -27.94 -17.33
N LYS A 721 -56.59 -27.45 -16.93
CA LYS A 721 -57.51 -26.80 -17.84
C LYS A 721 -57.51 -25.29 -17.62
N PRO A 722 -57.77 -24.48 -18.66
CA PRO A 722 -58.04 -24.89 -20.05
C PRO A 722 -56.80 -25.35 -20.80
N TYR A 723 -55.64 -24.82 -20.44
CA TYR A 723 -54.38 -25.16 -21.06
C TYR A 723 -53.33 -25.31 -19.97
N PRO A 724 -52.27 -26.07 -20.23
CA PRO A 724 -51.25 -26.29 -19.19
C PRO A 724 -50.59 -24.99 -18.77
N LEU A 725 -50.16 -24.95 -17.51
CA LEU A 725 -49.52 -23.78 -16.94
C LEU A 725 -48.46 -24.23 -15.94
N TRP A 726 -47.48 -23.36 -15.70
CA TRP A 726 -46.37 -23.67 -14.82
C TRP A 726 -46.07 -22.47 -13.95
N THR A 727 -45.21 -22.69 -12.95
CA THR A 727 -44.81 -21.65 -12.01
C THR A 727 -43.34 -21.82 -11.68
N GLY A 728 -42.69 -20.71 -11.31
CA GLY A 728 -41.29 -20.77 -10.91
C GLY A 728 -41.02 -21.77 -9.79
N LYS A 729 -42.02 -22.03 -8.95
CA LYS A 729 -41.87 -23.07 -7.93
C LYS A 729 -41.60 -24.43 -8.56
N GLN A 730 -42.31 -24.76 -9.65
CA GLN A 730 -42.06 -26.01 -10.33
C GLN A 730 -40.72 -26.00 -11.07
N ILE A 731 -40.24 -24.81 -11.44
CA ILE A 731 -38.95 -24.70 -12.13
C ILE A 731 -37.82 -25.07 -11.17
N ILE A 732 -37.79 -24.45 -9.99
CA ILE A 732 -36.76 -24.77 -9.01
C ILE A 732 -36.94 -26.18 -8.47
N THR A 733 -38.18 -26.68 -8.48
CA THR A 733 -38.43 -28.04 -8.01
C THR A 733 -37.87 -29.07 -8.98
N THR A 734 -38.12 -28.89 -10.28
CA THR A 734 -37.66 -29.89 -11.26
C THR A 734 -36.16 -29.81 -11.50
N VAL A 735 -35.54 -28.64 -11.29
CA VAL A 735 -34.10 -28.55 -11.45
C VAL A 735 -33.38 -29.09 -10.23
N LEU A 736 -34.01 -29.00 -9.04
CA LEU A 736 -33.41 -29.58 -7.85
C LEU A 736 -33.57 -31.09 -7.84
N LEU A 737 -34.68 -31.59 -8.39
CA LEU A 737 -34.89 -33.03 -8.46
C LEU A 737 -34.03 -33.66 -9.55
N ASN A 738 -33.84 -32.95 -10.66
CA ASN A 738 -33.01 -33.47 -11.75
C ASN A 738 -31.53 -33.48 -11.36
N VAL A 739 -31.11 -32.55 -10.50
CA VAL A 739 -29.73 -32.53 -10.05
C VAL A 739 -29.51 -33.44 -8.84
N THR A 740 -30.57 -33.83 -8.14
CA THR A 740 -30.46 -34.73 -7.00
C THR A 740 -30.19 -36.15 -7.49
N PRO A 741 -29.20 -36.85 -6.93
CA PRO A 741 -28.95 -38.23 -7.34
C PRO A 741 -30.07 -39.15 -6.90
N PRO A 742 -30.26 -40.28 -7.57
CA PRO A 742 -31.36 -41.19 -7.21
C PRO A 742 -31.06 -41.91 -5.90
N ASP A 743 -32.09 -42.61 -5.41
CA ASP A 743 -32.01 -43.35 -4.14
C ASP A 743 -31.64 -42.44 -2.98
N MET A 744 -31.93 -41.16 -3.11
CA MET A 744 -31.58 -40.16 -2.10
C MET A 744 -32.87 -39.45 -1.67
N PRO A 745 -33.24 -39.51 -0.39
CA PRO A 745 -34.44 -38.79 0.05
C PRO A 745 -34.28 -37.29 -0.13
N GLY A 746 -35.41 -36.63 -0.40
CA GLY A 746 -35.41 -35.20 -0.62
C GLY A 746 -35.04 -34.42 0.62
N ILE A 747 -34.99 -33.10 0.45
CA ILE A 747 -34.65 -32.18 1.53
C ILE A 747 -35.92 -31.59 2.11
N ASN A 748 -35.89 -31.33 3.42
CA ASN A 748 -37.04 -30.80 4.14
C ASN A 748 -36.53 -29.74 5.11
N LEU A 749 -36.78 -28.47 4.80
CA LEU A 749 -36.33 -27.36 5.62
C LEU A 749 -37.50 -26.46 5.98
N ILE A 750 -37.47 -25.93 7.19
CA ILE A 750 -38.45 -24.95 7.66
C ILE A 750 -37.64 -23.81 8.26
N SER A 751 -37.54 -22.69 7.55
CA SER A 751 -36.73 -21.55 7.98
C SER A 751 -37.53 -20.27 7.78
N LYS A 752 -36.87 -19.14 8.01
CA LYS A 752 -37.47 -17.82 7.88
C LYS A 752 -36.78 -17.04 6.77
N ASN A 753 -37.17 -15.78 6.63
CA ASN A 753 -36.65 -14.90 5.58
C ASN A 753 -36.91 -13.47 6.01
N LYS A 754 -36.61 -12.53 5.10
CA LYS A 754 -36.86 -11.11 5.32
C LYS A 754 -37.99 -10.63 4.40
N ILE A 755 -39.02 -11.47 4.23
CA ILE A 755 -40.10 -11.18 3.29
C ILE A 755 -41.16 -10.28 3.91
N LYS A 756 -41.43 -10.45 5.21
CA LYS A 756 -42.39 -9.65 5.98
C LYS A 756 -43.70 -9.47 5.20
N ASN A 757 -44.40 -10.59 5.07
CA ASN A 757 -45.59 -10.76 4.23
C ASN A 757 -46.57 -9.59 4.29
N GLU A 758 -46.58 -8.85 5.41
CA GLU A 758 -47.45 -7.68 5.52
C GLU A 758 -47.27 -6.72 4.35
N TYR A 759 -46.09 -6.71 3.72
CA TYR A 759 -45.89 -5.93 2.51
C TYR A 759 -46.79 -6.41 1.38
N TRP A 760 -46.92 -7.73 1.24
CA TRP A 760 -47.80 -8.30 0.22
C TRP A 760 -49.28 -8.10 0.54
N GLY A 761 -49.61 -7.65 1.75
CA GLY A 761 -50.99 -7.45 2.13
C GLY A 761 -51.41 -8.32 3.31
N LYS A 762 -52.36 -9.22 3.07
CA LYS A 762 -52.84 -10.13 4.11
C LYS A 762 -52.97 -11.53 3.52
N GLY A 763 -52.22 -12.47 4.09
CA GLY A 763 -52.53 -13.94 3.67
C GLY A 763 -51.39 -13.88 2.66
N SER A 764 -50.24 -13.39 3.09
CA SER A 764 -49.06 -13.35 2.24
C SER A 764 -48.33 -14.30 3.15
N LEU A 765 -48.88 -15.50 3.26
CA LEU A 765 -48.34 -16.45 4.23
C LEU A 765 -47.13 -17.16 3.65
N GLU A 766 -46.28 -16.43 2.95
CA GLU A 766 -45.13 -17.01 2.26
C GLU A 766 -43.81 -16.45 2.79
N ASN A 767 -43.72 -16.27 4.11
CA ASN A 767 -42.47 -15.84 4.73
C ASN A 767 -41.61 -17.04 5.14
N GLU A 768 -42.23 -18.01 5.81
CA GLU A 768 -41.53 -19.23 6.19
C GLU A 768 -41.37 -20.13 4.97
N VAL A 769 -40.13 -20.51 4.69
CA VAL A 769 -39.83 -21.38 3.55
C VAL A 769 -39.98 -22.83 3.99
N LEU A 770 -40.52 -23.66 3.10
CA LEU A 770 -40.80 -25.05 3.41
C LEU A 770 -40.44 -25.93 2.22
N PHE A 771 -39.87 -27.09 2.52
CA PHE A 771 -39.49 -28.07 1.51
C PHE A 771 -40.20 -29.39 1.78
N LYS A 772 -40.49 -30.13 0.72
CA LYS A 772 -41.21 -31.40 0.84
C LYS A 772 -40.62 -32.37 -0.18
N ASP A 773 -39.70 -33.22 0.28
CA ASP A 773 -39.07 -34.26 -0.54
C ASP A 773 -38.40 -33.65 -1.78
N GLY A 774 -37.62 -32.60 -1.55
CA GLY A 774 -36.91 -31.94 -2.63
C GLY A 774 -37.80 -31.10 -3.51
N ALA A 775 -38.57 -30.21 -2.90
CA ALA A 775 -39.50 -29.37 -3.65
C ALA A 775 -39.81 -28.12 -2.83
N LEU A 776 -39.67 -26.95 -3.45
CA LEU A 776 -39.99 -25.69 -2.80
C LEU A 776 -41.51 -25.56 -2.70
N LEU A 777 -42.04 -25.61 -1.48
CA LEU A 777 -43.47 -25.60 -1.25
C LEU A 777 -44.02 -24.19 -1.11
N CYS A 778 -43.41 -23.38 -0.25
CA CYS A 778 -43.91 -22.04 0.02
C CYS A 778 -42.74 -21.13 0.38
N GLY A 779 -42.90 -19.85 0.09
CA GLY A 779 -41.89 -18.85 0.35
C GLY A 779 -41.48 -18.10 -0.90
N ILE A 780 -40.50 -17.22 -0.72
CA ILE A 780 -39.91 -16.45 -1.82
C ILE A 780 -38.40 -16.55 -1.71
N LEU A 781 -37.75 -16.87 -2.83
CA LEU A 781 -36.29 -16.89 -2.88
C LEU A 781 -35.74 -15.51 -2.53
N ASP A 782 -34.75 -15.50 -1.64
CA ASP A 782 -34.18 -14.24 -1.16
C ASP A 782 -32.78 -14.51 -0.62
N LYS A 783 -32.21 -13.52 0.06
CA LYS A 783 -30.83 -13.61 0.53
C LYS A 783 -30.70 -14.61 1.67
N SER A 784 -31.65 -14.61 2.61
CA SER A 784 -31.59 -15.56 3.71
C SER A 784 -31.78 -16.99 3.23
N GLN A 785 -32.55 -17.17 2.14
CA GLN A 785 -32.68 -18.50 1.56
C GLN A 785 -31.37 -18.95 0.93
N TYR A 786 -30.73 -18.08 0.17
CA TYR A 786 -29.40 -18.35 -0.37
C TYR A 786 -28.66 -17.04 -0.54
N GLY A 787 -27.42 -16.99 -0.06
CA GLY A 787 -26.62 -15.79 -0.14
C GLY A 787 -25.57 -15.69 0.94
N ALA A 788 -25.39 -14.50 1.50
CA ALA A 788 -24.46 -14.28 2.60
C ALA A 788 -25.19 -14.40 3.94
N SER A 789 -25.82 -15.56 4.14
CA SER A 789 -26.60 -15.82 5.33
C SER A 789 -26.30 -17.24 5.81
N LYS A 790 -27.06 -17.70 6.79
CA LYS A 790 -26.87 -19.01 7.41
C LYS A 790 -28.20 -19.77 7.40
N TYR A 791 -28.09 -21.10 7.38
CA TYR A 791 -29.26 -21.99 7.41
C TYR A 791 -30.18 -21.76 6.22
N GLY A 792 -29.61 -21.84 5.02
CA GLY A 792 -30.38 -21.68 3.81
C GLY A 792 -30.42 -22.94 2.96
N ILE A 793 -30.94 -22.83 1.74
CA ILE A 793 -30.99 -23.99 0.85
C ILE A 793 -29.58 -24.39 0.42
N VAL A 794 -28.74 -23.40 0.11
CA VAL A 794 -27.37 -23.70 -0.30
C VAL A 794 -26.60 -24.34 0.84
N HIS A 795 -26.78 -23.84 2.06
CA HIS A 795 -26.07 -24.41 3.21
C HIS A 795 -26.64 -25.78 3.59
N SER A 796 -27.94 -26.00 3.35
CA SER A 796 -28.52 -27.30 3.64
C SER A 796 -28.01 -28.37 2.68
N LEU A 797 -27.99 -28.04 1.38
CA LEU A 797 -27.46 -28.97 0.40
C LEU A 797 -25.95 -29.17 0.54
N HIS A 798 -25.26 -28.24 1.22
CA HIS A 798 -23.83 -28.41 1.43
C HIS A 798 -23.54 -29.57 2.38
N GLU A 799 -24.46 -29.84 3.31
CA GLU A 799 -24.26 -30.90 4.29
C GLU A 799 -24.92 -32.22 3.87
N VAL A 800 -26.11 -32.14 3.27
CA VAL A 800 -26.80 -33.38 2.90
C VAL A 800 -26.23 -33.97 1.61
N TYR A 801 -25.61 -33.14 0.77
CA TYR A 801 -25.04 -33.60 -0.50
C TYR A 801 -23.53 -33.46 -0.55
N GLY A 802 -22.99 -32.32 -0.15
CA GLY A 802 -21.56 -32.11 -0.16
C GLY A 802 -21.18 -30.76 -0.75
N PRO A 803 -19.89 -30.41 -0.67
CA PRO A 803 -19.46 -29.12 -1.21
C PRO A 803 -19.48 -29.07 -2.72
N GLU A 804 -19.09 -30.16 -3.40
CA GLU A 804 -19.11 -30.19 -4.85
C GLU A 804 -20.54 -30.08 -5.38
N VAL A 805 -21.48 -30.79 -4.75
CA VAL A 805 -22.87 -30.70 -5.18
C VAL A 805 -23.46 -29.33 -4.82
N ALA A 806 -23.00 -28.73 -3.72
CA ALA A 806 -23.47 -27.40 -3.36
C ALA A 806 -23.04 -26.36 -4.39
N ALA A 807 -21.79 -26.46 -4.85
CA ALA A 807 -21.34 -25.59 -5.93
C ALA A 807 -21.99 -25.94 -7.26
N LYS A 808 -22.47 -27.18 -7.40
CA LYS A 808 -23.14 -27.59 -8.64
C LYS A 808 -24.58 -27.08 -8.68
N VAL A 809 -25.32 -27.23 -7.57
CA VAL A 809 -26.69 -26.73 -7.54
C VAL A 809 -26.71 -25.22 -7.58
N LEU A 810 -25.67 -24.56 -7.04
CA LEU A 810 -25.55 -23.12 -7.16
C LEU A 810 -24.98 -22.69 -8.51
N SER A 811 -24.45 -23.63 -9.29
CA SER A 811 -24.03 -23.32 -10.65
C SER A 811 -25.22 -23.26 -11.59
N VAL A 812 -26.11 -24.26 -11.52
CA VAL A 812 -27.33 -24.23 -12.31
C VAL A 812 -28.27 -23.16 -11.77
N LEU A 813 -28.20 -22.85 -10.48
CA LEU A 813 -28.98 -21.75 -9.94
C LEU A 813 -28.40 -20.42 -10.38
N GLY A 814 -27.07 -20.30 -10.41
CA GLY A 814 -26.45 -19.11 -10.96
C GLY A 814 -26.79 -18.89 -12.42
N ARG A 815 -26.82 -19.97 -13.20
CA ARG A 815 -27.18 -19.88 -14.60
C ARG A 815 -28.69 -19.86 -14.82
N LEU A 816 -29.49 -19.96 -13.77
CA LEU A 816 -30.94 -19.97 -13.92
C LEU A 816 -31.46 -18.57 -14.22
N PHE A 817 -31.13 -17.60 -13.35
CA PHE A 817 -31.67 -16.26 -13.47
C PHE A 817 -30.97 -15.41 -14.52
N THR A 818 -29.91 -15.92 -15.17
CA THR A 818 -29.36 -15.21 -16.31
C THR A 818 -30.08 -15.56 -17.60
N ASN A 819 -30.61 -16.78 -17.70
CA ASN A 819 -31.53 -17.09 -18.80
C ASN A 819 -32.90 -16.51 -18.53
N TYR A 820 -33.25 -16.34 -17.24
CA TYR A 820 -34.50 -15.65 -16.90
C TYR A 820 -34.38 -14.16 -17.18
N ILE A 821 -33.21 -13.57 -16.93
CA ILE A 821 -33.03 -12.14 -17.15
C ILE A 821 -32.84 -11.82 -18.62
N THR A 822 -32.49 -12.80 -19.45
CA THR A 822 -32.40 -12.59 -20.90
C THR A 822 -33.71 -12.86 -21.61
N ALA A 823 -34.69 -13.45 -20.94
CA ALA A 823 -36.04 -13.58 -21.48
C ALA A 823 -36.91 -12.40 -21.03
N THR A 824 -36.99 -12.17 -19.73
CA THR A 824 -37.63 -10.98 -19.17
C THR A 824 -36.67 -10.35 -18.16
N ALA A 825 -36.27 -9.11 -18.43
CA ALA A 825 -35.20 -8.49 -17.67
C ALA A 825 -35.76 -7.65 -16.51
N PHE A 826 -34.84 -7.11 -15.71
CA PHE A 826 -35.16 -6.29 -14.55
C PHE A 826 -34.58 -4.90 -14.74
N THR A 827 -35.32 -3.88 -14.31
CA THR A 827 -34.92 -2.51 -14.57
C THR A 827 -35.51 -1.58 -13.52
N CYS A 828 -34.76 -0.52 -13.20
CA CYS A 828 -35.25 0.56 -12.36
C CYS A 828 -35.84 1.65 -13.27
N GLY A 829 -36.11 2.82 -12.70
CA GLY A 829 -36.64 3.92 -13.49
C GLY A 829 -36.95 5.10 -12.61
N MET A 830 -37.33 6.20 -13.28
CA MET A 830 -37.68 7.42 -12.56
C MET A 830 -38.95 7.25 -11.74
N ASP A 831 -39.80 6.29 -12.12
CA ASP A 831 -41.00 6.01 -11.35
C ASP A 831 -40.67 5.51 -9.94
N ASP A 832 -39.43 5.05 -9.72
CA ASP A 832 -39.00 4.68 -8.37
C ASP A 832 -39.05 5.88 -7.43
N LEU A 833 -38.59 7.03 -7.89
CA LEU A 833 -38.51 8.21 -7.05
C LEU A 833 -39.83 8.97 -6.93
N ARG A 834 -40.80 8.69 -7.80
CA ARG A 834 -42.06 9.40 -7.77
C ARG A 834 -42.94 8.91 -6.62
N LEU A 835 -43.57 9.85 -5.92
CA LEU A 835 -44.49 9.54 -4.83
C LEU A 835 -45.79 10.30 -5.06
N THR A 836 -46.84 9.85 -4.39
CA THR A 836 -48.16 10.42 -4.57
C THR A 836 -48.26 11.81 -3.93
N ALA A 837 -49.11 12.66 -4.52
CA ALA A 837 -49.38 13.96 -3.93
C ALA A 837 -50.09 13.83 -2.58
N GLU A 838 -50.76 12.71 -2.34
CA GLU A 838 -51.30 12.42 -1.01
C GLU A 838 -50.24 11.90 -0.06
N GLY A 839 -49.13 11.38 -0.59
CA GLY A 839 -48.06 10.85 0.23
C GLY A 839 -47.12 11.91 0.77
N ASN A 840 -46.66 12.81 -0.12
CA ASN A 840 -45.77 13.88 0.31
C ASN A 840 -46.46 14.91 1.21
N LYS A 841 -47.78 14.80 1.40
CA LYS A 841 -48.46 15.69 2.33
C LYS A 841 -47.95 15.49 3.75
N TRP A 842 -47.69 14.24 4.13
CA TRP A 842 -47.07 13.99 5.43
C TRP A 842 -45.62 14.44 5.44
N ARG A 843 -44.95 14.39 4.29
CA ARG A 843 -43.58 14.90 4.21
C ARG A 843 -43.54 16.40 4.49
N THR A 844 -44.49 17.15 3.92
CA THR A 844 -44.50 18.59 4.12
C THR A 844 -45.02 18.95 5.51
N ASP A 845 -46.09 18.30 5.96
CA ASP A 845 -46.71 18.66 7.23
C ASP A 845 -45.80 18.33 8.40
N ILE A 846 -45.24 17.12 8.42
CA ILE A 846 -44.42 16.71 9.55
C ILE A 846 -43.09 17.46 9.56
N LEU A 847 -42.53 17.73 8.38
CA LEU A 847 -41.27 18.46 8.31
C LEU A 847 -41.42 19.94 8.62
N LYS A 848 -42.65 20.45 8.74
CA LYS A 848 -42.85 21.85 9.13
C LYS A 848 -42.80 22.04 10.64
N THR A 849 -43.30 21.08 11.41
CA THR A 849 -43.27 21.17 12.87
C THR A 849 -41.95 20.70 13.46
N SER A 850 -40.91 20.54 12.64
CA SER A 850 -39.59 20.13 13.10
C SER A 850 -38.60 21.29 13.13
N VAL A 851 -39.09 22.52 13.09
CA VAL A 851 -38.22 23.70 13.14
C VAL A 851 -38.13 24.30 14.54
N ASP A 852 -39.08 24.00 15.42
CA ASP A 852 -39.03 24.49 16.79
C ASP A 852 -38.33 23.52 17.73
N THR A 853 -38.27 22.25 17.37
CA THR A 853 -37.57 21.26 18.21
C THR A 853 -36.07 21.52 18.24
N GLY A 854 -35.52 22.05 17.16
CA GLY A 854 -34.11 22.41 17.17
C GLY A 854 -33.77 23.45 18.21
N ARG A 855 -34.62 24.48 18.34
CA ARG A 855 -34.44 25.45 19.42
C ARG A 855 -34.75 24.83 20.77
N GLU A 856 -35.67 23.87 20.81
CA GLU A 856 -35.98 23.16 22.06
C GLU A 856 -34.80 22.31 22.52
N ALA A 857 -33.92 21.91 21.60
CA ALA A 857 -32.73 21.15 21.99
C ALA A 857 -31.78 22.01 22.83
N ALA A 858 -31.40 23.17 22.29
CA ALA A 858 -30.55 24.07 23.06
C ALA A 858 -31.27 24.59 24.30
N ALA A 859 -32.59 24.77 24.21
CA ALA A 859 -33.36 25.19 25.37
C ALA A 859 -33.40 24.11 26.45
N GLU A 860 -33.34 22.83 26.06
CA GLU A 860 -33.37 21.76 27.04
C GLU A 860 -32.02 21.62 27.76
N VAL A 861 -30.92 21.81 27.02
CA VAL A 861 -29.60 21.66 27.64
C VAL A 861 -29.17 22.90 28.42
N THR A 862 -29.81 24.05 28.18
CA THR A 862 -29.48 25.28 28.90
C THR A 862 -30.27 25.43 30.19
N ASN A 863 -31.09 24.44 30.55
CA ASN A 863 -31.94 24.46 31.74
C ASN A 863 -33.01 25.54 31.69
N LEU A 864 -33.28 26.09 30.51
CA LEU A 864 -34.38 27.03 30.28
C LEU A 864 -35.24 26.43 29.18
N ASP A 865 -36.19 25.60 29.57
CA ASP A 865 -36.95 24.81 28.59
C ASP A 865 -37.84 25.70 27.74
N LYS A 866 -38.82 26.39 28.31
CA LYS A 866 -39.70 27.11 27.39
C LYS A 866 -40.02 28.58 27.54
N ASP A 867 -40.54 29.13 26.44
CA ASP A 867 -40.95 30.51 26.32
C ASP A 867 -39.85 31.50 25.97
N THR A 868 -38.65 31.02 25.69
CA THR A 868 -37.56 31.90 25.35
C THR A 868 -36.92 31.68 23.98
N PRO A 869 -36.83 32.75 23.20
CA PRO A 869 -36.17 32.75 21.89
C PRO A 869 -34.72 33.19 21.98
N ALA A 870 -34.05 33.32 20.84
CA ALA A 870 -32.63 33.67 20.80
C ALA A 870 -32.45 35.18 20.82
N ASP A 871 -33.02 35.81 21.84
CA ASP A 871 -32.88 37.26 22.01
C ASP A 871 -32.45 37.59 23.44
N ASP A 872 -32.78 36.73 24.38
CA ASP A 872 -32.50 37.00 25.79
C ASP A 872 -31.00 36.90 26.05
N PRO A 873 -30.39 37.90 26.69
CA PRO A 873 -28.95 37.78 27.03
C PRO A 873 -28.65 36.63 27.97
N GLU A 874 -29.59 36.28 28.86
CA GLU A 874 -29.37 35.14 29.74
C GLU A 874 -29.25 33.85 28.94
N LEU A 875 -30.09 33.69 27.90
CA LEU A 875 -29.95 32.54 27.01
C LEU A 875 -28.66 32.62 26.20
N LEU A 876 -28.16 33.83 25.96
CA LEU A 876 -26.93 34.00 25.20
C LEU A 876 -25.69 33.67 26.04
N LYS A 877 -25.78 33.85 27.35
CA LYS A 877 -24.65 33.62 28.26
C LYS A 877 -24.40 32.15 28.55
N ARG A 878 -25.13 31.24 27.90
CA ARG A 878 -24.99 29.81 28.14
C ARG A 878 -24.46 29.06 26.93
N LEU A 879 -25.06 29.28 25.75
CA LEU A 879 -24.63 28.55 24.56
C LEU A 879 -23.22 28.93 24.15
N GLN A 880 -22.84 30.19 24.35
CA GLN A 880 -21.47 30.61 24.03
C GLN A 880 -20.45 29.99 24.96
N GLU A 881 -20.87 29.55 26.15
CA GLU A 881 -19.98 28.87 27.08
C GLU A 881 -19.90 27.37 26.85
N ILE A 882 -20.91 26.77 26.19
CA ILE A 882 -20.90 25.33 25.94
C ILE A 882 -20.31 24.98 24.58
N LEU A 883 -20.01 25.96 23.74
CA LEU A 883 -19.34 25.72 22.46
C LEU A 883 -17.83 25.92 22.55
N ARG A 884 -17.27 25.91 23.76
CA ARG A 884 -15.86 26.18 23.97
C ARG A 884 -15.02 24.92 24.12
N ASP A 885 -15.63 23.74 24.19
CA ASP A 885 -14.89 22.51 24.35
C ASP A 885 -15.72 21.36 23.77
N ASN A 886 -15.26 20.14 24.00
CA ASN A 886 -15.83 18.95 23.35
C ASN A 886 -16.93 18.30 24.18
N ASN A 887 -16.80 18.30 25.51
CA ASN A 887 -17.77 17.58 26.34
C ASN A 887 -19.10 18.33 26.41
N LYS A 888 -19.06 19.66 26.54
CA LYS A 888 -20.29 20.43 26.60
C LYS A 888 -21.10 20.33 25.31
N SER A 889 -20.45 20.02 24.19
CA SER A 889 -21.17 19.70 22.97
C SER A 889 -21.52 18.23 22.89
N GLY A 890 -20.73 17.36 23.55
CA GLY A 890 -21.01 15.94 23.60
C GLY A 890 -22.15 15.54 24.52
N ILE A 891 -22.72 16.49 25.26
CA ILE A 891 -23.90 16.22 26.07
C ILE A 891 -25.17 16.68 25.39
N LEU A 892 -25.08 17.53 24.38
CA LEU A 892 -26.25 17.98 23.63
C LEU A 892 -26.40 17.28 22.28
N ASP A 893 -25.31 16.82 21.68
CA ASP A 893 -25.41 16.13 20.40
C ASP A 893 -26.13 14.79 20.56
N ALA A 894 -26.00 14.15 21.73
CA ALA A 894 -26.68 12.88 21.95
C ALA A 894 -28.19 13.05 22.00
N VAL A 895 -28.68 14.01 22.79
CA VAL A 895 -30.12 14.21 22.93
C VAL A 895 -30.70 14.83 21.66
N THR A 896 -29.98 15.77 21.04
CA THR A 896 -30.49 16.42 19.84
C THR A 896 -30.57 15.44 18.68
N SER A 897 -29.47 14.74 18.40
CA SER A 897 -29.47 13.80 17.29
C SER A 897 -30.32 12.57 17.57
N SER A 898 -30.73 12.35 18.82
CA SER A 898 -31.61 11.22 19.13
C SER A 898 -33.05 11.54 18.78
N LYS A 899 -33.55 12.69 19.25
CA LYS A 899 -34.93 13.06 18.95
C LYS A 899 -35.09 13.44 17.49
N VAL A 900 -34.05 13.97 16.86
CA VAL A 900 -34.10 14.25 15.43
C VAL A 900 -34.07 12.94 14.64
N ASN A 901 -33.24 11.98 15.07
CA ASN A 901 -33.28 10.65 14.47
C ASN A 901 -34.62 9.97 14.73
N ALA A 902 -35.27 10.31 15.85
CA ALA A 902 -36.61 9.81 16.09
C ALA A 902 -37.61 10.41 15.10
N ILE A 903 -37.41 11.66 14.70
CA ILE A 903 -38.25 12.26 13.67
C ILE A 903 -37.99 11.59 12.32
N THR A 904 -36.72 11.32 12.01
CA THR A 904 -36.41 10.62 10.77
C THR A 904 -36.93 9.19 10.81
N SER A 905 -36.90 8.57 11.99
CA SER A 905 -37.51 7.24 12.12
C SER A 905 -39.01 7.30 11.99
N GLN A 906 -39.62 8.44 12.31
CA GLN A 906 -41.07 8.58 12.17
C GLN A 906 -41.45 8.76 10.71
N VAL A 907 -40.71 9.59 9.97
CA VAL A 907 -41.04 9.82 8.57
C VAL A 907 -40.72 8.58 7.73
N VAL A 908 -39.76 7.77 8.16
CA VAL A 908 -39.45 6.55 7.41
C VAL A 908 -40.37 5.40 7.81
N SER A 909 -41.01 5.48 8.98
CA SER A 909 -41.96 4.47 9.39
C SER A 909 -43.37 4.76 8.88
N LYS A 910 -43.60 5.91 8.25
CA LYS A 910 -44.91 6.27 7.75
C LYS A 910 -44.96 6.49 6.24
N CYS A 911 -43.88 7.01 5.65
CA CYS A 911 -43.89 7.27 4.20
C CYS A 911 -43.84 5.97 3.41
N VAL A 912 -42.85 5.14 3.68
CA VAL A 912 -42.66 3.87 2.97
C VAL A 912 -43.26 2.76 3.82
N PRO A 913 -44.07 1.85 3.25
CA PRO A 913 -44.49 1.85 1.85
C PRO A 913 -45.89 2.43 1.62
N ASP A 914 -46.17 3.59 2.22
CA ASP A 914 -47.49 4.22 2.13
C ASP A 914 -47.52 5.44 1.22
N GLY A 915 -46.51 6.32 1.33
CA GLY A 915 -46.51 7.54 0.54
C GLY A 915 -45.99 7.40 -0.86
N THR A 916 -45.26 6.33 -1.16
CA THR A 916 -44.72 6.14 -2.50
C THR A 916 -45.83 5.89 -3.51
N MET A 917 -45.59 6.30 -4.75
CA MET A 917 -46.58 6.12 -5.81
C MET A 917 -46.68 4.64 -6.19
N LYS A 918 -45.58 4.06 -6.65
CA LYS A 918 -45.53 2.64 -6.97
C LYS A 918 -45.10 1.87 -5.73
N LYS A 919 -45.98 1.02 -5.21
CA LYS A 919 -45.76 0.33 -3.96
C LYS A 919 -45.33 -1.11 -4.20
N PHE A 920 -45.15 -1.85 -3.11
CA PHE A 920 -44.70 -3.22 -3.19
C PHE A 920 -45.79 -4.09 -3.85
N PRO A 921 -45.41 -5.06 -4.69
CA PRO A 921 -44.03 -5.38 -5.09
C PRO A 921 -43.65 -4.83 -6.47
N CYS A 922 -44.56 -4.13 -7.13
CA CYS A 922 -44.31 -3.67 -8.49
C CYS A 922 -43.22 -2.61 -8.57
N ASN A 923 -42.78 -2.05 -7.45
CA ASN A 923 -41.68 -1.10 -7.45
C ASN A 923 -40.36 -1.86 -7.48
N SER A 924 -39.59 -1.67 -8.55
CA SER A 924 -38.38 -2.48 -8.77
C SER A 924 -37.32 -2.15 -7.74
N MET A 925 -36.99 -0.88 -7.57
CA MET A 925 -35.91 -0.49 -6.66
C MET A 925 -36.26 -0.81 -5.21
N GLN A 926 -37.50 -0.54 -4.80
CA GLN A 926 -37.90 -0.84 -3.43
C GLN A 926 -37.92 -2.33 -3.16
N ALA A 927 -38.40 -3.14 -4.12
CA ALA A 927 -38.43 -4.58 -3.92
C ALA A 927 -37.02 -5.17 -3.84
N MET A 928 -36.08 -4.59 -4.58
CA MET A 928 -34.70 -5.07 -4.54
C MET A 928 -34.05 -4.72 -3.20
N ALA A 929 -34.15 -3.45 -2.79
CA ALA A 929 -33.51 -3.03 -1.54
C ALA A 929 -34.22 -3.60 -0.33
N LEU A 930 -35.53 -3.82 -0.41
CA LEU A 930 -36.25 -4.45 0.69
C LEU A 930 -35.88 -5.93 0.81
N SER A 931 -35.57 -6.58 -0.32
CA SER A 931 -35.16 -7.98 -0.28
C SER A 931 -33.76 -8.15 0.33
N GLY A 932 -32.97 -7.09 0.37
CA GLY A 932 -31.63 -7.17 0.94
C GLY A 932 -30.55 -7.57 -0.02
N ALA A 933 -30.80 -7.54 -1.33
CA ALA A 933 -29.76 -7.84 -2.31
C ALA A 933 -28.63 -6.81 -2.22
N LYS A 934 -28.96 -5.54 -2.43
CA LYS A 934 -28.02 -4.45 -2.23
C LYS A 934 -28.77 -3.27 -1.64
N GLY A 935 -28.19 -2.63 -0.63
CA GLY A 935 -28.86 -1.58 0.09
C GLY A 935 -29.86 -2.14 1.10
N SER A 936 -30.40 -1.23 1.92
CA SER A 936 -31.32 -1.61 2.97
C SER A 936 -32.22 -0.41 3.28
N ASN A 937 -32.96 -0.50 4.38
CA ASN A 937 -33.86 0.58 4.77
C ASN A 937 -33.10 1.88 5.06
N VAL A 938 -31.83 1.76 5.46
CA VAL A 938 -31.02 2.96 5.68
C VAL A 938 -30.76 3.71 4.39
N ASN A 939 -30.78 3.02 3.24
CA ASN A 939 -30.60 3.67 1.95
C ASN A 939 -31.91 4.11 1.33
N VAL A 940 -32.99 3.33 1.52
CA VAL A 940 -34.29 3.76 1.01
C VAL A 940 -34.84 4.92 1.81
N SER A 941 -34.34 5.13 3.04
CA SER A 941 -34.75 6.31 3.81
C SER A 941 -34.24 7.59 3.16
N GLN A 942 -32.98 7.58 2.71
CA GLN A 942 -32.40 8.76 2.10
C GLN A 942 -32.94 8.98 0.69
N ILE A 943 -33.24 7.90 -0.03
CA ILE A 943 -33.65 8.03 -1.43
C ILE A 943 -35.15 8.20 -1.60
N MET A 944 -35.95 7.93 -0.57
CA MET A 944 -37.40 8.09 -0.66
C MET A 944 -37.89 9.39 -0.01
N CYS A 945 -37.60 9.58 1.28
CA CYS A 945 -38.17 10.69 2.02
C CYS A 945 -37.12 11.68 2.51
N LEU A 946 -36.12 11.23 3.27
CA LEU A 946 -35.21 12.16 3.93
C LEU A 946 -34.00 11.42 4.50
N LEU A 947 -32.80 11.98 4.29
CA LEU A 947 -31.58 11.30 4.68
C LEU A 947 -31.29 11.41 6.18
N GLY A 948 -31.55 12.56 6.77
CA GLY A 948 -31.36 12.73 8.20
C GLY A 948 -30.34 13.77 8.59
N GLN A 949 -29.78 13.63 9.78
CA GLN A 949 -28.79 14.56 10.31
C GLN A 949 -27.40 14.02 10.00
N GLN A 950 -26.62 14.78 9.25
CA GLN A 950 -25.29 14.35 8.81
C GLN A 950 -24.32 14.48 9.98
N ALA A 951 -24.27 13.45 10.81
CA ALA A 951 -23.39 13.43 11.98
C ALA A 951 -22.05 12.78 11.63
N LEU A 952 -20.99 13.34 12.20
CA LEU A 952 -19.66 12.75 12.06
C LEU A 952 -19.52 11.63 13.10
N GLU A 953 -18.29 11.14 13.29
CA GLU A 953 -18.05 10.08 14.27
C GLU A 953 -18.24 10.65 15.67
N GLY A 954 -19.40 10.37 16.26
CA GLY A 954 -19.71 10.87 17.59
C GLY A 954 -19.59 12.38 17.72
N ARG A 955 -19.95 13.11 16.67
CA ARG A 955 -19.81 14.55 16.68
C ARG A 955 -20.65 15.15 15.57
N ARG A 956 -21.17 16.36 15.81
CA ARG A 956 -21.90 17.11 14.81
C ARG A 956 -20.93 17.98 14.02
N VAL A 957 -21.47 18.91 13.24
CA VAL A 957 -20.62 19.82 12.46
C VAL A 957 -19.84 20.71 13.42
N PRO A 958 -18.53 20.88 13.24
CA PRO A 958 -17.76 21.72 14.16
C PRO A 958 -18.05 23.19 13.95
N VAL A 959 -17.89 23.96 15.02
CA VAL A 959 -18.11 25.40 14.99
C VAL A 959 -16.76 26.11 15.05
N MET A 960 -16.78 27.42 14.81
CA MET A 960 -15.58 28.24 14.83
C MET A 960 -15.47 28.96 16.16
N VAL A 961 -14.52 29.89 16.26
CA VAL A 961 -14.20 30.51 17.54
C VAL A 961 -15.32 31.43 18.00
N SER A 962 -15.76 32.34 17.13
CA SER A 962 -16.77 33.32 17.53
C SER A 962 -18.13 32.70 17.80
N GLY A 963 -18.36 31.46 17.36
CA GLY A 963 -19.61 30.79 17.66
C GLY A 963 -20.53 30.64 16.46
N LYS A 964 -19.95 30.52 15.27
CA LYS A 964 -20.71 30.36 14.04
C LYS A 964 -20.52 28.95 13.48
N THR A 965 -21.48 28.55 12.65
CA THR A 965 -21.42 27.26 11.98
C THR A 965 -21.11 27.37 10.49
N LEU A 966 -21.52 28.47 9.86
CA LEU A 966 -21.29 28.71 8.44
C LEU A 966 -21.57 30.18 8.14
N PRO A 967 -20.79 30.83 7.27
CA PRO A 967 -21.00 32.26 7.00
C PRO A 967 -22.35 32.59 6.37
N SER A 968 -23.17 31.58 6.11
CA SER A 968 -24.51 31.79 5.57
C SER A 968 -25.60 31.73 6.64
N PHE A 969 -25.21 31.71 7.92
CA PHE A 969 -26.16 31.62 9.01
C PHE A 969 -25.94 32.76 10.00
N LYS A 970 -26.84 32.87 10.96
CA LYS A 970 -26.80 33.94 11.95
C LYS A 970 -25.79 33.61 13.05
N PRO A 971 -25.22 34.62 13.69
CA PRO A 971 -24.31 34.36 14.81
C PRO A 971 -25.04 33.69 15.97
N TYR A 972 -24.42 32.65 16.52
CA TYR A 972 -24.99 31.88 17.63
C TYR A 972 -26.36 31.31 17.25
N GLU A 973 -26.35 30.45 16.24
CA GLU A 973 -27.59 29.88 15.72
C GLU A 973 -28.23 28.94 16.75
N THR A 974 -29.56 28.93 16.78
CA THR A 974 -30.34 28.04 17.63
C THR A 974 -31.47 27.45 16.79
N ASP A 975 -31.19 26.33 16.13
CA ASP A 975 -32.14 25.66 15.26
C ASP A 975 -31.53 24.35 14.80
N ALA A 976 -32.40 23.45 14.32
CA ALA A 976 -31.95 22.17 13.79
C ALA A 976 -31.56 22.25 12.33
N MET A 977 -32.12 23.19 11.58
CA MET A 977 -31.79 23.32 10.16
C MET A 977 -30.32 23.69 9.98
N ALA A 978 -29.79 24.54 10.86
CA ALA A 978 -28.39 24.92 10.82
C ALA A 978 -27.49 24.00 11.62
N GLY A 979 -28.07 23.04 12.37
CA GLY A 979 -27.29 22.15 13.18
C GLY A 979 -26.87 20.87 12.48
N GLY A 980 -26.69 20.95 11.17
CA GLY A 980 -26.27 19.79 10.40
C GLY A 980 -27.36 18.79 10.09
N TYR A 981 -28.62 19.19 10.16
CA TYR A 981 -29.76 18.33 9.83
C TYR A 981 -30.32 18.76 8.49
N VAL A 982 -30.47 17.81 7.58
CA VAL A 982 -30.89 18.10 6.22
C VAL A 982 -32.40 18.23 6.17
N LYS A 983 -32.88 19.30 5.54
CA LYS A 983 -34.31 19.50 5.32
C LYS A 983 -34.74 19.21 3.89
N GLY A 984 -33.83 19.34 2.94
CA GLY A 984 -34.13 19.10 1.54
C GLY A 984 -34.21 17.62 1.20
N ARG A 985 -34.09 17.34 -0.09
CA ARG A 985 -34.21 15.98 -0.60
C ARG A 985 -33.54 15.92 -1.96
N PHE A 986 -32.70 14.91 -2.17
CA PHE A 986 -31.98 14.77 -3.44
C PHE A 986 -32.91 14.52 -4.62
N TYR A 987 -34.21 14.32 -4.38
CA TYR A 987 -35.19 14.24 -5.45
C TYR A 987 -35.83 15.59 -5.76
N SER A 988 -35.89 16.49 -4.78
CA SER A 988 -36.51 17.79 -4.95
C SER A 988 -35.55 18.93 -4.57
N GLY A 989 -34.26 18.67 -4.66
CA GLY A 989 -33.26 19.70 -4.40
C GLY A 989 -32.92 19.84 -2.93
N ILE A 990 -31.79 20.47 -2.67
CA ILE A 990 -31.28 20.65 -1.31
C ILE A 990 -30.81 22.08 -1.13
N LYS A 991 -30.21 22.38 0.04
CA LYS A 991 -29.64 23.65 0.46
C LYS A 991 -28.12 23.61 0.33
N PRO A 992 -27.49 24.69 -0.13
CA PRO A 992 -26.02 24.68 -0.26
C PRO A 992 -25.28 24.40 1.04
N GLN A 993 -25.86 24.77 2.19
CA GLN A 993 -25.21 24.46 3.46
C GLN A 993 -25.31 22.97 3.77
N GLU A 994 -26.41 22.33 3.40
CA GLU A 994 -26.53 20.89 3.59
C GLU A 994 -25.63 20.13 2.63
N TYR A 995 -25.45 20.64 1.40
CA TYR A 995 -24.51 20.04 0.48
C TYR A 995 -23.08 20.21 0.94
N TYR A 996 -22.77 21.34 1.59
CA TYR A 996 -21.44 21.56 2.12
C TYR A 996 -21.13 20.59 3.26
N PHE A 997 -22.06 20.46 4.20
CA PHE A 997 -21.89 19.50 5.29
C PHE A 997 -21.85 18.06 4.75
N HIS A 998 -22.61 17.80 3.68
CA HIS A 998 -22.52 16.50 3.03
C HIS A 998 -21.14 16.26 2.45
N CYS A 999 -20.49 17.32 1.97
CA CYS A 999 -19.12 17.20 1.50
C CYS A 999 -18.15 16.95 2.65
N MET A 1000 -18.47 17.47 3.84
CA MET A 1000 -17.62 17.23 5.00
C MET A 1000 -17.66 15.76 5.39
N ALA A 1001 -18.85 15.25 5.74
CA ALA A 1001 -18.98 13.84 6.07
C ALA A 1001 -18.68 12.94 4.89
N GLY A 1002 -18.93 13.42 3.67
CA GLY A 1002 -18.62 12.63 2.49
C GLY A 1002 -17.14 12.33 2.37
N ARG A 1003 -16.30 13.37 2.48
CA ARG A 1003 -14.86 13.16 2.38
C ARG A 1003 -14.32 12.40 3.59
N GLU A 1004 -14.86 12.69 4.77
CA GLU A 1004 -14.44 11.97 5.98
C GLU A 1004 -14.74 10.48 5.87
N GLY A 1005 -15.70 10.11 5.03
CA GLY A 1005 -15.96 8.69 4.80
C GLY A 1005 -14.74 7.97 4.25
N LEU A 1006 -14.16 8.51 3.18
CA LEU A 1006 -12.94 7.94 2.62
C LEU A 1006 -11.68 8.42 3.34
N ILE A 1007 -11.81 9.32 4.31
CA ILE A 1007 -10.67 9.64 5.18
C ILE A 1007 -10.44 8.49 6.16
N ASP A 1008 -11.49 8.11 6.89
CA ASP A 1008 -11.39 6.95 7.77
C ASP A 1008 -11.13 5.68 6.96
N THR A 1009 -11.75 5.57 5.78
CA THR A 1009 -11.50 4.41 4.92
C THR A 1009 -10.04 4.35 4.49
N ALA A 1010 -9.42 5.52 4.28
CA ALA A 1010 -8.00 5.53 3.94
C ALA A 1010 -7.15 5.05 5.11
N VAL A 1011 -7.64 5.21 6.34
CA VAL A 1011 -6.91 4.71 7.50
C VAL A 1011 -7.18 3.23 7.74
N LYS A 1012 -8.30 2.70 7.24
CA LYS A 1012 -8.65 1.30 7.46
C LYS A 1012 -7.56 0.38 6.91
N THR A 1013 -7.27 0.49 5.62
CA THR A 1013 -6.26 -0.36 5.01
C THR A 1013 -4.87 -0.06 5.55
N SER A 1014 -4.61 1.20 5.91
CA SER A 1014 -3.30 1.59 6.42
C SER A 1014 -3.07 1.14 7.86
N ARG A 1015 -4.09 0.60 8.54
CA ARG A 1015 -3.97 0.18 9.92
C ARG A 1015 -4.13 -1.32 10.14
N SER A 1016 -4.96 -1.98 9.33
CA SER A 1016 -5.23 -3.39 9.55
C SER A 1016 -4.04 -4.27 9.18
N GLY A 1017 -3.15 -3.79 8.31
CA GLY A 1017 -2.02 -4.60 7.90
C GLY A 1017 -1.09 -4.98 9.03
N TYR A 1018 -0.93 -4.10 10.02
CA TYR A 1018 0.02 -4.38 11.10
C TYR A 1018 -0.44 -5.54 11.98
N LEU A 1019 -1.74 -5.79 12.05
CA LEU A 1019 -2.25 -6.89 12.86
C LEU A 1019 -1.78 -8.23 12.31
N GLN A 1020 -2.00 -8.46 11.01
CA GLN A 1020 -1.58 -9.72 10.40
C GLN A 1020 -0.06 -9.82 10.34
N ARG A 1021 0.61 -8.71 10.06
CA ARG A 1021 2.06 -8.73 9.92
C ARG A 1021 2.75 -9.02 11.24
N CYS A 1022 2.19 -8.54 12.36
CA CYS A 1022 2.82 -8.73 13.66
C CYS A 1022 2.38 -10.00 14.36
N LEU A 1023 1.21 -10.54 14.01
CA LEU A 1023 0.72 -11.78 14.62
C LEU A 1023 1.14 -13.03 13.86
N THR A 1024 1.46 -12.91 12.57
CA THR A 1024 1.83 -14.08 11.79
C THR A 1024 3.17 -14.64 12.24
N LYS A 1025 4.10 -13.77 12.64
CA LYS A 1025 5.46 -14.23 12.97
C LYS A 1025 5.45 -15.24 14.11
N GLN A 1026 4.66 -14.97 15.15
CA GLN A 1026 4.67 -15.81 16.34
C GLN A 1026 3.57 -16.86 16.33
N LEU A 1027 2.44 -16.56 15.69
CA LEU A 1027 1.29 -17.46 15.65
C LEU A 1027 1.24 -18.27 14.36
N GLU A 1028 2.41 -18.60 13.78
CA GLU A 1028 2.48 -19.31 12.51
C GLU A 1028 2.63 -20.82 12.69
N GLY A 1029 3.47 -21.25 13.63
CA GLY A 1029 3.83 -22.64 13.76
C GLY A 1029 2.93 -23.49 14.64
N VAL A 1030 1.93 -22.90 15.28
CA VAL A 1030 1.01 -23.67 16.11
C VAL A 1030 0.03 -24.41 15.20
N HIS A 1031 -0.22 -25.68 15.52
CA HIS A 1031 -1.10 -26.51 14.71
C HIS A 1031 -1.49 -27.75 15.50
N VAL A 1032 -2.66 -28.30 15.16
CA VAL A 1032 -3.11 -29.54 15.79
C VAL A 1032 -2.20 -30.67 15.37
N SER A 1033 -1.51 -31.27 16.34
CA SER A 1033 -0.63 -32.39 16.07
C SER A 1033 -1.46 -33.65 15.85
N TYR A 1034 -0.77 -34.75 15.55
CA TYR A 1034 -1.42 -36.02 15.25
C TYR A 1034 -1.89 -36.76 16.50
N ASP A 1035 -1.76 -36.15 17.68
CA ASP A 1035 -2.32 -36.70 18.91
C ASP A 1035 -3.45 -35.84 19.46
N ASN A 1036 -4.12 -35.08 18.57
CA ASN A 1036 -5.24 -34.21 18.95
C ASN A 1036 -4.84 -33.20 20.01
N SER A 1037 -3.73 -32.51 19.76
CA SER A 1037 -3.25 -31.46 20.65
C SER A 1037 -2.53 -30.42 19.81
N ILE A 1038 -2.80 -29.15 20.10
CA ILE A 1038 -2.18 -28.04 19.38
C ILE A 1038 -0.74 -27.90 19.88
N ARG A 1039 0.21 -28.17 19.00
CA ARG A 1039 1.63 -28.11 19.32
C ARG A 1039 2.32 -27.00 18.52
N ASP A 1040 3.52 -26.65 18.96
CA ASP A 1040 4.34 -25.66 18.28
C ASP A 1040 5.40 -26.37 17.45
N ALA A 1041 6.33 -25.60 16.87
CA ALA A 1041 7.38 -26.18 16.05
C ALA A 1041 8.34 -27.02 16.89
N ASP A 1042 8.78 -26.48 18.03
CA ASP A 1042 9.72 -27.21 18.89
C ASP A 1042 9.05 -28.44 19.51
N GLY A 1043 7.79 -28.32 19.91
CA GLY A 1043 7.09 -29.44 20.50
C GLY A 1043 6.18 -29.05 21.65
N THR A 1044 6.31 -27.82 22.15
CA THR A 1044 5.47 -27.37 23.24
C THR A 1044 4.03 -27.16 22.76
N LEU A 1045 3.09 -27.37 23.67
CA LEU A 1045 1.68 -27.28 23.36
C LEU A 1045 1.09 -25.98 23.90
N VAL A 1046 -0.13 -25.69 23.44
CA VAL A 1046 -0.90 -24.53 23.90
C VAL A 1046 -2.06 -24.99 24.79
N GLN A 1047 -2.91 -25.87 24.27
CA GLN A 1047 -3.98 -26.50 25.03
C GLN A 1047 -3.93 -28.00 24.82
N PHE A 1048 -4.72 -28.72 25.61
CA PHE A 1048 -4.78 -30.17 25.44
C PHE A 1048 -5.50 -30.53 24.14
N MET A 1049 -6.50 -29.75 23.76
CA MET A 1049 -7.24 -29.99 22.53
C MET A 1049 -7.85 -28.67 22.09
N TYR A 1050 -8.14 -28.57 20.78
CA TYR A 1050 -8.66 -27.33 20.21
C TYR A 1050 -10.00 -26.97 20.83
N GLY A 1051 -10.01 -25.93 21.66
CA GLY A 1051 -11.21 -25.47 22.33
C GLY A 1051 -11.93 -26.54 23.13
N GLY A 1052 -11.23 -27.62 23.47
CA GLY A 1052 -11.84 -28.75 24.15
C GLY A 1052 -12.80 -29.56 23.31
N ASP A 1053 -13.07 -29.17 22.07
CA ASP A 1053 -14.00 -29.86 21.20
C ASP A 1053 -13.35 -30.44 19.96
N ALA A 1054 -12.44 -29.67 19.32
CA ALA A 1054 -11.68 -30.13 18.16
C ALA A 1054 -12.59 -30.40 16.96
N ILE A 1055 -13.52 -29.48 16.71
CA ILE A 1055 -14.37 -29.52 15.53
C ILE A 1055 -14.12 -28.27 14.71
N ASP A 1056 -14.06 -28.42 13.39
CA ASP A 1056 -13.71 -27.33 12.51
C ASP A 1056 -14.91 -26.41 12.28
N ILE A 1057 -14.62 -25.16 11.91
CA ILE A 1057 -15.67 -24.20 11.62
C ILE A 1057 -16.40 -24.60 10.34
N THR A 1058 -15.69 -25.21 9.39
CA THR A 1058 -16.30 -25.64 8.13
C THR A 1058 -17.29 -26.78 8.32
N LYS A 1059 -17.33 -27.40 9.49
CA LYS A 1059 -18.27 -28.48 9.77
C LYS A 1059 -19.18 -28.20 10.94
N GLU A 1060 -18.96 -27.11 11.69
CA GLU A 1060 -19.86 -26.71 12.78
C GLU A 1060 -21.06 -26.03 12.15
N SER A 1061 -21.98 -26.84 11.63
CA SER A 1061 -23.13 -26.35 10.88
C SER A 1061 -24.45 -26.65 11.56
N HIS A 1062 -24.71 -27.92 11.89
CA HIS A 1062 -25.99 -28.34 12.46
C HIS A 1062 -25.76 -29.13 13.74
N MET A 1063 -24.93 -28.60 14.63
CA MET A 1063 -24.65 -29.24 15.90
C MET A 1063 -25.54 -28.71 17.03
N THR A 1064 -26.49 -27.83 16.71
CA THR A 1064 -27.43 -27.31 17.69
C THR A 1064 -28.89 -27.40 17.25
N GLN A 1065 -29.15 -27.85 16.02
CA GLN A 1065 -30.50 -28.00 15.50
C GLN A 1065 -30.67 -29.45 15.08
N PHE A 1066 -31.09 -30.30 16.02
CA PHE A 1066 -31.29 -31.72 15.75
C PHE A 1066 -32.53 -31.99 14.91
N GLU A 1067 -33.41 -31.00 14.73
CA GLU A 1067 -34.54 -31.18 13.82
C GLU A 1067 -34.07 -31.29 12.37
N PHE A 1068 -32.87 -30.81 12.05
CA PHE A 1068 -32.36 -30.92 10.69
C PHE A 1068 -31.99 -32.37 10.37
N CYS A 1069 -31.15 -32.98 11.20
CA CYS A 1069 -30.76 -34.37 10.97
C CYS A 1069 -31.93 -35.32 11.18
N LEU A 1070 -32.85 -34.96 12.08
CA LEU A 1070 -34.03 -35.80 12.30
C LEU A 1070 -34.99 -35.72 11.12
N ASP A 1071 -35.00 -34.59 10.41
CA ASP A 1071 -35.86 -34.43 9.24
C ASP A 1071 -35.24 -35.00 7.98
N ASN A 1072 -33.93 -35.18 7.95
CA ASN A 1072 -33.21 -35.79 6.84
C ASN A 1072 -32.50 -37.05 7.31
N TYR A 1073 -33.20 -37.88 8.09
CA TYR A 1073 -32.56 -39.05 8.69
C TYR A 1073 -32.02 -39.99 7.62
N TYR A 1074 -32.89 -40.48 6.72
CA TYR A 1074 -32.43 -41.38 5.68
C TYR A 1074 -31.51 -40.69 4.68
N ALA A 1075 -31.61 -39.36 4.56
CA ALA A 1075 -30.77 -38.64 3.62
C ALA A 1075 -29.29 -38.74 3.99
N LEU A 1076 -28.95 -38.29 5.19
CA LEU A 1076 -27.54 -38.31 5.61
C LEU A 1076 -27.11 -39.69 6.11
N LEU A 1077 -28.06 -40.52 6.53
CA LEU A 1077 -27.71 -41.87 6.96
C LEU A 1077 -27.13 -42.69 5.82
N LYS A 1078 -27.59 -42.46 4.59
CA LYS A 1078 -27.08 -43.22 3.45
C LYS A 1078 -25.66 -42.80 3.09
N LYS A 1079 -25.34 -41.52 3.25
CA LYS A 1079 -24.01 -41.03 2.89
C LYS A 1079 -22.99 -41.18 4.01
N TYR A 1080 -23.43 -41.20 5.27
CA TYR A 1080 -22.50 -41.48 6.36
C TYR A 1080 -22.12 -42.95 6.42
N ASN A 1081 -23.07 -43.84 6.10
CA ASN A 1081 -22.87 -45.29 6.08
C ASN A 1081 -22.26 -45.79 7.39
N PRO A 1082 -23.03 -45.81 8.48
CA PRO A 1082 -22.48 -46.32 9.75
C PRO A 1082 -22.20 -47.81 9.72
N SER A 1083 -22.80 -48.57 8.81
CA SER A 1083 -22.57 -50.01 8.74
C SER A 1083 -21.15 -50.35 8.35
N ALA A 1084 -20.44 -49.43 7.70
CA ALA A 1084 -19.04 -49.67 7.31
C ALA A 1084 -18.06 -49.37 8.44
N LEU A 1085 -18.52 -48.83 9.56
CA LEU A 1085 -17.66 -48.45 10.67
C LEU A 1085 -18.18 -49.02 11.98
N ILE A 1086 -18.72 -50.25 11.95
CA ILE A 1086 -19.18 -50.91 13.16
C ILE A 1086 -18.11 -51.87 13.64
N GLU A 1087 -17.32 -52.41 12.71
CA GLU A 1087 -16.23 -53.30 13.03
C GLU A 1087 -14.89 -52.58 13.11
N HIS A 1088 -14.90 -51.25 13.17
CA HIS A 1088 -13.69 -50.45 13.14
C HIS A 1088 -13.34 -49.81 14.48
N LEU A 1089 -14.34 -49.34 15.22
CA LEU A 1089 -14.12 -48.67 16.50
C LEU A 1089 -14.93 -49.37 17.58
N ASP A 1090 -14.87 -48.83 18.80
CA ASP A 1090 -15.60 -49.33 19.94
C ASP A 1090 -16.74 -48.38 20.27
N VAL A 1091 -17.81 -48.93 20.87
CA VAL A 1091 -19.02 -48.18 21.16
C VAL A 1091 -19.36 -48.20 22.65
N GLU A 1092 -19.32 -49.38 23.27
CA GLU A 1092 -19.80 -49.51 24.64
C GLU A 1092 -18.86 -48.91 25.67
N SER A 1093 -17.59 -48.67 25.32
CA SER A 1093 -16.65 -48.14 26.28
C SER A 1093 -16.96 -46.69 26.62
N ALA A 1094 -16.95 -45.82 25.61
CA ALA A 1094 -17.21 -44.40 25.85
C ALA A 1094 -18.66 -44.12 26.21
N LEU A 1095 -19.58 -45.04 25.90
CA LEU A 1095 -20.98 -44.84 26.29
C LEU A 1095 -21.22 -45.24 27.73
N LYS A 1096 -20.52 -46.27 28.21
CA LYS A 1096 -20.65 -46.67 29.61
C LYS A 1096 -20.12 -45.60 30.54
N TYR A 1097 -18.91 -45.09 30.24
CA TYR A 1097 -18.33 -44.05 31.08
C TYR A 1097 -19.05 -42.72 30.90
N SER A 1098 -19.68 -42.50 29.74
CA SER A 1098 -20.51 -41.32 29.57
C SER A 1098 -21.71 -41.35 30.50
N LYS A 1099 -22.37 -42.51 30.62
CA LYS A 1099 -23.46 -42.65 31.56
C LYS A 1099 -22.97 -42.50 33.01
N LYS A 1100 -21.72 -42.89 33.28
CA LYS A 1100 -21.15 -42.68 34.60
C LYS A 1100 -20.95 -41.19 34.86
N THR A 1101 -20.40 -40.47 33.89
CA THR A 1101 -20.23 -39.03 34.05
C THR A 1101 -21.57 -38.30 34.09
N LEU A 1102 -22.53 -38.73 33.27
CA LEU A 1102 -23.85 -38.11 33.30
C LEU A 1102 -24.55 -38.32 34.63
N LYS A 1103 -24.39 -39.50 35.22
CA LYS A 1103 -25.01 -39.78 36.52
C LYS A 1103 -24.31 -39.01 37.64
N TYR A 1104 -22.98 -39.08 37.68
CA TYR A 1104 -22.23 -38.37 38.72
C TYR A 1104 -22.41 -36.86 38.61
N ARG A 1105 -22.67 -36.35 37.40
CA ARG A 1105 -22.86 -34.92 37.23
C ARG A 1105 -24.26 -34.50 37.61
N LYS A 1106 -25.28 -35.29 37.23
CA LYS A 1106 -26.66 -34.94 37.54
C LYS A 1106 -26.98 -35.10 39.01
N LYS A 1107 -26.17 -35.86 39.77
CA LYS A 1107 -26.45 -36.05 41.19
C LYS A 1107 -26.14 -34.77 41.98
N HIS A 1108 -25.08 -34.07 41.63
CA HIS A 1108 -24.68 -32.89 42.40
C HIS A 1108 -25.55 -31.68 42.03
N SER A 1109 -25.38 -31.18 40.80
CA SER A 1109 -26.32 -30.27 40.15
C SER A 1109 -26.74 -29.05 40.97
N LYS A 1110 -26.04 -28.74 42.06
CA LYS A 1110 -26.52 -27.65 42.92
C LYS A 1110 -25.43 -26.63 43.26
N GLU A 1111 -24.17 -27.05 43.25
CA GLU A 1111 -23.10 -26.19 43.72
C GLU A 1111 -21.98 -26.14 42.68
N PRO A 1112 -21.37 -24.96 42.47
CA PRO A 1112 -20.30 -24.85 41.47
C PRO A 1112 -19.04 -25.61 41.83
N HIS A 1113 -18.00 -25.45 41.02
CA HIS A 1113 -16.83 -26.33 41.06
C HIS A 1113 -15.76 -25.86 42.06
N TYR A 1114 -16.13 -25.10 43.09
CA TYR A 1114 -15.17 -24.77 44.13
C TYR A 1114 -15.23 -25.74 45.30
N LYS A 1115 -16.21 -26.64 45.33
CA LYS A 1115 -16.25 -27.73 46.29
C LYS A 1115 -16.58 -29.07 45.67
N GLN A 1116 -17.07 -29.11 44.43
CA GLN A 1116 -17.42 -30.36 43.78
C GLN A 1116 -16.17 -31.07 43.28
N SER A 1117 -16.10 -32.37 43.51
CA SER A 1117 -14.91 -33.14 43.16
C SER A 1117 -14.91 -33.51 41.68
N VAL A 1118 -13.72 -33.84 41.18
CA VAL A 1118 -13.52 -34.13 39.76
C VAL A 1118 -13.05 -35.57 39.62
N LYS A 1119 -13.54 -36.45 40.50
CA LYS A 1119 -13.18 -37.86 40.44
C LYS A 1119 -13.51 -38.47 39.08
N TYR A 1120 -14.60 -38.04 38.46
CA TYR A 1120 -15.00 -38.51 37.13
C TYR A 1120 -14.63 -37.42 36.12
N ASP A 1121 -13.39 -37.48 35.64
CA ASP A 1121 -12.96 -36.54 34.61
C ASP A 1121 -13.73 -36.79 33.31
N PRO A 1122 -13.90 -35.76 32.48
CA PRO A 1122 -14.75 -35.90 31.30
C PRO A 1122 -14.24 -36.98 30.35
N VAL A 1123 -15.17 -37.48 29.52
CA VAL A 1123 -14.81 -38.47 28.50
C VAL A 1123 -13.83 -37.86 27.50
N LEU A 1124 -13.83 -36.53 27.38
CA LEU A 1124 -12.87 -35.86 26.51
C LEU A 1124 -11.47 -35.86 27.12
N ALA A 1125 -11.38 -35.92 28.46
CA ALA A 1125 -10.09 -35.82 29.12
C ALA A 1125 -9.27 -37.10 28.94
N LYS A 1126 -9.91 -38.27 29.00
CA LYS A 1126 -9.19 -39.53 28.86
C LYS A 1126 -9.26 -40.10 27.46
N TYR A 1127 -10.29 -39.75 26.69
CA TYR A 1127 -10.46 -40.33 25.36
C TYR A 1127 -10.68 -39.22 24.34
N ASN A 1128 -9.79 -39.12 23.37
CA ASN A 1128 -10.02 -38.19 22.28
C ASN A 1128 -11.08 -38.73 21.34
N PRO A 1129 -11.89 -37.86 20.73
CA PRO A 1129 -13.00 -38.33 19.88
C PRO A 1129 -12.55 -39.03 18.61
N ALA A 1130 -11.25 -39.19 18.38
CA ALA A 1130 -10.73 -39.79 17.15
C ALA A 1130 -10.36 -41.26 17.30
N LYS A 1131 -10.59 -41.86 18.46
CA LYS A 1131 -10.24 -43.27 18.67
C LYS A 1131 -11.45 -44.20 18.61
N TYR A 1132 -12.52 -43.86 19.33
CA TYR A 1132 -13.71 -44.71 19.41
C TYR A 1132 -14.95 -43.84 19.25
N LEU A 1133 -16.11 -44.47 19.32
CA LEU A 1133 -17.40 -43.79 19.30
C LEU A 1133 -17.88 -43.57 20.73
N GLY A 1134 -18.55 -42.43 20.96
CA GLY A 1134 -19.10 -42.08 22.26
C GLY A 1134 -18.48 -40.84 22.87
N SER A 1135 -17.20 -40.61 22.62
CA SER A 1135 -16.50 -39.45 23.16
C SER A 1135 -17.07 -38.18 22.55
N VAL A 1136 -17.81 -37.42 23.35
CA VAL A 1136 -18.44 -36.19 22.91
C VAL A 1136 -18.12 -35.09 23.91
N SER A 1137 -18.68 -33.90 23.67
CA SER A 1137 -18.45 -32.75 24.52
C SER A 1137 -19.51 -32.71 25.63
N GLU A 1138 -19.56 -31.60 26.36
CA GLU A 1138 -20.52 -31.44 27.44
C GLU A 1138 -21.80 -30.73 26.99
N ASN A 1139 -21.66 -29.55 26.38
CA ASN A 1139 -22.83 -28.82 25.90
C ASN A 1139 -23.54 -29.58 24.80
N PHE A 1140 -22.80 -30.40 24.03
CA PHE A 1140 -23.43 -31.19 22.97
C PHE A 1140 -24.44 -32.18 23.55
N GLN A 1141 -24.01 -32.97 24.53
CA GLN A 1141 -24.89 -33.97 25.12
C GLN A 1141 -25.94 -33.35 26.04
N ASP A 1142 -25.66 -32.19 26.62
CA ASP A 1142 -26.65 -31.51 27.46
C ASP A 1142 -27.83 -31.03 26.61
N LYS A 1143 -27.55 -30.26 25.56
CA LYS A 1143 -28.63 -29.80 24.69
C LYS A 1143 -29.22 -30.93 23.88
N LEU A 1144 -28.47 -32.02 23.67
CA LEU A 1144 -29.01 -33.20 23.02
C LEU A 1144 -30.07 -33.85 23.87
N GLU A 1145 -29.73 -34.21 25.11
CA GLU A 1145 -30.70 -34.79 26.01
C GLU A 1145 -31.84 -33.83 26.35
N SER A 1146 -31.60 -32.51 26.21
CA SER A 1146 -32.70 -31.57 26.32
C SER A 1146 -33.62 -31.66 25.11
N PHE A 1147 -33.05 -31.79 23.91
CA PHE A 1147 -33.86 -31.99 22.72
C PHE A 1147 -34.65 -33.30 22.81
N LEU A 1148 -33.98 -34.38 23.20
CA LEU A 1148 -34.67 -35.66 23.37
C LEU A 1148 -35.72 -35.59 24.48
N ASP A 1149 -35.52 -34.70 25.46
CA ASP A 1149 -36.51 -34.55 26.52
C ASP A 1149 -37.79 -33.90 26.00
N LYS A 1150 -37.66 -33.00 25.03
CA LYS A 1150 -38.81 -32.30 24.45
C LYS A 1150 -39.09 -32.78 23.02
N ASN A 1151 -38.73 -34.02 22.71
CA ASN A 1151 -38.97 -34.60 21.39
C ASN A 1151 -39.96 -35.75 21.53
N SER A 1152 -41.05 -35.68 20.77
CA SER A 1152 -42.07 -36.73 20.76
C SER A 1152 -42.46 -36.97 19.30
N LYS A 1153 -41.76 -37.89 18.66
CA LYS A 1153 -42.04 -38.25 17.26
C LYS A 1153 -42.28 -39.74 17.11
N GLY A 1160 -41.21 -43.21 10.68
CA GLY A 1160 -41.15 -44.04 11.87
C GLY A 1160 -39.76 -44.53 12.19
N VAL A 1161 -38.92 -43.63 12.70
CA VAL A 1161 -37.55 -43.94 13.05
C VAL A 1161 -37.43 -43.98 14.58
N ASN A 1162 -36.68 -44.95 15.09
CA ASN A 1162 -36.47 -45.09 16.52
C ASN A 1162 -35.35 -44.16 16.97
N GLU A 1163 -34.89 -44.33 18.21
CA GLU A 1163 -33.89 -43.46 18.79
C GLU A 1163 -32.50 -44.10 18.91
N LYS A 1164 -32.42 -45.43 18.86
CA LYS A 1164 -31.14 -46.11 19.03
C LYS A 1164 -30.21 -45.84 17.85
N LYS A 1165 -30.63 -46.23 16.64
CA LYS A 1165 -29.81 -45.98 15.47
C LYS A 1165 -29.71 -44.50 15.14
N PHE A 1166 -30.62 -43.68 15.65
CA PHE A 1166 -30.46 -42.24 15.54
C PHE A 1166 -29.38 -41.73 16.49
N ARG A 1167 -29.20 -42.40 17.63
CA ARG A 1167 -28.12 -42.04 18.55
C ARG A 1167 -26.75 -42.38 17.95
N ALA A 1168 -26.63 -43.56 17.34
CA ALA A 1168 -25.40 -43.90 16.64
C ALA A 1168 -25.22 -43.04 15.40
N LEU A 1169 -26.32 -42.55 14.82
CA LEU A 1169 -26.23 -41.66 13.67
C LEU A 1169 -25.59 -40.33 14.05
N MET A 1170 -26.15 -39.67 15.06
CA MET A 1170 -25.59 -38.39 15.50
C MET A 1170 -24.22 -38.57 16.15
N GLN A 1171 -23.94 -39.75 16.71
CA GLN A 1171 -22.62 -40.00 17.27
C GLN A 1171 -21.56 -40.05 16.18
N LEU A 1172 -21.82 -40.83 15.12
CA LEU A 1172 -20.90 -40.87 13.98
C LEU A 1172 -20.83 -39.51 13.29
N LYS A 1173 -21.93 -38.76 13.31
CA LYS A 1173 -21.92 -37.43 12.71
C LYS A 1173 -21.02 -36.48 13.50
N TYR A 1174 -21.09 -36.55 14.84
CA TYR A 1174 -20.23 -35.70 15.66
C TYR A 1174 -18.77 -36.13 15.54
N MET A 1175 -18.52 -37.44 15.42
CA MET A 1175 -17.16 -37.91 15.28
C MET A 1175 -16.58 -37.58 13.92
N ARG A 1176 -17.42 -37.52 12.88
CA ARG A 1176 -16.93 -37.17 11.55
C ARG A 1176 -16.45 -35.74 11.47
N SER A 1177 -17.04 -34.85 12.27
CA SER A 1177 -16.67 -33.44 12.30
C SER A 1177 -15.41 -33.18 13.11
N LEU A 1178 -14.70 -34.22 13.52
CA LEU A 1178 -13.46 -34.04 14.27
C LEU A 1178 -12.40 -33.38 13.39
N ILE A 1179 -11.63 -32.47 13.99
CA ILE A 1179 -10.62 -31.72 13.24
C ILE A 1179 -9.54 -32.67 12.74
N ASN A 1180 -9.25 -32.60 11.44
CA ASN A 1180 -8.18 -33.39 10.86
C ASN A 1180 -6.84 -32.99 11.48
N PRO A 1181 -6.15 -33.90 12.15
CA PRO A 1181 -4.85 -33.54 12.74
C PRO A 1181 -3.83 -33.18 11.68
N GLY A 1182 -3.12 -32.07 11.92
CA GLY A 1182 -2.15 -31.55 10.98
C GLY A 1182 -2.56 -30.29 10.26
N GLU A 1183 -3.70 -29.70 10.60
CA GLU A 1183 -4.19 -28.50 9.93
C GLU A 1183 -3.60 -27.27 10.60
N ALA A 1184 -3.31 -26.25 9.78
CA ALA A 1184 -2.74 -24.99 10.29
C ALA A 1184 -3.86 -24.19 10.94
N VAL A 1185 -4.16 -24.57 12.20
CA VAL A 1185 -5.21 -23.89 12.94
C VAL A 1185 -4.77 -22.50 13.35
N GLY A 1186 -3.46 -22.28 13.51
CA GLY A 1186 -2.94 -20.99 13.90
C GLY A 1186 -3.32 -19.87 12.95
N ILE A 1187 -2.94 -20.02 11.68
CA ILE A 1187 -3.27 -18.99 10.69
C ILE A 1187 -4.78 -18.81 10.58
N ILE A 1188 -5.54 -19.86 10.85
CA ILE A 1188 -7.00 -19.74 10.88
C ILE A 1188 -7.42 -18.85 12.05
N ALA A 1189 -6.78 -19.00 13.20
CA ALA A 1189 -7.11 -18.17 14.37
C ALA A 1189 -6.75 -16.72 14.13
N SER A 1190 -5.55 -16.46 13.59
CA SER A 1190 -5.15 -15.09 13.27
C SER A 1190 -6.03 -14.52 12.18
N GLN A 1191 -6.53 -15.36 11.26
CA GLN A 1191 -7.48 -14.90 10.26
C GLN A 1191 -8.82 -14.52 10.90
N SER A 1192 -9.23 -15.26 11.93
CA SER A 1192 -10.47 -14.94 12.61
C SER A 1192 -10.38 -13.63 13.37
N VAL A 1193 -9.17 -13.23 13.78
CA VAL A 1193 -8.98 -11.96 14.47
C VAL A 1193 -8.50 -10.86 13.53
N GLY A 1194 -8.22 -11.19 12.27
CA GLY A 1194 -7.72 -10.23 11.31
C GLY A 1194 -8.74 -9.80 10.29
N GLU A 1195 -9.64 -10.71 9.92
CA GLU A 1195 -10.67 -10.37 8.92
C GLU A 1195 -11.64 -9.32 9.45
N PRO A 1196 -12.19 -9.43 10.67
CA PRO A 1196 -13.05 -8.34 11.16
C PRO A 1196 -12.31 -7.02 11.36
N SER A 1197 -10.98 -7.05 11.44
CA SER A 1197 -10.22 -5.80 11.61
C SER A 1197 -10.37 -4.87 10.42
N THR A 1198 -10.71 -5.39 9.24
CA THR A 1198 -10.95 -4.55 8.08
C THR A 1198 -12.29 -3.83 8.18
N GLN A 1199 -13.23 -4.36 8.96
CA GLN A 1199 -14.56 -3.79 9.10
C GLN A 1199 -14.77 -3.06 10.42
N MET A 1200 -14.17 -3.55 11.51
CA MET A 1200 -14.36 -2.94 12.83
C MET A 1200 -13.59 -1.62 12.99
N THR A 1201 -12.96 -1.11 11.94
CA THR A 1201 -12.22 0.15 12.01
C THR A 1201 -13.20 1.30 12.09
N LEU A 1202 -13.45 1.77 13.31
CA LEU A 1202 -14.36 2.89 13.52
C LEU A 1202 -14.03 3.51 14.87
N ASN A 1203 -14.05 4.84 14.92
CA ASN A 1203 -13.61 5.55 16.14
C ASN A 1203 -14.66 5.44 17.25
N THR A 1204 -15.84 6.00 17.00
CA THR A 1204 -16.91 6.02 18.00
C THR A 1204 -18.20 5.55 17.35
N PHE A 1205 -18.61 4.32 17.65
CA PHE A 1205 -19.83 3.76 17.09
C PHE A 1205 -20.92 3.65 18.16
N ASN A 1214 -17.18 6.52 27.46
CA ASN A 1214 -16.42 6.55 28.70
C ASN A 1214 -15.18 5.67 28.62
N VAL A 1215 -15.30 4.55 27.90
CA VAL A 1215 -14.20 3.62 27.73
C VAL A 1215 -13.73 3.66 26.28
N THR A 1216 -12.60 3.01 26.01
CA THR A 1216 -12.04 2.94 24.67
C THR A 1216 -12.56 1.71 23.94
N LEU A 1217 -12.84 1.87 22.65
CA LEU A 1217 -13.35 0.78 21.83
C LEU A 1217 -12.68 0.81 20.47
N GLY A 1218 -12.74 -0.33 19.77
CA GLY A 1218 -12.25 -0.42 18.41
C GLY A 1218 -10.77 -0.69 18.29
N ILE A 1219 -10.15 -0.11 17.26
CA ILE A 1219 -8.72 -0.34 17.03
C ILE A 1219 -7.87 0.14 18.21
N PRO A 1220 -8.09 1.32 18.80
CA PRO A 1220 -7.25 1.72 19.93
C PRO A 1220 -7.32 0.77 21.13
N ARG A 1221 -8.38 -0.04 21.22
CA ARG A 1221 -8.45 -1.01 22.31
C ARG A 1221 -7.89 -2.37 21.91
N LEU A 1222 -8.26 -2.85 20.73
CA LEU A 1222 -7.77 -4.14 20.26
C LEU A 1222 -6.25 -4.12 20.08
N ARG A 1223 -5.74 -3.11 19.36
CA ARG A 1223 -4.31 -3.00 19.15
C ARG A 1223 -3.57 -2.76 20.47
N GLU A 1224 -4.24 -2.15 21.45
CA GLU A 1224 -3.59 -1.88 22.74
C GLU A 1224 -3.38 -3.17 23.53
N ILE A 1225 -4.40 -4.00 23.62
CA ILE A 1225 -4.33 -5.19 24.47
C ILE A 1225 -3.46 -6.27 23.82
N VAL A 1226 -3.48 -6.36 22.50
CA VAL A 1226 -2.85 -7.50 21.83
C VAL A 1226 -1.33 -7.32 21.75
N MET A 1227 -0.86 -6.12 21.41
CA MET A 1227 0.55 -5.95 21.04
C MET A 1227 1.31 -4.89 21.81
N THR A 1228 0.64 -3.90 22.42
CA THR A 1228 1.35 -2.77 23.02
C THR A 1228 1.88 -3.04 24.41
N ALA A 1229 1.96 -4.31 24.84
CA ALA A 1229 2.46 -4.67 26.17
C ALA A 1229 1.63 -3.98 27.25
N SER A 1230 0.36 -4.41 27.31
CA SER A 1230 -0.66 -3.80 28.15
C SER A 1230 -0.15 -3.49 29.56
N ALA A 1231 -0.31 -2.23 29.96
CA ALA A 1231 0.12 -1.74 31.26
C ALA A 1231 -0.99 -0.84 31.79
N ALA A 1232 -0.67 -0.04 32.81
CA ALA A 1232 -1.61 0.95 33.31
C ALA A 1232 -2.21 1.75 32.17
N ILE A 1233 -3.54 1.67 32.04
CA ILE A 1233 -4.24 2.16 30.87
C ILE A 1233 -4.85 3.52 31.18
N LYS A 1234 -5.28 4.22 30.13
CA LYS A 1234 -5.86 5.54 30.30
C LYS A 1234 -7.11 5.50 31.19
N THR A 1235 -8.07 4.65 30.84
CA THR A 1235 -9.33 4.53 31.56
C THR A 1235 -9.50 3.10 32.04
N PRO A 1236 -8.98 2.77 33.23
CA PRO A 1236 -9.23 1.43 33.78
C PRO A 1236 -10.67 1.26 34.19
N GLN A 1237 -11.14 0.02 34.13
CA GLN A 1237 -12.55 -0.30 34.36
C GLN A 1237 -12.68 -1.57 35.17
N MET A 1238 -13.63 -1.59 36.10
CA MET A 1238 -13.99 -2.79 36.84
C MET A 1238 -15.46 -2.73 37.20
N THR A 1239 -16.14 -3.87 37.05
CA THR A 1239 -17.57 -3.97 37.31
C THR A 1239 -17.79 -4.72 38.62
N LEU A 1240 -18.60 -4.15 39.49
CA LEU A 1240 -18.87 -4.71 40.82
C LEU A 1240 -20.33 -5.05 40.97
N PRO A 1241 -20.70 -6.33 41.05
CA PRO A 1241 -22.10 -6.69 41.34
C PRO A 1241 -22.47 -6.34 42.78
N ILE A 1242 -23.77 -6.41 43.06
CA ILE A 1242 -24.31 -6.09 44.37
C ILE A 1242 -25.38 -7.10 44.74
N TRP A 1243 -25.67 -7.17 46.04
CA TRP A 1243 -26.67 -8.09 46.55
C TRP A 1243 -28.07 -7.64 46.15
N ASN A 1244 -29.07 -8.46 46.52
CA ASN A 1244 -30.46 -8.15 46.21
C ASN A 1244 -31.13 -7.30 47.29
N ASP A 1245 -30.55 -7.23 48.49
CA ASP A 1245 -31.14 -6.44 49.56
C ASP A 1245 -30.71 -4.98 49.51
N VAL A 1246 -29.54 -4.69 48.93
CA VAL A 1246 -29.11 -3.30 48.79
C VAL A 1246 -29.92 -2.63 47.68
N SER A 1247 -30.15 -1.33 47.85
CA SER A 1247 -30.97 -0.56 46.93
C SER A 1247 -30.13 0.53 46.27
N ASP A 1248 -30.72 1.16 45.24
CA ASP A 1248 -30.02 2.22 44.53
C ASP A 1248 -29.83 3.46 45.40
N GLU A 1249 -30.76 3.71 46.33
CA GLU A 1249 -30.60 4.82 47.26
C GLU A 1249 -29.50 4.58 48.28
N GLN A 1250 -28.98 3.36 48.37
CA GLN A 1250 -27.82 3.06 49.21
C GLN A 1250 -26.53 2.88 48.41
N ALA A 1251 -26.64 2.60 47.12
CA ALA A 1251 -25.45 2.41 46.30
C ALA A 1251 -24.73 3.74 46.05
N ASP A 1252 -25.49 4.82 45.86
CA ASP A 1252 -24.88 6.12 45.62
C ASP A 1252 -24.07 6.59 46.83
N THR A 1253 -24.43 6.14 48.03
CA THR A 1253 -23.63 6.46 49.20
C THR A 1253 -22.24 5.85 49.10
N PHE A 1254 -22.15 4.60 48.65
CA PHE A 1254 -20.84 4.00 48.37
C PHE A 1254 -20.19 4.61 47.14
N CYS A 1255 -20.98 5.12 46.20
CA CYS A 1255 -20.40 5.83 45.06
C CYS A 1255 -19.65 7.07 45.51
N LYS A 1256 -20.27 7.88 46.39
CA LYS A 1256 -19.60 9.07 46.89
C LYS A 1256 -18.45 8.74 47.83
N SER A 1257 -18.57 7.67 48.61
CA SER A 1257 -17.50 7.31 49.54
C SER A 1257 -16.27 6.78 48.82
N ILE A 1258 -16.47 5.98 47.76
CA ILE A 1258 -15.34 5.39 47.06
C ILE A 1258 -14.77 6.38 46.03
N SER A 1259 -15.62 7.18 45.39
CA SER A 1259 -15.15 8.13 44.38
C SER A 1259 -14.22 9.16 45.00
N LYS A 1260 -12.97 9.17 44.55
CA LYS A 1260 -12.00 10.13 45.05
C LYS A 1260 -12.32 11.53 44.51
N VAL A 1261 -12.30 12.51 45.41
CA VAL A 1261 -12.59 13.90 45.08
C VAL A 1261 -11.32 14.72 45.26
N LEU A 1262 -11.08 15.64 44.34
CA LEU A 1262 -9.91 16.52 44.45
C LEU A 1262 -10.12 17.52 45.59
N LEU A 1263 -9.02 17.85 46.27
CA LEU A 1263 -9.09 18.80 47.38
C LEU A 1263 -9.43 20.20 46.89
N SER A 1264 -9.09 20.52 45.65
CA SER A 1264 -9.31 21.86 45.11
C SER A 1264 -10.75 22.11 44.69
N GLU A 1265 -11.60 21.09 44.70
CA GLU A 1265 -12.98 21.23 44.23
C GLU A 1265 -13.95 21.61 45.34
N VAL A 1266 -13.46 22.19 46.44
CA VAL A 1266 -14.31 22.66 47.52
C VAL A 1266 -13.99 24.12 47.81
N ILE A 1267 -13.40 24.79 46.82
CA ILE A 1267 -12.98 26.18 46.96
C ILE A 1267 -13.74 27.03 45.96
N ASP A 1268 -14.30 28.15 46.42
CA ASP A 1268 -14.97 29.07 45.51
C ASP A 1268 -13.96 29.87 44.71
N LYS A 1269 -13.08 30.61 45.39
CA LYS A 1269 -12.05 31.39 44.74
C LYS A 1269 -10.82 31.41 45.63
N VAL A 1270 -9.66 31.65 45.02
CA VAL A 1270 -8.39 31.69 45.72
C VAL A 1270 -7.88 33.12 45.66
N ILE A 1271 -8.15 33.89 46.71
CA ILE A 1271 -7.68 35.27 46.82
C ILE A 1271 -6.59 35.30 47.89
N VAL A 1272 -5.45 35.90 47.53
CA VAL A 1272 -4.31 36.05 48.44
C VAL A 1272 -3.73 37.44 48.23
N THR A 1273 -3.55 38.17 49.32
CA THR A 1273 -3.00 39.53 49.26
C THR A 1273 -1.55 39.48 49.71
N GLU A 1274 -0.64 39.34 48.75
CA GLU A 1274 0.78 39.27 49.05
C GLU A 1274 1.28 40.61 49.57
N THR A 1275 1.84 40.61 50.77
CA THR A 1275 2.33 41.83 51.41
C THR A 1275 3.85 41.80 51.50
N THR A 1276 4.42 42.97 51.78
CA THR A 1276 5.86 43.10 51.92
C THR A 1276 6.16 44.24 52.87
N GLY A 1277 6.99 43.98 53.87
CA GLY A 1277 7.34 44.99 54.86
C GLY A 1277 7.98 44.41 56.10
N ALA A 1287 11.54 41.37 54.47
CA ALA A 1287 10.60 40.63 55.29
C ALA A 1287 9.35 40.26 54.50
N ARG A 1288 9.43 39.16 53.76
CA ARG A 1288 8.30 38.71 52.96
C ARG A 1288 7.22 38.14 53.86
N SER A 1289 5.97 38.55 53.63
CA SER A 1289 4.82 38.06 54.38
C SER A 1289 3.73 37.64 53.41
N TYR A 1290 3.07 36.54 53.73
CA TYR A 1290 2.04 35.98 52.86
C TYR A 1290 0.83 35.58 53.70
N VAL A 1291 -0.36 35.91 53.20
CA VAL A 1291 -1.62 35.52 53.83
C VAL A 1291 -2.47 34.83 52.78
N ILE A 1292 -3.09 33.72 53.16
CA ILE A 1292 -3.86 32.88 52.24
C ILE A 1292 -5.27 32.76 52.81
N HIS A 1293 -6.24 33.33 52.11
CA HIS A 1293 -7.65 33.23 52.46
C HIS A 1293 -8.34 32.34 51.41
N MET A 1294 -8.79 31.18 51.83
CA MET A 1294 -9.30 30.14 50.94
C MET A 1294 -10.79 29.96 51.18
N ARG A 1295 -11.61 30.60 50.33
CA ARG A 1295 -13.06 30.49 50.46
C ARG A 1295 -13.53 29.08 50.16
N PHE A 1296 -14.49 28.61 50.94
CA PHE A 1296 -15.10 27.29 50.79
C PHE A 1296 -16.59 27.42 50.52
N PHE A 1297 -17.22 26.28 50.23
CA PHE A 1297 -18.67 26.23 50.06
C PHE A 1297 -19.33 26.19 51.43
N ASP A 1298 -20.65 26.14 51.45
CA ASP A 1298 -21.41 26.02 52.69
C ASP A 1298 -21.66 24.56 53.04
N ASN A 1299 -21.99 24.33 54.32
CA ASN A 1299 -22.02 22.97 54.85
C ASN A 1299 -22.96 22.07 54.06
N ASN A 1300 -24.13 22.58 53.68
CA ASN A 1300 -25.09 21.75 52.94
C ASN A 1300 -24.57 21.42 51.55
N GLU A 1301 -23.67 22.23 51.00
CA GLU A 1301 -23.16 21.98 49.66
C GLU A 1301 -22.06 20.94 49.67
N TYR A 1302 -20.94 21.23 50.35
CA TYR A 1302 -19.77 20.36 50.23
C TYR A 1302 -19.91 19.10 51.09
N SER A 1303 -20.67 19.17 52.19
CA SER A 1303 -20.76 18.01 53.08
C SER A 1303 -21.85 17.04 52.61
N GLU A 1304 -22.86 17.55 51.90
CA GLU A 1304 -23.90 16.67 51.40
C GLU A 1304 -23.58 16.16 49.99
N GLU A 1305 -22.80 16.91 49.22
CA GLU A 1305 -22.46 16.47 47.86
C GLU A 1305 -21.28 15.50 47.88
N TYR A 1306 -20.19 15.87 48.56
CA TYR A 1306 -18.96 15.08 48.56
C TYR A 1306 -18.68 14.44 49.90
N ASP A 1307 -19.73 14.24 50.71
CA ASP A 1307 -19.73 13.51 51.98
C ASP A 1307 -18.44 13.66 52.78
N VAL A 1308 -17.95 14.89 52.91
CA VAL A 1308 -16.79 15.20 53.72
C VAL A 1308 -17.18 16.23 54.77
N SER A 1309 -16.37 16.32 55.82
CA SER A 1309 -16.67 17.21 56.94
C SER A 1309 -15.35 17.63 57.58
N LYS A 1310 -15.46 18.24 58.76
CA LYS A 1310 -14.30 18.88 59.38
C LYS A 1310 -13.25 17.86 59.83
N GLU A 1311 -13.66 16.64 60.17
CA GLU A 1311 -12.71 15.69 60.75
C GLU A 1311 -11.80 15.09 59.68
N GLU A 1312 -12.19 15.19 58.41
CA GLU A 1312 -11.33 14.70 57.33
C GLU A 1312 -10.77 15.84 56.50
N LEU A 1313 -11.56 16.90 56.31
CA LEU A 1313 -11.08 18.03 55.49
C LEU A 1313 -10.01 18.82 56.23
N GLN A 1314 -10.15 18.97 57.55
CA GLN A 1314 -9.13 19.70 58.31
C GLN A 1314 -7.88 18.86 58.48
N ASN A 1315 -8.02 17.54 58.63
CA ASN A 1315 -6.85 16.69 58.78
C ASN A 1315 -6.03 16.64 57.50
N VAL A 1316 -6.69 16.68 56.34
CA VAL A 1316 -5.94 16.63 55.08
C VAL A 1316 -5.37 18.00 54.73
N ILE A 1317 -6.04 19.09 55.14
CA ILE A 1317 -5.51 20.42 54.87
C ILE A 1317 -4.41 20.80 55.84
N SER A 1318 -4.26 20.06 56.94
CA SER A 1318 -3.21 20.33 57.92
C SER A 1318 -2.05 19.35 57.83
N ASN A 1319 -2.26 18.16 57.26
CA ASN A 1319 -1.21 17.15 57.16
C ASN A 1319 -0.71 16.93 55.74
N GLN A 1320 -1.52 17.21 54.73
CA GLN A 1320 -1.15 16.97 53.34
C GLN A 1320 -0.98 18.25 52.53
N PHE A 1321 -1.93 19.18 52.64
CA PHE A 1321 -1.83 20.41 51.86
C PHE A 1321 -0.61 21.24 52.27
N ILE A 1322 -0.42 21.40 53.59
CA ILE A 1322 0.71 22.19 54.07
C ILE A 1322 2.02 21.46 53.84
N HIS A 1323 2.03 20.13 53.99
CA HIS A 1323 3.25 19.36 53.78
C HIS A 1323 3.71 19.44 52.33
N LEU A 1324 2.80 19.21 51.39
CA LEU A 1324 3.16 19.32 49.97
C LEU A 1324 3.50 20.76 49.59
N LEU A 1325 2.85 21.74 50.22
CA LEU A 1325 3.20 23.13 49.97
C LEU A 1325 4.64 23.41 50.34
N GLU A 1326 5.10 22.87 51.46
CA GLU A 1326 6.50 23.00 51.83
C GLU A 1326 7.39 22.22 50.88
N ALA A 1327 6.97 21.00 50.51
CA ALA A 1327 7.75 20.18 49.59
C ALA A 1327 7.84 20.81 48.20
N ALA A 1328 6.99 21.78 47.88
CA ALA A 1328 7.04 22.49 46.61
C ALA A 1328 7.72 23.84 46.71
N ILE A 1329 7.55 24.54 47.83
CA ILE A 1329 8.21 25.84 47.98
C ILE A 1329 9.70 25.68 48.15
N VAL A 1330 10.15 24.53 48.68
CA VAL A 1330 11.58 24.28 48.81
C VAL A 1330 12.18 24.00 47.43
N LYS A 1331 11.48 23.21 46.60
CA LYS A 1331 11.98 22.91 45.26
C LYS A 1331 12.09 24.17 44.42
N GLU A 1332 11.09 25.04 44.50
CA GLU A 1332 11.13 26.27 43.70
C GLU A 1332 12.18 27.24 44.22
N ILE A 1333 12.49 27.18 45.52
CA ILE A 1333 13.55 28.03 46.07
C ILE A 1333 14.91 27.52 45.61
N LYS A 1334 15.10 26.21 45.58
CA LYS A 1334 16.37 25.65 45.11
C LYS A 1334 16.58 25.93 43.63
N LYS A 1335 15.52 25.89 42.83
CA LYS A 1335 15.62 26.18 41.41
C LYS A 1335 15.69 27.68 41.14
N GLN A 1336 15.27 28.51 42.10
CA GLN A 1336 15.27 29.96 41.89
C GLN A 1336 16.68 30.51 41.76
N LYS A 1337 17.65 29.90 42.44
CA LYS A 1337 19.05 30.31 42.38
C LYS A 1337 19.83 29.56 41.31
N ARG A 1338 19.16 29.03 40.30
CA ARG A 1338 19.85 28.32 39.21
C ARG A 1338 19.29 28.73 37.86
N VAL A 1433 -16.15 42.37 54.96
CA VAL A 1433 -16.61 41.28 55.81
C VAL A 1433 -15.47 40.80 56.71
N GLU A 1434 -15.66 40.90 58.02
CA GLU A 1434 -14.65 40.45 58.97
C GLU A 1434 -14.64 38.92 59.02
N ALA A 1435 -13.44 38.34 59.00
CA ALA A 1435 -13.32 36.89 58.91
C ALA A 1435 -13.63 36.22 60.25
N ASN A 1436 -12.79 36.48 61.27
CA ASN A 1436 -12.92 35.87 62.58
C ASN A 1436 -11.86 36.49 63.49
N ASN A 1437 -12.02 36.26 64.79
CA ASN A 1437 -11.08 36.72 65.81
C ASN A 1437 -11.32 35.89 67.06
N ASN A 1438 -10.68 36.30 68.16
CA ASN A 1438 -10.79 35.66 69.48
C ASN A 1438 -10.80 34.14 69.38
N MET A 1439 -9.70 33.60 68.85
CA MET A 1439 -9.55 32.17 68.70
C MET A 1439 -9.63 31.48 70.06
N ASN A 1440 -10.22 30.28 70.06
CA ASN A 1440 -10.42 29.52 71.29
C ASN A 1440 -9.18 28.69 71.61
N LYS A 1441 -9.18 28.13 72.83
CA LYS A 1441 -8.01 27.39 73.31
C LYS A 1441 -7.79 26.11 72.51
N VAL A 1442 -8.86 25.46 72.06
CA VAL A 1442 -8.70 24.22 71.28
C VAL A 1442 -7.97 24.51 69.98
N GLN A 1443 -8.14 25.70 69.42
CA GLN A 1443 -7.40 26.09 68.22
C GLN A 1443 -6.05 26.72 68.54
N ARG A 1444 -5.80 27.08 69.80
CA ARG A 1444 -4.48 27.59 70.18
C ARG A 1444 -3.47 26.45 70.32
N ASP A 1445 -3.85 25.40 71.04
CA ASP A 1445 -2.99 24.22 71.13
C ASP A 1445 -2.89 23.51 69.80
N ARG A 1446 -3.98 23.53 69.01
CA ARG A 1446 -3.96 22.94 67.68
C ARG A 1446 -3.09 23.76 66.74
N GLN A 1447 -3.12 25.08 66.85
CA GLN A 1447 -2.22 25.92 66.06
C GLN A 1447 -0.77 25.63 66.39
N SER A 1448 -0.45 25.54 67.68
CA SER A 1448 0.90 25.18 68.08
C SER A 1448 1.28 23.79 67.60
N ALA A 1449 0.30 22.89 67.49
CA ALA A 1449 0.56 21.57 66.93
C ALA A 1449 0.90 21.67 65.44
N ILE A 1450 0.29 22.62 64.73
CA ILE A 1450 0.64 22.84 63.33
C ILE A 1450 2.02 23.45 63.21
N ILE A 1451 2.36 24.38 64.12
CA ILE A 1451 3.70 24.97 64.13
C ILE A 1451 4.76 23.93 64.52
N SER A 1452 4.36 22.88 65.23
CA SER A 1452 5.31 21.85 65.62
C SER A 1452 5.79 21.00 64.46
N HIS A 1453 5.12 21.09 63.30
CA HIS A 1453 5.48 20.28 62.14
C HIS A 1453 6.05 21.10 60.99
N HIS A 1454 5.94 22.42 61.03
CA HIS A 1454 6.43 23.28 59.96
C HIS A 1454 7.13 24.49 60.57
N ARG A 1455 7.89 25.19 59.74
CA ARG A 1455 8.66 26.35 60.18
C ARG A 1455 8.20 27.66 59.56
N PHE A 1456 7.91 27.66 58.25
CA PHE A 1456 7.47 28.89 57.59
C PHE A 1456 6.08 29.31 58.07
N ILE A 1457 5.26 28.38 58.52
CA ILE A 1457 3.90 28.68 58.94
C ILE A 1457 3.95 29.37 60.30
N THR A 1458 3.28 30.53 60.40
CA THR A 1458 3.22 31.30 61.62
C THR A 1458 1.82 31.35 62.22
N LYS A 1459 0.83 31.72 61.44
CA LYS A 1459 -0.56 31.81 61.89
C LYS A 1459 -1.42 30.85 61.11
N TYR A 1460 -2.47 30.35 61.77
CA TYR A 1460 -3.40 29.41 61.16
C TYR A 1460 -4.79 29.64 61.73
N ASN A 1461 -5.79 29.67 60.86
CA ASN A 1461 -7.17 29.88 61.28
C ASN A 1461 -8.09 29.16 60.30
N PHE A 1462 -9.16 28.57 60.85
CA PHE A 1462 -10.10 27.80 60.05
C PHE A 1462 -11.50 28.02 60.58
N ASP A 1463 -12.44 28.27 59.68
CA ASP A 1463 -13.83 28.49 60.06
C ASP A 1463 -14.45 27.19 60.56
N ASP A 1464 -14.84 27.16 61.83
CA ASP A 1464 -15.33 25.94 62.46
C ASP A 1464 -16.85 25.86 62.55
N GLU A 1465 -17.55 26.99 62.62
CA GLU A 1465 -19.00 26.96 62.76
C GLU A 1465 -19.73 26.90 61.42
N SER A 1466 -19.10 27.33 60.33
CA SER A 1466 -19.73 27.30 59.02
C SER A 1466 -18.82 26.62 58.00
N GLY A 1467 -17.51 26.70 58.22
CA GLY A 1467 -16.57 26.10 57.29
C GLY A 1467 -16.60 26.72 55.90
N LYS A 1468 -16.80 28.04 55.84
CA LYS A 1468 -16.90 28.74 54.56
C LYS A 1468 -15.56 29.25 54.04
N TRP A 1469 -14.50 29.19 54.85
CA TRP A 1469 -13.20 29.69 54.43
C TRP A 1469 -12.13 29.13 55.37
N CYS A 1470 -10.88 29.45 55.07
CA CYS A 1470 -9.75 29.01 55.88
C CYS A 1470 -8.58 29.95 55.58
N GLU A 1471 -8.10 30.67 56.61
CA GLU A 1471 -7.08 31.69 56.43
C GLU A 1471 -5.88 31.36 57.30
N PHE A 1472 -4.71 31.26 56.68
CA PHE A 1472 -3.45 31.06 57.39
C PHE A 1472 -2.39 31.98 56.81
N LYS A 1473 -1.47 32.41 57.69
CA LYS A 1473 -0.45 33.39 57.33
C LYS A 1473 0.93 32.77 57.49
N LEU A 1474 1.78 32.97 56.49
CA LEU A 1474 3.15 32.50 56.50
C LEU A 1474 4.11 33.68 56.39
N GLU A 1475 5.34 33.46 56.86
CA GLU A 1475 6.40 34.46 56.78
C GLU A 1475 7.61 33.87 56.06
N LEU A 1476 8.46 34.76 55.55
CA LEU A 1476 9.63 34.34 54.79
C LEU A 1476 10.64 35.47 54.83
N ALA A 1477 11.92 35.11 54.70
CA ALA A 1477 13.00 36.07 54.82
C ALA A 1477 13.16 36.85 53.51
N ALA A 1478 14.24 37.61 53.39
CA ALA A 1478 14.49 38.45 52.22
C ALA A 1478 15.46 37.79 51.24
N ASP A 1479 15.60 36.47 51.30
CA ASP A 1479 16.48 35.79 50.36
C ASP A 1479 15.88 35.77 48.95
N THR A 1480 14.59 35.51 48.85
CA THR A 1480 13.88 35.52 47.58
C THR A 1480 12.92 36.71 47.54
N GLU A 1481 12.86 37.38 46.39
CA GLU A 1481 12.15 38.64 46.25
C GLU A 1481 10.74 38.48 45.70
N LYS A 1482 10.58 37.77 44.58
CA LYS A 1482 9.29 37.67 43.91
C LYS A 1482 8.99 36.22 43.60
N LEU A 1483 7.77 35.79 43.95
CA LEU A 1483 7.31 34.43 43.71
C LEU A 1483 5.94 34.47 43.05
N LEU A 1484 5.48 33.29 42.63
CA LEU A 1484 4.14 33.12 42.07
C LEU A 1484 3.25 32.49 43.12
N MET A 1485 2.09 33.10 43.36
CA MET A 1485 1.19 32.61 44.40
C MET A 1485 0.13 31.66 43.85
N VAL A 1486 -0.63 32.11 42.85
CA VAL A 1486 -1.71 31.30 42.30
C VAL A 1486 -1.18 30.03 41.64
N ASN A 1487 0.09 30.01 41.24
CA ASN A 1487 0.64 28.83 40.58
C ASN A 1487 1.09 27.78 41.59
N ILE A 1488 1.88 28.19 42.59
CA ILE A 1488 2.38 27.23 43.57
C ILE A 1488 1.26 26.70 44.45
N VAL A 1489 0.17 27.45 44.57
CA VAL A 1489 -0.97 26.96 45.33
C VAL A 1489 -1.84 26.04 44.47
N GLU A 1490 -1.97 26.36 43.19
CA GLU A 1490 -2.76 25.52 42.28
C GLU A 1490 -2.15 24.12 42.17
N GLU A 1491 -0.81 24.04 42.11
CA GLU A 1491 -0.16 22.73 42.02
C GLU A 1491 -0.49 21.87 43.23
N ILE A 1492 -0.34 22.43 44.44
CA ILE A 1492 -0.66 21.67 45.64
C ILE A 1492 -2.16 21.43 45.74
N CYS A 1493 -2.98 22.32 45.17
CA CYS A 1493 -4.41 22.10 45.18
C CYS A 1493 -4.80 20.89 44.33
N ARG A 1494 -4.07 20.63 43.25
CA ARG A 1494 -4.30 19.45 42.42
C ARG A 1494 -3.35 18.31 42.74
N LYS A 1495 -2.75 18.32 43.93
CA LYS A 1495 -1.91 17.23 44.38
C LYS A 1495 -2.30 16.69 45.76
N SER A 1496 -3.17 17.38 46.49
CA SER A 1496 -3.66 16.89 47.77
C SER A 1496 -4.93 16.09 47.56
N ILE A 1497 -5.03 14.95 48.23
CA ILE A 1497 -6.14 14.02 48.08
C ILE A 1497 -6.78 13.81 49.45
N ILE A 1498 -8.11 13.91 49.50
CA ILE A 1498 -8.81 13.85 50.79
C ILE A 1498 -8.70 12.45 51.39
N ARG A 1499 -8.97 11.42 50.60
CA ARG A 1499 -8.77 10.04 51.03
C ARG A 1499 -8.18 9.26 49.88
N GLN A 1500 -7.13 8.50 50.15
CA GLN A 1500 -6.38 7.78 49.13
C GLN A 1500 -6.88 6.33 49.08
N ILE A 1501 -7.78 6.05 48.15
CA ILE A 1501 -8.23 4.69 47.90
C ILE A 1501 -7.37 4.16 46.74
N PRO A 1502 -6.77 2.97 46.88
CA PRO A 1502 -5.71 2.57 45.93
C PRO A 1502 -6.23 2.37 44.51
N HIS A 1503 -5.66 3.14 43.59
CA HIS A 1503 -5.81 2.93 42.14
C HIS A 1503 -7.28 3.04 41.71
N ILE A 1504 -7.98 4.03 42.22
CA ILE A 1504 -9.36 4.29 41.82
C ILE A 1504 -9.70 5.72 42.21
N ASP A 1505 -10.41 6.42 41.32
CA ASP A 1505 -10.75 7.83 41.54
C ASP A 1505 -12.22 8.17 41.32
N ARG A 1506 -13.00 7.33 40.63
CA ARG A 1506 -14.37 7.68 40.32
C ARG A 1506 -15.19 6.41 40.11
N CYS A 1507 -16.43 6.44 40.59
CA CYS A 1507 -17.36 5.32 40.44
C CYS A 1507 -18.69 5.83 39.91
N VAL A 1508 -19.42 4.95 39.22
CA VAL A 1508 -20.68 5.30 38.58
C VAL A 1508 -21.66 4.15 38.80
N HIS A 1509 -22.92 4.48 39.12
CA HIS A 1509 -23.98 3.49 39.21
C HIS A 1509 -24.76 3.49 37.90
N PRO A 1510 -24.52 2.54 37.01
CA PRO A 1510 -25.17 2.56 35.69
C PRO A 1510 -26.56 1.94 35.76
N GLU A 1511 -27.20 1.85 34.60
CA GLU A 1511 -28.50 1.21 34.50
C GLU A 1511 -28.34 -0.30 34.39
N PRO A 1512 -29.20 -1.08 35.05
CA PRO A 1512 -29.08 -2.54 34.99
C PRO A 1512 -29.41 -3.06 33.59
N GLU A 1513 -28.55 -3.93 33.08
CA GLU A 1513 -28.71 -4.51 31.75
C GLU A 1513 -29.22 -5.95 31.90
N ASN A 1514 -30.38 -6.22 31.30
CA ASN A 1514 -31.01 -7.54 31.33
C ASN A 1514 -31.30 -7.97 32.77
N GLY A 1515 -31.69 -7.00 33.61
CA GLY A 1515 -32.04 -7.29 34.98
C GLY A 1515 -30.88 -7.55 35.91
N LYS A 1516 -29.64 -7.39 35.44
CA LYS A 1516 -28.45 -7.64 36.24
C LYS A 1516 -27.93 -6.29 36.73
N ARG A 1517 -28.30 -5.93 37.97
CA ARG A 1517 -27.82 -4.69 38.56
C ARG A 1517 -26.32 -4.78 38.83
N VAL A 1518 -25.57 -3.82 38.30
CA VAL A 1518 -24.12 -3.79 38.41
C VAL A 1518 -23.69 -2.42 38.91
N LEU A 1519 -22.38 -2.23 39.06
CA LEU A 1519 -21.82 -0.97 39.54
C LEU A 1519 -20.46 -0.79 38.85
N VAL A 1520 -20.44 -0.03 37.76
CA VAL A 1520 -19.20 0.21 37.03
C VAL A 1520 -18.31 1.13 37.85
N THR A 1521 -17.00 0.96 37.70
CA THR A 1521 -16.03 1.72 38.48
C THR A 1521 -14.83 2.02 37.59
N GLU A 1522 -14.49 3.31 37.47
CA GLU A 1522 -13.42 3.76 36.58
C GLU A 1522 -12.09 3.58 37.29
N GLY A 1523 -11.62 2.33 37.33
CA GLY A 1523 -10.36 2.02 37.98
C GLY A 1523 -10.20 0.54 38.15
N VAL A 1524 -9.24 0.16 39.00
CA VAL A 1524 -8.98 -1.24 39.31
C VAL A 1524 -8.47 -1.34 40.74
N ASN A 1525 -9.12 -2.18 41.54
CA ASN A 1525 -8.74 -2.39 42.93
C ASN A 1525 -9.44 -3.63 43.45
N PHE A 1526 -8.71 -4.47 44.15
CA PHE A 1526 -9.31 -5.67 44.75
C PHE A 1526 -9.03 -5.80 46.24
N GLN A 1527 -7.84 -5.40 46.70
CA GLN A 1527 -7.51 -5.54 48.11
C GLN A 1527 -8.25 -4.55 48.99
N ALA A 1528 -8.75 -3.45 48.42
CA ALA A 1528 -9.48 -2.45 49.19
C ALA A 1528 -10.99 -2.60 49.08
N MET A 1529 -11.47 -3.54 48.25
CA MET A 1529 -12.90 -3.81 48.14
C MET A 1529 -13.28 -5.22 48.60
N TRP A 1530 -12.32 -6.09 48.85
CA TRP A 1530 -12.61 -7.43 49.36
C TRP A 1530 -13.09 -7.41 50.81
N ASP A 1531 -13.05 -6.27 51.48
CA ASP A 1531 -13.48 -6.15 52.86
C ASP A 1531 -14.86 -5.53 53.00
N GLN A 1532 -15.58 -5.35 51.89
CA GLN A 1532 -16.93 -4.82 51.88
C GLN A 1532 -17.91 -5.85 51.32
N GLU A 1533 -17.78 -7.10 51.76
CA GLU A 1533 -18.60 -8.17 51.24
C GLU A 1533 -20.06 -8.08 51.68
N ALA A 1534 -20.40 -7.15 52.57
CA ALA A 1534 -21.79 -6.97 52.95
C ALA A 1534 -22.63 -6.37 51.84
N PHE A 1535 -21.99 -5.80 50.81
CA PHE A 1535 -22.68 -5.20 49.69
C PHE A 1535 -22.13 -5.61 48.33
N ILE A 1536 -20.90 -6.10 48.25
CA ILE A 1536 -20.29 -6.50 46.99
C ILE A 1536 -19.99 -7.99 47.04
N ASP A 1537 -19.97 -8.63 45.87
CA ASP A 1537 -19.75 -10.06 45.75
C ASP A 1537 -18.39 -10.33 45.13
N VAL A 1538 -17.72 -11.38 45.61
CA VAL A 1538 -16.42 -11.76 45.08
C VAL A 1538 -16.52 -12.76 43.94
N ASP A 1539 -17.66 -13.44 43.79
CA ASP A 1539 -17.85 -14.39 42.70
C ASP A 1539 -18.29 -13.74 41.40
N GLY A 1540 -18.45 -12.41 41.39
CA GLY A 1540 -18.90 -11.72 40.19
C GLY A 1540 -18.07 -10.50 39.85
N ILE A 1541 -17.09 -10.18 40.70
CA ILE A 1541 -16.26 -8.99 40.46
C ILE A 1541 -15.41 -9.22 39.22
N THR A 1542 -15.47 -8.26 38.30
CA THR A 1542 -14.70 -8.30 37.06
C THR A 1542 -13.92 -7.02 36.91
N SER A 1543 -12.94 -7.03 36.00
CA SER A 1543 -12.09 -5.88 35.74
C SER A 1543 -11.80 -5.81 34.24
N ASN A 1544 -11.01 -4.82 33.85
CA ASN A 1544 -10.64 -4.62 32.46
C ASN A 1544 -9.14 -4.74 32.21
N ASP A 1545 -8.31 -4.25 33.14
CA ASP A 1545 -6.88 -4.35 32.97
C ASP A 1545 -6.42 -5.80 33.05
N VAL A 1546 -5.25 -6.07 32.48
CA VAL A 1546 -4.72 -7.42 32.40
C VAL A 1546 -3.61 -7.65 33.43
N ALA A 1547 -3.35 -6.68 34.30
CA ALA A 1547 -2.27 -6.77 35.27
C ALA A 1547 -2.74 -7.28 36.63
N ALA A 1548 -3.82 -6.71 37.17
CA ALA A 1548 -4.30 -7.14 38.48
C ALA A 1548 -5.13 -8.41 38.41
N VAL A 1549 -5.48 -8.87 37.21
CA VAL A 1549 -6.33 -10.05 37.10
C VAL A 1549 -5.51 -11.33 37.21
N LEU A 1550 -4.19 -11.22 37.07
CA LEU A 1550 -3.33 -12.37 37.34
C LEU A 1550 -2.43 -12.14 38.54
N LYS A 1551 -2.17 -10.88 38.89
CA LYS A 1551 -1.38 -10.59 40.08
C LYS A 1551 -2.15 -10.93 41.35
N THR A 1552 -3.48 -11.03 41.25
CA THR A 1552 -4.32 -11.34 42.40
C THR A 1552 -5.28 -12.51 42.16
N TYR A 1553 -5.39 -13.01 40.94
CA TYR A 1553 -6.33 -14.10 40.67
C TYR A 1553 -5.67 -15.29 39.98
N GLY A 1554 -4.64 -15.05 39.18
CA GLY A 1554 -3.89 -16.11 38.54
C GLY A 1554 -3.85 -15.96 37.03
N VAL A 1555 -3.01 -16.80 36.42
CA VAL A 1555 -2.74 -16.69 34.99
C VAL A 1555 -3.98 -17.06 34.17
N GLU A 1556 -4.59 -18.22 34.47
CA GLU A 1556 -5.77 -18.63 33.70
C GLU A 1556 -7.00 -17.82 34.09
N ALA A 1557 -7.03 -17.31 35.32
CA ALA A 1557 -8.08 -16.36 35.67
C ALA A 1557 -7.98 -15.08 34.84
N ALA A 1558 -6.76 -14.68 34.51
CA ALA A 1558 -6.58 -13.57 33.58
C ALA A 1558 -7.01 -13.95 32.16
N ARG A 1559 -6.80 -15.21 31.78
CA ARG A 1559 -7.22 -15.65 30.46
C ARG A 1559 -8.74 -15.59 30.32
N ASN A 1560 -9.46 -16.01 31.37
CA ASN A 1560 -10.92 -16.06 31.31
C ASN A 1560 -11.56 -14.67 31.30
N THR A 1561 -10.83 -13.64 31.74
CA THR A 1561 -11.37 -12.29 31.71
C THR A 1561 -10.89 -11.47 30.51
N ILE A 1562 -9.73 -11.80 29.94
CA ILE A 1562 -9.32 -11.11 28.72
C ILE A 1562 -10.05 -11.70 27.52
N VAL A 1563 -10.40 -13.00 27.57
CA VAL A 1563 -11.18 -13.59 26.49
C VAL A 1563 -12.58 -12.98 26.46
N ASN A 1564 -13.06 -12.50 27.61
CA ASN A 1564 -14.31 -11.74 27.65
C ASN A 1564 -14.11 -10.28 27.30
N GLU A 1565 -12.89 -9.78 27.41
CA GLU A 1565 -12.61 -8.39 27.04
C GLU A 1565 -12.67 -8.21 25.53
N ILE A 1566 -11.89 -8.99 24.79
CA ILE A 1566 -11.94 -8.91 23.33
C ILE A 1566 -13.25 -9.47 22.80
N ASN A 1567 -13.92 -10.32 23.58
CA ASN A 1567 -15.26 -10.76 23.20
C ASN A 1567 -16.24 -9.60 23.25
N ASN A 1568 -16.16 -8.78 24.30
CA ASN A 1568 -17.03 -7.62 24.41
C ASN A 1568 -16.70 -6.59 23.34
N VAL A 1569 -15.41 -6.33 23.10
CA VAL A 1569 -15.02 -5.38 22.07
C VAL A 1569 -15.53 -5.83 20.71
N PHE A 1570 -15.43 -7.12 20.40
CA PHE A 1570 -15.97 -7.62 19.15
C PHE A 1570 -17.50 -7.60 19.15
N SER A 1571 -18.11 -7.91 20.30
CA SER A 1571 -19.57 -7.92 20.37
C SER A 1571 -20.18 -6.52 20.31
N ARG A 1572 -19.37 -5.46 20.42
CA ARG A 1572 -19.92 -4.12 20.35
C ARG A 1572 -20.35 -3.76 18.92
N TYR A 1573 -19.74 -4.39 17.92
CA TYR A 1573 -20.05 -4.10 16.52
C TYR A 1573 -20.93 -5.17 15.89
N ALA A 1574 -21.63 -5.96 16.70
CA ALA A 1574 -22.59 -6.95 16.23
C ALA A 1574 -21.96 -7.98 15.28
N ILE A 1575 -20.66 -8.19 15.40
CA ILE A 1575 -19.96 -9.20 14.61
C ILE A 1575 -19.77 -10.44 15.47
N SER A 1576 -19.67 -11.59 14.82
CA SER A 1576 -19.55 -12.87 15.49
C SER A 1576 -18.22 -13.53 15.14
N VAL A 1577 -17.70 -14.33 16.07
CA VAL A 1577 -16.44 -15.04 15.87
C VAL A 1577 -16.41 -16.19 16.88
N SER A 1578 -15.89 -17.33 16.43
CA SER A 1578 -15.81 -18.50 17.29
C SER A 1578 -14.85 -18.26 18.45
N PHE A 1579 -15.23 -18.74 19.64
CA PHE A 1579 -14.45 -18.48 20.83
C PHE A 1579 -13.17 -19.31 20.88
N ARG A 1580 -13.08 -20.39 20.12
CA ARG A 1580 -11.90 -21.24 20.17
C ARG A 1580 -10.68 -20.53 19.58
N HIS A 1581 -10.89 -19.72 18.54
CA HIS A 1581 -9.79 -18.95 17.98
C HIS A 1581 -9.27 -17.93 19.01
N LEU A 1582 -10.18 -17.23 19.66
CA LEU A 1582 -9.78 -16.29 20.71
C LEU A 1582 -9.14 -17.01 21.90
N ASP A 1583 -9.46 -18.29 22.10
CA ASP A 1583 -8.77 -19.07 23.10
C ASP A 1583 -7.36 -19.44 22.64
N LEU A 1584 -7.17 -19.65 21.34
CA LEU A 1584 -5.83 -19.87 20.80
C LEU A 1584 -4.96 -18.64 21.01
N ILE A 1585 -5.48 -17.46 20.68
CA ILE A 1585 -4.73 -16.23 20.91
C ILE A 1585 -4.53 -15.99 22.40
N ALA A 1586 -5.55 -16.27 23.22
CA ALA A 1586 -5.47 -16.00 24.65
C ALA A 1586 -4.38 -16.84 25.31
N ASP A 1587 -4.43 -18.16 25.14
CA ASP A 1587 -3.45 -19.02 25.79
C ASP A 1587 -2.06 -18.79 25.21
N MET A 1588 -1.96 -18.60 23.89
CA MET A 1588 -0.67 -18.28 23.30
C MET A 1588 -0.13 -16.95 23.80
N MET A 1589 -1.02 -16.03 24.19
CA MET A 1589 -0.60 -14.74 24.70
C MET A 1589 -0.20 -14.79 26.16
N THR A 1590 -0.63 -15.81 26.90
CA THR A 1590 -0.31 -15.95 28.32
C THR A 1590 0.13 -17.38 28.62
N ARG A 1591 1.01 -17.93 27.78
CA ARG A 1591 1.50 -19.28 28.01
C ARG A 1591 2.79 -19.32 28.83
N GLN A 1592 3.60 -18.27 28.76
CA GLN A 1592 4.87 -18.23 29.49
C GLN A 1592 4.71 -17.68 30.90
N GLY A 1593 3.78 -18.28 31.65
CA GLY A 1593 3.60 -17.94 33.05
C GLY A 1593 2.92 -16.62 33.30
N THR A 1594 3.59 -15.51 33.00
CA THR A 1594 3.10 -14.19 33.38
C THR A 1594 2.45 -13.44 32.22
N TYR A 1595 3.18 -13.18 31.15
CA TYR A 1595 2.67 -12.28 30.13
C TYR A 1595 3.53 -12.37 28.87
N LEU A 1596 2.87 -12.24 27.72
CA LEU A 1596 3.54 -12.13 26.43
C LEU A 1596 2.89 -11.00 25.64
N ALA A 1597 3.72 -10.09 25.14
CA ALA A 1597 3.23 -8.85 24.54
C ALA A 1597 3.08 -8.93 23.03
N PHE A 1598 3.31 -10.10 22.43
CA PHE A 1598 3.17 -10.30 20.98
C PHE A 1598 4.07 -9.35 20.19
N ASN A 1599 5.29 -9.13 20.69
CA ASN A 1599 6.26 -8.29 20.02
C ASN A 1599 7.65 -8.83 20.31
N ARG A 1600 8.68 -8.05 19.97
CA ARG A 1600 10.06 -8.49 20.19
C ARG A 1600 10.36 -8.62 21.68
N GLN A 1601 9.85 -7.72 22.51
CA GLN A 1601 10.07 -7.79 23.94
C GLN A 1601 9.10 -8.73 24.63
N GLY A 1602 7.95 -9.00 24.02
CA GLY A 1602 7.00 -9.94 24.58
C GLY A 1602 7.40 -11.38 24.36
N MET A 1603 7.91 -11.68 23.16
CA MET A 1603 8.29 -13.04 22.82
C MET A 1603 9.75 -13.12 22.40
N GLU A 1604 10.64 -12.50 23.16
CA GLU A 1604 12.07 -12.70 22.95
C GLU A 1604 12.49 -14.12 23.29
N THR A 1605 11.62 -14.90 23.91
CA THR A 1605 11.87 -16.29 24.25
C THR A 1605 11.31 -17.18 23.15
N SER A 1606 12.18 -17.98 22.53
CA SER A 1606 11.78 -18.89 21.47
C SER A 1606 12.88 -19.92 21.27
N THR A 1607 12.54 -20.95 20.50
CA THR A 1607 13.50 -22.02 20.18
C THR A 1607 14.15 -21.82 18.82
N SER A 1608 13.38 -21.45 17.80
CA SER A 1608 13.94 -21.15 16.49
C SER A 1608 14.45 -19.71 16.44
N SER A 1609 15.55 -19.51 15.73
CA SER A 1609 16.16 -18.19 15.63
C SER A 1609 15.70 -17.43 14.39
N PHE A 1610 15.56 -18.11 13.26
CA PHE A 1610 15.16 -17.43 12.03
C PHE A 1610 13.79 -16.80 12.15
N MET A 1611 12.92 -17.34 13.00
CA MET A 1611 11.65 -16.70 13.27
C MET A 1611 11.85 -15.37 13.99
N LYS A 1612 12.88 -15.27 14.84
CA LYS A 1612 13.17 -14.03 15.52
C LYS A 1612 13.84 -13.02 14.60
N MET A 1613 14.66 -13.47 13.65
CA MET A 1613 15.35 -12.57 12.74
C MET A 1613 14.45 -12.10 11.60
N SER A 1614 13.38 -12.84 11.30
CA SER A 1614 12.56 -12.56 10.12
C SER A 1614 11.66 -11.34 10.29
N TYR A 1615 11.46 -10.84 11.51
CA TYR A 1615 10.51 -9.77 11.74
C TYR A 1615 11.17 -8.40 11.82
N GLU A 1616 12.10 -8.21 12.76
CA GLU A 1616 12.66 -6.90 13.00
C GLU A 1616 13.90 -7.04 13.87
N THR A 1617 14.79 -6.03 13.75
CA THR A 1617 16.00 -5.93 14.56
C THR A 1617 16.81 -7.23 14.52
N THR A 1618 16.99 -7.76 13.31
CA THR A 1618 17.79 -8.96 13.14
C THR A 1618 19.26 -8.73 13.49
N CYS A 1619 19.71 -7.48 13.49
CA CYS A 1619 21.09 -7.18 13.88
C CYS A 1619 21.31 -7.47 15.36
N GLN A 1620 20.55 -6.78 16.23
CA GLN A 1620 20.68 -7.00 17.66
C GLN A 1620 20.28 -8.42 18.05
N PHE A 1621 19.30 -8.98 17.34
CA PHE A 1621 18.92 -10.37 17.60
C PHE A 1621 20.02 -11.34 17.19
N LEU A 1622 20.80 -10.99 16.16
CA LEU A 1622 21.98 -11.79 15.84
C LEU A 1622 23.07 -11.62 16.90
N THR A 1623 23.15 -10.45 17.53
CA THR A 1623 24.10 -10.27 18.62
C THR A 1623 23.74 -11.18 19.79
N LYS A 1624 22.46 -11.24 20.15
CA LYS A 1624 22.03 -12.11 21.24
C LYS A 1624 22.18 -13.58 20.90
N ALA A 1625 21.99 -13.94 19.63
CA ALA A 1625 22.05 -15.34 19.22
C ALA A 1625 23.50 -15.84 19.17
N VAL A 1626 24.35 -15.19 18.38
CA VAL A 1626 25.71 -15.65 18.21
C VAL A 1626 26.54 -15.47 19.46
N LEU A 1627 26.17 -14.54 20.35
CA LEU A 1627 26.87 -14.39 21.62
C LEU A 1627 26.80 -15.67 22.44
N ASP A 1628 25.65 -16.35 22.40
CA ASP A 1628 25.46 -17.60 23.12
C ASP A 1628 25.76 -18.83 22.28
N ASN A 1629 25.72 -18.72 20.95
CA ASN A 1629 26.03 -19.81 20.04
C ASN A 1629 25.14 -21.02 20.31
N GLU A 1630 23.85 -20.84 20.09
CA GLU A 1630 22.87 -21.89 20.35
C GLU A 1630 22.83 -22.84 19.16
N ARG A 1631 21.88 -23.77 19.19
CA ARG A 1631 21.65 -24.72 18.11
C ARG A 1631 20.24 -24.51 17.57
N GLU A 1632 20.11 -24.42 16.25
CA GLU A 1632 18.83 -24.16 15.59
C GLU A 1632 18.45 -25.39 14.77
N GLN A 1633 17.29 -25.97 15.08
CA GLN A 1633 16.79 -27.13 14.37
C GLN A 1633 15.96 -26.76 13.14
N LEU A 1634 15.86 -25.48 12.82
CA LEU A 1634 15.09 -24.96 11.68
C LEU A 1634 13.72 -25.63 11.57
N ASP A 1635 13.04 -25.73 12.72
CA ASP A 1635 11.74 -26.38 12.75
C ASP A 1635 10.62 -25.44 12.31
N SER A 1636 10.67 -24.18 12.76
CA SER A 1636 9.60 -23.24 12.48
C SER A 1636 9.49 -22.98 10.97
N PRO A 1637 8.29 -22.63 10.49
CA PRO A 1637 8.17 -22.32 9.05
C PRO A 1637 8.99 -21.12 8.62
N SER A 1638 9.22 -20.17 9.51
CA SER A 1638 10.08 -19.03 9.17
C SER A 1638 11.51 -19.47 8.91
N ALA A 1639 11.95 -20.54 9.56
CA ALA A 1639 13.24 -21.13 9.27
C ALA A 1639 13.15 -22.15 8.13
N ARG A 1640 12.03 -22.85 8.04
CA ARG A 1640 11.80 -23.79 6.94
C ARG A 1640 11.47 -23.09 5.62
N ILE A 1641 11.59 -21.76 5.59
CA ILE A 1641 11.46 -20.99 4.36
C ILE A 1641 12.79 -20.40 3.92
N VAL A 1642 13.81 -20.39 4.78
CA VAL A 1642 15.11 -19.85 4.42
C VAL A 1642 16.03 -21.01 4.02
N VAL A 1643 15.78 -22.21 4.55
CA VAL A 1643 16.49 -23.40 4.08
C VAL A 1643 15.47 -24.39 3.53
N GLY A 1644 14.62 -24.93 4.39
CA GLY A 1644 13.45 -25.67 3.94
C GLY A 1644 13.71 -27.08 3.47
N LYS A 1645 12.89 -28.03 3.90
CA LYS A 1645 12.81 -29.32 3.22
C LYS A 1645 11.42 -29.52 2.61
N LEU A 1646 10.37 -29.57 3.43
CA LEU A 1646 9.04 -29.20 2.97
C LEU A 1646 8.41 -28.14 3.87
N ASN A 1647 8.24 -28.50 5.13
CA ASN A 1647 7.59 -27.68 6.16
C ASN A 1647 7.71 -28.42 7.49
N ASN A 1648 7.02 -27.90 8.51
CA ASN A 1648 6.71 -28.67 9.70
C ASN A 1648 5.22 -28.76 9.95
N VAL A 1649 4.40 -28.17 9.07
CA VAL A 1649 2.95 -28.10 9.24
C VAL A 1649 2.29 -28.67 7.99
N GLY A 1650 1.02 -29.04 8.13
CA GLY A 1650 0.26 -29.50 6.97
C GLY A 1650 0.73 -30.85 6.48
N THR A 1651 0.89 -30.96 5.16
CA THR A 1651 1.38 -32.19 4.55
C THR A 1651 2.90 -32.29 4.58
N GLY A 1652 3.58 -31.43 5.33
CA GLY A 1652 5.02 -31.50 5.46
C GLY A 1652 5.44 -31.82 6.88
N SER A 1653 4.55 -32.49 7.62
CA SER A 1653 4.83 -32.91 9.00
C SER A 1653 5.00 -34.42 9.11
N PHE A 1654 5.37 -35.08 8.01
CA PHE A 1654 5.52 -36.53 7.99
C PHE A 1654 6.35 -36.89 6.76
N ASP A 1655 6.49 -38.19 6.50
CA ASP A 1655 7.20 -38.68 5.33
C ASP A 1655 6.43 -39.86 4.75
N VAL A 1656 6.87 -40.31 3.58
CA VAL A 1656 6.19 -41.35 2.82
C VAL A 1656 7.15 -42.50 2.57
N LEU A 1657 6.62 -43.73 2.64
CA LEU A 1657 7.38 -44.93 2.34
C LEU A 1657 6.73 -45.64 1.16
N ALA A 1658 7.40 -46.69 0.66
CA ALA A 1658 6.92 -47.45 -0.49
C ALA A 1658 7.27 -48.92 -0.28
N LYS A 1659 6.25 -49.78 -0.26
CA LYS A 1659 6.44 -51.20 -0.07
C LYS A 1659 6.58 -51.91 -1.42
N VAL A 1660 7.58 -52.78 -1.52
CA VAL A 1660 7.79 -53.57 -2.73
C VAL A 1660 7.75 -55.05 -2.33
N PRO A 1661 7.38 -55.96 -3.24
CA PRO A 1661 7.28 -57.38 -2.87
C PRO A 1661 8.62 -58.03 -2.55
N ASN A 1662 9.60 -57.88 -3.45
CA ASN A 1662 10.86 -58.57 -3.29
C ASN A 1662 11.68 -57.94 -2.15
N ALA A 1663 12.72 -58.66 -1.73
CA ALA A 1663 13.59 -58.22 -0.66
C ALA A 1663 14.91 -57.68 -1.20
N THR B 13 -32.80 27.61 -20.91
CA THR B 13 -32.84 28.06 -22.30
C THR B 13 -31.53 28.71 -22.73
N ALA B 14 -30.42 28.04 -22.39
CA ALA B 14 -29.08 28.50 -22.76
C ALA B 14 -28.67 27.76 -24.04
N ASP B 15 -29.19 28.23 -25.16
CA ASP B 15 -28.92 27.60 -26.45
C ASP B 15 -27.43 27.69 -26.77
N PHE B 16 -26.85 26.57 -27.18
CA PHE B 16 -25.44 26.54 -27.53
C PHE B 16 -25.22 27.30 -28.84
N ARG B 17 -23.95 27.61 -29.12
CA ARG B 17 -23.58 28.42 -30.27
C ARG B 17 -23.05 27.53 -31.39
N THR B 18 -23.61 27.71 -32.59
CA THR B 18 -23.15 27.04 -33.79
C THR B 18 -22.59 28.01 -34.82
N LEU B 19 -23.24 29.17 -34.99
CA LEU B 19 -22.71 30.19 -35.91
C LEU B 19 -21.50 30.88 -35.30
N GLU B 20 -21.60 31.27 -34.03
CA GLU B 20 -20.46 31.90 -33.35
C GLU B 20 -19.30 30.90 -33.23
N ARG B 21 -19.61 29.65 -32.90
CA ARG B 21 -18.57 28.63 -32.80
C ARG B 21 -17.93 28.37 -34.16
N GLU B 22 -18.73 28.37 -35.22
CA GLU B 22 -18.17 28.20 -36.57
C GLU B 22 -17.33 29.42 -36.98
N SER B 23 -17.72 30.60 -36.52
CA SER B 23 -16.95 31.81 -36.88
C SER B 23 -15.60 31.83 -36.19
N ARG B 24 -15.59 31.54 -34.88
CA ARG B 24 -14.32 31.51 -34.15
C ARG B 24 -13.45 30.34 -34.59
N PHE B 25 -14.04 29.29 -35.16
CA PHE B 25 -13.25 28.20 -35.73
C PHE B 25 -12.66 28.56 -37.08
N ILE B 26 -13.35 29.41 -37.85
CA ILE B 26 -12.83 29.82 -39.14
C ILE B 26 -11.64 30.76 -38.97
N ASN B 27 -11.77 31.76 -38.10
CA ASN B 27 -10.70 32.72 -37.89
C ASN B 27 -10.81 33.32 -36.49
N PRO B 28 -9.74 33.32 -35.71
CA PRO B 28 -9.78 33.98 -34.41
C PRO B 28 -9.88 35.49 -34.57
N PRO B 29 -10.45 36.18 -33.59
CA PRO B 29 -10.56 37.64 -33.70
C PRO B 29 -9.20 38.32 -33.68
N LYS B 30 -9.02 39.30 -34.57
CA LYS B 30 -7.79 40.06 -34.61
C LYS B 30 -7.60 40.93 -33.37
N ASP B 31 -8.69 41.27 -32.68
CA ASP B 31 -8.63 42.06 -31.47
C ASP B 31 -8.48 41.13 -30.27
N LYS B 32 -8.69 41.67 -29.06
CA LYS B 32 -8.62 40.87 -27.85
C LYS B 32 -9.50 39.63 -27.97
N SER B 33 -8.96 38.49 -27.54
CA SER B 33 -9.64 37.22 -27.70
C SER B 33 -10.90 37.16 -26.85
N ALA B 34 -11.76 36.19 -27.17
CA ALA B 34 -13.02 36.01 -26.45
C ALA B 34 -12.76 35.21 -25.17
N PHE B 35 -13.84 35.02 -24.41
CA PHE B 35 -13.86 34.36 -23.10
C PHE B 35 -12.63 34.73 -22.26
N PRO B 36 -12.51 35.99 -21.84
CA PRO B 36 -11.31 36.40 -21.09
C PRO B 36 -11.20 35.77 -19.71
N LEU B 37 -12.20 35.02 -19.27
CA LEU B 37 -12.10 34.35 -17.97
C LEU B 37 -11.01 33.28 -17.96
N LEU B 38 -10.81 32.61 -19.10
CA LEU B 38 -9.73 31.64 -19.19
C LEU B 38 -8.38 32.33 -19.07
N GLN B 39 -8.25 33.54 -19.64
CA GLN B 39 -7.02 34.31 -19.47
C GLN B 39 -6.85 34.79 -18.05
N GLU B 40 -7.96 35.05 -17.34
CA GLU B 40 -7.90 35.46 -15.94
C GLU B 40 -7.71 34.28 -14.99
N ALA B 41 -7.80 33.05 -15.49
CA ALA B 41 -7.63 31.89 -14.61
C ALA B 41 -6.18 31.74 -14.15
N VAL B 42 -5.22 32.17 -14.98
CA VAL B 42 -3.82 32.10 -14.63
C VAL B 42 -3.29 33.47 -14.21
N GLN B 43 -4.16 34.38 -13.79
CA GLN B 43 -3.72 35.67 -13.27
C GLN B 43 -2.75 35.53 -12.10
N PRO B 44 -2.90 34.59 -11.16
CA PRO B 44 -1.87 34.42 -10.13
C PRO B 44 -0.49 34.11 -10.70
N HIS B 45 -0.39 33.14 -11.61
CA HIS B 45 0.92 32.76 -12.14
C HIS B 45 1.47 33.84 -13.07
N ILE B 46 0.65 34.33 -14.00
CA ILE B 46 1.11 35.36 -14.93
C ILE B 46 1.48 36.63 -14.17
N GLY B 47 0.62 37.05 -13.25
CA GLY B 47 0.90 38.26 -12.47
C GLY B 47 2.08 38.11 -11.53
N SER B 48 2.36 36.89 -11.08
CA SER B 48 3.46 36.67 -10.13
C SER B 48 4.81 36.89 -10.81
N PHE B 49 5.04 36.18 -11.91
CA PHE B 49 6.33 36.32 -12.60
C PHE B 49 6.45 37.67 -13.28
N ASN B 50 5.32 38.28 -13.65
CA ASN B 50 5.34 39.61 -14.26
C ASN B 50 5.50 40.73 -13.25
N ALA B 51 5.36 40.44 -11.95
CA ALA B 51 5.46 41.46 -10.93
C ALA B 51 6.91 41.90 -10.66
N LEU B 52 7.89 41.04 -10.96
CA LEU B 52 9.28 41.38 -10.69
C LEU B 52 9.85 42.37 -11.69
N THR B 53 9.10 42.73 -12.74
CA THR B 53 9.53 43.71 -13.73
C THR B 53 8.75 45.01 -13.65
N GLU B 54 7.43 44.93 -13.59
CA GLU B 54 6.60 46.12 -13.46
C GLU B 54 6.68 46.67 -12.04
N GLY B 55 5.93 47.75 -11.80
CA GLY B 55 5.91 48.39 -10.51
C GLY B 55 7.13 49.27 -10.29
N PRO B 56 7.20 49.91 -9.12
CA PRO B 56 8.33 50.80 -8.84
C PRO B 56 9.58 50.03 -8.45
N ASP B 57 10.70 50.73 -8.53
CA ASP B 57 12.01 50.21 -8.12
C ASP B 57 12.39 48.95 -8.92
N GLY B 58 12.04 48.94 -10.20
CA GLY B 58 12.42 47.86 -11.09
C GLY B 58 11.85 46.50 -10.76
N GLY B 59 10.94 46.44 -9.80
CA GLY B 59 10.32 45.19 -9.42
C GLY B 59 10.99 44.51 -8.24
N LEU B 60 10.65 43.23 -8.08
CA LEU B 60 11.06 42.50 -6.88
C LEU B 60 12.57 42.32 -6.82
N LEU B 61 13.15 41.74 -7.87
CA LEU B 61 14.58 41.42 -7.84
C LEU B 61 15.44 42.67 -7.83
N ASN B 62 14.95 43.78 -8.37
CA ASN B 62 15.75 45.00 -8.39
C ASN B 62 15.81 45.65 -7.01
N LEU B 63 14.67 45.75 -6.33
CA LEU B 63 14.69 46.24 -4.95
C LEU B 63 15.32 45.24 -4.00
N GLY B 64 15.33 43.95 -4.37
CA GLY B 64 16.00 42.96 -3.55
C GLY B 64 17.51 43.16 -3.54
N VAL B 65 18.10 43.29 -4.72
CA VAL B 65 19.53 43.58 -4.78
C VAL B 65 19.83 45.01 -4.36
N LYS B 66 18.82 45.87 -4.31
CA LYS B 66 18.99 47.18 -3.70
C LYS B 66 19.16 47.04 -2.19
N ASP B 67 18.27 46.31 -1.54
CA ASP B 67 18.39 45.98 -0.11
C ASP B 67 18.99 44.59 0.06
N ILE B 68 20.23 44.45 -0.42
CA ILE B 68 20.96 43.19 -0.31
C ILE B 68 22.18 43.29 0.58
N GLY B 69 22.60 44.50 0.93
CA GLY B 69 23.78 44.69 1.77
C GLY B 69 25.06 44.72 0.96
N GLU B 70 26.01 45.51 1.45
CA GLU B 70 27.31 45.67 0.82
C GLU B 70 28.37 44.97 1.67
N LYS B 71 29.25 44.24 1.01
CA LYS B 71 30.26 43.44 1.69
C LYS B 71 31.66 43.81 1.19
N VAL B 72 32.62 43.80 2.11
CA VAL B 72 33.99 44.21 1.84
C VAL B 72 34.96 43.15 2.37
N ILE B 73 36.23 43.31 2.01
CA ILE B 73 37.29 42.44 2.51
C ILE B 73 38.61 43.17 2.33
N PHE B 74 39.62 42.75 3.09
CA PHE B 74 40.91 43.42 3.10
C PHE B 74 41.92 42.66 2.23
N ASP B 75 43.16 43.14 2.26
CA ASP B 75 44.28 42.50 1.58
C ASP B 75 45.49 42.53 2.49
N GLY B 76 46.50 41.73 2.14
CA GLY B 76 47.71 41.60 2.94
C GLY B 76 48.78 42.64 2.71
N LYS B 77 48.46 43.76 2.03
CA LYS B 77 49.54 44.72 1.81
C LYS B 77 49.44 45.87 2.80
N PRO B 78 50.58 46.32 3.34
CA PRO B 78 50.59 47.50 4.20
C PRO B 78 50.57 48.78 3.39
N LEU B 79 50.43 49.90 4.10
CA LEU B 79 50.41 51.22 3.48
C LEU B 79 51.78 51.89 3.51
N ASN B 80 52.35 52.05 4.68
CA ASN B 80 53.67 52.68 4.82
C ASN B 80 54.33 52.30 6.13
N ILE B 85 52.18 52.22 16.03
CA ILE B 85 51.04 51.53 16.62
C ILE B 85 49.87 51.54 15.65
N SER B 86 49.57 52.71 15.08
CA SER B 86 48.48 52.82 14.13
C SER B 86 48.87 52.29 12.76
N ASN B 87 50.15 52.39 12.38
CA ASN B 87 50.59 51.84 11.11
C ASN B 87 50.44 50.32 11.09
N SER B 88 50.94 49.65 12.12
CA SER B 88 50.75 48.20 12.23
C SER B 88 49.31 47.84 12.56
N GLY B 89 48.55 48.75 13.15
CA GLY B 89 47.14 48.48 13.40
C GLY B 89 46.36 48.27 12.12
N TYR B 90 46.53 49.18 11.16
CA TYR B 90 45.88 49.04 9.86
C TYR B 90 46.52 47.88 9.10
N LEU B 91 45.71 46.88 8.76
CA LEU B 91 46.22 45.62 8.22
C LEU B 91 46.14 45.53 6.70
N GLY B 92 45.51 46.49 6.04
CA GLY B 92 45.43 46.44 4.59
C GLY B 92 44.30 47.31 4.08
N ASN B 93 44.35 47.56 2.77
CA ASN B 93 43.38 48.42 2.12
C ASN B 93 41.99 47.77 2.11
N LYS B 94 41.02 48.54 1.64
CA LYS B 94 39.61 48.13 1.63
C LYS B 94 39.13 48.00 0.19
N LEU B 95 38.57 46.83 -0.14
CA LEU B 95 37.93 46.60 -1.42
C LEU B 95 36.45 46.35 -1.19
N SER B 96 35.61 46.99 -1.99
CA SER B 96 34.16 46.92 -1.83
C SER B 96 33.53 46.24 -3.03
N VAL B 97 32.40 45.57 -2.79
CA VAL B 97 31.67 44.87 -3.83
C VAL B 97 30.22 44.69 -3.37
N SER B 98 29.29 44.83 -4.31
CA SER B 98 27.88 44.66 -4.04
C SER B 98 27.14 44.54 -5.36
N VAL B 99 26.05 43.78 -5.35
CA VAL B 99 25.21 43.62 -6.53
C VAL B 99 24.33 44.85 -6.67
N GLU B 100 24.54 45.62 -7.74
CA GLU B 100 23.81 46.87 -7.93
C GLU B 100 22.53 46.68 -8.74
N GLN B 101 22.64 46.08 -9.92
CA GLN B 101 21.50 45.90 -10.81
C GLN B 101 21.49 44.49 -11.39
N VAL B 102 20.27 43.96 -11.55
CA VAL B 102 20.06 42.66 -12.19
C VAL B 102 18.82 42.80 -13.07
N SER B 103 18.93 42.33 -14.32
CA SER B 103 17.85 42.57 -15.27
C SER B 103 17.80 41.46 -16.31
N ILE B 104 16.61 40.90 -16.51
CA ILE B 104 16.29 40.04 -17.65
C ILE B 104 15.39 40.83 -18.59
N ALA B 105 15.74 40.86 -19.88
CA ALA B 105 15.06 41.72 -20.84
C ALA B 105 14.33 40.92 -21.91
N LYS B 106 15.02 40.04 -22.64
CA LYS B 106 14.41 39.37 -23.78
C LYS B 106 15.27 38.22 -24.26
N PRO B 107 14.68 37.07 -24.59
CA PRO B 107 15.47 35.97 -25.15
C PRO B 107 15.85 36.24 -26.59
N MET B 108 17.04 35.78 -26.96
CA MET B 108 17.56 35.97 -28.31
C MET B 108 18.61 34.91 -28.60
N SER B 109 19.08 34.89 -29.83
CA SER B 109 20.10 33.93 -30.26
C SER B 109 20.86 34.52 -31.45
N ASN B 110 21.95 33.85 -31.80
CA ASN B 110 22.79 34.27 -32.92
C ASN B 110 23.58 33.05 -33.40
N ASP B 111 24.55 33.29 -34.28
CA ASP B 111 25.36 32.22 -34.83
C ASP B 111 26.32 31.68 -33.77
N VAL B 117 24.19 41.88 -34.97
CA VAL B 117 22.75 41.86 -34.79
C VAL B 117 22.33 40.62 -34.00
N GLU B 118 21.07 40.58 -33.59
CA GLU B 118 20.51 39.46 -32.85
C GLU B 118 19.17 39.07 -33.46
N ARG B 119 18.84 37.79 -33.37
CA ARG B 119 17.59 37.26 -33.90
C ARG B 119 16.70 36.78 -32.78
N LYS B 120 15.41 36.73 -33.07
CA LYS B 120 14.40 36.38 -32.08
C LYS B 120 14.06 34.90 -32.16
N VAL B 121 13.88 34.28 -30.99
CA VAL B 121 13.55 32.87 -30.90
C VAL B 121 12.07 32.73 -30.59
N TYR B 122 11.53 31.53 -30.80
CA TYR B 122 10.14 31.22 -30.55
C TYR B 122 10.01 30.07 -29.57
N PRO B 123 8.95 30.06 -28.76
CA PRO B 123 8.78 28.95 -27.81
C PRO B 123 8.45 27.63 -28.49
N SER B 124 7.70 27.66 -29.59
CA SER B 124 7.40 26.43 -30.32
C SER B 124 8.69 25.77 -30.81
N GLU B 125 9.61 26.58 -31.34
CA GLU B 125 10.92 26.05 -31.73
C GLU B 125 11.77 25.68 -30.52
N SER B 126 11.45 26.21 -29.35
CA SER B 126 12.24 25.92 -28.15
C SER B 126 12.06 24.47 -27.72
N ARG B 127 10.81 24.02 -27.57
CA ARG B 127 10.59 22.62 -27.20
C ARG B 127 10.76 21.68 -28.38
N GLN B 128 10.67 22.19 -29.62
CA GLN B 128 11.02 21.38 -30.78
C GLN B 128 12.53 21.15 -30.85
N ARG B 129 13.32 22.04 -30.25
CA ARG B 129 14.76 21.85 -30.14
C ARG B 129 15.15 20.96 -28.96
N LEU B 130 14.17 20.53 -28.17
CA LEU B 130 14.40 19.69 -26.98
C LEU B 130 15.29 20.41 -25.97
N THR B 131 15.17 21.73 -25.89
CA THR B 131 15.90 22.55 -24.94
C THR B 131 14.91 23.41 -24.17
N SER B 132 15.43 24.23 -23.26
CA SER B 132 14.62 25.10 -22.44
C SER B 132 14.56 26.50 -23.03
N TYR B 133 13.47 27.20 -22.75
CA TYR B 133 13.30 28.59 -23.17
C TYR B 133 14.26 29.45 -22.36
N ARG B 134 15.38 29.82 -22.97
CA ARG B 134 16.50 30.44 -22.27
C ARG B 134 16.74 31.84 -22.83
N GLY B 135 16.63 32.85 -21.97
CA GLY B 135 16.97 34.20 -22.33
C GLY B 135 18.41 34.54 -21.96
N LYS B 136 18.63 35.72 -21.39
CA LYS B 136 19.94 36.09 -20.88
C LYS B 136 19.76 37.01 -19.69
N LEU B 137 20.70 36.95 -18.75
CA LEU B 137 20.65 37.72 -17.52
C LEU B 137 21.88 38.61 -17.46
N LEU B 138 21.66 39.92 -17.37
CA LEU B 138 22.75 40.89 -17.24
C LEU B 138 22.85 41.34 -15.79
N LEU B 139 24.08 41.44 -15.29
CA LEU B 139 24.34 41.83 -13.92
C LEU B 139 25.26 43.04 -13.93
N LYS B 140 24.92 44.06 -13.14
CA LYS B 140 25.67 45.29 -13.05
C LYS B 140 26.27 45.40 -11.65
N LEU B 141 27.60 45.40 -11.58
CA LEU B 141 28.32 45.40 -10.30
C LEU B 141 28.78 46.81 -9.97
N LYS B 142 28.47 47.25 -8.74
CA LYS B 142 28.94 48.54 -8.24
C LYS B 142 30.18 48.28 -7.39
N TRP B 143 31.30 48.03 -8.06
CA TRP B 143 32.56 47.81 -7.38
C TRP B 143 33.12 49.14 -6.88
N SER B 144 33.50 49.16 -5.60
CA SER B 144 34.05 50.36 -4.98
C SER B 144 35.32 50.01 -4.23
N VAL B 145 35.97 51.04 -3.68
CA VAL B 145 37.22 50.88 -2.95
C VAL B 145 37.38 52.05 -1.99
N ASN B 146 37.81 51.74 -0.77
CA ASN B 146 38.16 52.73 0.24
C ASN B 146 37.01 53.72 0.48
N ASN B 147 35.85 53.16 0.82
CA ASN B 147 34.66 53.94 1.17
C ASN B 147 34.26 54.88 0.03
N GLY B 148 34.35 54.39 -1.20
CA GLY B 148 33.89 55.15 -2.35
C GLY B 148 34.88 56.11 -2.96
N GLU B 149 36.18 55.89 -2.79
CA GLU B 149 37.15 56.78 -3.42
C GLU B 149 37.12 56.68 -4.94
N GLU B 150 36.77 55.52 -5.48
CA GLU B 150 36.56 55.35 -6.91
C GLU B 150 35.76 54.08 -7.12
N ASN B 151 35.16 53.96 -8.30
CA ASN B 151 34.28 52.85 -8.63
C ASN B 151 34.69 52.24 -9.95
N LEU B 152 35.09 50.95 -9.92
CA LEU B 152 35.44 50.21 -11.14
C LEU B 152 34.16 49.58 -11.68
N PHE B 153 33.49 50.33 -12.55
CA PHE B 153 32.22 49.85 -13.12
C PHE B 153 32.46 48.65 -14.03
N GLU B 154 31.56 47.67 -13.96
CA GLU B 154 31.68 46.46 -14.76
C GLU B 154 30.31 45.80 -14.85
N VAL B 155 30.01 45.26 -16.03
CA VAL B 155 28.76 44.55 -16.29
C VAL B 155 29.11 43.18 -16.87
N ARG B 156 28.61 42.12 -16.23
CA ARG B 156 28.85 40.75 -16.67
C ARG B 156 27.56 39.97 -16.65
N ASP B 157 27.33 39.18 -17.70
CA ASP B 157 26.14 38.35 -17.78
C ASP B 157 26.32 37.09 -16.94
N CYS B 158 25.20 36.57 -16.46
CA CYS B 158 25.18 35.39 -15.60
C CYS B 158 24.38 34.26 -16.23
N GLY B 159 24.52 34.07 -17.54
CA GLY B 159 23.82 33.01 -18.23
C GLY B 159 22.41 33.41 -18.63
N GLY B 160 21.60 32.40 -18.92
CA GLY B 160 20.23 32.59 -19.36
C GLY B 160 19.25 32.18 -18.27
N LEU B 161 18.15 32.92 -18.17
CA LEU B 161 17.13 32.68 -17.15
C LEU B 161 15.92 32.05 -17.81
N PRO B 162 15.46 30.89 -17.35
CA PRO B 162 14.30 30.25 -17.98
C PRO B 162 13.02 31.01 -17.67
N VAL B 163 12.26 31.33 -18.73
CA VAL B 163 11.03 32.11 -18.62
C VAL B 163 9.89 31.29 -19.20
N MET B 164 8.72 31.35 -18.56
CA MET B 164 7.54 30.67 -19.04
C MET B 164 6.87 31.50 -20.14
N LEU B 165 5.65 31.13 -20.51
CA LEU B 165 4.91 31.81 -21.55
C LEU B 165 3.99 32.88 -20.96
N GLN B 166 3.57 33.81 -21.82
CA GLN B 166 2.72 34.94 -21.42
C GLN B 166 3.34 35.72 -20.26
N SER B 167 4.62 36.05 -20.41
CA SER B 167 5.37 36.81 -19.42
C SER B 167 5.93 38.08 -20.07
N ASN B 168 6.71 38.83 -19.29
CA ASN B 168 7.32 40.05 -19.79
C ASN B 168 8.50 39.80 -20.70
N ARG B 169 9.05 38.58 -20.70
CA ARG B 169 10.21 38.26 -21.52
C ARG B 169 9.79 37.62 -22.85
N CYS B 170 8.89 36.64 -22.79
CA CYS B 170 8.40 36.01 -24.02
C CYS B 170 7.56 37.02 -24.81
N HIS B 171 7.56 36.85 -26.13
CA HIS B 171 6.87 37.76 -27.03
C HIS B 171 5.37 37.45 -27.15
N LEU B 172 4.84 36.58 -26.31
CA LEU B 172 3.42 36.25 -26.32
C LEU B 172 2.62 37.10 -25.34
N ASN B 173 3.17 38.21 -24.88
CA ASN B 173 2.48 39.06 -23.92
C ASN B 173 1.38 39.88 -24.60
N LYS B 174 1.75 40.68 -25.59
CA LYS B 174 0.81 41.55 -26.29
C LYS B 174 0.71 41.16 -27.77
N MET B 175 0.64 39.87 -28.04
CA MET B 175 0.51 39.35 -29.40
C MET B 175 -0.92 38.90 -29.64
N SER B 176 -1.46 39.23 -30.80
CA SER B 176 -2.83 38.88 -31.13
C SER B 176 -2.98 37.36 -31.27
N PRO B 177 -4.14 36.81 -30.93
CA PRO B 177 -4.33 35.36 -31.03
C PRO B 177 -4.21 34.83 -32.45
N TYR B 178 -4.57 35.64 -33.45
CA TYR B 178 -4.36 35.23 -34.83
C TYR B 178 -2.88 35.08 -35.14
N GLU B 179 -2.05 35.98 -34.59
CA GLU B 179 -0.61 35.84 -34.76
C GLU B 179 -0.06 34.65 -33.96
N LEU B 180 -0.72 34.28 -32.88
CA LEU B 180 -0.35 33.06 -32.17
C LEU B 180 -0.56 31.84 -33.05
N VAL B 181 -1.63 31.83 -33.85
CA VAL B 181 -1.83 30.74 -34.81
C VAL B 181 -0.73 30.75 -35.85
N GLN B 182 -0.27 31.94 -36.24
CA GLN B 182 0.83 32.04 -37.19
C GLN B 182 2.16 31.64 -36.57
N HIS B 183 2.25 31.58 -35.24
CA HIS B 183 3.47 31.20 -34.55
C HIS B 183 3.43 29.77 -34.04
N LYS B 184 2.56 28.93 -34.62
CA LYS B 184 2.46 27.51 -34.26
C LYS B 184 2.16 27.34 -32.77
N GLU B 185 1.18 28.10 -32.29
CA GLU B 185 0.75 28.06 -30.89
C GLU B 185 -0.74 27.77 -30.82
N GLU B 186 -1.27 27.79 -29.61
CA GLU B 186 -2.69 27.52 -29.39
C GLU B 186 -3.51 28.78 -29.64
N SER B 187 -4.71 28.60 -30.18
CA SER B 187 -5.60 29.73 -30.44
C SER B 187 -5.98 30.44 -29.15
N ASP B 188 -6.05 29.71 -28.04
CA ASP B 188 -6.33 30.27 -26.72
C ASP B 188 -5.24 29.84 -25.75
N GLU B 189 -3.99 30.04 -26.16
CA GLU B 189 -2.84 29.63 -25.37
C GLU B 189 -2.91 30.18 -23.95
N ILE B 190 -2.61 29.32 -22.98
CA ILE B 190 -2.69 29.68 -21.57
C ILE B 190 -1.34 30.15 -21.05
N GLY B 191 -0.29 29.36 -21.27
CA GLY B 191 1.04 29.73 -20.82
C GLY B 191 1.18 29.65 -19.29
N GLY B 192 2.21 30.31 -18.80
CA GLY B 192 2.49 30.32 -17.38
C GLY B 192 3.15 29.07 -16.84
N TYR B 193 3.82 28.30 -17.70
CA TYR B 193 4.49 27.08 -17.28
C TYR B 193 5.84 26.98 -17.97
N PHE B 194 6.85 26.56 -17.22
CA PHE B 194 8.19 26.40 -17.78
C PHE B 194 8.25 25.20 -18.71
N ILE B 195 9.27 25.21 -19.58
CA ILE B 195 9.60 24.07 -20.43
C ILE B 195 11.11 23.87 -20.38
N VAL B 196 11.53 22.65 -20.07
CA VAL B 196 12.94 22.33 -19.91
C VAL B 196 13.21 20.98 -20.56
N ASN B 197 14.27 20.91 -21.37
CA ASN B 197 14.69 19.66 -22.01
C ASN B 197 13.58 19.08 -22.88
N GLY B 198 12.83 19.95 -23.53
CA GLY B 198 11.78 19.54 -24.44
C GLY B 198 10.48 19.12 -23.79
N ILE B 199 10.44 18.96 -22.48
CA ILE B 199 9.22 18.56 -21.76
C ILE B 199 8.73 19.75 -20.94
N GLU B 200 7.41 19.88 -20.83
CA GLU B 200 6.81 20.96 -20.07
C GLU B 200 6.92 20.69 -18.58
N LYS B 201 6.68 21.72 -17.79
CA LYS B 201 6.90 21.65 -16.35
C LYS B 201 6.21 22.83 -15.69
N LEU B 202 5.69 22.59 -14.48
CA LEU B 202 4.93 23.60 -13.76
C LEU B 202 5.38 23.63 -12.30
N ILE B 203 5.52 24.84 -11.76
CA ILE B 203 5.96 25.03 -10.38
C ILE B 203 4.75 24.95 -9.46
N ARG B 204 4.83 24.11 -8.44
CA ARG B 204 3.70 23.89 -7.55
C ARG B 204 3.50 25.07 -6.62
N MET B 205 2.25 25.44 -6.42
CA MET B 205 1.92 26.53 -5.51
C MET B 205 2.15 26.09 -4.06
N LEU B 206 2.70 27.00 -3.25
CA LEU B 206 3.15 26.67 -1.91
C LEU B 206 2.27 27.35 -0.87
N ILE B 207 2.03 26.64 0.23
CA ILE B 207 1.16 27.09 1.31
C ILE B 207 2.02 27.57 2.48
N VAL B 208 1.74 28.78 2.96
CA VAL B 208 2.37 29.35 4.14
C VAL B 208 1.29 29.91 5.05
N GLN B 209 1.70 30.43 6.20
CA GLN B 209 0.79 30.97 7.19
C GLN B 209 0.73 32.50 7.06
N ARG B 210 0.03 33.14 7.99
CA ARG B 210 -0.26 34.56 7.89
C ARG B 210 1.01 35.39 8.02
N ARG B 211 1.08 36.46 7.22
CA ARG B 211 2.21 37.39 7.25
C ARG B 211 1.82 38.64 8.04
N ASN B 212 2.76 39.10 8.88
CA ASN B 212 2.60 40.32 9.67
C ASN B 212 1.36 40.24 10.55
N HIS B 213 1.21 39.13 11.27
CA HIS B 213 0.10 38.94 12.17
C HIS B 213 0.46 37.92 13.25
N PRO B 214 0.38 38.28 14.52
CA PRO B 214 0.68 37.30 15.59
C PRO B 214 -0.31 36.15 15.57
N MET B 215 0.23 34.93 15.53
CA MET B 215 -0.57 33.72 15.48
C MET B 215 -0.42 32.96 16.79
N ALA B 216 -1.53 32.75 17.49
CA ALA B 216 -1.54 31.99 18.73
C ALA B 216 -1.59 30.51 18.42
N ILE B 217 -0.73 29.73 19.09
CA ILE B 217 -0.65 28.29 18.86
C ILE B 217 -0.32 27.60 20.16
N ILE B 218 -1.07 26.53 20.46
CA ILE B 218 -0.82 25.68 21.62
C ILE B 218 -0.37 24.33 21.09
N ARG B 219 0.88 23.97 21.34
CA ARG B 219 1.45 22.75 20.81
C ARG B 219 2.44 22.17 21.80
N PRO B 220 2.38 20.86 22.08
CA PRO B 220 3.35 20.26 23.02
C PRO B 220 4.75 20.12 22.44
N SER B 221 4.94 20.41 21.15
CA SER B 221 6.28 20.30 20.56
C SER B 221 7.27 21.28 21.16
N PHE B 222 6.79 22.39 21.72
CA PHE B 222 7.69 23.34 22.37
C PHE B 222 8.29 22.78 23.66
N ALA B 223 7.64 21.78 24.26
CA ALA B 223 8.16 21.17 25.48
C ALA B 223 9.28 20.17 25.19
N ASN B 224 9.36 19.63 23.98
CA ASN B 224 10.41 18.68 23.65
C ASN B 224 11.76 19.39 23.56
N ARG B 225 11.85 20.42 22.72
CA ARG B 225 13.08 21.20 22.59
C ARG B 225 13.26 22.20 23.72
N GLY B 226 12.25 22.41 24.55
CA GLY B 226 12.33 23.35 25.66
C GLY B 226 12.45 22.68 27.00
N ALA B 227 13.61 22.80 27.64
CA ALA B 227 13.85 22.17 28.94
C ALA B 227 12.96 22.81 29.99
N SER B 228 11.95 22.07 30.45
CA SER B 228 11.01 22.53 31.48
C SER B 228 10.32 23.83 31.06
N TYR B 229 9.83 23.85 29.83
CA TYR B 229 9.10 24.98 29.29
C TYR B 229 7.65 24.58 29.01
N SER B 230 6.75 25.56 29.05
CA SER B 230 5.34 25.31 28.86
C SER B 230 5.03 25.06 27.39
N HIS B 231 3.75 24.85 27.09
CA HIS B 231 3.29 24.53 25.75
C HIS B 231 2.73 25.73 25.00
N TYR B 232 2.78 26.93 25.60
CA TYR B 232 2.26 28.12 24.93
C TYR B 232 3.24 28.59 23.87
N GLY B 233 2.71 29.33 22.89
CA GLY B 233 3.53 29.92 21.85
C GLY B 233 2.77 30.84 20.92
N ILE B 234 3.45 31.87 20.43
CA ILE B 234 2.90 32.79 19.44
C ILE B 234 4.01 33.15 18.47
N GLN B 235 3.69 33.20 17.18
CA GLN B 235 4.70 33.32 16.12
C GLN B 235 4.43 34.53 15.25
N ILE B 236 5.50 35.00 14.59
CA ILE B 236 5.44 36.10 13.65
C ILE B 236 6.32 35.76 12.45
N ARG B 237 5.76 35.90 11.25
CA ARG B 237 6.50 35.69 10.00
C ARG B 237 6.51 37.01 9.24
N SER B 238 7.59 37.76 9.39
CA SER B 238 7.74 39.02 8.69
C SER B 238 7.87 38.78 7.18
N VAL B 239 7.91 39.87 6.42
CA VAL B 239 8.08 39.78 4.98
C VAL B 239 8.81 41.03 4.46
N ARG B 240 9.93 40.82 3.78
CA ARG B 240 10.66 41.91 3.17
C ARG B 240 9.96 42.38 1.90
N PRO B 241 10.29 43.57 1.39
CA PRO B 241 9.67 44.03 0.15
C PRO B 241 9.92 43.10 -1.04
N ASP B 242 11.03 42.36 -1.04
CA ASP B 242 11.29 41.36 -2.07
C ASP B 242 10.79 39.98 -1.69
N GLN B 243 9.89 39.90 -0.69
CA GLN B 243 9.13 38.72 -0.28
C GLN B 243 9.97 37.65 0.39
N THR B 244 11.29 37.85 0.55
CA THR B 244 12.07 36.92 1.34
C THR B 244 11.86 37.21 2.83
N SER B 245 11.92 36.16 3.64
CA SER B 245 11.49 36.28 5.03
C SER B 245 12.29 35.34 5.92
N GLN B 246 12.08 35.50 7.23
CA GLN B 246 12.60 34.60 8.24
C GLN B 246 11.59 34.55 9.38
N THR B 247 11.46 33.38 10.00
CA THR B 247 10.45 33.14 11.00
C THR B 247 10.97 33.50 12.39
N ASN B 248 10.19 34.30 13.12
CA ASN B 248 10.51 34.71 14.48
C ASN B 248 9.35 34.34 15.38
N VAL B 249 9.55 33.37 16.26
CA VAL B 249 8.49 32.88 17.15
C VAL B 249 8.87 33.19 18.59
N LEU B 250 7.85 33.23 19.44
CA LEU B 250 8.02 33.47 20.87
C LEU B 250 7.50 32.28 21.65
N HIS B 251 8.32 31.76 22.55
CA HIS B 251 7.93 30.64 23.41
C HIS B 251 7.34 31.19 24.71
N TYR B 252 7.14 30.31 25.68
CA TYR B 252 6.67 30.69 27.01
C TYR B 252 7.44 29.89 28.04
N LEU B 253 7.82 30.55 29.13
CA LEU B 253 8.64 29.94 30.17
C LEU B 253 7.84 29.90 31.46
N ASN B 254 7.79 28.73 32.10
CA ASN B 254 7.06 28.59 33.35
C ASN B 254 7.71 29.37 34.49
N ASP B 255 9.00 29.67 34.39
CA ASP B 255 9.67 30.44 35.44
C ASP B 255 9.16 31.88 35.48
N GLY B 256 8.68 32.40 34.35
CA GLY B 256 8.15 33.75 34.30
C GLY B 256 8.69 34.57 33.16
N GLN B 257 9.81 34.16 32.59
CA GLN B 257 10.43 34.90 31.49
C GLN B 257 9.80 34.48 30.17
N VAL B 258 10.38 34.95 29.07
CA VAL B 258 9.90 34.66 27.73
C VAL B 258 11.04 34.93 26.76
N THR B 259 11.17 34.07 25.75
CA THR B 259 12.33 34.13 24.85
C THR B 259 11.89 33.91 23.41
N PHE B 260 12.59 34.58 22.50
CA PHE B 260 12.45 34.34 21.07
C PHE B 260 13.28 33.14 20.65
N ARG B 261 13.04 32.69 19.42
CA ARG B 261 13.93 31.74 18.75
C ARG B 261 14.12 32.20 17.31
N PHE B 262 15.35 32.07 16.83
CA PHE B 262 15.71 32.53 15.50
C PHE B 262 15.77 31.37 14.53
N SER B 263 16.18 31.64 13.29
CA SER B 263 16.24 30.62 12.26
C SER B 263 17.37 30.99 11.30
N TRP B 264 18.46 30.24 11.37
CA TRP B 264 19.60 30.40 10.47
C TRP B 264 19.77 29.11 9.67
N ARG B 265 20.90 28.99 8.98
CA ARG B 265 21.14 27.92 8.00
C ARG B 265 20.61 26.57 8.48
N LYS B 266 21.12 26.08 9.60
CA LYS B 266 20.55 24.93 10.29
C LYS B 266 20.60 25.11 11.79
N ASN B 267 20.50 26.35 12.28
CA ASN B 267 20.73 26.67 13.67
C ASN B 267 19.54 27.43 14.25
N GLU B 268 19.28 27.20 15.53
CA GLU B 268 18.26 27.91 16.28
C GLU B 268 18.92 28.72 17.39
N TYR B 269 18.48 29.96 17.57
CA TYR B 269 19.08 30.88 18.52
C TYR B 269 18.02 31.33 19.52
N LEU B 270 18.09 30.79 20.74
CA LEU B 270 17.23 31.26 21.81
C LEU B 270 17.78 32.56 22.39
N VAL B 271 16.89 33.51 22.65
CA VAL B 271 17.30 34.84 23.09
C VAL B 271 16.20 35.46 23.95
N PRO B 272 16.53 36.02 25.12
CA PRO B 272 15.50 36.70 25.92
C PRO B 272 14.95 37.92 25.19
N VAL B 273 13.74 38.31 25.57
CA VAL B 273 13.06 39.39 24.89
C VAL B 273 13.73 40.74 25.11
N VAL B 274 14.36 40.95 26.27
CA VAL B 274 14.83 42.28 26.63
C VAL B 274 16.03 42.69 25.77
N MET B 275 17.05 41.83 25.69
CA MET B 275 18.29 42.19 25.01
C MET B 275 18.10 42.46 23.52
N ILE B 276 16.93 42.15 22.95
CA ILE B 276 16.62 42.50 21.57
C ILE B 276 15.42 43.41 21.44
N LEU B 277 14.69 43.66 22.52
CA LEU B 277 13.58 44.62 22.47
C LEU B 277 14.08 46.04 22.64
N LYS B 278 14.99 46.26 23.59
CA LYS B 278 15.54 47.59 23.87
C LYS B 278 16.88 47.80 23.17
N ALA B 279 17.08 47.20 22.00
CA ALA B 279 18.34 47.30 21.28
C ALA B 279 18.23 47.96 19.92
N LEU B 280 17.03 48.25 19.44
CA LEU B 280 16.88 48.90 18.14
C LEU B 280 17.28 50.37 18.21
N CYS B 281 16.57 51.14 19.03
CA CYS B 281 16.91 52.54 19.27
C CYS B 281 16.62 52.83 20.74
N HIS B 282 16.60 54.12 21.08
CA HIS B 282 16.48 54.53 22.48
C HIS B 282 15.06 54.26 22.98
N THR B 283 14.89 53.13 23.68
CA THR B 283 13.67 52.88 24.46
C THR B 283 14.08 52.08 25.70
N SER B 284 14.40 52.81 26.77
CA SER B 284 14.61 52.23 28.09
C SER B 284 13.99 53.20 29.10
N ASP B 285 12.71 53.03 29.37
CA ASP B 285 11.97 53.94 30.24
C ASP B 285 10.60 53.31 30.51
N ARG B 286 9.72 54.07 31.16
CA ARG B 286 8.36 53.63 31.43
C ARG B 286 7.55 53.33 30.18
N GLU B 287 8.03 53.69 29.00
CA GLU B 287 7.31 53.41 27.77
C GLU B 287 7.07 51.91 27.56
N ILE B 288 7.91 51.06 28.16
CA ILE B 288 7.67 49.62 28.11
C ILE B 288 6.47 49.25 28.96
N PHE B 289 6.52 49.59 30.26
CA PHE B 289 5.39 49.31 31.14
C PHE B 289 4.16 50.10 30.74
N ASP B 290 4.34 51.27 30.11
CA ASP B 290 3.20 52.02 29.60
C ASP B 290 2.62 51.39 28.35
N GLY B 291 3.48 50.82 27.49
CA GLY B 291 2.97 50.05 26.37
C GLY B 291 2.18 48.84 26.81
N ILE B 292 2.48 48.30 27.99
CA ILE B 292 1.66 47.24 28.57
C ILE B 292 0.27 47.82 28.88
N ILE B 293 -0.73 46.94 28.91
CA ILE B 293 -2.09 47.29 29.27
C ILE B 293 -2.08 48.07 30.58
N GLY B 294 -2.66 49.28 30.56
CA GLY B 294 -2.56 50.15 31.71
C GLY B 294 -3.84 50.89 32.07
N ASN B 295 -4.98 50.45 31.53
CA ASN B 295 -6.24 51.07 31.88
C ASN B 295 -6.57 50.88 33.36
N ASP B 296 -6.07 49.79 33.96
CA ASP B 296 -6.28 49.53 35.38
C ASP B 296 -5.11 48.71 35.89
N VAL B 297 -4.71 48.96 37.13
CA VAL B 297 -3.60 48.25 37.75
C VAL B 297 -4.17 47.34 38.83
N LYS B 298 -5.43 46.94 38.66
CA LYS B 298 -6.08 46.08 39.65
C LYS B 298 -5.52 44.66 39.58
N ASP B 299 -5.54 44.06 38.39
CA ASP B 299 -5.05 42.69 38.24
C ASP B 299 -3.53 42.66 38.38
N SER B 300 -3.03 41.72 39.17
CA SER B 300 -1.61 41.60 39.44
C SER B 300 -0.93 40.53 38.59
N PHE B 301 -1.68 39.82 37.75
CA PHE B 301 -1.06 38.92 36.78
C PHE B 301 -0.13 39.67 35.84
N LEU B 302 -0.30 40.98 35.72
CA LEU B 302 0.66 41.83 35.02
C LEU B 302 1.87 42.12 35.88
N THR B 303 1.65 42.41 37.16
CA THR B 303 2.73 42.86 38.03
C THR B 303 3.75 41.76 38.27
N ASP B 304 3.28 40.55 38.61
CA ASP B 304 4.21 39.47 38.94
C ASP B 304 5.02 39.03 37.73
N ARG B 305 4.42 39.08 36.54
CA ARG B 305 5.14 38.66 35.33
C ARG B 305 6.08 39.74 34.85
N LEU B 306 5.67 41.00 34.91
CA LEU B 306 6.52 42.08 34.43
C LEU B 306 7.69 42.31 35.37
N GLU B 307 7.45 42.28 36.68
CA GLU B 307 8.53 42.44 37.64
C GLU B 307 9.53 41.28 37.53
N LEU B 308 9.03 40.05 37.39
CA LEU B 308 9.91 38.90 37.24
C LEU B 308 10.67 38.95 35.92
N LEU B 309 10.07 39.55 34.89
CA LEU B 309 10.74 39.65 33.60
C LEU B 309 11.91 40.63 33.66
N LEU B 310 11.65 41.83 34.16
CA LEU B 310 12.73 42.82 34.25
C LEU B 310 13.76 42.41 35.29
N ARG B 311 13.31 41.83 36.40
CA ARG B 311 14.25 41.31 37.39
C ARG B 311 15.13 40.23 36.77
N GLY B 312 14.58 39.45 35.85
CA GLY B 312 15.38 38.46 35.13
C GLY B 312 16.33 39.05 34.12
N PHE B 313 16.18 40.33 33.79
CA PHE B 313 17.13 41.03 32.94
C PHE B 313 18.21 41.74 33.76
N LYS B 314 17.86 42.24 34.94
CA LYS B 314 18.83 42.91 35.79
C LYS B 314 19.73 41.93 36.53
N LYS B 315 19.24 40.71 36.80
CA LYS B 315 20.03 39.72 37.52
C LYS B 315 21.17 39.16 36.67
N ARG B 316 21.07 39.26 35.34
CA ARG B 316 22.07 38.66 34.46
C ARG B 316 23.26 39.59 34.25
N TYR B 317 23.01 40.81 33.76
CA TYR B 317 24.07 41.76 33.47
C TYR B 317 23.66 43.13 33.99
N PRO B 318 23.99 43.46 35.23
CA PRO B 318 23.60 44.76 35.79
C PRO B 318 24.28 45.94 35.11
N HIS B 319 25.36 45.72 34.36
CA HIS B 319 26.06 46.79 33.67
C HIS B 319 25.57 46.99 32.24
N LEU B 320 24.33 46.62 31.95
CA LEU B 320 23.72 46.77 30.62
C LEU B 320 22.44 47.59 30.81
N GLN B 321 22.52 48.88 30.49
CA GLN B 321 21.41 49.80 30.76
C GLN B 321 20.89 50.54 29.55
N ASN B 322 21.72 50.75 28.53
CA ASN B 322 21.31 51.53 27.36
C ASN B 322 21.46 50.70 26.09
N ARG B 323 20.65 51.05 25.09
CA ARG B 323 20.65 50.33 23.82
C ARG B 323 22.01 50.36 23.13
N THR B 324 22.86 51.33 23.45
CA THR B 324 24.20 51.36 22.87
C THR B 324 25.02 50.14 23.32
N GLN B 325 25.13 49.96 24.64
CA GLN B 325 25.89 48.82 25.15
C GLN B 325 25.20 47.49 24.86
N VAL B 326 23.86 47.50 24.82
CA VAL B 326 23.13 46.30 24.45
C VAL B 326 23.45 45.91 23.01
N LEU B 327 23.52 46.90 22.12
CA LEU B 327 23.87 46.63 20.73
C LEU B 327 25.32 46.21 20.61
N GLN B 328 26.19 46.70 21.49
CA GLN B 328 27.58 46.26 21.50
C GLN B 328 27.68 44.78 21.86
N TYR B 329 26.90 44.34 22.85
CA TYR B 329 26.94 42.94 23.24
C TYR B 329 26.32 42.04 22.18
N LEU B 330 25.28 42.53 21.49
CA LEU B 330 24.69 41.77 20.40
C LEU B 330 25.70 41.58 19.27
N GLY B 331 26.32 42.68 18.83
CA GLY B 331 27.35 42.57 17.81
C GLY B 331 28.55 41.76 18.25
N ASP B 332 28.81 41.70 19.56
CA ASP B 332 29.94 40.94 20.06
C ASP B 332 29.67 39.45 20.00
N LYS B 333 28.50 39.01 20.50
CA LYS B 333 28.17 37.60 20.48
C LYS B 333 27.87 37.11 19.06
N PHE B 334 27.26 37.96 18.23
CA PHE B 334 26.92 37.62 16.85
C PHE B 334 27.90 38.23 15.85
N ARG B 335 29.18 38.28 16.20
CA ARG B 335 30.17 38.90 15.32
C ARG B 335 30.52 38.00 14.15
N VAL B 336 30.62 36.69 14.39
CA VAL B 336 31.13 35.77 13.38
C VAL B 336 30.08 34.76 12.98
N VAL B 337 28.81 35.17 13.02
CA VAL B 337 27.71 34.30 12.60
C VAL B 337 27.27 34.59 11.18
N PHE B 338 27.21 35.86 10.79
CA PHE B 338 26.81 36.25 9.44
C PHE B 338 27.99 36.59 8.54
N GLN B 339 29.21 36.29 8.99
CA GLN B 339 30.43 36.58 8.23
C GLN B 339 30.55 38.07 7.92
N ALA B 340 30.31 38.89 8.93
CA ALA B 340 30.45 40.34 8.82
C ALA B 340 31.68 40.75 9.62
N SER B 341 32.81 40.92 8.91
CA SER B 341 34.09 41.19 9.54
C SER B 341 35.03 41.76 8.48
N PRO B 342 36.12 42.43 8.90
CA PRO B 342 36.47 42.80 10.27
C PRO B 342 36.19 44.27 10.63
N ASP B 343 36.09 45.14 9.62
CA ASP B 343 35.89 46.57 9.90
C ASP B 343 34.50 46.87 10.43
N GLN B 344 33.52 46.01 10.16
CA GLN B 344 32.18 46.21 10.69
C GLN B 344 32.18 45.88 12.18
N SER B 345 32.34 46.90 13.01
CA SER B 345 32.40 46.70 14.45
C SER B 345 31.03 46.31 14.99
N ASP B 346 30.97 46.09 16.30
CA ASP B 346 29.72 45.65 16.94
C ASP B 346 28.58 46.63 16.70
N LEU B 347 28.89 47.92 16.58
CA LEU B 347 27.82 48.90 16.34
C LEU B 347 27.26 48.82 14.94
N GLU B 348 28.00 48.23 14.00
CA GLU B 348 27.52 48.00 12.64
C GLU B 348 26.91 46.62 12.46
N VAL B 349 27.64 45.56 12.84
CA VAL B 349 27.12 44.21 12.68
C VAL B 349 25.93 43.98 13.62
N GLY B 350 25.92 44.65 14.77
CA GLY B 350 24.79 44.48 15.68
C GLY B 350 23.49 45.00 15.09
N GLN B 351 23.50 46.23 14.59
CA GLN B 351 22.31 46.78 13.94
C GLN B 351 22.00 46.07 12.64
N GLU B 352 23.03 45.57 11.94
CA GLU B 352 22.81 44.87 10.68
C GLU B 352 22.07 43.56 10.90
N VAL B 353 22.60 42.69 11.77
CA VAL B 353 21.96 41.41 12.01
C VAL B 353 20.62 41.62 12.73
N LEU B 354 20.48 42.71 13.48
CA LEU B 354 19.23 42.96 14.19
C LEU B 354 18.10 43.28 13.22
N ASP B 355 18.29 44.32 12.40
CA ASP B 355 17.26 44.71 11.44
C ASP B 355 16.93 43.60 10.45
N ARG B 356 17.81 42.60 10.32
CA ARG B 356 17.56 41.47 9.43
C ARG B 356 16.95 40.27 10.14
N ILE B 357 16.85 40.29 11.47
CA ILE B 357 16.46 39.12 12.24
C ILE B 357 15.11 39.29 12.92
N VAL B 358 14.77 40.49 13.37
CA VAL B 358 13.57 40.72 14.18
C VAL B 358 12.57 41.53 13.37
N LEU B 359 11.48 40.88 12.97
CA LEU B 359 10.36 41.48 12.23
C LEU B 359 10.84 42.45 11.16
N VAL B 360 11.62 41.90 10.22
CA VAL B 360 12.18 42.68 9.12
C VAL B 360 11.12 43.36 8.26
N HIS B 361 9.85 42.96 8.39
CA HIS B 361 8.79 43.54 7.58
C HIS B 361 8.61 45.03 7.84
N LEU B 362 9.07 45.53 8.99
CA LEU B 362 9.03 46.97 9.24
C LEU B 362 10.02 47.74 8.38
N GLY B 363 11.03 47.06 7.82
CA GLY B 363 12.01 47.71 6.98
C GLY B 363 12.94 48.62 7.78
N LYS B 364 13.82 49.29 7.05
CA LYS B 364 14.74 50.22 7.66
C LYS B 364 13.98 51.39 8.28
N ASP B 365 14.55 51.96 9.34
CA ASP B 365 13.98 53.06 10.11
C ASP B 365 12.65 52.68 10.76
N GLY B 366 12.30 51.40 10.78
CA GLY B 366 11.07 50.95 11.41
C GLY B 366 11.09 50.92 12.92
N SER B 367 12.18 51.36 13.54
CA SER B 367 12.30 51.35 15.00
C SER B 367 11.41 52.40 15.66
N GLN B 368 10.70 53.23 14.89
CA GLN B 368 9.80 54.20 15.49
C GLN B 368 8.64 53.51 16.20
N ASP B 369 8.02 52.53 15.53
CA ASP B 369 6.95 51.75 16.12
C ASP B 369 7.26 50.27 16.19
N LYS B 370 8.53 49.88 16.01
CA LYS B 370 8.89 48.47 16.11
C LYS B 370 8.65 47.93 17.51
N PHE B 371 8.97 48.73 18.53
CA PHE B 371 8.68 48.30 19.90
C PHE B 371 7.18 48.21 20.15
N ARG B 372 6.40 49.06 19.50
CA ARG B 372 4.95 49.03 19.66
C ARG B 372 4.35 47.79 19.02
N MET B 373 4.88 47.36 17.88
CA MET B 373 4.41 46.14 17.23
C MET B 373 4.89 44.90 17.97
N LEU B 374 6.14 44.93 18.44
CA LEU B 374 6.68 43.79 19.17
C LEU B 374 6.05 43.67 20.55
N LEU B 375 5.82 44.79 21.22
CA LEU B 375 5.12 44.76 22.50
C LEU B 375 3.70 44.25 22.33
N PHE B 376 3.02 44.66 21.26
CA PHE B 376 1.70 44.12 20.98
C PHE B 376 1.75 42.62 20.71
N MET B 377 2.86 42.13 20.17
CA MET B 377 3.03 40.69 19.96
C MET B 377 3.15 39.96 21.29
N ILE B 378 4.05 40.42 22.17
CA ILE B 378 4.25 39.75 23.44
C ILE B 378 3.07 39.98 24.37
N ARG B 379 2.39 41.14 24.24
CA ARG B 379 1.20 41.37 25.06
C ARG B 379 0.05 40.47 24.65
N LYS B 380 -0.02 40.11 23.36
CA LYS B 380 -0.98 39.09 22.95
C LYS B 380 -0.60 37.71 23.48
N LEU B 381 0.69 37.49 23.75
CA LEU B 381 1.11 36.26 24.40
C LEU B 381 0.61 36.22 25.85
N TYR B 382 0.78 37.33 26.57
CA TYR B 382 0.22 37.41 27.92
C TYR B 382 -1.30 37.28 27.90
N SER B 383 -1.94 37.87 26.89
CA SER B 383 -3.37 37.69 26.71
C SER B 383 -3.72 36.26 26.32
N LEU B 384 -2.77 35.53 25.73
CA LEU B 384 -2.99 34.13 25.38
C LEU B 384 -2.83 33.21 26.59
N VAL B 385 -1.93 33.56 27.52
CA VAL B 385 -1.72 32.74 28.71
C VAL B 385 -2.66 33.09 29.84
N ALA B 386 -3.22 34.30 29.85
CA ALA B 386 -4.16 34.68 30.90
C ALA B 386 -5.52 33.98 30.74
N GLY B 387 -5.78 33.40 29.57
CA GLY B 387 -6.99 32.63 29.35
C GLY B 387 -8.20 33.43 28.92
N GLU B 388 -8.04 34.26 27.88
CA GLU B 388 -9.18 34.95 27.28
C GLU B 388 -9.10 34.97 25.76
N CYS B 389 -8.14 34.28 25.16
CA CYS B 389 -7.99 34.24 23.71
C CYS B 389 -7.89 32.79 23.27
N SER B 390 -8.85 32.35 22.44
CA SER B 390 -8.84 30.98 21.96
C SER B 390 -7.70 30.79 20.96
N PRO B 391 -7.01 29.65 21.01
CA PRO B 391 -5.91 29.42 20.06
C PRO B 391 -6.42 29.24 18.64
N ASP B 392 -5.57 29.62 17.69
CA ASP B 392 -5.88 29.48 16.27
C ASP B 392 -5.47 28.09 15.79
N ASN B 393 -5.53 27.86 14.48
CA ASN B 393 -5.17 26.58 13.90
C ASN B 393 -4.15 26.78 12.79
N PRO B 394 -3.12 25.94 12.73
CA PRO B 394 -2.11 26.07 11.65
C PRO B 394 -2.60 25.58 10.31
N ASP B 395 -3.80 25.00 10.23
CA ASP B 395 -4.34 24.50 8.98
C ASP B 395 -5.65 25.18 8.56
N ALA B 396 -6.21 26.06 9.40
CA ALA B 396 -7.45 26.73 9.08
C ALA B 396 -7.21 27.86 8.09
N THR B 397 -8.28 28.24 7.40
CA THR B 397 -8.21 29.33 6.43
C THR B 397 -8.13 30.71 7.08
N GLN B 398 -8.12 30.77 8.42
CA GLN B 398 -7.98 32.06 9.09
C GLN B 398 -6.62 32.69 8.79
N HIS B 399 -5.59 31.87 8.64
CA HIS B 399 -4.23 32.32 8.38
C HIS B 399 -3.63 31.53 7.22
N GLN B 400 -4.39 31.39 6.14
CA GLN B 400 -3.98 30.61 4.97
C GLN B 400 -3.44 31.57 3.92
N GLU B 401 -2.14 31.49 3.66
CA GLU B 401 -1.48 32.29 2.64
C GLU B 401 -0.95 31.39 1.54
N VAL B 402 -0.94 31.92 0.32
CA VAL B 402 -0.67 31.13 -0.88
C VAL B 402 0.46 31.78 -1.66
N LEU B 403 1.64 31.13 -1.66
CA LEU B 403 2.76 31.58 -2.47
C LEU B 403 2.61 31.02 -3.88
N LEU B 404 2.43 31.91 -4.86
CA LEU B 404 2.08 31.54 -6.24
C LEU B 404 3.21 30.85 -7.00
N GLY B 405 4.34 30.51 -6.39
CA GLY B 405 5.42 29.85 -7.11
C GLY B 405 6.39 30.76 -7.81
N GLY B 406 5.87 31.71 -8.59
CA GLY B 406 6.75 32.68 -9.25
C GLY B 406 7.44 33.58 -8.24
N PHE B 407 6.75 33.92 -7.14
CA PHE B 407 7.39 34.69 -6.07
C PHE B 407 8.46 33.86 -5.39
N LEU B 408 8.20 32.56 -5.18
CA LEU B 408 9.24 31.69 -4.64
C LEU B 408 10.43 31.60 -5.59
N TYR B 409 10.17 31.63 -6.89
CA TYR B 409 11.26 31.63 -7.87
C TYR B 409 12.11 32.89 -7.74
N GLY B 410 11.47 34.04 -7.54
CA GLY B 410 12.22 35.26 -7.33
C GLY B 410 13.00 35.27 -6.03
N MET B 411 12.43 34.65 -4.98
CA MET B 411 13.15 34.54 -3.71
C MET B 411 14.35 33.62 -3.85
N ILE B 412 14.23 32.56 -4.65
CA ILE B 412 15.38 31.69 -4.91
C ILE B 412 16.45 32.42 -5.70
N LEU B 413 16.04 33.29 -6.63
CA LEU B 413 17.01 34.11 -7.36
C LEU B 413 17.77 35.03 -6.42
N LYS B 414 17.04 35.76 -5.57
CA LYS B 414 17.67 36.65 -4.61
C LYS B 414 18.59 35.89 -3.67
N GLU B 415 18.19 34.68 -3.26
CA GLU B 415 19.01 33.90 -2.34
C GLU B 415 20.24 33.34 -3.04
N LYS B 416 20.07 32.77 -4.23
CA LYS B 416 21.15 32.10 -4.93
C LYS B 416 21.94 33.02 -5.84
N ILE B 417 21.77 34.33 -5.71
CA ILE B 417 22.66 35.27 -6.37
C ILE B 417 23.84 35.63 -5.46
N ASP B 418 23.62 35.69 -4.14
CA ASP B 418 24.68 36.03 -3.21
C ASP B 418 25.79 34.99 -3.17
N GLU B 419 25.53 33.77 -3.65
CA GLU B 419 26.59 32.76 -3.69
C GLU B 419 27.72 33.19 -4.62
N TYR B 420 27.41 33.95 -5.67
CA TYR B 420 28.46 34.54 -6.49
C TYR B 420 29.26 35.56 -5.68
N LEU B 421 28.59 36.33 -4.82
CA LEU B 421 29.29 37.26 -3.96
C LEU B 421 30.14 36.52 -2.93
N GLN B 422 29.62 35.40 -2.41
CA GLN B 422 30.40 34.59 -1.48
C GLN B 422 31.58 33.93 -2.17
N ASN B 423 31.47 33.65 -3.48
CA ASN B 423 32.54 32.96 -4.18
C ASN B 423 33.64 33.92 -4.64
N ILE B 424 33.30 35.19 -4.86
CA ILE B 424 34.34 36.14 -5.25
C ILE B 424 35.10 36.65 -4.04
N ILE B 425 34.44 36.81 -2.89
CA ILE B 425 35.17 37.19 -1.68
C ILE B 425 36.00 36.01 -1.18
N ALA B 426 35.53 34.77 -1.41
CA ALA B 426 36.34 33.61 -1.08
C ALA B 426 37.50 33.47 -2.06
N GLN B 427 37.32 33.89 -3.30
CA GLN B 427 38.41 33.85 -4.26
C GLN B 427 39.48 34.89 -3.93
N VAL B 428 39.07 36.07 -3.45
CA VAL B 428 40.03 37.09 -3.06
C VAL B 428 40.82 36.65 -1.85
N ARG B 429 40.13 36.19 -0.80
CA ARG B 429 40.81 35.74 0.40
C ARG B 429 41.55 34.42 0.19
N MET B 430 41.29 33.71 -0.91
CA MET B 430 42.10 32.54 -1.22
C MET B 430 43.36 32.94 -1.97
N ASP B 431 43.27 33.94 -2.86
CA ASP B 431 44.45 34.40 -3.57
C ASP B 431 45.39 35.16 -2.65
N ILE B 432 44.87 35.77 -1.58
CA ILE B 432 45.72 36.48 -0.64
C ILE B 432 46.52 35.52 0.24
N ASN B 433 46.08 34.26 0.32
CA ASN B 433 46.83 33.27 1.10
C ASN B 433 48.13 32.90 0.38
N ARG B 434 48.05 32.62 -0.92
CA ARG B 434 49.23 32.29 -1.71
C ARG B 434 50.02 33.52 -2.14
N GLY B 435 49.60 34.71 -1.72
CA GLY B 435 50.28 35.94 -2.10
C GLY B 435 50.17 36.18 -3.60
N MET B 436 51.14 36.96 -4.09
CA MET B 436 51.23 37.33 -5.51
C MET B 436 49.96 38.03 -5.99
N ALA B 437 49.27 38.73 -5.09
CA ALA B 437 48.03 39.43 -5.41
C ALA B 437 48.35 40.92 -5.51
N ILE B 438 48.52 41.41 -6.73
CA ILE B 438 48.82 42.82 -6.98
C ILE B 438 47.58 43.65 -6.68
N ASN B 439 47.75 44.97 -6.62
CA ASN B 439 46.65 45.87 -6.27
C ASN B 439 45.46 45.67 -7.21
N PHE B 440 44.27 45.68 -6.63
CA PHE B 440 43.03 45.41 -7.36
C PHE B 440 42.51 46.63 -8.13
N LYS B 441 43.32 47.67 -8.28
CA LYS B 441 42.92 48.85 -9.04
C LYS B 441 43.10 48.69 -10.54
N ASP B 442 43.40 47.48 -11.00
CA ASP B 442 43.64 47.22 -12.42
C ASP B 442 42.45 46.47 -13.00
N LYS B 443 42.04 46.85 -14.21
CA LYS B 443 40.89 46.21 -14.84
C LYS B 443 41.23 44.79 -15.27
N ARG B 444 42.47 44.54 -15.68
CA ARG B 444 42.87 43.18 -16.06
C ARG B 444 42.97 42.28 -14.83
N TYR B 445 43.28 42.85 -13.66
CA TYR B 445 43.22 42.07 -12.44
C TYR B 445 41.77 41.76 -12.06
N MET B 446 40.87 42.72 -12.28
CA MET B 446 39.45 42.44 -12.10
C MET B 446 38.98 41.34 -13.02
N SER B 447 39.53 41.26 -14.24
CA SER B 447 39.13 40.22 -15.18
C SER B 447 39.71 38.86 -14.79
N ARG B 448 40.98 38.82 -14.37
CA ARG B 448 41.59 37.54 -14.00
C ARG B 448 40.98 36.98 -12.72
N VAL B 449 40.40 37.84 -11.88
CA VAL B 449 39.69 37.37 -10.69
C VAL B 449 38.21 37.15 -10.96
N LEU B 450 37.67 37.69 -12.05
CA LEU B 450 36.27 37.49 -12.41
C LEU B 450 36.05 36.24 -13.24
N MET B 451 37.09 35.70 -13.86
CA MET B 451 36.99 34.47 -14.63
C MET B 451 37.17 33.22 -13.79
N ARG B 452 37.80 33.34 -12.61
CA ARG B 452 37.97 32.18 -11.74
C ARG B 452 36.66 31.78 -11.09
N VAL B 453 35.79 32.73 -10.80
CA VAL B 453 34.51 32.45 -10.15
C VAL B 453 33.52 31.92 -11.17
N ASN B 454 32.69 30.98 -10.74
CA ASN B 454 31.65 30.44 -11.62
C ASN B 454 30.62 31.51 -11.96
N GLU B 455 30.05 31.40 -13.17
CA GLU B 455 29.09 32.38 -13.64
C GLU B 455 27.84 31.75 -14.24
N ASN B 456 27.76 30.42 -14.30
CA ASN B 456 26.62 29.73 -14.91
C ASN B 456 25.56 29.52 -13.84
N ILE B 457 24.52 30.37 -13.86
CA ILE B 457 23.40 30.27 -12.93
C ILE B 457 22.26 29.55 -13.63
N GLY B 458 22.17 29.74 -14.95
CA GLY B 458 21.11 29.10 -15.72
C GLY B 458 21.05 27.60 -15.52
N SER B 459 22.21 26.94 -15.49
CA SER B 459 22.23 25.50 -15.26
C SER B 459 21.83 25.17 -13.82
N LYS B 460 22.07 26.08 -12.88
CA LYS B 460 21.66 25.85 -11.50
C LYS B 460 20.14 25.93 -11.36
N MET B 461 19.54 26.96 -11.97
CA MET B 461 18.09 27.06 -11.97
C MET B 461 17.47 25.91 -12.76
N GLN B 462 18.10 25.51 -13.87
CA GLN B 462 17.62 24.36 -14.62
C GLN B 462 17.70 23.09 -13.81
N TYR B 463 18.67 22.99 -12.90
CA TYR B 463 18.79 21.80 -12.05
C TYR B 463 17.71 21.80 -10.97
N PHE B 464 17.38 22.97 -10.43
CA PHE B 464 16.33 23.05 -9.41
C PHE B 464 14.98 22.66 -9.99
N LEU B 465 14.64 23.20 -11.17
CA LEU B 465 13.36 22.84 -11.79
C LEU B 465 13.35 21.39 -12.23
N SER B 466 14.49 20.88 -12.69
CA SER B 466 14.54 19.50 -13.20
C SER B 466 14.32 18.49 -12.08
N THR B 467 15.16 18.51 -11.05
CA THR B 467 15.03 17.54 -9.97
C THR B 467 13.81 17.85 -9.11
N GLY B 468 13.69 19.08 -8.64
CA GLY B 468 12.55 19.48 -7.83
C GLY B 468 12.95 20.08 -6.49
N ASN B 469 13.99 19.54 -5.87
CA ASN B 469 14.48 20.07 -4.61
C ASN B 469 15.35 21.30 -4.83
N LEU B 470 15.39 22.16 -3.83
CA LEU B 470 16.17 23.40 -3.90
C LEU B 470 17.49 23.22 -3.17
N VAL B 471 18.55 23.80 -3.73
CA VAL B 471 19.85 23.86 -3.08
C VAL B 471 19.97 25.26 -2.47
N SER B 472 19.49 25.39 -1.23
CA SER B 472 19.48 26.67 -0.53
C SER B 472 20.61 26.67 0.49
N GLN B 473 21.56 27.58 0.31
CA GLN B 473 22.69 27.66 1.22
C GLN B 473 22.24 28.12 2.62
N SER B 474 21.21 28.95 2.69
CA SER B 474 20.72 29.46 3.96
C SER B 474 19.39 28.86 4.40
N GLY B 475 18.65 28.24 3.49
CA GLY B 475 17.36 27.66 3.84
C GLY B 475 16.22 28.65 3.73
N LEU B 476 15.02 28.10 3.57
CA LEU B 476 13.81 28.90 3.41
C LEU B 476 12.89 28.64 4.60
N ASP B 477 11.86 29.49 4.73
CA ASP B 477 10.97 29.42 5.88
C ASP B 477 10.27 28.08 5.97
N LEU B 478 9.84 27.53 4.85
CA LEU B 478 9.09 26.28 4.87
C LEU B 478 9.96 25.12 5.32
N GLN B 479 9.33 24.10 5.88
CA GLN B 479 10.07 22.99 6.46
C GLN B 479 10.48 21.96 5.40
N GLN B 480 9.56 21.63 4.50
CA GLN B 480 9.86 20.63 3.47
C GLN B 480 10.93 21.14 2.52
N VAL B 481 11.69 20.21 1.95
CA VAL B 481 12.79 20.55 1.05
C VAL B 481 12.56 19.86 -0.28
N SER B 482 11.36 19.32 -0.48
CA SER B 482 11.04 18.58 -1.70
C SER B 482 9.58 18.84 -2.07
N GLY B 483 9.16 18.25 -3.18
CA GLY B 483 7.81 18.42 -3.67
C GLY B 483 7.46 19.84 -4.07
N TYR B 484 8.16 20.36 -5.08
CA TYR B 484 7.98 21.74 -5.51
C TYR B 484 7.55 21.89 -6.96
N THR B 485 7.74 20.87 -7.80
CA THR B 485 7.39 20.97 -9.21
C THR B 485 6.75 19.67 -9.67
N VAL B 486 5.90 19.77 -10.69
CA VAL B 486 5.24 18.63 -11.30
C VAL B 486 5.29 18.78 -12.82
N VAL B 487 5.10 17.66 -13.50
CA VAL B 487 5.09 17.62 -14.97
C VAL B 487 3.68 17.28 -15.42
N ALA B 488 3.09 18.17 -16.22
CA ALA B 488 1.77 17.96 -16.78
C ALA B 488 1.91 17.31 -18.14
N GLU B 489 1.59 16.03 -18.23
CA GLU B 489 1.76 15.27 -19.46
C GLU B 489 0.81 15.68 -20.57
N LYS B 490 -0.03 16.70 -20.35
CA LYS B 490 -0.96 17.20 -21.36
C LYS B 490 -1.89 16.10 -21.86
N ILE B 491 -2.70 15.59 -20.94
CA ILE B 491 -3.68 14.55 -21.23
C ILE B 491 -5.10 15.10 -21.21
N ASN B 492 -5.40 16.04 -20.30
CA ASN B 492 -6.73 16.60 -20.18
C ASN B 492 -6.64 18.09 -19.95
N PHE B 493 -7.53 18.85 -20.59
CA PHE B 493 -7.56 20.30 -20.38
C PHE B 493 -7.99 20.63 -18.95
N TYR B 494 -8.83 19.79 -18.36
CA TYR B 494 -9.20 19.97 -16.96
C TYR B 494 -7.99 19.83 -16.05
N ARG B 495 -7.11 18.87 -16.36
CA ARG B 495 -5.87 18.74 -15.60
C ARG B 495 -4.95 19.92 -15.81
N PHE B 496 -5.03 20.58 -16.96
CA PHE B 496 -4.16 21.72 -17.25
C PHE B 496 -4.56 22.92 -16.41
N ILE B 497 -5.87 23.20 -16.31
CA ILE B 497 -6.35 24.32 -15.51
C ILE B 497 -6.19 24.02 -14.03
N SER B 498 -6.51 22.78 -13.62
CA SER B 498 -6.39 22.42 -12.22
C SER B 498 -4.94 22.40 -11.76
N HIS B 499 -4.00 22.08 -12.66
CA HIS B 499 -2.59 22.13 -12.30
C HIS B 499 -2.09 23.56 -12.17
N PHE B 500 -2.71 24.49 -12.88
CA PHE B 500 -2.33 25.89 -12.78
C PHE B 500 -2.93 26.59 -11.56
N ARG B 501 -3.69 25.87 -10.73
CA ARG B 501 -4.26 26.45 -9.51
C ARG B 501 -4.15 25.48 -8.34
N MET B 502 -3.18 24.56 -8.39
CA MET B 502 -3.03 23.57 -7.33
C MET B 502 -2.80 24.25 -5.98
N VAL B 503 -3.34 23.64 -4.92
CA VAL B 503 -3.16 24.12 -3.55
C VAL B 503 -2.77 22.90 -2.72
N HIS B 504 -1.47 22.70 -2.54
CA HIS B 504 -0.95 21.56 -1.81
C HIS B 504 -0.60 21.98 -0.38
N ARG B 505 -1.09 21.19 0.59
CA ARG B 505 -0.84 21.53 1.99
C ARG B 505 0.63 21.38 2.34
N GLY B 506 1.32 20.40 1.76
CA GLY B 506 2.72 20.20 2.04
C GLY B 506 3.11 18.74 2.17
N SER B 507 4.22 18.36 1.54
CA SER B 507 4.71 16.98 1.65
C SER B 507 5.16 16.65 3.06
N PHE B 508 5.44 17.67 3.89
CA PHE B 508 5.83 17.41 5.28
C PHE B 508 4.67 16.81 6.08
N PHE B 509 3.43 17.09 5.69
CA PHE B 509 2.25 16.57 6.36
C PHE B 509 1.83 15.21 5.82
N ALA B 510 2.67 14.56 5.01
CA ALA B 510 2.34 13.24 4.50
C ALA B 510 2.58 12.14 5.53
N GLN B 511 3.43 12.36 6.52
CA GLN B 511 3.69 11.41 7.58
C GLN B 511 2.98 11.77 8.88
N LEU B 512 2.28 12.90 8.92
CA LEU B 512 1.55 13.31 10.10
C LEU B 512 0.34 12.41 10.33
N LYS B 513 0.04 12.15 11.60
CA LYS B 513 -0.93 11.11 11.96
C LYS B 513 -2.36 11.65 12.07
N THR B 514 -2.57 12.64 12.93
CA THR B 514 -3.93 13.10 13.21
C THR B 514 -4.58 13.69 11.97
N THR B 515 -5.88 13.44 11.82
CA THR B 515 -6.64 13.85 10.64
C THR B 515 -7.25 15.24 10.80
N THR B 516 -6.70 16.07 11.66
CA THR B 516 -7.22 17.43 11.81
C THR B 516 -6.99 18.26 10.57
N VAL B 517 -5.96 17.95 9.79
CA VAL B 517 -5.71 18.65 8.53
C VAL B 517 -6.41 17.96 7.36
N ARG B 518 -6.63 16.64 7.46
CA ARG B 518 -7.34 15.93 6.41
C ARG B 518 -8.78 16.41 6.29
N LYS B 519 -9.45 16.61 7.43
CA LYS B 519 -10.81 17.11 7.43
C LYS B 519 -10.84 18.58 7.01
N LEU B 520 -12.02 19.04 6.59
CA LEU B 520 -12.21 20.41 6.16
C LEU B 520 -12.80 21.24 7.30
N LEU B 521 -13.05 22.51 7.00
CA LEU B 521 -13.62 23.45 7.96
C LEU B 521 -14.61 24.35 7.25
N PRO B 522 -15.69 24.75 7.93
CA PRO B 522 -16.67 25.62 7.28
C PRO B 522 -16.12 26.97 6.86
N GLU B 523 -14.98 27.39 7.43
CA GLU B 523 -14.39 28.65 7.03
C GLU B 523 -13.86 28.63 5.60
N SER B 524 -13.74 27.44 5.00
CA SER B 524 -13.32 27.30 3.62
C SER B 524 -14.44 27.58 2.63
N TRP B 525 -15.56 28.13 3.08
CA TRP B 525 -16.69 28.41 2.20
C TRP B 525 -16.32 29.43 1.14
N GLY B 526 -16.38 29.02 -0.13
CA GLY B 526 -16.13 29.91 -1.24
C GLY B 526 -14.70 30.35 -1.41
N PHE B 527 -13.75 29.72 -0.72
CA PHE B 527 -12.34 30.04 -0.86
C PHE B 527 -11.56 28.93 -1.56
N LEU B 528 -11.67 27.69 -1.07
CA LEU B 528 -11.14 26.51 -1.73
C LEU B 528 -12.26 25.50 -1.88
N CYS B 529 -12.33 24.88 -3.05
CA CYS B 529 -13.44 23.99 -3.37
C CYS B 529 -13.45 22.77 -2.46
N PRO B 530 -14.52 22.55 -1.69
CA PRO B 530 -14.62 21.33 -0.87
C PRO B 530 -15.03 20.09 -1.64
N VAL B 531 -15.02 20.13 -2.97
CA VAL B 531 -15.43 19.01 -3.80
C VAL B 531 -14.26 18.41 -4.56
N HIS B 532 -13.39 19.25 -5.12
CA HIS B 532 -12.26 18.76 -5.92
C HIS B 532 -11.18 18.25 -4.99
N THR B 533 -11.09 16.93 -4.85
CA THR B 533 -10.11 16.29 -3.98
C THR B 533 -9.90 14.84 -4.40
N PRO B 534 -8.65 14.40 -4.58
CA PRO B 534 -8.41 13.02 -5.01
C PRO B 534 -8.72 12.00 -3.92
N ASP B 535 -8.50 10.73 -4.22
CA ASP B 535 -8.74 9.63 -3.29
C ASP B 535 -7.42 9.02 -2.84
N GLY B 536 -7.46 8.39 -1.67
CA GLY B 536 -6.28 7.74 -1.12
C GLY B 536 -5.51 8.61 -0.15
N SER B 537 -4.19 8.62 -0.29
CA SER B 537 -3.31 9.41 0.59
C SER B 537 -3.41 10.91 0.35
N PRO B 538 -3.56 11.42 -0.90
CA PRO B 538 -3.64 12.88 -1.08
C PRO B 538 -4.97 13.47 -0.66
N CYS B 539 -5.82 12.69 0.02
CA CYS B 539 -7.09 13.20 0.50
C CYS B 539 -6.89 14.34 1.49
N GLY B 540 -7.55 15.47 1.23
CA GLY B 540 -7.43 16.64 2.07
C GLY B 540 -6.10 17.36 1.99
N LEU B 541 -5.12 16.83 1.26
CA LEU B 541 -3.84 17.51 1.10
C LEU B 541 -3.92 18.60 0.04
N LEU B 542 -4.27 18.22 -1.19
CA LEU B 542 -4.33 19.14 -2.31
C LEU B 542 -5.77 19.35 -2.75
N ASN B 543 -6.17 20.61 -2.87
CA ASN B 543 -7.51 20.95 -3.34
C ASN B 543 -7.43 22.38 -3.91
N HIS B 544 -7.62 22.51 -5.21
CA HIS B 544 -7.30 23.76 -5.90
C HIS B 544 -8.24 24.89 -5.47
N PHE B 545 -7.99 26.07 -6.03
CA PHE B 545 -8.71 27.27 -5.64
C PHE B 545 -10.17 27.20 -6.08
N ALA B 546 -10.92 28.25 -5.75
CA ALA B 546 -12.34 28.31 -6.05
C ALA B 546 -12.55 28.64 -7.54
N HIS B 547 -13.81 28.85 -7.92
CA HIS B 547 -14.13 29.07 -9.33
C HIS B 547 -13.71 30.47 -9.78
N LYS B 548 -14.27 31.51 -9.17
CA LYS B 548 -14.01 32.88 -9.58
C LYS B 548 -13.21 33.64 -8.53
N CYS B 549 -12.49 32.93 -7.66
CA CYS B 549 -11.68 33.59 -6.65
C CYS B 549 -10.46 34.26 -7.27
N ARG B 550 -10.07 35.39 -6.71
CA ARG B 550 -8.94 36.16 -7.21
C ARG B 550 -7.75 36.03 -6.26
N ILE B 551 -6.58 36.41 -6.78
CA ILE B 551 -5.33 36.39 -6.01
C ILE B 551 -4.60 37.69 -6.30
N SER B 552 -4.52 38.58 -5.32
CA SER B 552 -3.80 39.83 -5.47
C SER B 552 -2.31 39.55 -5.59
N THR B 553 -1.73 39.87 -6.75
CA THR B 553 -0.33 39.59 -7.04
C THR B 553 0.55 40.84 -7.02
N GLN B 554 0.07 41.91 -6.40
CA GLN B 554 0.84 43.14 -6.31
C GLN B 554 0.25 44.03 -5.22
N GLN B 555 1.12 44.76 -4.52
CA GLN B 555 0.67 45.71 -3.51
C GLN B 555 0.30 47.03 -4.19
N SER B 556 -0.96 47.43 -4.06
CA SER B 556 -1.37 48.73 -4.56
C SER B 556 -0.78 49.83 -3.68
N ASP B 557 0.07 50.67 -4.27
CA ASP B 557 0.72 51.74 -3.53
C ASP B 557 -0.33 52.77 -3.16
N VAL B 558 -0.78 52.74 -1.91
CA VAL B 558 -1.83 53.64 -1.45
C VAL B 558 -1.21 54.84 -0.75
N SER B 559 -0.45 54.58 0.32
CA SER B 559 0.14 55.62 1.17
C SER B 559 -0.92 56.56 1.73
N ARG B 560 -2.18 56.15 1.70
CA ARG B 560 -3.29 56.96 2.19
C ARG B 560 -4.23 56.21 3.12
N ILE B 561 -4.00 54.92 3.36
CA ILE B 561 -4.83 54.19 4.33
C ILE B 561 -4.83 54.85 5.69
N PRO B 562 -3.69 55.20 6.29
CA PRO B 562 -3.76 55.98 7.53
C PRO B 562 -4.24 57.41 7.30
N SER B 563 -3.91 58.01 6.16
CA SER B 563 -4.32 59.37 5.88
C SER B 563 -5.83 59.54 5.96
N ILE B 564 -6.59 58.48 5.70
CA ILE B 564 -8.03 58.50 5.90
C ILE B 564 -8.44 57.77 7.19
N LEU B 565 -7.54 57.00 7.79
CA LEU B 565 -7.89 56.23 8.98
C LEU B 565 -7.90 57.11 10.22
N TYR B 566 -6.76 57.71 10.56
CA TYR B 566 -6.73 58.61 11.70
C TYR B 566 -7.51 59.89 11.43
N SER B 567 -7.76 60.22 10.17
CA SER B 567 -8.64 61.35 9.86
C SER B 567 -10.09 61.03 10.19
N LEU B 568 -10.49 59.77 10.06
CA LEU B 568 -11.84 59.36 10.40
C LEU B 568 -12.12 59.45 11.90
N GLY B 569 -11.08 59.50 12.72
CA GLY B 569 -11.25 59.57 14.16
C GLY B 569 -10.45 58.53 14.92
N VAL B 570 -9.48 57.92 14.27
CA VAL B 570 -8.62 56.92 14.89
C VAL B 570 -7.45 57.63 15.57
N ALA B 571 -7.18 57.27 16.82
CA ALA B 571 -6.10 57.91 17.56
C ALA B 571 -4.74 57.47 17.00
N PRO B 572 -3.72 58.31 17.13
CA PRO B 572 -2.38 57.95 16.65
C PRO B 572 -1.80 56.81 17.47
N ALA B 573 -0.62 56.35 17.02
CA ALA B 573 0.06 55.24 17.68
C ALA B 573 0.95 55.68 18.82
N SER B 574 1.47 56.90 18.77
CA SER B 574 2.39 57.40 19.80
C SER B 574 1.69 58.09 20.96
N HIS B 575 0.36 58.22 20.91
CA HIS B 575 -0.37 58.92 21.96
C HIS B 575 -1.64 58.17 22.37
N THR B 576 -1.63 56.84 22.28
CA THR B 576 -2.76 56.03 22.72
C THR B 576 -2.49 55.41 24.09
N PHE B 577 -1.41 54.64 24.20
CA PHE B 577 -0.94 54.08 25.47
C PHE B 577 -2.02 53.21 26.13
N ALA B 578 -2.37 52.13 25.45
CA ALA B 578 -3.36 51.19 25.96
C ALA B 578 -3.09 49.82 25.36
N ALA B 579 -3.91 48.85 25.74
CA ALA B 579 -3.82 47.47 25.25
C ALA B 579 -5.08 46.74 25.71
N GLY B 580 -5.10 45.43 25.52
CA GLY B 580 -6.20 44.61 25.99
C GLY B 580 -7.33 44.53 25.00
N PRO B 581 -8.25 43.58 25.22
CA PRO B 581 -9.39 43.43 24.30
C PRO B 581 -10.41 44.55 24.39
N SER B 582 -10.27 45.47 25.34
CA SER B 582 -11.21 46.58 25.45
C SER B 582 -11.01 47.65 24.39
N LEU B 583 -9.94 47.55 23.59
CA LEU B 583 -9.68 48.49 22.52
C LEU B 583 -9.46 47.73 21.21
N CYS B 584 -10.06 48.24 20.13
CA CYS B 584 -9.92 47.62 18.82
C CYS B 584 -8.60 48.07 18.19
N CYS B 585 -7.63 47.16 18.15
CA CYS B 585 -6.33 47.44 17.55
C CYS B 585 -6.46 47.36 16.03
N VAL B 586 -6.40 48.50 15.36
CA VAL B 586 -6.45 48.53 13.91
C VAL B 586 -5.06 48.22 13.37
N GLN B 587 -4.98 47.25 12.47
CA GLN B 587 -3.71 46.73 11.97
C GLN B 587 -3.68 46.85 10.45
N ILE B 588 -2.82 47.73 9.94
CA ILE B 588 -2.53 47.79 8.52
C ILE B 588 -1.54 46.67 8.22
N ASP B 589 -1.32 46.36 6.95
CA ASP B 589 -0.41 45.29 6.58
C ASP B 589 1.02 45.64 7.01
N GLY B 590 1.50 44.98 8.05
CA GLY B 590 2.84 45.24 8.57
C GLY B 590 2.87 46.37 9.59
N LYS B 591 2.42 47.56 9.19
CA LYS B 591 2.47 48.73 10.04
C LYS B 591 1.21 48.83 10.90
N ILE B 592 1.37 49.41 12.10
CA ILE B 592 0.28 49.65 13.01
C ILE B 592 0.10 51.15 13.18
N ILE B 593 -1.11 51.56 13.57
CA ILE B 593 -1.41 52.98 13.73
C ILE B 593 -2.04 53.25 15.08
N GLY B 594 -2.49 52.20 15.76
CA GLY B 594 -3.03 52.34 17.10
C GLY B 594 -4.36 51.63 17.26
N TRP B 595 -4.91 51.76 18.46
CA TRP B 595 -6.19 51.18 18.82
C TRP B 595 -7.14 52.27 19.29
N VAL B 596 -8.44 52.01 19.13
CA VAL B 596 -9.50 52.95 19.51
C VAL B 596 -10.57 52.19 20.28
N SER B 597 -11.63 52.91 20.64
CA SER B 597 -12.74 52.31 21.37
C SER B 597 -13.45 51.28 20.49
N HIS B 598 -14.08 50.31 21.15
CA HIS B 598 -14.75 49.25 20.42
C HIS B 598 -15.98 49.76 19.67
N GLU B 599 -16.64 50.80 20.20
CA GLU B 599 -17.73 51.41 19.46
C GLU B 599 -17.24 52.05 18.18
N GLN B 600 -16.05 52.68 18.23
CA GLN B 600 -15.44 53.22 17.01
C GLN B 600 -15.19 52.10 16.00
N GLY B 601 -14.68 50.96 16.48
CA GLY B 601 -14.50 49.82 15.58
C GLY B 601 -15.77 49.33 14.95
N LYS B 602 -16.90 49.45 15.67
CA LYS B 602 -18.18 49.00 15.13
C LYS B 602 -18.64 49.91 14.00
N ILE B 603 -18.58 51.23 14.21
CA ILE B 603 -18.95 52.16 13.16
C ILE B 603 -17.98 52.08 11.98
N ILE B 604 -16.69 52.00 12.27
CA ILE B 604 -15.68 51.87 11.21
C ILE B 604 -15.86 50.57 10.44
N ALA B 605 -16.33 49.51 11.12
CA ALA B 605 -16.53 48.23 10.45
C ALA B 605 -17.49 48.33 9.28
N ASP B 606 -18.41 49.30 9.29
CA ASP B 606 -19.30 49.54 8.17
C ASP B 606 -19.00 50.84 7.43
N THR B 607 -18.37 51.80 8.09
CA THR B 607 -17.96 53.03 7.40
C THR B 607 -16.94 52.73 6.32
N LEU B 608 -15.92 51.93 6.65
CA LEU B 608 -14.94 51.52 5.66
C LEU B 608 -15.56 50.70 4.54
N ARG B 609 -16.69 50.04 4.79
CA ARG B 609 -17.37 49.31 3.73
C ARG B 609 -18.01 50.26 2.73
N TYR B 610 -18.66 51.32 3.22
CA TYR B 610 -19.30 52.27 2.33
C TYR B 610 -18.28 53.05 1.52
N TRP B 611 -17.23 53.54 2.18
CA TRP B 611 -16.19 54.28 1.46
C TRP B 611 -15.40 53.37 0.53
N LYS B 612 -15.40 52.05 0.79
CA LYS B 612 -14.71 51.12 -0.10
C LYS B 612 -15.50 50.90 -1.39
N VAL B 613 -16.80 50.65 -1.26
CA VAL B 613 -17.62 50.40 -2.43
C VAL B 613 -17.92 51.67 -3.22
N GLU B 614 -17.81 52.83 -2.58
CA GLU B 614 -18.05 54.10 -3.27
C GLU B 614 -16.83 54.44 -4.12
N GLY B 615 -17.08 54.83 -5.37
CA GLY B 615 -16.02 55.09 -6.33
C GLY B 615 -15.39 56.47 -6.26
N LYS B 616 -15.90 57.37 -5.43
CA LYS B 616 -15.34 58.71 -5.31
C LYS B 616 -14.16 58.77 -4.35
N THR B 617 -13.65 57.64 -3.88
CA THR B 617 -12.54 57.60 -2.96
C THR B 617 -11.27 57.19 -3.69
N PRO B 618 -10.40 58.12 -4.07
CA PRO B 618 -9.17 57.73 -4.78
C PRO B 618 -8.14 57.05 -3.90
N GLY B 619 -8.21 57.23 -2.58
CA GLY B 619 -7.26 56.65 -1.66
C GLY B 619 -7.64 55.30 -1.10
N LEU B 620 -8.62 54.63 -1.67
CA LEU B 620 -9.06 53.31 -1.20
C LEU B 620 -9.10 52.34 -2.37
N PRO B 621 -8.23 51.35 -2.40
CA PRO B 621 -8.27 50.37 -3.49
C PRO B 621 -9.41 49.38 -3.32
N ILE B 622 -9.88 48.85 -4.44
CA ILE B 622 -10.97 47.87 -4.41
C ILE B 622 -10.51 46.58 -3.75
N ASP B 623 -9.27 46.18 -3.99
CA ASP B 623 -8.72 44.95 -3.41
C ASP B 623 -8.06 45.26 -2.06
N LEU B 624 -8.91 45.52 -1.08
CA LEU B 624 -8.49 45.86 0.27
C LEU B 624 -9.12 44.88 1.25
N GLU B 625 -8.30 44.31 2.12
CA GLU B 625 -8.76 43.36 3.12
C GLU B 625 -9.23 44.12 4.37
N ILE B 626 -10.47 43.87 4.79
CA ILE B 626 -11.05 44.53 5.95
C ILE B 626 -11.77 43.49 6.78
N GLY B 627 -11.47 43.43 8.08
CA GLY B 627 -12.08 42.45 8.95
C GLY B 627 -12.41 43.05 10.30
N TYR B 628 -13.49 42.56 10.89
CA TYR B 628 -13.96 42.99 12.20
C TYR B 628 -14.20 41.78 13.07
N VAL B 629 -14.01 41.96 14.37
CA VAL B 629 -14.10 40.84 15.32
C VAL B 629 -14.66 41.31 16.66
N PRO B 630 -15.72 40.70 17.16
CA PRO B 630 -16.25 41.06 18.48
C PRO B 630 -15.37 40.51 19.58
N PRO B 631 -15.47 41.06 20.80
CA PRO B 631 -14.61 40.60 21.90
C PRO B 631 -15.21 39.53 22.78
N SER B 632 -16.48 39.17 22.58
CA SER B 632 -17.15 38.23 23.47
C SER B 632 -16.68 36.79 23.19
N THR B 633 -17.20 35.88 24.00
CA THR B 633 -16.93 34.44 23.90
C THR B 633 -15.44 34.11 24.06
N ARG B 634 -14.69 35.02 24.67
CA ARG B 634 -13.24 34.84 24.90
C ARG B 634 -12.51 34.53 23.59
N GLY B 635 -12.96 35.15 22.50
CA GLY B 635 -12.31 35.01 21.22
C GLY B 635 -10.88 35.53 21.21
N GLN B 636 -10.19 35.37 20.08
CA GLN B 636 -8.84 35.88 19.96
C GLN B 636 -8.84 37.41 20.09
N TYR B 637 -7.63 37.96 20.15
CA TYR B 637 -7.46 39.40 20.40
C TYR B 637 -8.23 40.21 19.37
N PRO B 638 -9.18 41.04 19.80
CA PRO B 638 -9.99 41.81 18.84
C PRO B 638 -9.20 42.90 18.14
N GLY B 639 -9.88 43.67 17.30
CA GLY B 639 -9.25 44.78 16.60
C GLY B 639 -9.94 45.03 15.28
N LEU B 640 -9.14 45.49 14.31
CA LEU B 640 -9.65 45.87 13.00
C LEU B 640 -8.54 45.60 11.99
N TYR B 641 -8.66 44.49 11.27
CA TYR B 641 -7.57 44.03 10.41
C TYR B 641 -7.65 44.67 9.03
N LEU B 642 -6.48 45.04 8.49
CA LEU B 642 -6.36 45.61 7.16
C LEU B 642 -5.15 44.99 6.48
N PHE B 643 -5.37 44.42 5.28
CA PHE B 643 -4.33 43.72 4.55
C PHE B 643 -4.53 43.96 3.06
N GLY B 644 -3.86 43.16 2.24
CA GLY B 644 -3.90 43.34 0.80
C GLY B 644 -2.56 43.16 0.13
N GLY B 645 -1.56 42.73 0.89
CA GLY B 645 -0.25 42.43 0.34
C GLY B 645 -0.29 41.19 -0.56
N HIS B 646 0.91 40.71 -0.89
CA HIS B 646 1.02 39.51 -1.71
C HIS B 646 0.48 38.30 -0.96
N SER B 647 0.30 37.21 -1.71
CA SER B 647 -0.21 35.95 -1.17
C SER B 647 -1.56 36.12 -0.50
N ARG B 648 -2.41 36.97 -1.05
CA ARG B 648 -3.73 37.25 -0.51
C ARG B 648 -4.79 36.80 -1.51
N MET B 649 -5.88 36.25 -0.98
CA MET B 649 -6.94 35.65 -1.79
C MET B 649 -8.20 36.49 -1.72
N LEU B 650 -8.91 36.58 -2.85
CA LEU B 650 -10.15 37.32 -2.95
C LEU B 650 -11.24 36.43 -3.53
N ARG B 651 -12.48 36.91 -3.46
CA ARG B 651 -13.62 36.27 -4.13
C ARG B 651 -14.72 37.31 -4.28
N PRO B 652 -15.50 37.25 -5.36
CA PRO B 652 -16.52 38.27 -5.58
C PRO B 652 -17.74 38.07 -4.70
N VAL B 653 -18.37 39.20 -4.36
CA VAL B 653 -19.58 39.19 -3.53
C VAL B 653 -20.30 40.52 -3.75
N ARG B 654 -21.62 40.49 -3.64
CA ARG B 654 -22.43 41.68 -3.86
C ARG B 654 -22.80 42.34 -2.54
N TYR B 655 -22.74 43.68 -2.53
CA TYR B 655 -23.07 44.48 -1.36
C TYR B 655 -24.46 45.07 -1.56
N LEU B 656 -25.36 44.84 -0.60
CA LEU B 656 -26.76 45.24 -0.81
C LEU B 656 -26.96 46.74 -0.80
N PRO B 657 -26.49 47.51 0.18
CA PRO B 657 -26.67 48.97 0.12
C PRO B 657 -25.97 49.54 -1.10
N LEU B 658 -26.75 50.24 -1.93
CA LEU B 658 -26.32 50.72 -3.24
C LEU B 658 -25.58 49.61 -4.01
N ASP B 659 -26.36 48.58 -4.34
CA ASP B 659 -25.86 47.30 -4.84
C ASP B 659 -24.77 47.47 -5.88
N LYS B 660 -23.59 46.91 -5.57
CA LYS B 660 -22.42 47.10 -6.41
C LYS B 660 -21.47 45.92 -6.21
N GLU B 661 -20.56 45.77 -7.17
CA GLU B 661 -19.57 44.69 -7.10
C GLU B 661 -18.59 44.93 -5.95
N ASP B 662 -18.23 43.85 -5.26
CA ASP B 662 -17.28 43.92 -4.17
C ASP B 662 -16.55 42.58 -4.08
N ILE B 663 -15.47 42.55 -3.30
CA ILE B 663 -14.68 41.35 -3.08
C ILE B 663 -14.30 41.26 -1.62
N VAL B 664 -14.16 40.03 -1.14
CA VAL B 664 -13.77 39.74 0.24
C VAL B 664 -12.64 38.73 0.22
N GLY B 665 -12.09 38.46 1.40
CA GLY B 665 -10.98 37.54 1.51
C GLY B 665 -11.23 36.47 2.56
N PRO B 666 -10.16 35.87 3.09
CA PRO B 666 -10.29 34.75 4.03
C PRO B 666 -10.67 35.17 5.44
N PHE B 667 -10.85 36.46 5.71
CA PHE B 667 -11.20 36.93 7.04
C PHE B 667 -12.56 37.60 7.14
N GLU B 668 -13.13 38.05 6.02
CA GLU B 668 -14.42 38.73 6.05
C GLU B 668 -15.53 37.78 6.48
N GLN B 669 -15.74 36.71 5.72
CA GLN B 669 -16.82 35.76 5.97
C GLN B 669 -16.67 35.01 7.29
N VAL B 670 -15.60 35.24 8.04
CA VAL B 670 -15.41 34.56 9.31
C VAL B 670 -16.46 35.03 10.32
N TYR B 671 -16.61 36.35 10.48
CA TYR B 671 -17.52 36.92 11.46
C TYR B 671 -18.81 37.41 10.85
N MET B 672 -18.74 38.31 9.87
CA MET B 672 -19.95 38.84 9.25
C MET B 672 -20.58 37.80 8.33
N ASN B 673 -21.90 37.68 8.41
CA ASN B 673 -22.62 36.67 7.66
C ASN B 673 -22.90 37.13 6.23
N ILE B 674 -23.02 36.16 5.33
CA ILE B 674 -23.32 36.40 3.93
C ILE B 674 -24.59 35.62 3.58
N ALA B 675 -25.23 36.05 2.50
CA ALA B 675 -26.42 35.37 1.98
C ALA B 675 -26.07 34.68 0.67
N VAL B 676 -26.52 33.43 0.53
CA VAL B 676 -26.13 32.64 -0.64
C VAL B 676 -27.03 32.96 -1.84
N THR B 677 -28.28 33.34 -1.60
CA THR B 677 -29.21 33.61 -2.69
C THR B 677 -30.27 34.58 -2.20
N PRO B 678 -30.81 35.46 -3.05
CA PRO B 678 -31.77 36.46 -2.58
C PRO B 678 -33.13 35.86 -2.24
N GLN B 679 -33.13 34.80 -1.44
CA GLN B 679 -34.36 34.25 -0.87
C GLN B 679 -34.26 33.98 0.62
N GLU B 680 -33.04 33.85 1.17
CA GLU B 680 -32.82 33.76 2.61
C GLU B 680 -32.42 35.08 3.22
N ILE B 681 -32.35 36.15 2.42
CA ILE B 681 -32.00 37.46 2.93
C ILE B 681 -33.14 38.01 3.78
N GLN B 682 -32.80 38.55 4.95
CA GLN B 682 -33.78 39.12 5.85
C GLN B 682 -33.22 40.44 6.39
N ASN B 683 -33.90 40.99 7.40
CA ASN B 683 -33.68 42.38 7.79
C ASN B 683 -32.50 42.52 8.74
N ASN B 684 -31.63 43.49 8.44
CA ASN B 684 -30.63 44.06 9.34
C ASN B 684 -29.72 43.01 9.99
N VAL B 685 -29.64 41.80 9.44
CA VAL B 685 -28.73 40.79 9.97
C VAL B 685 -27.88 40.20 8.85
N HIS B 686 -27.78 40.93 7.74
CA HIS B 686 -26.95 40.53 6.62
C HIS B 686 -26.33 41.76 5.98
N THR B 687 -25.17 41.57 5.34
CA THR B 687 -24.43 42.69 4.77
C THR B 687 -24.07 42.43 3.32
N HIS B 688 -23.90 41.16 2.94
CA HIS B 688 -23.50 40.80 1.59
C HIS B 688 -24.35 39.65 1.07
N VAL B 689 -24.49 39.58 -0.25
CA VAL B 689 -25.24 38.53 -0.92
C VAL B 689 -24.37 37.94 -2.03
N GLU B 690 -24.63 36.69 -2.37
CA GLU B 690 -23.90 35.99 -3.42
C GLU B 690 -24.76 35.92 -4.68
N PHE B 691 -24.10 36.07 -5.83
CA PHE B 691 -24.83 36.11 -7.10
C PHE B 691 -25.32 34.73 -7.51
N THR B 692 -24.40 33.78 -7.65
CA THR B 692 -24.73 32.41 -8.06
C THR B 692 -24.11 31.44 -7.07
N PRO B 693 -24.90 30.63 -6.36
CA PRO B 693 -24.35 29.75 -5.34
C PRO B 693 -23.49 28.62 -5.88
N THR B 694 -23.32 28.50 -7.20
CA THR B 694 -22.47 27.47 -7.77
C THR B 694 -21.02 27.89 -7.89
N ASN B 695 -20.69 29.15 -7.56
CA ASN B 695 -19.31 29.62 -7.64
C ASN B 695 -18.40 28.95 -6.63
N ILE B 696 -18.95 28.28 -5.61
CA ILE B 696 -18.12 27.54 -4.68
C ILE B 696 -17.61 26.24 -5.29
N LEU B 697 -18.29 25.72 -6.30
CA LEU B 697 -17.88 24.49 -6.95
C LEU B 697 -16.62 24.71 -7.79
N SER B 698 -15.98 23.61 -8.17
CA SER B 698 -14.77 23.64 -8.96
C SER B 698 -15.11 23.68 -10.44
N ILE B 699 -14.10 23.57 -11.30
CA ILE B 699 -14.35 23.49 -12.73
C ILE B 699 -14.99 22.14 -13.08
N LEU B 700 -14.52 21.07 -12.45
CA LEU B 700 -15.10 19.75 -12.71
C LEU B 700 -16.48 19.63 -12.10
N ALA B 701 -16.68 20.18 -10.90
CA ALA B 701 -17.96 20.06 -10.22
C ALA B 701 -19.02 20.96 -10.84
N ASN B 702 -18.66 22.21 -11.14
CA ASN B 702 -19.61 23.12 -11.76
C ASN B 702 -19.95 22.69 -13.18
N LEU B 703 -19.02 22.01 -13.87
CA LEU B 703 -19.33 21.45 -15.17
C LEU B 703 -20.21 20.22 -15.05
N THR B 704 -20.11 19.50 -13.94
CA THR B 704 -20.96 18.35 -13.71
C THR B 704 -22.41 18.79 -13.55
N PRO B 705 -23.33 18.33 -14.39
CA PRO B 705 -24.72 18.77 -14.25
C PRO B 705 -25.39 18.14 -13.05
N PHE B 706 -26.14 18.96 -12.32
CA PHE B 706 -26.89 18.53 -11.13
C PHE B 706 -25.97 17.88 -10.11
N SER B 707 -24.87 18.58 -9.79
CA SER B 707 -23.95 18.09 -8.77
C SER B 707 -24.60 18.02 -7.39
N ASP B 708 -25.71 18.72 -7.20
CA ASP B 708 -26.44 18.70 -5.94
C ASP B 708 -27.30 17.45 -5.78
N PHE B 709 -27.54 16.72 -6.86
CA PHE B 709 -28.39 15.54 -6.86
C PHE B 709 -27.59 14.25 -6.77
N ASN B 710 -26.39 14.32 -6.19
CA ASN B 710 -25.52 13.16 -6.04
C ASN B 710 -24.94 13.18 -4.63
N GLN B 711 -23.98 12.31 -4.37
CA GLN B 711 -23.33 12.21 -3.07
C GLN B 711 -21.92 12.80 -3.14
N SER B 712 -21.44 13.24 -1.99
CA SER B 712 -20.05 13.68 -1.90
C SER B 712 -19.05 12.56 -2.15
N PRO B 713 -19.22 11.34 -1.62
CA PRO B 713 -18.33 10.25 -2.04
C PRO B 713 -18.33 10.02 -3.54
N ARG B 714 -19.41 10.40 -4.24
CA ARG B 714 -19.41 10.35 -5.68
C ARG B 714 -18.71 11.56 -6.29
N ASN B 715 -18.69 12.69 -5.59
CA ASN B 715 -18.00 13.87 -6.10
C ASN B 715 -16.49 13.72 -5.99
N MET B 716 -16.00 13.16 -4.88
CA MET B 716 -14.57 12.84 -4.80
C MET B 716 -14.21 11.69 -5.72
N TYR B 717 -15.12 10.72 -5.87
CA TYR B 717 -14.89 9.58 -6.74
C TYR B 717 -14.88 9.98 -8.21
N GLN B 718 -15.61 11.04 -8.57
CA GLN B 718 -15.62 11.53 -9.94
C GLN B 718 -14.56 12.61 -10.19
N CYS B 719 -14.14 13.33 -9.15
CA CYS B 719 -13.09 14.33 -9.32
C CYS B 719 -11.85 13.74 -9.97
N GLN B 720 -11.50 12.50 -9.60
CA GLN B 720 -10.39 11.84 -10.26
C GLN B 720 -10.75 11.37 -11.66
N MET B 721 -12.02 11.09 -11.93
CA MET B 721 -12.42 10.65 -13.26
C MET B 721 -12.33 11.79 -14.27
N GLY B 722 -12.99 12.92 -13.97
CA GLY B 722 -12.88 14.09 -14.82
C GLY B 722 -11.46 14.58 -14.95
N LYS B 723 -10.66 14.43 -13.90
CA LYS B 723 -9.24 14.76 -13.93
C LYS B 723 -8.39 13.59 -14.40
N GLN B 724 -8.99 12.60 -15.05
CA GLN B 724 -8.21 11.51 -15.66
C GLN B 724 -8.76 11.12 -17.03
N THR B 725 -9.52 12.00 -17.67
CA THR B 725 -10.09 11.68 -18.98
C THR B 725 -9.01 11.69 -20.06
N MET B 726 -9.43 11.48 -21.29
CA MET B 726 -8.53 11.37 -22.44
C MET B 726 -8.93 12.37 -23.51
N GLY B 727 -9.13 13.62 -23.11
CA GLY B 727 -9.57 14.65 -24.01
C GLY B 727 -8.43 15.22 -24.84
N THR B 728 -8.75 16.29 -25.56
CA THR B 728 -7.79 16.93 -26.44
C THR B 728 -6.91 17.90 -25.64
N PRO B 729 -5.59 17.76 -25.69
CA PRO B 729 -4.73 18.67 -24.93
C PRO B 729 -4.56 20.04 -25.56
N GLY B 730 -4.88 20.19 -26.84
CA GLY B 730 -4.68 21.43 -27.55
C GLY B 730 -4.20 21.13 -28.96
N VAL B 731 -4.50 22.03 -29.88
CA VAL B 731 -4.16 21.82 -31.30
C VAL B 731 -2.73 22.31 -31.46
N ALA B 732 -1.77 21.45 -31.10
CA ALA B 732 -0.37 21.70 -31.33
C ALA B 732 0.38 20.43 -31.71
N LEU B 733 -0.33 19.39 -32.18
CA LEU B 733 0.24 18.06 -32.31
C LEU B 733 1.49 18.06 -33.18
N CYS B 734 1.39 18.63 -34.38
CA CYS B 734 2.53 18.62 -35.30
C CYS B 734 3.70 19.45 -34.81
N HIS B 735 3.51 20.26 -33.77
CA HIS B 735 4.57 21.11 -33.24
C HIS B 735 4.75 20.90 -31.75
N ARG B 736 4.62 19.66 -31.30
CA ARG B 736 4.92 19.29 -29.92
C ARG B 736 5.90 18.12 -29.91
N SER B 737 6.73 18.08 -28.87
CA SER B 737 7.77 17.06 -28.75
C SER B 737 7.83 16.51 -27.34
N ASP B 738 6.67 16.33 -26.71
CA ASP B 738 6.63 15.74 -25.38
C ASP B 738 6.70 14.21 -25.49
N ASN B 739 6.88 13.57 -24.34
CA ASN B 739 7.13 12.13 -24.31
C ASN B 739 5.93 11.34 -24.84
N LYS B 740 4.79 11.45 -24.16
CA LYS B 740 3.61 10.67 -24.51
C LYS B 740 2.40 11.59 -24.62
N LEU B 741 1.46 11.19 -25.47
CA LEU B 741 0.23 11.93 -25.69
C LEU B 741 -0.92 10.94 -25.90
N TYR B 742 -2.15 11.48 -25.86
CA TYR B 742 -3.36 10.73 -26.12
C TYR B 742 -4.34 11.64 -26.84
N ARG B 743 -5.11 11.06 -27.77
CA ARG B 743 -6.03 11.86 -28.57
C ARG B 743 -7.24 11.03 -28.97
N LEU B 744 -8.42 11.61 -28.82
CA LEU B 744 -9.67 11.05 -29.34
C LEU B 744 -10.04 11.71 -30.65
N GLN B 745 -11.04 11.13 -31.33
CA GLN B 745 -11.53 11.68 -32.59
C GLN B 745 -13.04 11.85 -32.64
N THR B 746 -13.79 11.25 -31.71
CA THR B 746 -15.24 11.43 -31.65
C THR B 746 -15.64 12.45 -30.60
N GLY B 747 -14.81 13.45 -30.37
CA GLY B 747 -15.10 14.51 -29.42
C GLY B 747 -16.43 15.22 -29.66
N GLN B 748 -17.35 15.10 -28.71
CA GLN B 748 -18.67 15.72 -28.81
C GLN B 748 -18.94 16.56 -27.58
N THR B 749 -19.62 17.69 -27.76
CA THR B 749 -19.96 18.56 -26.65
C THR B 749 -21.26 18.08 -25.99
N PRO B 750 -21.33 18.07 -24.66
CA PRO B 750 -22.54 17.57 -24.00
C PRO B 750 -23.74 18.45 -24.28
N ILE B 751 -24.90 17.81 -24.44
CA ILE B 751 -26.14 18.56 -24.62
C ILE B 751 -26.44 19.38 -23.38
N VAL B 752 -26.41 18.75 -22.20
CA VAL B 752 -26.59 19.44 -20.94
C VAL B 752 -25.24 19.98 -20.48
N LYS B 753 -25.22 21.25 -20.08
CA LYS B 753 -23.98 21.90 -19.70
C LYS B 753 -24.31 23.20 -18.98
N ALA B 754 -23.35 23.68 -18.21
CA ALA B 754 -23.49 24.97 -17.52
C ALA B 754 -23.02 26.10 -18.43
N ASN B 755 -23.35 27.33 -18.02
CA ASN B 755 -22.92 28.50 -18.76
C ASN B 755 -21.40 28.70 -18.69
N LEU B 756 -20.70 27.97 -17.82
CA LEU B 756 -19.25 28.06 -17.76
C LEU B 756 -18.57 27.17 -18.80
N TYR B 757 -19.27 26.18 -19.35
CA TYR B 757 -18.71 25.41 -20.45
C TYR B 757 -18.47 26.29 -21.66
N ASP B 758 -19.35 27.27 -21.87
CA ASP B 758 -19.16 28.26 -22.93
C ASP B 758 -18.33 29.45 -22.48
N ASP B 759 -18.46 29.85 -21.22
CA ASP B 759 -17.70 30.97 -20.69
C ASP B 759 -16.20 30.66 -20.61
N TYR B 760 -15.83 29.39 -20.53
CA TYR B 760 -14.43 28.99 -20.50
C TYR B 760 -13.94 28.46 -21.85
N GLY B 761 -14.74 28.60 -22.91
CA GLY B 761 -14.36 28.08 -24.21
C GLY B 761 -14.06 26.61 -24.23
N MET B 762 -14.71 25.82 -23.36
CA MET B 762 -14.45 24.39 -23.30
C MET B 762 -14.88 23.67 -24.57
N ASP B 763 -15.74 24.30 -25.38
CA ASP B 763 -16.11 23.71 -26.67
C ASP B 763 -14.89 23.54 -27.57
N ASN B 764 -13.86 24.36 -27.38
CA ASN B 764 -12.64 24.23 -28.15
C ASN B 764 -11.88 22.95 -27.80
N PHE B 765 -12.17 22.34 -26.66
CA PHE B 765 -11.48 21.12 -26.22
C PHE B 765 -12.53 20.05 -25.91
N PRO B 766 -13.01 19.35 -26.94
CA PRO B 766 -13.94 18.23 -26.68
C PRO B 766 -13.19 17.05 -26.11
N ASN B 767 -13.70 16.52 -25.00
CA ASN B 767 -13.04 15.43 -24.29
C ASN B 767 -13.77 14.10 -24.38
N GLY B 768 -15.09 14.10 -24.56
CA GLY B 768 -15.85 12.87 -24.67
C GLY B 768 -16.91 12.92 -25.73
N PHE B 769 -18.02 12.22 -25.50
CA PHE B 769 -19.11 12.16 -26.46
C PHE B 769 -20.40 11.84 -25.71
N ASN B 770 -21.48 11.66 -26.47
CA ASN B 770 -22.79 11.37 -25.91
C ASN B 770 -23.32 10.08 -26.53
N ALA B 771 -23.82 9.18 -25.67
CA ALA B 771 -24.36 7.91 -26.13
C ALA B 771 -25.66 7.64 -25.38
N VAL B 772 -26.50 6.78 -25.97
CA VAL B 772 -27.78 6.43 -25.37
C VAL B 772 -27.54 5.44 -24.25
N VAL B 773 -28.02 5.76 -23.05
CA VAL B 773 -27.87 4.93 -21.87
C VAL B 773 -29.16 4.14 -21.66
N ALA B 774 -29.03 2.83 -21.51
CA ALA B 774 -30.17 1.94 -21.31
C ALA B 774 -30.00 1.26 -19.95
N VAL B 775 -30.67 1.79 -18.93
CA VAL B 775 -30.62 1.21 -17.59
C VAL B 775 -31.44 -0.07 -17.59
N ILE B 776 -30.76 -1.21 -17.65
CA ILE B 776 -31.43 -2.50 -17.77
C ILE B 776 -30.43 -3.59 -17.38
N SER B 777 -30.94 -4.64 -16.73
CA SER B 777 -30.12 -5.77 -16.33
C SER B 777 -30.14 -6.91 -17.36
N TYR B 778 -30.40 -6.59 -18.63
CA TYR B 778 -30.54 -7.62 -19.64
C TYR B 778 -29.20 -8.28 -19.98
N THR B 779 -28.09 -7.57 -19.80
CA THR B 779 -26.80 -8.09 -20.24
C THR B 779 -26.38 -9.30 -19.41
N GLY B 780 -26.41 -9.19 -18.08
CA GLY B 780 -26.00 -10.28 -17.23
C GLY B 780 -24.50 -10.34 -17.02
N TYR B 781 -23.74 -9.82 -17.98
CA TYR B 781 -22.28 -9.80 -17.89
C TYR B 781 -21.75 -8.71 -16.97
N ASP B 782 -22.63 -7.91 -16.37
CA ASP B 782 -22.22 -6.79 -15.52
C ASP B 782 -22.97 -6.86 -14.21
N MET B 783 -22.30 -6.46 -13.12
CA MET B 783 -22.92 -6.41 -11.79
C MET B 783 -22.41 -5.17 -11.06
N ASP B 784 -23.15 -4.08 -11.21
CA ASP B 784 -23.05 -2.85 -10.42
C ASP B 784 -21.69 -2.17 -10.55
N ASP B 785 -20.75 -2.79 -11.26
CA ASP B 785 -19.44 -2.16 -11.46
C ASP B 785 -18.86 -2.39 -12.84
N ALA B 786 -19.53 -3.11 -13.72
CA ALA B 786 -19.02 -3.43 -15.05
C ALA B 786 -19.83 -2.71 -16.12
N MET B 787 -19.48 -2.96 -17.37
CA MET B 787 -20.12 -2.30 -18.50
C MET B 787 -20.09 -3.22 -19.71
N ILE B 788 -20.88 -2.88 -20.72
CA ILE B 788 -20.95 -3.62 -21.97
C ILE B 788 -21.13 -2.62 -23.10
N ILE B 789 -20.50 -2.89 -24.23
CA ILE B 789 -20.51 -1.96 -25.36
C ILE B 789 -20.99 -2.67 -26.61
N ASN B 790 -21.58 -1.90 -27.53
CA ASN B 790 -22.08 -2.43 -28.79
C ASN B 790 -20.90 -2.71 -29.73
N LYS B 791 -20.91 -3.89 -30.36
CA LYS B 791 -19.92 -4.17 -31.39
C LYS B 791 -20.09 -3.24 -32.59
N SER B 792 -21.33 -2.88 -32.92
CA SER B 792 -21.56 -1.93 -34.00
C SER B 792 -21.04 -0.55 -33.64
N ALA B 793 -21.15 -0.16 -32.37
CA ALA B 793 -20.57 1.10 -31.93
C ALA B 793 -19.06 1.10 -32.07
N ASP B 794 -18.42 -0.01 -31.70
CA ASP B 794 -16.98 -0.13 -31.90
C ASP B 794 -16.62 -0.12 -33.38
N GLU B 795 -17.54 -0.58 -34.24
CA GLU B 795 -17.29 -0.52 -35.67
C GLU B 795 -17.35 0.92 -36.17
N ARG B 796 -18.23 1.74 -35.59
CA ARG B 796 -18.28 3.16 -35.89
C ARG B 796 -17.14 3.94 -35.26
N GLY B 797 -16.44 3.34 -34.29
CA GLY B 797 -15.38 4.04 -33.59
C GLY B 797 -15.83 4.63 -32.27
N PHE B 798 -16.55 3.83 -31.47
CA PHE B 798 -16.99 4.26 -30.15
C PHE B 798 -15.78 4.54 -29.27
N GLY B 799 -15.55 5.81 -28.95
CA GLY B 799 -14.37 6.20 -28.19
C GLY B 799 -13.08 5.73 -28.80
N TYR B 800 -12.94 5.85 -30.13
CA TYR B 800 -11.72 5.45 -30.81
C TYR B 800 -10.65 6.50 -30.59
N GLY B 801 -9.51 6.10 -30.05
CA GLY B 801 -8.43 7.02 -29.78
C GLY B 801 -7.09 6.39 -30.11
N THR B 802 -6.08 7.25 -30.22
CA THR B 802 -4.70 6.83 -30.46
C THR B 802 -3.77 7.60 -29.52
N MET B 803 -2.69 6.94 -29.13
CA MET B 803 -1.70 7.53 -28.24
C MET B 803 -0.40 7.78 -28.99
N TYR B 804 0.46 8.60 -28.38
CA TYR B 804 1.73 8.98 -28.97
C TYR B 804 2.87 8.59 -28.04
N LYS B 805 4.00 8.18 -28.62
CA LYS B 805 5.21 7.88 -27.87
C LYS B 805 6.40 8.42 -28.66
N THR B 806 6.92 9.56 -28.24
CA THR B 806 8.03 10.21 -28.92
C THR B 806 9.35 9.72 -28.32
N GLU B 807 10.06 8.88 -29.06
CA GLU B 807 11.35 8.37 -28.65
C GLU B 807 12.48 9.17 -29.29
N LYS B 808 13.67 9.05 -28.71
CA LYS B 808 14.82 9.82 -29.14
C LYS B 808 16.04 8.91 -29.27
N VAL B 809 16.78 9.06 -30.36
CA VAL B 809 17.97 8.25 -30.57
C VAL B 809 19.17 9.19 -30.67
N ASP B 810 20.24 8.86 -29.98
CA ASP B 810 21.42 9.73 -29.97
C ASP B 810 22.70 9.03 -30.35
N LEU B 811 23.64 9.83 -30.84
CA LEU B 811 24.96 9.37 -31.24
C LEU B 811 25.95 10.09 -30.35
N ALA B 812 26.88 9.35 -29.74
CA ALA B 812 27.88 9.94 -28.86
C ALA B 812 27.22 10.32 -27.54
N LEU B 813 26.03 9.79 -27.31
CA LEU B 813 25.29 10.06 -26.08
C LEU B 813 24.62 11.43 -26.14
N ASP B 819 37.94 15.20 -30.12
CA ASP B 819 36.94 14.15 -30.10
C ASP B 819 36.03 14.24 -31.31
N PRO B 820 36.45 13.64 -32.43
CA PRO B 820 35.63 13.67 -33.65
C PRO B 820 34.42 12.75 -33.52
N ILE B 821 33.56 12.81 -34.54
CA ILE B 821 32.38 11.97 -34.57
C ILE B 821 32.76 10.53 -34.83
N THR B 822 31.92 9.60 -34.35
CA THR B 822 32.18 8.17 -34.49
C THR B 822 31.02 7.40 -35.12
N GLN B 823 29.88 8.01 -35.36
CA GLN B 823 28.74 7.35 -35.98
C GLN B 823 28.18 8.24 -37.09
N HIS B 824 27.88 7.63 -38.23
CA HIS B 824 27.31 8.32 -39.37
C HIS B 824 25.89 7.82 -39.59
N PHE B 825 24.95 8.76 -39.70
CA PHE B 825 23.56 8.42 -39.96
C PHE B 825 23.41 7.92 -41.39
N GLY B 826 23.16 6.61 -41.54
CA GLY B 826 22.99 5.98 -42.83
C GLY B 826 23.92 4.79 -42.95
N PHE B 827 24.22 4.43 -44.19
CA PHE B 827 25.06 3.28 -44.49
C PHE B 827 26.48 3.73 -44.81
N GLY B 828 27.36 2.75 -44.96
CA GLY B 828 28.76 3.04 -45.28
C GLY B 828 29.18 2.49 -46.63
N ASN B 829 30.32 1.80 -46.67
CA ASN B 829 30.84 1.24 -47.91
C ASN B 829 30.99 -0.28 -47.88
N ASP B 830 31.01 -0.90 -46.70
CA ASP B 830 31.18 -2.34 -46.61
C ASP B 830 29.89 -3.05 -46.99
N GLU B 831 29.91 -4.39 -46.92
CA GLU B 831 28.75 -5.19 -47.27
C GLU B 831 27.80 -5.28 -46.08
N TRP B 832 26.51 -5.09 -46.34
CA TRP B 832 25.49 -5.12 -45.32
C TRP B 832 24.27 -5.89 -45.84
N PRO B 833 23.62 -6.69 -45.00
CA PRO B 833 22.49 -7.49 -45.47
C PRO B 833 21.33 -6.63 -45.94
N LYS B 834 20.75 -7.02 -47.08
CA LYS B 834 19.62 -6.31 -47.66
C LYS B 834 18.32 -6.78 -47.01
N GLU B 835 17.20 -6.46 -47.65
CA GLU B 835 15.81 -6.86 -47.37
C GLU B 835 15.17 -6.07 -46.23
N TRP B 836 15.87 -5.16 -45.57
CA TRP B 836 15.26 -4.26 -44.59
C TRP B 836 15.26 -2.82 -45.07
N LEU B 837 15.25 -2.62 -46.39
CA LEU B 837 15.22 -1.27 -46.96
C LEU B 837 13.81 -0.68 -47.03
N GLU B 838 12.77 -1.49 -46.81
CA GLU B 838 11.41 -0.98 -46.86
C GLU B 838 11.10 -0.03 -45.72
N LYS B 839 11.90 -0.04 -44.65
CA LYS B 839 11.67 0.79 -43.49
C LYS B 839 12.59 2.00 -43.42
N LEU B 840 13.84 1.86 -43.88
CA LEU B 840 14.83 2.92 -43.79
C LEU B 840 15.10 3.52 -45.16
N ASP B 841 15.44 4.81 -45.16
CA ASP B 841 15.83 5.49 -46.39
C ASP B 841 17.32 5.24 -46.66
N GLU B 842 17.88 5.98 -47.61
CA GLU B 842 19.31 5.88 -47.90
C GLU B 842 20.17 6.64 -46.90
N ASP B 843 19.57 7.52 -46.10
CA ASP B 843 20.30 8.31 -45.11
C ASP B 843 20.11 7.79 -43.69
N GLY B 844 19.67 6.54 -43.54
CA GLY B 844 19.47 5.98 -42.22
C GLY B 844 18.28 6.53 -41.47
N LEU B 845 17.32 7.13 -42.18
CA LEU B 845 16.11 7.64 -41.56
C LEU B 845 14.89 6.85 -42.03
N PRO B 846 13.90 6.66 -41.18
CA PRO B 846 12.72 5.88 -41.58
C PRO B 846 11.83 6.67 -42.53
N TYR B 847 10.86 5.96 -43.10
CA TYR B 847 9.86 6.57 -43.96
C TYR B 847 8.79 7.21 -43.09
N ILE B 848 7.68 7.63 -43.70
CA ILE B 848 6.55 8.23 -42.98
C ILE B 848 5.30 7.46 -43.37
N GLY B 849 4.57 6.99 -42.36
CA GLY B 849 3.35 6.23 -42.61
C GLY B 849 3.61 4.75 -42.83
N THR B 850 4.43 4.16 -41.95
CA THR B 850 4.80 2.76 -42.04
C THR B 850 4.31 2.01 -40.80
N TYR B 851 4.43 0.69 -40.84
CA TYR B 851 3.98 -0.20 -39.78
C TYR B 851 5.19 -0.86 -39.14
N VAL B 852 5.37 -0.65 -37.84
CA VAL B 852 6.53 -1.11 -37.10
C VAL B 852 6.09 -2.01 -35.95
N GLU B 853 6.78 -3.13 -35.78
CA GLU B 853 6.57 -4.05 -34.67
C GLU B 853 7.88 -4.18 -33.88
N GLU B 854 7.90 -5.12 -32.95
CA GLU B 854 9.12 -5.43 -32.22
C GLU B 854 10.08 -6.20 -33.12
N GLY B 855 11.36 -5.86 -33.03
CA GLY B 855 12.35 -6.44 -33.92
C GLY B 855 12.30 -5.81 -35.29
N ASP B 856 12.32 -4.48 -35.34
CA ASP B 856 12.21 -3.71 -36.57
C ASP B 856 13.20 -2.56 -36.52
N PRO B 857 14.07 -2.42 -37.52
CA PRO B 857 15.05 -1.32 -37.49
C PRO B 857 14.38 0.04 -37.62
N ILE B 858 14.72 0.94 -36.70
CA ILE B 858 14.32 2.34 -36.77
C ILE B 858 15.51 3.23 -37.09
N CYS B 859 16.66 2.98 -36.48
CA CYS B 859 17.87 3.79 -36.66
C CYS B 859 19.02 2.85 -37.04
N ALA B 860 19.17 2.59 -38.33
CA ALA B 860 20.28 1.80 -38.84
C ALA B 860 21.38 2.76 -39.30
N TYR B 861 22.46 2.85 -38.53
CA TYR B 861 23.52 3.80 -38.77
C TYR B 861 24.86 3.09 -38.96
N PHE B 862 25.78 3.80 -39.58
CA PHE B 862 27.13 3.29 -39.83
C PHE B 862 28.07 3.75 -38.73
N ASP B 863 29.12 2.96 -38.49
CA ASP B 863 30.07 3.20 -37.42
C ASP B 863 31.44 3.53 -37.99
N ASP B 864 32.19 4.36 -37.27
CA ASP B 864 33.55 4.70 -37.62
C ASP B 864 34.58 3.85 -36.90
N THR B 865 34.24 3.33 -35.71
CA THR B 865 35.19 2.53 -34.96
C THR B 865 35.27 1.10 -35.49
N LEU B 866 34.12 0.49 -35.81
CA LEU B 866 34.10 -0.88 -36.29
C LEU B 866 33.81 -0.99 -37.78
N ASN B 867 33.36 0.08 -38.43
CA ASN B 867 33.09 0.11 -39.87
C ASN B 867 32.04 -0.93 -40.25
N LYS B 868 30.84 -0.78 -39.68
CA LYS B 868 29.71 -1.62 -40.02
C LYS B 868 28.43 -0.86 -39.72
N THR B 869 27.32 -1.39 -40.20
CA THR B 869 26.01 -0.77 -40.03
C THR B 869 25.22 -1.57 -39.01
N LYS B 870 25.14 -1.05 -37.78
CA LYS B 870 24.33 -1.66 -36.74
C LYS B 870 22.94 -1.05 -36.71
N ILE B 871 22.03 -1.73 -36.01
CA ILE B 871 20.61 -1.38 -36.01
C ILE B 871 20.17 -1.13 -34.57
N LYS B 872 19.57 0.05 -34.34
CA LYS B 872 18.85 0.33 -33.11
C LYS B 872 17.36 0.16 -33.40
N THR B 873 16.72 -0.73 -32.65
CA THR B 873 15.35 -1.15 -32.95
C THR B 873 14.41 -0.74 -31.81
N TYR B 874 13.16 -1.16 -31.94
CA TYR B 874 12.11 -0.85 -30.98
C TYR B 874 12.04 -1.93 -29.91
N HIS B 875 11.84 -1.51 -28.66
CA HIS B 875 11.78 -2.44 -27.53
C HIS B 875 10.43 -2.27 -26.83
N SER B 876 9.42 -2.92 -27.40
CA SER B 876 8.05 -3.04 -26.88
C SER B 876 7.27 -3.85 -27.91
N SER B 877 6.14 -4.40 -27.49
CA SER B 877 5.33 -5.14 -28.45
C SER B 877 4.65 -4.18 -29.40
N GLU B 878 3.72 -3.37 -28.87
CA GLU B 878 3.21 -2.12 -29.42
C GLU B 878 3.22 -2.03 -30.94
N PRO B 879 2.46 -2.87 -31.67
CA PRO B 879 2.39 -2.68 -33.12
C PRO B 879 1.75 -1.36 -33.46
N ALA B 880 2.53 -0.43 -34.02
CA ALA B 880 2.11 0.95 -34.15
C ALA B 880 2.69 1.55 -35.42
N TYR B 881 2.47 2.85 -35.61
CA TYR B 881 3.00 3.60 -36.74
C TYR B 881 3.90 4.72 -36.22
N ILE B 882 4.44 5.50 -37.16
CA ILE B 882 5.24 6.67 -36.84
C ILE B 882 4.56 7.90 -37.44
N GLU B 883 5.04 9.07 -37.04
CA GLU B 883 4.46 10.33 -37.52
C GLU B 883 5.46 11.17 -38.31
N GLU B 884 6.62 11.51 -37.73
CA GLU B 884 7.56 12.40 -38.38
C GLU B 884 8.98 12.02 -37.97
N VAL B 885 9.95 12.66 -38.62
CA VAL B 885 11.37 12.50 -38.30
C VAL B 885 11.94 13.91 -38.17
N ASN B 886 12.03 14.41 -36.94
CA ASN B 886 12.49 15.76 -36.68
C ASN B 886 14.01 15.79 -36.57
N LEU B 887 14.63 16.79 -37.18
CA LEU B 887 16.07 16.99 -37.12
C LEU B 887 16.37 18.19 -36.24
N ILE B 888 17.17 17.98 -35.20
CA ILE B 888 17.52 19.00 -34.22
C ILE B 888 19.02 19.16 -34.19
N GLY B 889 19.49 20.39 -34.02
CA GLY B 889 20.91 20.67 -33.97
C GLY B 889 21.20 21.99 -33.29
N ASP B 890 22.42 22.10 -32.77
CA ASP B 890 22.86 23.27 -32.03
C ASP B 890 23.59 24.24 -32.94
N GLU B 891 23.45 25.53 -32.64
CA GLU B 891 24.10 26.57 -33.41
C GLU B 891 25.57 26.70 -32.99
N SER B 892 26.41 27.05 -33.96
CA SER B 892 27.84 27.24 -33.73
C SER B 892 28.42 27.94 -34.94
N ASN B 893 29.53 28.65 -34.71
CA ASN B 893 30.23 29.32 -35.82
C ASN B 893 30.74 28.30 -36.82
N LYS B 894 31.62 27.40 -36.39
CA LYS B 894 32.02 26.28 -37.22
C LYS B 894 30.92 25.23 -37.22
N PHE B 895 30.52 24.78 -38.40
CA PHE B 895 29.40 23.86 -38.52
C PHE B 895 29.70 22.54 -37.83
N GLN B 896 28.72 22.05 -37.07
CA GLN B 896 28.81 20.76 -36.38
C GLN B 896 27.75 19.83 -36.95
N GLU B 897 28.18 18.64 -37.37
CA GLU B 897 27.25 17.66 -37.92
C GLU B 897 26.24 17.24 -36.86
N LEU B 898 24.98 17.11 -37.26
CA LEU B 898 23.92 16.78 -36.33
C LEU B 898 24.14 15.39 -35.73
N GLN B 899 23.76 15.24 -34.46
CA GLN B 899 23.92 13.97 -33.76
C GLN B 899 22.70 13.56 -32.95
N THR B 900 21.61 14.31 -33.01
CA THR B 900 20.41 14.00 -32.24
C THR B 900 19.22 13.94 -33.19
N VAL B 901 18.47 12.83 -33.13
CA VAL B 901 17.30 12.61 -33.97
C VAL B 901 16.15 12.17 -33.08
N SER B 902 14.99 12.79 -33.27
CA SER B 902 13.78 12.44 -32.55
C SER B 902 12.73 11.91 -33.53
N ILE B 903 11.80 11.12 -33.00
CA ILE B 903 10.76 10.51 -33.82
C ILE B 903 9.52 10.33 -32.95
N LYS B 904 8.35 10.53 -33.56
CA LYS B 904 7.07 10.41 -32.88
C LYS B 904 6.32 9.20 -33.41
N TYR B 905 5.69 8.46 -32.48
CA TYR B 905 4.93 7.26 -32.82
C TYR B 905 3.46 7.49 -32.52
N ARG B 906 2.61 6.71 -33.21
CA ARG B 906 1.18 6.66 -32.92
C ARG B 906 0.77 5.21 -32.76
N ILE B 907 0.25 4.88 -31.58
CA ILE B 907 -0.14 3.51 -31.25
C ILE B 907 -1.65 3.42 -31.28
N ARG B 908 -2.17 2.26 -31.72
CA ARG B 908 -3.59 2.05 -31.88
C ARG B 908 -4.23 1.75 -30.52
N ARG B 909 -4.99 2.70 -29.99
CA ARG B 909 -5.73 2.49 -28.75
C ARG B 909 -7.18 2.12 -29.09
N THR B 910 -7.32 0.95 -29.69
CA THR B 910 -8.64 0.43 -30.02
C THR B 910 -9.40 0.10 -28.75
N PRO B 911 -10.65 0.55 -28.61
CA PRO B 911 -11.40 0.24 -27.39
C PRO B 911 -11.79 -1.23 -27.29
N GLN B 912 -11.10 -1.96 -26.43
CA GLN B 912 -11.37 -3.37 -26.17
C GLN B 912 -11.91 -3.52 -24.75
N ILE B 913 -12.15 -4.76 -24.35
CA ILE B 913 -12.60 -4.99 -22.98
C ILE B 913 -11.43 -4.81 -22.01
N GLY B 914 -11.76 -4.62 -20.73
CA GLY B 914 -10.79 -4.32 -19.72
C GLY B 914 -10.61 -2.84 -19.44
N ASP B 915 -10.91 -1.99 -20.42
CA ASP B 915 -10.84 -0.55 -20.20
C ASP B 915 -11.97 -0.10 -19.27
N LYS B 916 -11.88 1.15 -18.83
CA LYS B 916 -12.79 1.69 -17.83
C LYS B 916 -13.50 2.91 -18.39
N PHE B 917 -14.83 2.92 -18.28
CA PHE B 917 -15.66 4.06 -18.65
C PHE B 917 -16.32 4.64 -17.41
N SER B 918 -16.62 5.94 -17.49
CA SER B 918 -17.25 6.63 -16.37
C SER B 918 -17.88 7.92 -16.87
N SER B 919 -18.94 8.34 -16.17
CA SER B 919 -19.62 9.59 -16.48
C SER B 919 -19.19 10.68 -15.50
N ARG B 920 -19.83 11.84 -15.61
CA ARG B 920 -19.55 12.96 -14.71
C ARG B 920 -20.26 12.83 -13.37
N HIS B 921 -21.05 11.79 -13.16
CA HIS B 921 -21.83 11.64 -11.94
C HIS B 921 -21.13 10.80 -10.87
N GLY B 922 -20.05 10.09 -11.23
CA GLY B 922 -19.27 9.31 -10.29
C GLY B 922 -19.26 7.83 -10.59
N GLN B 923 -20.30 7.32 -11.25
CA GLN B 923 -20.37 5.91 -11.55
C GLN B 923 -19.30 5.51 -12.56
N LYS B 924 -18.73 4.33 -12.37
CA LYS B 924 -17.70 3.78 -13.24
C LYS B 924 -18.13 2.43 -13.77
N GLY B 925 -17.25 1.81 -14.57
CA GLY B 925 -17.55 0.52 -15.15
C GLY B 925 -16.50 0.02 -16.11
N VAL B 926 -16.31 -1.30 -16.16
CA VAL B 926 -15.34 -1.93 -17.05
C VAL B 926 -16.10 -2.70 -18.11
N CYS B 927 -15.62 -2.60 -19.36
CA CYS B 927 -16.24 -3.33 -20.45
C CYS B 927 -16.03 -4.83 -20.27
N SER B 928 -17.13 -5.56 -20.08
CA SER B 928 -17.03 -7.00 -19.82
C SER B 928 -16.83 -7.78 -21.12
N ARG B 929 -17.76 -7.67 -22.06
CA ARG B 929 -17.70 -8.43 -23.29
C ARG B 929 -18.39 -7.64 -24.39
N LYS B 930 -17.69 -7.44 -25.50
CA LYS B 930 -18.26 -6.71 -26.64
C LYS B 930 -19.35 -7.55 -27.29
N TRP B 931 -20.59 -7.05 -27.26
CA TRP B 931 -21.73 -7.79 -27.78
C TRP B 931 -22.48 -6.91 -28.78
N PRO B 932 -22.75 -7.42 -29.98
CA PRO B 932 -23.49 -6.62 -30.98
C PRO B 932 -24.99 -6.57 -30.71
N THR B 933 -25.74 -5.99 -31.65
CA THR B 933 -27.19 -5.93 -31.56
C THR B 933 -27.86 -7.25 -31.88
N ILE B 934 -27.10 -8.34 -31.96
CA ILE B 934 -27.65 -9.63 -32.36
C ILE B 934 -28.64 -10.15 -31.32
N ASP B 935 -28.47 -9.77 -30.05
CA ASP B 935 -29.38 -10.23 -29.00
C ASP B 935 -29.77 -9.14 -28.01
N MET B 936 -29.36 -7.90 -28.21
CA MET B 936 -29.70 -6.85 -27.25
C MET B 936 -31.13 -6.37 -27.47
N PRO B 937 -31.77 -5.86 -26.41
CA PRO B 937 -33.17 -5.42 -26.52
C PRO B 937 -33.30 -4.21 -27.43
N PHE B 938 -34.09 -4.35 -28.48
CA PHE B 938 -34.33 -3.28 -29.45
C PHE B 938 -35.62 -2.54 -29.11
N SER B 939 -35.67 -1.27 -29.51
CA SER B 939 -36.83 -0.43 -29.26
C SER B 939 -37.83 -0.52 -30.40
N GLU B 940 -39.07 -0.12 -30.11
CA GLU B 940 -40.11 -0.12 -31.13
C GLU B 940 -39.87 0.94 -32.20
N THR B 941 -38.99 1.91 -31.93
CA THR B 941 -38.69 2.94 -32.92
C THR B 941 -37.65 2.47 -33.93
N GLY B 942 -36.57 1.85 -33.44
CA GLY B 942 -35.51 1.38 -34.31
C GLY B 942 -34.13 1.57 -33.72
N ILE B 943 -34.01 2.45 -32.72
CA ILE B 943 -32.72 2.72 -32.12
C ILE B 943 -32.24 1.51 -31.33
N GLN B 944 -30.92 1.30 -31.35
CA GLN B 944 -30.30 0.18 -30.66
C GLN B 944 -29.47 0.69 -29.50
N PRO B 945 -29.76 0.27 -28.25
CA PRO B 945 -28.94 0.72 -27.12
C PRO B 945 -27.50 0.22 -27.23
N ASP B 946 -26.56 1.15 -27.40
CA ASP B 946 -25.17 0.76 -27.58
C ASP B 946 -24.53 0.35 -26.26
N ILE B 947 -24.85 1.04 -25.17
CA ILE B 947 -24.27 0.76 -23.86
C ILE B 947 -25.40 0.46 -22.89
N ILE B 948 -25.13 -0.43 -21.94
CA ILE B 948 -26.11 -0.89 -20.98
C ILE B 948 -25.48 -0.87 -19.59
N ILE B 949 -26.14 -0.20 -18.65
CA ILE B 949 -25.69 -0.15 -17.26
C ILE B 949 -26.72 -0.85 -16.39
N ASN B 950 -26.26 -1.44 -15.30
CA ASN B 950 -27.13 -2.21 -14.42
C ASN B 950 -27.91 -1.29 -13.50
N PRO B 951 -29.20 -1.57 -13.29
CA PRO B 951 -29.98 -0.80 -12.30
C PRO B 951 -29.67 -1.20 -10.86
N HIS B 952 -28.75 -2.12 -10.64
CA HIS B 952 -28.46 -2.65 -9.31
C HIS B 952 -27.37 -1.88 -8.58
N ALA B 953 -26.93 -0.75 -9.12
CA ALA B 953 -25.94 0.10 -8.45
C ALA B 953 -26.56 1.27 -7.70
N PHE B 954 -27.78 1.66 -8.04
CA PHE B 954 -28.45 2.81 -7.45
C PHE B 954 -28.85 2.63 -5.98
N PRO B 955 -29.23 1.42 -5.53
CA PRO B 955 -29.53 1.27 -4.10
C PRO B 955 -28.39 1.66 -3.16
N SER B 956 -27.14 1.48 -3.58
CA SER B 956 -25.99 1.81 -2.74
C SER B 956 -25.18 2.98 -3.29
N ARG B 957 -24.80 2.95 -4.57
CA ARG B 957 -24.04 4.06 -5.13
C ARG B 957 -24.89 5.32 -5.19
N MET B 958 -26.21 5.16 -5.38
CA MET B 958 -27.17 6.27 -5.34
C MET B 958 -26.83 7.35 -6.35
N THR B 959 -26.66 6.94 -7.60
CA THR B 959 -26.38 7.87 -8.69
C THR B 959 -27.66 8.20 -9.43
N ILE B 960 -28.58 8.85 -8.71
CA ILE B 960 -29.83 9.31 -9.32
C ILE B 960 -29.62 10.51 -10.23
N GLY B 961 -28.47 11.17 -10.14
CA GLY B 961 -28.13 12.19 -11.11
C GLY B 961 -28.19 11.68 -12.54
N MET B 962 -27.85 10.41 -12.74
CA MET B 962 -27.97 9.81 -14.07
C MET B 962 -29.44 9.63 -14.47
N PHE B 963 -30.33 9.45 -13.49
CA PHE B 963 -31.75 9.37 -13.79
C PHE B 963 -32.30 10.72 -14.24
N VAL B 964 -32.09 11.75 -13.42
CA VAL B 964 -32.63 13.06 -13.73
C VAL B 964 -31.98 13.65 -14.97
N GLU B 965 -30.72 13.32 -15.22
CA GLU B 965 -30.05 13.78 -16.43
C GLU B 965 -30.35 12.92 -17.65
N SER B 966 -30.88 11.71 -17.45
CA SER B 966 -31.36 10.93 -18.59
C SER B 966 -32.70 11.46 -19.08
N LEU B 967 -33.59 11.85 -18.15
CA LEU B 967 -34.82 12.53 -18.54
C LEU B 967 -34.53 13.91 -19.11
N ALA B 968 -33.65 14.67 -18.44
CA ALA B 968 -33.24 15.96 -18.98
C ALA B 968 -32.51 15.79 -20.31
N GLY B 969 -31.62 14.81 -20.39
CA GLY B 969 -30.95 14.52 -21.65
C GLY B 969 -31.90 14.02 -22.73
N LYS B 970 -32.92 13.26 -22.33
CA LYS B 970 -33.93 12.81 -23.29
C LYS B 970 -34.65 14.00 -23.91
N ALA B 971 -35.10 14.95 -23.08
CA ALA B 971 -35.75 16.15 -23.60
C ALA B 971 -34.75 17.06 -24.30
N GLY B 972 -33.52 17.12 -23.80
CA GLY B 972 -32.49 17.95 -24.42
C GLY B 972 -32.05 17.48 -25.78
N ALA B 973 -32.41 16.25 -26.17
CA ALA B 973 -32.12 15.73 -27.49
C ALA B 973 -33.37 15.35 -28.27
N LEU B 974 -34.49 15.13 -27.60
CA LEU B 974 -35.76 14.93 -28.30
C LEU B 974 -36.14 16.19 -29.08
N HIS B 975 -36.22 17.31 -28.38
CA HIS B 975 -36.39 18.62 -29.02
C HIS B 975 -35.06 19.30 -29.32
N GLY B 976 -33.95 18.72 -28.88
CA GLY B 976 -32.65 19.30 -29.16
C GLY B 976 -32.35 20.58 -28.42
N ILE B 977 -33.14 20.91 -27.39
CA ILE B 977 -32.92 22.15 -26.66
C ILE B 977 -31.65 22.03 -25.83
N ALA B 978 -30.86 23.11 -25.80
CA ALA B 978 -29.61 23.14 -25.04
C ALA B 978 -29.93 23.60 -23.62
N GLN B 979 -30.32 22.63 -22.79
CA GLN B 979 -30.65 22.91 -21.41
C GLN B 979 -29.41 23.34 -20.62
N ASP B 980 -29.59 24.32 -19.74
CA ASP B 980 -28.51 24.79 -18.89
C ASP B 980 -28.55 24.01 -17.58
N SER B 981 -27.45 23.35 -17.25
CA SER B 981 -27.38 22.57 -16.01
C SER B 981 -27.54 23.49 -14.80
N THR B 982 -26.57 24.41 -14.62
CA THR B 982 -26.57 25.52 -13.64
C THR B 982 -27.18 25.09 -12.32
N PRO B 983 -26.47 24.30 -11.50
CA PRO B 983 -27.06 23.77 -10.26
C PRO B 983 -27.63 24.85 -9.34
N TRP B 984 -28.47 24.42 -8.40
CA TRP B 984 -29.20 25.32 -7.49
C TRP B 984 -30.24 26.14 -8.27
N ILE B 985 -31.00 25.46 -9.12
CA ILE B 985 -32.12 26.10 -9.81
C ILE B 985 -33.45 25.39 -9.55
N PHE B 986 -33.45 24.14 -9.10
CA PHE B 986 -34.67 23.40 -8.84
C PHE B 986 -34.84 23.22 -7.33
N ASN B 987 -36.09 23.29 -6.87
CA ASN B 987 -36.40 23.19 -5.45
C ASN B 987 -37.62 22.28 -5.30
N GLU B 988 -38.19 22.27 -4.09
CA GLU B 988 -39.32 21.40 -3.80
C GLU B 988 -40.55 21.74 -4.63
N ASP B 989 -40.65 22.98 -5.13
CA ASP B 989 -41.81 23.39 -5.91
C ASP B 989 -41.66 23.05 -7.39
N ASP B 990 -40.46 23.21 -7.94
CA ASP B 990 -40.19 22.92 -9.36
C ASP B 990 -39.37 21.64 -9.42
N THR B 991 -40.06 20.51 -9.46
CA THR B 991 -39.39 19.22 -9.53
C THR B 991 -38.95 18.96 -10.97
N PRO B 992 -37.72 18.49 -11.18
CA PRO B 992 -37.27 18.21 -12.56
C PRO B 992 -38.01 17.06 -13.21
N ALA B 993 -38.59 16.15 -12.45
CA ALA B 993 -39.36 15.07 -13.05
C ALA B 993 -40.63 15.58 -13.70
N ASP B 994 -41.17 16.70 -13.21
CA ASP B 994 -42.39 17.27 -13.77
C ASP B 994 -42.09 18.29 -14.86
N TYR B 995 -41.09 19.14 -14.64
CA TYR B 995 -40.74 20.15 -15.65
C TYR B 995 -40.16 19.50 -16.90
N PHE B 996 -39.35 18.46 -16.72
CA PHE B 996 -38.84 17.72 -17.88
C PHE B 996 -39.84 16.69 -18.37
N GLY B 997 -40.69 16.18 -17.48
CA GLY B 997 -41.68 15.20 -17.88
C GLY B 997 -42.78 15.78 -18.77
N GLU B 998 -43.15 17.04 -18.53
CA GLU B 998 -44.22 17.65 -19.33
C GLU B 998 -43.80 17.84 -20.78
N GLN B 999 -42.50 17.98 -21.05
CA GLN B 999 -42.04 18.11 -22.43
C GLN B 999 -42.17 16.79 -23.17
N LEU B 1000 -41.86 15.68 -22.50
CA LEU B 1000 -42.03 14.37 -23.13
C LEU B 1000 -43.51 14.01 -23.26
N ALA B 1001 -44.31 14.35 -22.24
CA ALA B 1001 -45.73 14.07 -22.30
C ALA B 1001 -46.40 14.84 -23.43
N LYS B 1002 -45.98 16.10 -23.65
CA LYS B 1002 -46.53 16.87 -24.75
C LYS B 1002 -46.01 16.38 -26.09
N ALA B 1003 -44.80 15.83 -26.13
CA ALA B 1003 -44.21 15.37 -27.38
C ALA B 1003 -44.64 13.95 -27.75
N GLY B 1004 -45.37 13.25 -26.88
CA GLY B 1004 -45.84 11.91 -27.14
C GLY B 1004 -45.33 10.87 -26.16
N TYR B 1005 -44.08 11.05 -25.68
CA TYR B 1005 -43.51 10.11 -24.74
C TYR B 1005 -44.30 10.12 -23.42
N ASN B 1006 -44.04 9.11 -22.59
CA ASN B 1006 -44.75 8.98 -21.33
C ASN B 1006 -44.26 10.01 -20.32
N TYR B 1007 -45.06 10.19 -19.26
CA TYR B 1007 -44.69 11.14 -18.22
C TYR B 1007 -43.48 10.67 -17.42
N HIS B 1008 -43.25 9.36 -17.36
CA HIS B 1008 -42.10 8.82 -16.64
C HIS B 1008 -40.82 8.90 -17.43
N GLY B 1009 -40.89 9.12 -18.75
CA GLY B 1009 -39.70 9.21 -19.57
C GLY B 1009 -39.07 7.88 -19.92
N ASN B 1010 -39.69 6.77 -19.56
CA ASN B 1010 -39.17 5.44 -19.84
C ASN B 1010 -39.79 4.87 -21.11
N GLU B 1011 -39.10 3.89 -21.69
CA GLU B 1011 -39.49 3.31 -22.98
C GLU B 1011 -39.50 1.80 -22.90
N PRO B 1012 -40.52 1.15 -23.44
CA PRO B 1012 -40.55 -0.33 -23.44
C PRO B 1012 -39.66 -0.94 -24.51
N MET B 1013 -38.86 -1.94 -24.13
CA MET B 1013 -37.97 -2.62 -25.05
C MET B 1013 -38.49 -4.02 -25.35
N TYR B 1014 -37.87 -4.65 -26.34
CA TYR B 1014 -38.21 -6.01 -26.77
C TYR B 1014 -36.95 -6.86 -26.75
N SER B 1015 -37.01 -7.99 -26.03
CA SER B 1015 -35.84 -8.84 -25.88
C SER B 1015 -35.32 -9.31 -27.24
N GLY B 1016 -34.07 -8.98 -27.53
CA GLY B 1016 -33.49 -9.38 -28.80
C GLY B 1016 -33.39 -10.88 -28.98
N ALA B 1017 -33.15 -11.61 -27.90
CA ALA B 1017 -32.97 -13.06 -28.00
C ALA B 1017 -34.31 -13.79 -28.15
N THR B 1018 -35.27 -13.48 -27.28
CA THR B 1018 -36.55 -14.18 -27.28
C THR B 1018 -37.58 -13.52 -28.19
N GLY B 1019 -37.65 -12.20 -28.19
CA GLY B 1019 -38.64 -11.46 -28.95
C GLY B 1019 -39.88 -11.07 -28.16
N GLU B 1020 -40.14 -11.75 -27.04
CA GLU B 1020 -41.26 -11.38 -26.18
C GLU B 1020 -40.98 -10.04 -25.51
N GLU B 1021 -42.01 -9.20 -25.44
CA GLU B 1021 -41.88 -7.92 -24.77
C GLU B 1021 -41.57 -8.12 -23.29
N LEU B 1022 -40.76 -7.22 -22.73
CA LEU B 1022 -40.33 -7.35 -21.35
C LEU B 1022 -41.52 -7.16 -20.40
N ARG B 1023 -41.33 -7.61 -19.15
CA ARG B 1023 -42.42 -7.59 -18.19
C ARG B 1023 -42.83 -6.17 -17.82
N ALA B 1024 -41.88 -5.25 -17.74
CA ALA B 1024 -42.17 -3.88 -17.32
C ALA B 1024 -41.42 -2.90 -18.21
N ASP B 1025 -41.88 -1.65 -18.18
CA ASP B 1025 -41.24 -0.59 -18.93
C ASP B 1025 -39.84 -0.32 -18.38
N ILE B 1026 -38.86 -0.23 -19.27
CA ILE B 1026 -37.47 -0.08 -18.86
C ILE B 1026 -37.05 1.37 -19.03
N TYR B 1027 -35.99 1.75 -18.33
CA TYR B 1027 -35.50 3.12 -18.31
C TYR B 1027 -34.41 3.31 -19.36
N VAL B 1028 -34.48 4.43 -20.08
CA VAL B 1028 -33.53 4.72 -21.14
C VAL B 1028 -33.29 6.22 -21.18
N GLY B 1029 -32.08 6.61 -21.57
CA GLY B 1029 -31.73 8.01 -21.64
C GLY B 1029 -30.38 8.20 -22.29
N VAL B 1030 -29.86 9.42 -22.18
CA VAL B 1030 -28.53 9.76 -22.67
C VAL B 1030 -27.76 10.46 -21.57
N VAL B 1031 -26.49 10.11 -21.42
CA VAL B 1031 -25.62 10.69 -20.41
C VAL B 1031 -24.23 10.84 -21.01
N TYR B 1032 -23.66 12.04 -20.87
CA TYR B 1032 -22.32 12.31 -21.38
C TYR B 1032 -21.30 11.41 -20.69
N TYR B 1033 -20.67 10.53 -21.47
CA TYR B 1033 -19.68 9.60 -20.97
C TYR B 1033 -18.27 10.07 -21.29
N GLN B 1034 -17.31 9.48 -20.58
CA GLN B 1034 -15.91 9.84 -20.72
C GLN B 1034 -15.06 8.58 -20.81
N ARG B 1035 -13.96 8.67 -21.54
CA ARG B 1035 -13.01 7.57 -21.66
C ARG B 1035 -11.77 7.87 -20.82
N LEU B 1036 -11.25 6.85 -20.15
CA LEU B 1036 -10.18 7.03 -19.17
C LEU B 1036 -8.86 6.49 -19.70
N ARG B 1037 -7.76 7.11 -19.25
CA ARG B 1037 -6.41 6.71 -19.58
C ARG B 1037 -5.99 5.40 -18.90
N HIS B 1038 -6.90 4.75 -18.18
CA HIS B 1038 -6.56 3.55 -17.44
C HIS B 1038 -6.26 2.38 -18.38
N MET B 1039 -5.95 1.23 -17.79
CA MET B 1039 -5.41 0.10 -18.54
C MET B 1039 -6.39 -0.37 -19.61
N VAL B 1040 -5.91 -0.36 -20.86
CA VAL B 1040 -6.55 -1.06 -21.96
C VAL B 1040 -5.71 -2.25 -22.41
N ASN B 1041 -4.45 -1.99 -22.73
CA ASN B 1041 -3.44 -3.03 -22.95
C ASN B 1041 -2.14 -2.61 -22.27
N ASP B 1042 -2.25 -2.00 -21.09
CA ASP B 1042 -1.13 -1.32 -20.46
C ASP B 1042 -0.31 -2.25 -19.56
N LYS B 1043 -0.95 -2.89 -18.58
CA LYS B 1043 -0.20 -3.69 -17.62
C LYS B 1043 0.26 -4.99 -18.28
N PHE B 1044 -0.69 -5.86 -18.61
CA PHE B 1044 -0.50 -7.04 -19.47
C PHE B 1044 0.87 -7.69 -19.26
N GLN B 1045 1.18 -7.97 -17.99
CA GLN B 1045 2.50 -8.46 -17.60
C GLN B 1045 2.41 -9.97 -17.34
N VAL B 1046 2.93 -10.76 -18.27
CA VAL B 1046 3.05 -12.20 -18.14
C VAL B 1046 4.50 -12.58 -18.41
N ARG B 1047 4.96 -13.62 -17.73
CA ARG B 1047 6.34 -14.06 -17.86
C ARG B 1047 6.43 -15.54 -17.49
N SER B 1048 7.10 -16.33 -18.32
CA SER B 1048 7.40 -17.72 -18.03
C SER B 1048 8.87 -17.94 -17.71
N THR B 1049 9.76 -17.33 -18.49
CA THR B 1049 11.19 -17.38 -18.23
C THR B 1049 11.82 -16.11 -18.79
N GLY B 1050 12.60 -15.42 -17.94
CA GLY B 1050 13.19 -14.16 -18.32
C GLY B 1050 14.61 -14.01 -17.80
N PRO B 1051 15.26 -12.91 -18.16
CA PRO B 1051 16.63 -12.67 -17.68
C PRO B 1051 16.65 -12.44 -16.18
N VAL B 1052 17.46 -13.24 -15.48
CA VAL B 1052 17.54 -13.15 -14.04
C VAL B 1052 18.50 -12.03 -13.64
N ASN B 1053 18.39 -11.61 -12.38
CA ASN B 1053 19.25 -10.56 -11.85
C ASN B 1053 20.65 -11.11 -11.58
N SER B 1054 21.53 -10.24 -11.07
CA SER B 1054 22.91 -10.61 -10.77
C SER B 1054 23.18 -10.72 -9.27
N LEU B 1055 22.75 -9.73 -8.49
CA LEU B 1055 23.01 -9.75 -7.05
C LEU B 1055 22.16 -10.79 -6.33
N THR B 1056 21.01 -11.18 -6.90
CA THR B 1056 20.15 -12.17 -6.28
C THR B 1056 19.68 -13.26 -7.23
N MET B 1057 19.89 -13.11 -8.54
CA MET B 1057 19.43 -14.05 -9.54
C MET B 1057 17.93 -14.31 -9.41
N GLN B 1058 17.16 -13.24 -9.60
CA GLN B 1058 15.72 -13.26 -9.52
C GLN B 1058 15.15 -12.43 -10.67
N PRO B 1059 13.88 -12.62 -11.00
CA PRO B 1059 13.24 -11.76 -12.00
C PRO B 1059 13.36 -10.29 -11.62
N VAL B 1060 13.76 -9.48 -12.60
CA VAL B 1060 14.02 -8.06 -12.36
C VAL B 1060 12.70 -7.32 -12.19
N LYS B 1061 12.71 -6.31 -11.32
CA LYS B 1061 11.52 -5.49 -11.11
C LYS B 1061 11.20 -4.69 -12.36
N GLY B 1062 9.91 -4.63 -12.71
CA GLY B 1062 9.49 -3.95 -13.92
C GLY B 1062 9.33 -4.91 -15.09
N ARG B 1063 8.27 -4.74 -15.87
CA ARG B 1063 7.93 -5.64 -16.96
C ARG B 1063 8.40 -5.12 -18.32
N LYS B 1064 9.53 -4.42 -18.36
CA LYS B 1064 9.70 -3.62 -19.70
C LYS B 1064 10.90 -4.56 -19.77
N ARG B 1065 11.46 -4.89 -18.64
CA ARG B 1065 12.57 -5.79 -18.66
C ARG B 1065 11.86 -7.11 -18.68
N HIS B 1066 10.55 -7.10 -18.90
CA HIS B 1066 9.89 -8.40 -18.82
C HIS B 1066 9.95 -9.06 -17.44
N GLY B 1067 9.44 -8.39 -16.42
CA GLY B 1067 9.52 -8.86 -15.05
C GLY B 1067 8.33 -9.69 -14.62
N GLY B 1068 8.22 -9.87 -13.31
CA GLY B 1068 7.14 -10.64 -12.71
C GLY B 1068 6.59 -10.00 -11.45
N ILE B 1069 5.90 -10.78 -10.63
CA ILE B 1069 5.29 -10.29 -9.40
C ILE B 1069 5.96 -10.96 -8.20
N ARG B 1070 6.00 -10.24 -7.09
CA ARG B 1070 6.70 -10.67 -5.88
C ARG B 1070 5.68 -11.10 -4.82
N VAL B 1071 6.05 -12.11 -4.05
CA VAL B 1071 5.23 -12.57 -2.94
C VAL B 1071 5.50 -11.69 -1.73
N GLY B 1072 4.43 -11.17 -1.12
CA GLY B 1072 4.54 -10.34 0.06
C GLY B 1072 4.27 -11.13 1.35
N GLU B 1073 4.28 -10.39 2.46
CA GLU B 1073 4.03 -11.00 3.76
C GLU B 1073 2.59 -11.49 3.87
N MET B 1074 1.64 -10.71 3.36
CA MET B 1074 0.23 -11.13 3.41
C MET B 1074 -0.01 -12.34 2.53
N GLU B 1075 0.62 -12.39 1.36
CA GLU B 1075 0.52 -13.57 0.52
C GLU B 1075 1.20 -14.77 1.17
N ARG B 1076 2.35 -14.55 1.82
CA ARG B 1076 3.02 -15.63 2.54
C ARG B 1076 2.17 -16.14 3.69
N ASP B 1077 1.33 -15.27 4.27
CA ASP B 1077 0.46 -15.69 5.37
C ASP B 1077 -0.74 -16.49 4.86
N ALA B 1078 -1.41 -15.98 3.82
CA ALA B 1078 -2.55 -16.69 3.25
C ALA B 1078 -2.15 -17.96 2.52
N LEU B 1079 -0.88 -18.08 2.12
CA LEU B 1079 -0.42 -19.30 1.46
C LEU B 1079 -0.45 -20.49 2.41
N ILE B 1080 0.16 -20.33 3.59
CA ILE B 1080 0.12 -21.39 4.61
C ILE B 1080 -1.22 -21.46 5.31
N GLY B 1081 -2.09 -20.46 5.12
CA GLY B 1081 -3.39 -20.50 5.76
C GLY B 1081 -4.25 -21.67 5.34
N HIS B 1082 -4.13 -22.09 4.07
CA HIS B 1082 -4.89 -23.23 3.58
C HIS B 1082 -4.40 -24.56 4.15
N GLY B 1083 -3.25 -24.58 4.81
CA GLY B 1083 -2.69 -25.79 5.35
C GLY B 1083 -1.74 -26.52 4.42
N THR B 1084 -1.75 -26.20 3.14
CA THR B 1084 -0.88 -26.87 2.19
C THR B 1084 0.59 -26.56 2.48
N SER B 1085 1.44 -27.58 2.43
CA SER B 1085 2.86 -27.44 2.68
C SER B 1085 3.70 -27.44 1.42
N PHE B 1086 3.42 -28.34 0.48
CA PHE B 1086 4.20 -28.40 -0.75
C PHE B 1086 4.00 -27.18 -1.63
N LEU B 1087 2.89 -26.47 -1.48
CA LEU B 1087 2.64 -25.30 -2.32
C LEU B 1087 3.67 -24.20 -2.10
N LEU B 1088 4.05 -23.92 -0.86
CA LEU B 1088 5.08 -22.91 -0.61
C LEU B 1088 6.46 -23.37 -1.05
N GLN B 1089 6.74 -24.67 -1.04
CA GLN B 1089 7.99 -25.15 -1.59
C GLN B 1089 8.05 -24.94 -3.10
N ASP B 1090 6.90 -25.02 -3.76
CA ASP B 1090 6.83 -24.73 -5.19
C ASP B 1090 6.60 -23.24 -5.45
N ARG B 1091 5.91 -22.55 -4.54
CA ARG B 1091 5.63 -21.13 -4.72
C ARG B 1091 6.85 -20.28 -4.45
N LEU B 1092 7.71 -20.71 -3.51
CA LEU B 1092 8.83 -19.91 -3.04
C LEU B 1092 10.19 -20.41 -3.51
N LEU B 1093 10.39 -21.72 -3.59
CA LEU B 1093 11.69 -22.29 -3.92
C LEU B 1093 11.78 -22.77 -5.36
N ASN B 1094 10.72 -23.36 -5.90
CA ASN B 1094 10.75 -23.90 -7.26
C ASN B 1094 10.59 -22.84 -8.33
N SER B 1095 10.39 -21.57 -7.97
CA SER B 1095 10.14 -20.55 -8.98
C SER B 1095 11.44 -20.10 -9.64
N SER B 1096 12.33 -19.47 -8.88
CA SER B 1096 13.60 -18.99 -9.42
C SER B 1096 14.80 -19.25 -8.54
N ASP B 1097 14.63 -19.59 -7.27
CA ASP B 1097 15.72 -19.60 -6.29
C ASP B 1097 16.22 -21.01 -5.99
N TYR B 1098 16.29 -21.88 -6.98
CA TYR B 1098 16.77 -23.25 -6.79
C TYR B 1098 18.12 -23.41 -7.48
N THR B 1099 19.10 -23.92 -6.73
CA THR B 1099 20.38 -24.33 -7.30
C THR B 1099 20.88 -25.55 -6.54
N GLN B 1100 21.83 -26.24 -7.15
CA GLN B 1100 22.47 -27.42 -6.56
C GLN B 1100 23.93 -27.06 -6.32
N ALA B 1101 24.19 -26.44 -5.17
CA ALA B 1101 25.54 -26.00 -4.81
C ALA B 1101 26.31 -27.18 -4.22
N SER B 1102 27.48 -26.90 -3.65
CA SER B 1102 28.35 -27.93 -3.08
C SER B 1102 28.63 -27.60 -1.62
N VAL B 1103 28.21 -28.47 -0.72
CA VAL B 1103 28.37 -28.28 0.72
C VAL B 1103 29.35 -29.32 1.24
N CYS B 1104 30.28 -28.88 2.09
CA CYS B 1104 31.26 -29.76 2.72
C CYS B 1104 30.81 -30.10 4.13
N ARG B 1105 31.25 -31.27 4.62
CA ARG B 1105 30.82 -31.75 5.93
C ARG B 1105 31.57 -31.05 7.05
N GLU B 1106 32.91 -31.17 7.06
CA GLU B 1106 33.72 -30.67 8.15
C GLU B 1106 34.02 -29.18 8.06
N CYS B 1107 33.31 -28.44 7.20
CA CYS B 1107 33.51 -26.99 7.12
C CYS B 1107 32.16 -26.28 7.21
N GLY B 1108 31.09 -26.93 6.76
CA GLY B 1108 29.76 -26.36 6.78
C GLY B 1108 29.64 -25.04 6.07
N SER B 1109 30.21 -24.94 4.87
CA SER B 1109 30.18 -23.71 4.08
C SER B 1109 29.73 -24.03 2.67
N ILE B 1110 29.21 -23.00 2.00
CA ILE B 1110 28.71 -23.14 0.64
C ILE B 1110 29.45 -22.17 -0.27
N LEU B 1111 29.92 -21.06 0.30
CA LEU B 1111 30.64 -20.04 -0.46
C LEU B 1111 32.15 -20.19 -0.39
N THR B 1112 32.64 -21.11 0.45
CA THR B 1112 34.07 -21.27 0.65
C THR B 1112 34.68 -22.40 -0.19
N THR B 1113 33.84 -23.32 -0.68
CA THR B 1113 34.35 -24.42 -1.49
C THR B 1113 34.99 -23.92 -2.77
N GLN B 1114 35.94 -24.69 -3.29
CA GLN B 1114 36.68 -24.35 -4.49
C GLN B 1114 36.24 -25.22 -5.66
N GLN B 1115 36.16 -24.61 -6.84
CA GLN B 1115 36.05 -25.34 -8.10
C GLN B 1115 37.37 -25.10 -8.83
N SER B 1116 38.37 -25.92 -8.52
CA SER B 1116 39.71 -25.71 -9.01
C SER B 1116 39.83 -26.12 -10.47
N VAL B 1117 40.92 -25.68 -11.09
CA VAL B 1117 41.19 -26.05 -12.49
C VAL B 1117 41.58 -27.52 -12.53
N PRO B 1118 40.95 -28.34 -13.37
CA PRO B 1118 41.27 -29.77 -13.39
C PRO B 1118 42.62 -30.04 -14.04
N ARG B 1119 43.12 -31.24 -13.81
CA ARG B 1119 44.39 -31.66 -14.39
C ARG B 1119 44.23 -31.88 -15.89
N ILE B 1120 45.36 -32.16 -16.54
CA ILE B 1120 45.34 -32.42 -17.98
C ILE B 1120 44.52 -33.66 -18.29
N GLY B 1121 44.53 -34.64 -17.39
CA GLY B 1121 43.79 -35.87 -17.60
C GLY B 1121 42.61 -36.04 -16.66
N SER B 1122 42.53 -35.20 -15.64
CA SER B 1122 41.44 -35.26 -14.66
C SER B 1122 40.36 -34.25 -15.02
N ILE B 1123 39.11 -34.58 -14.67
CA ILE B 1123 37.96 -33.72 -14.91
C ILE B 1123 37.13 -33.67 -13.63
N SER B 1124 36.43 -32.54 -13.46
CA SER B 1124 35.51 -32.34 -12.33
C SER B 1124 36.23 -32.47 -10.99
N THR B 1125 37.16 -31.55 -10.76
CA THR B 1125 37.94 -31.51 -9.52
C THR B 1125 37.37 -30.40 -8.64
N VAL B 1126 36.46 -30.77 -7.75
CA VAL B 1126 35.83 -29.85 -6.81
C VAL B 1126 36.31 -30.21 -5.41
N CYS B 1127 36.72 -29.19 -4.65
CA CYS B 1127 37.28 -29.40 -3.32
C CYS B 1127 36.88 -28.22 -2.43
N CYS B 1128 37.50 -28.13 -1.26
CA CYS B 1128 37.22 -27.08 -0.29
C CYS B 1128 38.55 -26.47 0.16
N ARG B 1129 38.54 -25.16 0.41
CA ARG B 1129 39.74 -24.44 0.82
C ARG B 1129 39.87 -24.28 2.33
N ARG B 1130 38.76 -24.25 3.06
CA ARG B 1130 38.82 -24.03 4.50
C ARG B 1130 39.31 -25.27 5.24
N CYS B 1131 38.95 -26.47 4.76
CA CYS B 1131 39.36 -27.72 5.36
C CYS B 1131 40.70 -28.21 4.82
N SER B 1132 41.51 -27.32 4.24
CA SER B 1132 42.77 -27.68 3.62
C SER B 1132 43.91 -26.88 4.22
N MET B 1133 45.02 -27.55 4.50
CA MET B 1133 46.24 -26.92 4.98
C MET B 1133 47.26 -26.86 3.85
N ARG B 1134 48.20 -25.91 3.98
CA ARG B 1134 49.21 -25.74 2.95
C ARG B 1134 50.10 -26.97 2.86
N PHE B 1135 50.46 -27.33 1.62
CA PHE B 1135 51.27 -28.52 1.39
C PHE B 1135 52.70 -28.36 1.90
N GLU B 1136 53.18 -27.13 2.03
CA GLU B 1136 54.54 -26.92 2.53
C GLU B 1136 54.67 -27.32 3.99
N ASP B 1137 53.57 -27.29 4.75
CA ASP B 1137 53.56 -27.76 6.13
C ASP B 1137 53.19 -29.23 6.26
N ALA B 1138 52.67 -29.84 5.19
CA ALA B 1138 52.27 -31.25 5.21
C ALA B 1138 53.53 -32.11 5.16
N LYS B 1139 53.99 -32.56 6.32
CA LYS B 1139 55.18 -33.39 6.41
C LYS B 1139 55.15 -34.16 7.72
N LYS B 1140 55.99 -35.18 7.80
CA LYS B 1140 56.08 -36.00 9.00
C LYS B 1140 57.53 -36.18 9.44
N GLY B 1148 57.16 -43.63 12.97
CA GLY B 1148 56.65 -42.42 12.36
C GLY B 1148 57.32 -42.07 11.06
N GLU B 1149 57.28 -43.00 10.10
CA GLU B 1149 57.89 -42.78 8.80
C GLU B 1149 57.05 -41.82 7.96
N LYS B 1150 57.65 -41.32 6.89
CA LYS B 1150 56.97 -40.40 5.98
C LYS B 1150 55.90 -41.16 5.19
N ILE B 1151 54.64 -40.85 5.44
CA ILE B 1151 53.53 -41.52 4.78
C ILE B 1151 53.32 -40.89 3.41
N PHE B 1152 53.05 -41.74 2.41
CA PHE B 1152 52.84 -41.28 1.05
C PHE B 1152 51.38 -40.90 0.85
N ILE B 1153 50.99 -40.68 -0.41
CA ILE B 1153 49.63 -40.28 -0.75
C ILE B 1153 49.19 -41.07 -1.99
N ASP B 1154 47.92 -41.46 -2.02
CA ASP B 1154 47.36 -42.25 -3.11
C ASP B 1154 47.06 -41.43 -4.35
N ASP B 1155 47.53 -40.18 -4.41
CA ASP B 1155 47.38 -39.26 -5.55
C ASP B 1155 45.94 -38.81 -5.76
N SER B 1156 44.99 -39.28 -4.95
CA SER B 1156 43.61 -38.83 -5.06
C SER B 1156 43.36 -37.51 -4.35
N GLN B 1157 44.33 -37.03 -3.56
CA GLN B 1157 44.21 -35.77 -2.85
C GLN B 1157 45.07 -34.67 -3.43
N ILE B 1158 45.91 -34.98 -4.41
CA ILE B 1158 46.79 -34.00 -5.03
C ILE B 1158 46.05 -33.28 -6.15
N TRP B 1159 46.02 -31.96 -6.09
CA TRP B 1159 45.37 -31.15 -7.11
C TRP B 1159 45.89 -29.72 -6.99
N GLU B 1160 46.04 -29.06 -8.13
CA GLU B 1160 46.58 -27.72 -8.21
C GLU B 1160 45.47 -26.71 -8.43
N ASP B 1161 45.66 -25.51 -7.87
CA ASP B 1161 44.69 -24.43 -8.02
C ASP B 1161 45.06 -23.60 -9.26
N GLY B 1162 44.33 -22.49 -9.47
CA GLY B 1162 44.59 -21.66 -10.62
C GLY B 1162 45.83 -20.80 -10.52
N GLN B 1163 46.24 -20.46 -9.30
CA GLN B 1163 47.39 -19.59 -9.09
C GLN B 1163 48.70 -20.35 -8.95
N GLY B 1164 48.67 -21.67 -8.95
CA GLY B 1164 49.87 -22.48 -8.85
C GLY B 1164 50.18 -23.00 -7.46
N ASN B 1165 49.46 -22.54 -6.44
CA ASN B 1165 49.71 -23.00 -5.08
C ASN B 1165 49.30 -24.46 -4.93
N LYS B 1166 49.62 -25.02 -3.76
CA LYS B 1166 49.32 -26.42 -3.46
C LYS B 1166 48.95 -26.54 -2.00
N PHE B 1167 47.75 -27.04 -1.72
CA PHE B 1167 47.29 -27.25 -0.36
C PHE B 1167 46.38 -28.48 -0.34
N VAL B 1168 46.58 -29.32 0.68
CA VAL B 1168 45.91 -30.62 0.78
C VAL B 1168 44.78 -30.53 1.79
N GLY B 1169 43.64 -31.09 1.45
CA GLY B 1169 42.48 -31.12 2.32
C GLY B 1169 41.20 -30.76 1.59
N GLY B 1170 40.10 -30.91 2.31
CA GLY B 1170 38.78 -30.62 1.77
C GLY B 1170 38.40 -31.50 0.60
N ASN B 1171 38.28 -32.80 0.84
CA ASN B 1171 37.96 -33.75 -0.23
C ASN B 1171 36.47 -34.00 -0.37
N GLU B 1172 35.80 -34.41 0.71
CA GLU B 1172 34.41 -34.82 0.63
C GLU B 1172 33.50 -33.60 0.55
N THR B 1173 32.67 -33.56 -0.49
CA THR B 1173 31.72 -32.47 -0.70
C THR B 1173 30.60 -32.97 -1.61
N THR B 1174 29.36 -32.79 -1.18
CA THR B 1174 28.19 -33.26 -1.90
C THR B 1174 27.46 -32.09 -2.55
N THR B 1175 26.33 -32.38 -3.19
CA THR B 1175 25.50 -31.37 -3.84
C THR B 1175 24.17 -31.28 -3.11
N VAL B 1176 23.82 -30.07 -2.65
CA VAL B 1176 22.63 -29.83 -1.86
C VAL B 1176 21.83 -28.70 -2.54
N ALA B 1177 20.51 -28.74 -2.33
CA ALA B 1177 19.63 -27.70 -2.83
C ALA B 1177 19.70 -26.48 -1.92
N ILE B 1178 20.09 -25.34 -2.47
CA ILE B 1178 20.28 -24.11 -1.69
C ILE B 1178 19.72 -22.93 -2.47
N PRO B 1179 19.07 -21.97 -1.80
CA PRO B 1179 18.66 -20.75 -2.49
C PRO B 1179 19.85 -19.84 -2.79
N PHE B 1180 19.70 -19.06 -3.86
CA PHE B 1180 20.75 -18.11 -4.23
C PHE B 1180 20.90 -17.01 -3.20
N VAL B 1181 19.78 -16.55 -2.63
CA VAL B 1181 19.85 -15.50 -1.61
C VAL B 1181 20.46 -16.04 -0.33
N LEU B 1182 20.39 -17.35 -0.10
CA LEU B 1182 21.15 -17.95 0.99
C LEU B 1182 22.65 -17.87 0.69
N LYS B 1183 23.03 -18.13 -0.56
CA LYS B 1183 24.42 -17.97 -0.98
C LYS B 1183 24.89 -16.53 -0.81
N TYR B 1184 23.97 -15.57 -0.79
CA TYR B 1184 24.30 -14.19 -0.45
C TYR B 1184 24.13 -13.92 1.03
N LEU B 1185 23.23 -14.64 1.70
CA LEU B 1185 23.02 -14.43 3.13
C LEU B 1185 24.24 -14.84 3.94
N ASP B 1186 24.77 -16.05 3.69
CA ASP B 1186 25.95 -16.49 4.41
C ASP B 1186 27.17 -15.64 4.04
N SER B 1187 27.18 -15.06 2.85
CA SER B 1187 28.27 -14.16 2.48
C SER B 1187 28.18 -12.84 3.23
N GLU B 1188 26.96 -12.34 3.44
CA GLU B 1188 26.81 -11.07 4.15
C GLU B 1188 27.03 -11.24 5.65
N LEU B 1189 26.46 -12.29 6.24
CA LEU B 1189 26.65 -12.51 7.67
C LEU B 1189 28.09 -12.88 7.99
N SER B 1190 28.80 -13.52 7.06
CA SER B 1190 30.22 -13.74 7.25
C SER B 1190 31.00 -12.44 7.12
N ALA B 1191 30.52 -11.50 6.30
CA ALA B 1191 31.21 -10.23 6.13
C ALA B 1191 31.16 -9.39 7.39
N MET B 1192 30.10 -9.51 8.19
CA MET B 1192 29.97 -8.77 9.43
C MET B 1192 30.53 -9.52 10.63
N GLY B 1193 31.31 -10.59 10.41
CA GLY B 1193 32.07 -11.23 11.45
C GLY B 1193 31.48 -12.52 12.00
N ILE B 1194 30.22 -12.84 11.67
CA ILE B 1194 29.57 -14.01 12.22
C ILE B 1194 29.73 -15.18 11.25
N ARG B 1195 30.14 -16.33 11.76
CA ARG B 1195 30.35 -17.51 10.93
C ARG B 1195 29.11 -18.40 10.93
N LEU B 1196 28.87 -19.03 9.79
CA LEU B 1196 27.73 -19.92 9.60
C LEU B 1196 28.24 -21.34 9.34
N ARG B 1197 27.49 -22.33 9.84
CA ARG B 1197 27.86 -23.73 9.63
C ARG B 1197 26.59 -24.57 9.65
N TYR B 1198 26.20 -25.06 8.48
CA TYR B 1198 25.13 -26.04 8.38
C TYR B 1198 25.68 -27.43 8.71
N ASN B 1199 24.81 -28.43 8.62
CA ASN B 1199 25.23 -29.83 8.70
C ASN B 1199 24.30 -30.66 7.82
N VAL B 1200 24.87 -31.74 7.26
CA VAL B 1200 24.15 -32.58 6.31
C VAL B 1200 24.05 -34.00 6.89
N GLU B 1201 23.10 -34.75 6.35
CA GLU B 1201 22.90 -36.14 6.73
C GLU B 1201 23.09 -37.05 5.52
N PRO B 1202 23.66 -38.25 5.71
CA PRO B 1202 24.15 -38.81 6.99
C PRO B 1202 25.42 -38.12 7.48
N LYS B 1203 25.78 -38.38 8.75
CA LYS B 1203 26.95 -37.77 9.39
C LYS B 1203 26.88 -36.26 9.34
N GLU C 30 -54.00 -29.00 -32.77
CA GLU C 30 -53.18 -29.56 -33.83
C GLU C 30 -52.74 -28.48 -34.82
N TRP C 31 -51.43 -28.36 -35.00
CA TRP C 31 -50.86 -27.39 -35.92
C TRP C 31 -50.49 -28.07 -37.23
N ASN C 32 -50.71 -27.37 -38.34
CA ASN C 32 -50.41 -27.91 -39.66
C ASN C 32 -50.24 -26.77 -40.64
N VAL C 33 -49.62 -27.08 -41.77
CA VAL C 33 -49.30 -26.06 -42.77
C VAL C 33 -50.55 -25.54 -43.48
N GLU C 34 -51.58 -26.37 -43.64
CA GLU C 34 -52.79 -25.91 -44.31
C GLU C 34 -53.59 -24.98 -43.41
N LYS C 35 -53.59 -25.23 -42.09
CA LYS C 35 -54.23 -24.29 -41.18
C LYS C 35 -53.46 -22.97 -41.14
N PHE C 36 -52.13 -23.02 -41.29
CA PHE C 36 -51.35 -21.80 -41.38
C PHE C 36 -51.62 -21.06 -42.69
N LYS C 37 -52.01 -21.80 -43.73
CA LYS C 37 -52.43 -21.15 -44.98
C LYS C 37 -53.68 -20.30 -44.75
N LYS C 38 -54.64 -20.82 -43.99
CA LYS C 38 -55.86 -20.08 -43.68
C LYS C 38 -55.65 -19.05 -42.58
N ASP C 39 -54.60 -19.19 -41.77
CA ASP C 39 -54.39 -18.33 -40.62
C ASP C 39 -53.49 -17.13 -40.95
N PHE C 40 -52.44 -17.34 -41.73
CA PHE C 40 -51.47 -16.28 -42.01
C PHE C 40 -52.10 -15.16 -42.83
N GLU C 41 -51.62 -13.94 -42.60
CA GLU C 41 -52.17 -12.76 -43.28
C GLU C 41 -51.04 -11.77 -43.52
N VAL C 42 -51.19 -10.98 -44.58
CA VAL C 42 -50.17 -10.00 -44.99
C VAL C 42 -50.88 -8.74 -45.46
N ASN C 43 -50.41 -7.59 -44.99
CA ASN C 43 -50.94 -6.29 -45.42
C ASN C 43 -49.77 -5.34 -45.64
N ILE C 44 -50.03 -4.28 -46.41
CA ILE C 44 -49.03 -3.28 -46.74
C ILE C 44 -49.64 -1.90 -46.54
N SER C 45 -48.91 -1.03 -45.84
CA SER C 45 -49.36 0.33 -45.56
C SER C 45 -48.73 1.37 -46.50
N SER C 46 -47.41 1.43 -46.54
CA SER C 46 -46.70 2.39 -47.38
C SER C 46 -45.34 1.84 -47.75
N LEU C 47 -45.05 1.81 -49.05
CA LEU C 47 -43.79 1.30 -49.58
C LEU C 47 -43.15 2.39 -50.43
N ASP C 48 -41.97 2.85 -50.03
CA ASP C 48 -41.21 3.85 -50.75
C ASP C 48 -39.83 3.32 -51.07
N ALA C 49 -39.14 4.01 -51.98
CA ALA C 49 -37.80 3.59 -52.39
C ALA C 49 -36.76 3.82 -51.31
N ARG C 50 -37.03 4.69 -50.34
CA ARG C 50 -36.10 4.99 -49.25
C ARG C 50 -36.45 4.24 -47.97
N GLU C 51 -37.72 4.25 -47.58
CA GLU C 51 -38.18 3.56 -46.38
C GLU C 51 -39.46 2.80 -46.71
N ALA C 52 -39.61 1.62 -46.13
CA ALA C 52 -40.74 0.73 -46.43
C ALA C 52 -41.43 0.34 -45.14
N ASN C 53 -42.73 0.59 -45.06
CA ASN C 53 -43.56 0.11 -43.97
C ASN C 53 -44.31 -1.14 -44.41
N PHE C 54 -44.56 -2.04 -43.45
CA PHE C 54 -45.15 -3.33 -43.78
C PHE C 54 -45.96 -3.83 -42.60
N ASP C 55 -46.91 -4.71 -42.88
CA ASP C 55 -47.79 -5.31 -41.88
C ASP C 55 -47.78 -6.82 -42.08
N LEU C 56 -47.14 -7.54 -41.16
CA LEU C 56 -47.09 -8.99 -41.20
C LEU C 56 -47.94 -9.53 -40.06
N ILE C 57 -49.03 -10.21 -40.41
CA ILE C 57 -50.06 -10.58 -39.45
C ILE C 57 -50.03 -12.09 -39.23
N ASN C 58 -50.42 -12.51 -38.03
CA ASN C 58 -50.57 -13.92 -37.67
C ASN C 58 -49.27 -14.70 -37.76
N ILE C 59 -48.25 -14.23 -37.03
CA ILE C 59 -46.98 -14.93 -36.92
C ILE C 59 -46.56 -14.92 -35.45
N ASP C 60 -45.56 -15.72 -35.13
CA ASP C 60 -45.01 -15.81 -33.79
C ASP C 60 -43.78 -14.92 -33.66
N THR C 61 -43.47 -14.53 -32.42
CA THR C 61 -42.29 -13.70 -32.18
C THR C 61 -41.00 -14.41 -32.56
N SER C 62 -40.99 -15.74 -32.53
CA SER C 62 -39.79 -16.49 -32.88
C SER C 62 -39.46 -16.31 -34.36
N ILE C 63 -40.44 -16.52 -35.24
CA ILE C 63 -40.21 -16.38 -36.67
C ILE C 63 -40.06 -14.91 -37.05
N ALA C 64 -40.81 -14.03 -36.38
CA ALA C 64 -40.71 -12.61 -36.67
C ALA C 64 -39.32 -12.06 -36.35
N ASN C 65 -38.88 -12.23 -35.10
CA ASN C 65 -37.56 -11.76 -34.71
C ASN C 65 -36.45 -12.51 -35.45
N ALA C 66 -36.71 -13.71 -35.94
CA ALA C 66 -35.73 -14.39 -36.78
C ALA C 66 -35.56 -13.67 -38.11
N PHE C 67 -36.67 -13.26 -38.73
CA PHE C 67 -36.59 -12.48 -39.97
C PHE C 67 -35.93 -11.13 -39.71
N ARG C 68 -36.22 -10.51 -38.57
CA ARG C 68 -35.59 -9.24 -38.23
C ARG C 68 -34.08 -9.40 -38.06
N ARG C 69 -33.67 -10.38 -37.26
CA ARG C 69 -32.25 -10.58 -37.01
C ARG C 69 -31.51 -10.97 -38.29
N ILE C 70 -32.16 -11.73 -39.17
CA ILE C 70 -31.56 -12.06 -40.46
C ILE C 70 -31.40 -10.80 -41.31
N MET C 71 -32.38 -9.89 -41.25
CA MET C 71 -32.30 -8.65 -42.01
C MET C 71 -31.10 -7.81 -41.59
N ILE C 72 -30.65 -7.97 -40.35
CA ILE C 72 -29.58 -7.13 -39.81
C ILE C 72 -28.25 -7.88 -39.65
N SER C 73 -28.26 -9.21 -39.80
CA SER C 73 -27.06 -10.00 -39.55
C SER C 73 -26.56 -10.74 -40.77
N GLU C 74 -27.44 -11.41 -41.52
CA GLU C 74 -26.99 -12.31 -42.58
C GLU C 74 -27.54 -11.95 -43.94
N VAL C 75 -27.46 -10.68 -44.30
CA VAL C 75 -27.79 -10.20 -45.64
C VAL C 75 -26.50 -9.81 -46.34
N PRO C 76 -26.22 -10.32 -47.54
CA PRO C 76 -24.94 -10.00 -48.21
C PRO C 76 -24.91 -8.55 -48.67
N SER C 77 -23.88 -7.83 -48.24
CA SER C 77 -23.64 -6.45 -48.66
C SER C 77 -22.21 -6.32 -49.16
N VAL C 78 -21.94 -5.24 -49.87
CA VAL C 78 -20.65 -4.98 -50.47
C VAL C 78 -20.09 -3.69 -49.89
N ALA C 79 -18.91 -3.77 -49.27
CA ALA C 79 -18.25 -2.61 -48.70
C ALA C 79 -16.75 -2.77 -48.83
N ALA C 80 -16.05 -1.64 -48.82
CA ALA C 80 -14.60 -1.66 -48.97
C ALA C 80 -13.94 -2.18 -47.70
N GLU C 81 -13.11 -3.21 -47.84
CA GLU C 81 -12.48 -3.86 -46.70
C GLU C 81 -11.03 -3.41 -46.51
N TYR C 82 -10.21 -3.56 -47.54
CA TYR C 82 -8.79 -3.22 -47.47
C TYR C 82 -8.54 -1.89 -48.17
N VAL C 83 -7.61 -1.10 -47.61
CA VAL C 83 -7.27 0.21 -48.13
C VAL C 83 -5.77 0.24 -48.44
N TYR C 84 -5.41 0.89 -49.54
CA TYR C 84 -4.03 1.02 -49.96
C TYR C 84 -3.71 2.49 -50.17
N PHE C 85 -2.78 3.02 -49.38
CA PHE C 85 -2.39 4.42 -49.45
C PHE C 85 -1.03 4.57 -50.10
N PHE C 86 -0.85 5.66 -50.84
CA PHE C 86 0.44 6.00 -51.41
C PHE C 86 1.06 7.26 -50.82
N ASN C 87 0.25 8.16 -50.27
CA ASN C 87 0.75 9.37 -49.63
C ASN C 87 -0.36 9.94 -48.76
N ASN C 88 0.01 10.44 -47.59
CA ASN C 88 -0.94 11.04 -46.65
C ASN C 88 -0.25 12.22 -45.96
N THR C 89 -0.49 13.42 -46.48
CA THR C 89 0.06 14.64 -45.91
C THR C 89 -0.96 15.49 -45.18
N SER C 90 -2.25 15.15 -45.27
CA SER C 90 -3.28 15.91 -44.59
C SER C 90 -3.22 15.67 -43.08
N VAL C 91 -3.92 16.54 -42.33
CA VAL C 91 -3.96 16.42 -40.88
C VAL C 91 -4.90 15.31 -40.42
N ILE C 92 -5.72 14.76 -41.31
CA ILE C 92 -6.61 13.68 -40.94
C ILE C 92 -5.80 12.40 -40.78
N GLN C 93 -6.09 11.64 -39.72
CA GLN C 93 -5.36 10.41 -39.46
C GLN C 93 -5.58 9.41 -40.60
N ASP C 94 -4.52 8.66 -40.92
CA ASP C 94 -4.57 7.81 -42.10
C ASP C 94 -5.57 6.66 -41.93
N GLU C 95 -5.57 6.02 -40.76
CA GLU C 95 -6.47 4.89 -40.57
C GLU C 95 -7.91 5.33 -40.40
N VAL C 96 -8.15 6.50 -39.80
CA VAL C 96 -9.51 6.98 -39.67
C VAL C 96 -10.07 7.38 -41.03
N LEU C 97 -9.20 7.79 -41.94
CA LEU C 97 -9.63 8.01 -43.33
C LEU C 97 -9.73 6.69 -44.07
N ALA C 98 -8.97 5.68 -43.65
CA ALA C 98 -9.05 4.37 -44.28
C ALA C 98 -10.35 3.66 -43.93
N HIS C 99 -10.76 3.71 -42.66
CA HIS C 99 -12.02 3.07 -42.28
C HIS C 99 -13.22 3.98 -42.47
N ARG C 100 -13.02 5.21 -42.98
CA ARG C 100 -14.16 6.01 -43.41
C ARG C 100 -14.43 5.80 -44.90
N ILE C 101 -13.37 5.75 -45.71
CA ILE C 101 -13.54 5.43 -47.13
C ILE C 101 -13.94 3.98 -47.32
N GLY C 102 -13.71 3.12 -46.32
CA GLY C 102 -14.19 1.76 -46.32
C GLY C 102 -15.52 1.55 -45.65
N LEU C 103 -16.01 2.54 -44.91
CA LEU C 103 -17.30 2.48 -44.24
C LEU C 103 -18.40 3.16 -45.01
N VAL C 104 -18.06 4.06 -45.94
CA VAL C 104 -19.09 4.72 -46.76
C VAL C 104 -19.81 3.69 -47.61
N PRO C 105 -21.14 3.66 -47.62
CA PRO C 105 -21.85 2.70 -48.46
C PRO C 105 -21.78 3.07 -49.93
N LEU C 106 -22.02 2.08 -50.77
CA LEU C 106 -21.99 2.25 -52.22
C LEU C 106 -23.26 1.68 -52.83
N LYS C 107 -23.75 2.34 -53.88
CA LYS C 107 -24.92 1.88 -54.61
C LYS C 107 -24.50 0.81 -55.61
N VAL C 108 -24.21 -0.38 -55.07
CA VAL C 108 -23.75 -1.53 -55.85
C VAL C 108 -24.72 -2.67 -55.61
N ASP C 109 -25.02 -3.42 -56.67
CA ASP C 109 -25.98 -4.51 -56.59
C ASP C 109 -25.26 -5.82 -56.30
N PRO C 110 -25.54 -6.48 -55.18
CA PRO C 110 -24.87 -7.76 -54.87
C PRO C 110 -25.32 -8.88 -55.80
N ASP C 111 -24.85 -10.10 -55.52
CA ASP C 111 -25.10 -11.32 -56.27
C ASP C 111 -24.37 -11.36 -57.61
N MET C 112 -23.57 -10.35 -57.93
CA MET C 112 -22.75 -10.39 -59.13
C MET C 112 -21.34 -10.90 -58.87
N LEU C 113 -20.85 -10.74 -57.65
CA LEU C 113 -19.53 -11.23 -57.25
C LEU C 113 -19.68 -12.35 -56.24
N THR C 114 -18.76 -13.31 -56.29
CA THR C 114 -18.79 -14.45 -55.39
C THR C 114 -18.01 -14.14 -54.11
N TRP C 115 -17.88 -15.15 -53.25
CA TRP C 115 -17.18 -14.99 -51.98
C TRP C 115 -15.68 -15.09 -52.20
N VAL C 116 -14.92 -14.95 -51.11
CA VAL C 116 -13.47 -14.97 -51.13
C VAL C 116 -12.97 -15.88 -50.02
N ASP C 117 -12.01 -16.75 -50.35
CA ASP C 117 -11.39 -17.60 -49.35
C ASP C 117 -10.29 -16.84 -48.62
N SER C 118 -10.22 -17.03 -47.30
CA SER C 118 -9.34 -16.20 -46.48
C SER C 118 -7.91 -16.72 -46.48
N ASN C 119 -7.72 -18.04 -46.52
CA ASN C 119 -6.39 -18.63 -46.40
C ASN C 119 -5.54 -18.52 -47.66
N LEU C 120 -6.01 -17.77 -48.69
CA LEU C 120 -5.16 -17.63 -49.86
C LEU C 120 -4.34 -16.35 -49.78
N PRO C 121 -3.10 -16.38 -50.28
CA PRO C 121 -2.27 -15.16 -50.28
C PRO C 121 -2.76 -14.13 -51.29
N ASP C 122 -2.11 -12.96 -51.31
CA ASP C 122 -2.63 -11.81 -52.05
C ASP C 122 -2.61 -12.03 -53.56
N ASP C 123 -1.71 -12.87 -54.06
CA ASP C 123 -1.58 -13.04 -55.51
C ASP C 123 -2.80 -13.69 -56.13
N GLU C 124 -3.64 -14.37 -55.35
CA GLU C 124 -4.89 -14.92 -55.87
C GLU C 124 -6.06 -14.69 -54.93
N LYS C 125 -5.90 -13.87 -53.89
CA LYS C 125 -6.98 -13.61 -52.95
C LYS C 125 -8.03 -12.67 -53.54
N PHE C 126 -7.58 -11.59 -54.18
CA PHE C 126 -8.47 -10.61 -54.79
C PHE C 126 -8.48 -10.82 -56.29
N THR C 127 -9.60 -11.32 -56.82
CA THR C 127 -9.79 -11.55 -58.24
C THR C 127 -10.81 -10.58 -58.80
N ASP C 128 -10.97 -10.61 -60.13
CA ASP C 128 -11.93 -9.73 -60.78
C ASP C 128 -13.36 -10.11 -60.43
N GLU C 129 -13.65 -11.41 -60.37
CA GLU C 129 -15.00 -11.89 -60.06
C GLU C 129 -15.37 -11.68 -58.59
N ASN C 130 -14.48 -11.14 -57.78
CA ASN C 130 -14.75 -10.99 -56.35
C ASN C 130 -14.55 -9.57 -55.83
N THR C 131 -13.57 -8.84 -56.37
CA THR C 131 -13.16 -7.56 -55.81
C THR C 131 -13.47 -6.42 -56.78
N ILE C 132 -13.83 -5.27 -56.20
CA ILE C 132 -14.07 -4.04 -56.95
C ILE C 132 -12.92 -3.08 -56.65
N VAL C 133 -12.43 -2.41 -57.69
CA VAL C 133 -11.27 -1.52 -57.59
C VAL C 133 -11.78 -0.09 -57.57
N LEU C 134 -11.37 0.66 -56.56
CA LEU C 134 -11.73 2.06 -56.41
C LEU C 134 -10.48 2.91 -56.21
N SER C 135 -10.56 4.18 -56.61
CA SER C 135 -9.44 5.11 -56.48
C SER C 135 -9.96 6.49 -56.13
N LEU C 136 -9.07 7.31 -55.57
CA LEU C 136 -9.42 8.67 -55.19
C LEU C 136 -8.13 9.47 -55.15
N ASN C 137 -7.93 10.36 -56.12
CA ASN C 137 -6.72 11.18 -56.22
C ASN C 137 -7.14 12.63 -56.36
N VAL C 138 -6.96 13.41 -55.30
CA VAL C 138 -7.31 14.83 -55.28
C VAL C 138 -6.09 15.63 -54.83
N LYS C 139 -5.77 16.68 -55.57
CA LYS C 139 -4.66 17.57 -55.24
C LYS C 139 -5.16 19.01 -55.33
N CYS C 140 -5.01 19.75 -54.24
CA CYS C 140 -5.44 21.13 -54.17
C CYS C 140 -4.28 22.08 -54.43
N THR C 141 -4.60 23.37 -54.53
CA THR C 141 -3.60 24.40 -54.79
C THR C 141 -4.14 25.73 -54.31
N ARG C 142 -3.27 26.75 -54.36
CA ARG C 142 -3.64 28.09 -53.96
C ARG C 142 -4.45 28.77 -55.05
N ASN C 143 -5.52 29.44 -54.66
CA ASN C 143 -6.39 30.17 -55.59
C ASN C 143 -6.47 31.63 -55.18
N PRO C 144 -5.84 32.56 -55.92
CA PRO C 144 -5.91 33.97 -55.52
C PRO C 144 -7.28 34.56 -55.79
N ASP C 145 -7.85 35.17 -54.76
CA ASP C 145 -9.18 35.78 -54.86
C ASP C 145 -9.35 36.75 -53.70
N ALA C 146 -10.29 37.67 -53.87
CA ALA C 146 -10.58 38.66 -52.84
C ALA C 146 -11.20 37.99 -51.62
N PRO C 147 -10.63 38.14 -50.42
CA PRO C 147 -11.16 37.54 -49.19
C PRO C 147 -12.57 38.02 -48.85
N SER C 150 -13.22 34.67 -42.06
CA SER C 150 -14.56 34.82 -42.64
C SER C 150 -14.57 34.35 -44.09
N THR C 151 -13.38 34.16 -44.66
CA THR C 151 -13.25 33.73 -46.04
C THR C 151 -13.60 32.25 -46.15
N ASP C 152 -14.54 31.93 -47.04
CA ASP C 152 -14.97 30.55 -47.20
C ASP C 152 -13.88 29.73 -47.89
N PRO C 153 -13.79 28.44 -47.56
CA PRO C 153 -12.74 27.61 -48.21
C PRO C 153 -13.01 27.35 -49.67
N LYS C 154 -14.27 27.12 -50.05
CA LYS C 154 -14.59 26.90 -51.46
C LYS C 154 -14.32 28.13 -52.32
N GLU C 155 -14.32 29.32 -51.72
CA GLU C 155 -14.01 30.54 -52.45
C GLU C 155 -12.54 30.91 -52.41
N LEU C 156 -11.83 30.50 -51.36
CA LEU C 156 -10.42 30.83 -51.19
C LEU C 156 -9.49 29.80 -51.83
N TYR C 157 -9.87 28.52 -51.79
CA TYR C 157 -9.04 27.46 -52.34
C TYR C 157 -9.88 26.58 -53.26
N ASN C 158 -9.20 25.92 -54.19
CA ASN C 158 -9.83 24.99 -55.11
C ASN C 158 -9.59 23.56 -54.64
N ASN C 159 -10.60 22.70 -54.84
CA ASN C 159 -10.54 21.30 -54.43
C ASN C 159 -10.27 21.16 -52.94
N ALA C 160 -10.78 22.09 -52.13
CA ALA C 160 -10.58 22.03 -50.69
C ALA C 160 -11.38 20.88 -50.08
N HIS C 161 -12.69 20.87 -50.33
CA HIS C 161 -13.54 19.79 -49.81
C HIS C 161 -13.47 18.59 -50.74
N VAL C 162 -13.34 17.40 -50.15
CA VAL C 162 -13.35 16.15 -50.88
C VAL C 162 -14.64 15.41 -50.53
N TYR C 163 -15.55 15.35 -51.48
CA TYR C 163 -16.84 14.71 -51.27
C TYR C 163 -16.78 13.24 -51.71
N ALA C 164 -17.93 12.59 -51.77
CA ALA C 164 -17.98 11.18 -52.13
C ALA C 164 -18.04 10.94 -53.64
N ARG C 165 -18.54 11.91 -54.41
CA ARG C 165 -18.57 11.74 -55.86
C ARG C 165 -17.19 11.78 -56.48
N ASP C 166 -16.19 12.32 -55.77
CA ASP C 166 -14.83 12.32 -56.28
C ASP C 166 -14.22 10.93 -56.28
N LEU C 167 -14.82 9.98 -55.56
CA LEU C 167 -14.34 8.60 -55.54
C LEU C 167 -14.55 8.00 -56.92
N LYS C 168 -13.45 7.82 -57.66
CA LYS C 168 -13.50 7.33 -59.03
C LYS C 168 -13.38 5.81 -59.05
N PHE C 169 -14.33 5.16 -59.72
CA PHE C 169 -14.28 3.71 -59.88
C PHE C 169 -13.31 3.33 -61.00
N GLU C 170 -12.55 2.27 -60.78
CA GLU C 170 -11.55 1.81 -61.74
C GLU C 170 -11.96 0.46 -62.28
N PRO C 171 -12.45 0.37 -63.53
CA PRO C 171 -12.79 -0.93 -64.09
C PRO C 171 -11.54 -1.75 -64.39
N GLN C 172 -11.59 -3.03 -64.05
CA GLN C 172 -10.43 -3.91 -64.23
C GLN C 172 -10.94 -5.34 -64.36
N GLY C 173 -10.11 -6.18 -64.97
CA GLY C 173 -10.43 -7.59 -65.12
C GLY C 173 -11.21 -7.89 -66.38
N ARG C 174 -11.70 -9.13 -66.44
CA ARG C 174 -12.37 -9.63 -67.64
C ARG C 174 -13.74 -9.00 -67.85
N GLN C 175 -14.33 -8.38 -66.84
CA GLN C 175 -15.64 -7.75 -66.96
C GLN C 175 -15.48 -6.24 -66.89
N SER C 176 -15.92 -5.56 -67.95
CA SER C 176 -15.88 -4.11 -67.99
C SER C 176 -17.15 -3.48 -68.59
N THR C 177 -18.12 -4.29 -69.00
CA THR C 177 -19.34 -3.77 -69.62
C THR C 177 -20.58 -3.96 -68.76
N THR C 178 -20.60 -4.96 -67.87
CA THR C 178 -21.77 -5.19 -67.03
C THR C 178 -21.95 -4.11 -65.98
N PHE C 179 -20.96 -3.25 -65.75
CA PHE C 179 -21.06 -2.16 -64.79
C PHE C 179 -21.08 -0.78 -65.47
N ALA C 180 -21.02 -0.73 -66.80
CA ALA C 180 -21.03 0.55 -67.49
C ALA C 180 -22.41 1.21 -67.42
N ASP C 181 -23.47 0.42 -67.61
CA ASP C 181 -24.82 0.96 -67.54
C ASP C 181 -25.26 1.24 -66.11
N CYS C 182 -24.59 0.64 -65.12
CA CYS C 182 -24.89 0.85 -63.70
C CYS C 182 -23.61 1.22 -63.00
N PRO C 183 -23.20 2.49 -63.06
CA PRO C 183 -21.97 2.90 -62.37
C PRO C 183 -22.09 2.76 -60.87
N VAL C 184 -21.00 2.32 -60.24
CA VAL C 184 -20.97 2.12 -58.79
C VAL C 184 -20.59 3.46 -58.17
N VAL C 185 -21.60 4.29 -57.93
CA VAL C 185 -21.43 5.61 -57.32
C VAL C 185 -22.07 5.57 -55.94
N PRO C 186 -21.44 6.14 -54.91
CA PRO C 186 -22.08 6.17 -53.58
C PRO C 186 -23.43 6.85 -53.62
N ALA C 187 -24.37 6.29 -52.87
CA ALA C 187 -25.76 6.77 -52.90
C ALA C 187 -25.89 8.21 -52.44
N ASP C 188 -24.96 8.70 -51.62
CA ASP C 188 -24.98 10.09 -51.15
C ASP C 188 -23.63 10.71 -51.45
N PRO C 189 -23.49 11.33 -52.63
CA PRO C 189 -22.19 11.94 -53.00
C PRO C 189 -21.81 13.15 -52.17
N ASP C 190 -22.66 13.59 -51.24
CA ASP C 190 -22.41 14.79 -50.45
C ASP C 190 -21.68 14.49 -49.14
N ILE C 191 -21.06 13.32 -49.03
CA ILE C 191 -20.35 12.97 -47.80
C ILE C 191 -19.05 13.76 -47.72
N LEU C 192 -18.94 14.61 -46.71
CA LEU C 192 -17.72 15.38 -46.47
C LEU C 192 -16.67 14.45 -45.89
N LEU C 193 -15.74 13.99 -46.73
CA LEU C 193 -14.70 13.09 -46.27
C LEU C 193 -13.71 13.83 -45.37
N ALA C 194 -13.07 14.87 -45.90
CA ALA C 194 -12.10 15.66 -45.16
C ALA C 194 -11.97 17.02 -45.84
N LYS C 195 -10.98 17.79 -45.42
CA LYS C 195 -10.66 19.07 -46.03
C LYS C 195 -9.15 19.17 -46.20
N LEU C 196 -8.73 19.95 -47.18
CA LEU C 196 -7.32 20.08 -47.53
C LEU C 196 -6.89 21.54 -47.43
N ARG C 197 -5.58 21.73 -47.49
CA ARG C 197 -4.94 23.04 -47.42
C ARG C 197 -3.84 23.09 -48.46
N PRO C 198 -3.46 24.29 -48.90
CA PRO C 198 -2.40 24.39 -49.94
C PRO C 198 -1.12 23.73 -49.48
N GLY C 199 -0.67 22.73 -50.26
CA GLY C 199 0.49 21.93 -49.93
C GLY C 199 0.17 20.46 -49.76
N GLN C 200 -1.01 20.15 -49.25
CA GLN C 200 -1.40 18.76 -49.03
C GLN C 200 -1.94 18.13 -50.30
N GLU C 201 -1.95 16.79 -50.30
CA GLU C 201 -2.50 16.01 -51.40
C GLU C 201 -2.93 14.66 -50.85
N ILE C 202 -3.86 14.02 -51.56
CA ILE C 202 -4.43 12.75 -51.12
C ILE C 202 -4.57 11.83 -52.32
N SER C 203 -4.27 10.55 -52.11
CA SER C 203 -4.42 9.54 -53.15
C SER C 203 -4.55 8.18 -52.48
N LEU C 204 -5.40 7.31 -53.05
CA LEU C 204 -5.66 6.01 -52.45
C LEU C 204 -6.26 5.09 -53.50
N LYS C 205 -6.06 3.78 -53.29
CA LYS C 205 -6.61 2.73 -54.14
C LYS C 205 -7.27 1.70 -53.23
N ALA C 206 -8.55 1.88 -52.97
CA ALA C 206 -9.29 1.01 -52.06
C ALA C 206 -9.91 -0.15 -52.81
N HIS C 207 -10.11 -1.26 -52.11
CA HIS C 207 -10.70 -2.46 -52.66
C HIS C 207 -12.02 -2.74 -51.95
N CYS C 208 -13.03 -3.11 -52.74
CA CYS C 208 -14.38 -3.37 -52.24
C CYS C 208 -14.68 -4.86 -52.34
N ILE C 209 -15.30 -5.41 -51.28
CA ILE C 209 -15.56 -6.84 -51.18
C ILE C 209 -16.94 -7.04 -50.57
N LEU C 210 -17.45 -8.26 -50.73
CA LEU C 210 -18.73 -8.64 -50.14
C LEU C 210 -18.55 -9.08 -48.69
N GLY C 211 -19.65 -9.39 -48.03
CA GLY C 211 -19.60 -9.84 -46.65
C GLY C 211 -20.96 -9.78 -46.02
N ILE C 212 -21.03 -10.29 -44.79
CA ILE C 212 -22.26 -10.34 -44.02
C ILE C 212 -22.15 -9.36 -42.86
N GLY C 213 -23.31 -8.96 -42.35
CA GLY C 213 -23.37 -8.02 -41.24
C GLY C 213 -23.01 -8.62 -39.89
N GLY C 214 -22.87 -9.94 -39.81
CA GLY C 214 -22.52 -10.57 -38.55
C GLY C 214 -21.12 -10.26 -38.06
N ASP C 215 -20.24 -9.81 -38.95
CA ASP C 215 -18.87 -9.48 -38.58
C ASP C 215 -18.70 -7.99 -38.31
N HIS C 216 -19.04 -7.15 -39.28
CA HIS C 216 -18.91 -5.69 -39.15
C HIS C 216 -20.24 -5.03 -39.47
N ALA C 217 -20.30 -3.72 -39.24
CA ALA C 217 -21.49 -2.94 -39.55
C ALA C 217 -21.45 -2.34 -40.94
N LYS C 218 -20.29 -2.32 -41.60
CA LYS C 218 -20.20 -1.80 -42.96
C LYS C 218 -20.95 -2.70 -43.94
N PHE C 219 -21.10 -3.97 -43.62
CA PHE C 219 -21.84 -4.91 -44.44
C PHE C 219 -23.32 -4.99 -44.08
N SER C 220 -23.86 -3.93 -43.46
CA SER C 220 -25.26 -3.89 -43.08
C SER C 220 -26.00 -2.94 -44.02
N PRO C 221 -26.71 -3.44 -45.04
CA PRO C 221 -27.43 -2.55 -45.96
C PRO C 221 -28.72 -1.98 -45.39
N VAL C 222 -29.07 -2.31 -44.16
CA VAL C 222 -30.27 -1.80 -43.51
C VAL C 222 -29.85 -1.01 -42.28
N SER C 223 -30.40 0.20 -42.13
CA SER C 223 -30.05 1.03 -40.99
C SER C 223 -30.63 0.46 -39.70
N THR C 224 -31.96 0.37 -39.61
CA THR C 224 -32.63 -0.16 -38.42
C THR C 224 -33.66 -1.19 -38.84
N ALA C 225 -33.69 -2.29 -38.10
CA ALA C 225 -34.70 -3.35 -38.28
C ALA C 225 -35.34 -3.58 -36.91
N SER C 226 -36.56 -3.07 -36.74
CA SER C 226 -37.26 -3.16 -35.46
C SER C 226 -38.74 -3.34 -35.69
N TYR C 227 -39.35 -4.20 -34.88
CA TYR C 227 -40.78 -4.46 -34.93
C TYR C 227 -41.44 -3.97 -33.65
N ARG C 228 -42.77 -4.04 -33.62
CA ARG C 228 -43.53 -3.68 -32.43
C ARG C 228 -44.90 -4.34 -32.49
N LEU C 229 -45.33 -4.88 -31.36
CA LEU C 229 -46.64 -5.52 -31.29
C LEU C 229 -47.74 -4.46 -31.33
N LEU C 230 -48.84 -4.81 -31.98
CA LEU C 230 -49.96 -3.88 -32.12
C LEU C 230 -50.60 -3.61 -30.76
N PRO C 231 -50.64 -2.36 -30.30
CA PRO C 231 -51.31 -2.08 -29.03
C PRO C 231 -52.81 -2.30 -29.14
N GLN C 232 -53.39 -2.89 -28.09
CA GLN C 232 -54.81 -3.22 -28.06
C GLN C 232 -55.40 -2.63 -26.79
N ILE C 233 -56.10 -1.50 -26.93
CA ILE C 233 -56.73 -0.82 -25.79
C ILE C 233 -58.16 -1.35 -25.64
N ASN C 234 -58.55 -1.66 -24.41
CA ASN C 234 -59.85 -2.22 -24.12
C ASN C 234 -60.72 -1.17 -23.43
N ILE C 235 -61.92 -0.96 -23.96
CA ILE C 235 -62.92 -0.08 -23.36
C ILE C 235 -64.03 -0.95 -22.78
N LEU C 236 -64.46 -0.63 -21.57
CA LEU C 236 -65.44 -1.46 -20.88
C LEU C 236 -66.60 -0.64 -20.34
N GLN C 237 -66.35 0.62 -20.01
CA GLN C 237 -67.32 1.46 -19.32
C GLN C 237 -67.69 2.66 -20.18
N PRO C 238 -68.89 3.24 -19.97
CA PRO C 238 -69.29 4.42 -20.73
C PRO C 238 -68.58 5.69 -20.27
N ILE C 239 -67.39 5.94 -20.82
CA ILE C 239 -66.56 7.07 -20.42
C ILE C 239 -66.90 8.28 -21.30
N LYS C 240 -68.03 8.23 -21.98
CA LYS C 240 -68.42 9.30 -22.89
C LYS C 240 -68.63 10.61 -22.13
N GLY C 241 -68.53 11.71 -22.87
CA GLY C 241 -68.71 13.03 -22.30
C GLY C 241 -67.41 13.81 -22.21
N GLU C 242 -67.30 14.67 -21.19
CA GLU C 242 -66.06 15.40 -20.98
C GLU C 242 -64.90 14.46 -20.65
N SER C 243 -65.20 13.32 -20.03
CA SER C 243 -64.16 12.32 -19.79
C SER C 243 -63.69 11.69 -21.10
N ALA C 244 -64.54 11.67 -22.12
CA ALA C 244 -64.16 11.10 -23.40
C ALA C 244 -63.23 12.03 -24.17
N ARG C 245 -63.54 13.33 -24.20
CA ARG C 245 -62.68 14.28 -24.90
C ARG C 245 -61.34 14.43 -24.17
N ARG C 246 -61.35 14.34 -22.84
CA ARG C 246 -60.10 14.30 -22.10
C ARG C 246 -59.32 13.02 -22.39
N PHE C 247 -60.04 11.91 -22.62
CA PHE C 247 -59.38 10.68 -23.03
C PHE C 247 -58.84 10.77 -24.45
N GLN C 248 -59.34 11.71 -25.25
CA GLN C 248 -58.86 11.92 -26.60
C GLN C 248 -57.69 12.89 -26.67
N LYS C 249 -57.60 13.83 -25.72
CA LYS C 249 -56.51 14.79 -25.74
C LYS C 249 -55.16 14.13 -25.46
N CYS C 250 -55.14 13.16 -24.55
CA CYS C 250 -53.88 12.50 -24.21
C CYS C 250 -53.35 11.69 -25.39
N PHE C 251 -54.21 10.87 -26.00
CA PHE C 251 -53.82 10.09 -27.16
C PHE C 251 -53.76 10.98 -28.41
N PRO C 252 -53.06 10.53 -29.45
CA PRO C 252 -53.03 11.29 -30.71
C PRO C 252 -54.44 11.43 -31.28
N PRO C 253 -54.67 12.45 -32.11
CA PRO C 253 -56.03 12.67 -32.64
C PRO C 253 -56.55 11.50 -33.47
N GLY C 254 -55.68 10.85 -34.24
CA GLY C 254 -56.11 9.76 -35.09
C GLY C 254 -56.04 8.41 -34.42
N VAL C 255 -56.49 8.32 -33.17
CA VAL C 255 -56.47 7.07 -32.42
C VAL C 255 -57.88 6.76 -31.91
N ILE C 256 -58.46 7.69 -31.15
CA ILE C 256 -59.78 7.52 -30.57
C ILE C 256 -60.77 8.40 -31.32
N GLY C 257 -61.87 7.80 -31.75
CA GLY C 257 -62.89 8.54 -32.47
C GLY C 257 -64.21 8.61 -31.73
N ILE C 258 -64.71 9.81 -31.51
CA ILE C 258 -65.97 10.04 -30.79
C ILE C 258 -67.03 10.45 -31.80
N ASP C 259 -68.17 9.77 -31.78
CA ASP C 259 -69.27 10.11 -32.67
C ASP C 259 -70.10 11.26 -32.13
N GLU C 260 -70.74 11.06 -30.98
CA GLU C 260 -71.60 12.05 -30.35
C GLU C 260 -71.55 11.81 -28.84
N GLY C 261 -72.47 12.45 -28.11
CA GLY C 261 -72.60 12.17 -26.69
C GLY C 261 -72.93 10.70 -26.44
N SER C 262 -73.82 10.14 -27.23
CA SER C 262 -74.09 8.70 -27.23
C SER C 262 -73.16 8.04 -28.24
N ASP C 263 -73.42 6.76 -28.57
CA ASP C 263 -72.63 6.01 -29.54
C ASP C 263 -71.17 5.94 -29.09
N GLU C 264 -70.98 5.19 -27.99
CA GLU C 264 -69.70 5.09 -27.29
C GLU C 264 -68.52 5.02 -28.25
N ALA C 265 -67.49 5.81 -27.93
CA ALA C 265 -66.34 5.98 -28.81
C ALA C 265 -65.69 4.65 -29.18
N TYR C 266 -65.05 4.62 -30.33
CA TYR C 266 -64.37 3.44 -30.85
C TYR C 266 -62.92 3.80 -31.17
N VAL C 267 -62.19 2.82 -31.70
CA VAL C 267 -60.81 3.01 -32.13
C VAL C 267 -60.82 3.19 -33.64
N LYS C 268 -60.36 4.35 -34.11
CA LYS C 268 -60.34 4.63 -35.54
C LYS C 268 -59.10 4.09 -36.22
N ASP C 269 -58.01 3.86 -35.47
CA ASP C 269 -56.79 3.32 -36.04
C ASP C 269 -55.97 2.68 -34.93
N ALA C 270 -55.46 1.48 -35.19
CA ALA C 270 -54.71 0.72 -34.20
C ALA C 270 -53.20 0.85 -34.36
N ARG C 271 -52.71 0.99 -35.59
CA ARG C 271 -51.27 1.10 -35.81
C ARG C 271 -50.74 2.51 -35.57
N LYS C 272 -51.57 3.54 -35.75
CA LYS C 272 -51.18 4.89 -35.39
C LYS C 272 -51.08 5.08 -33.89
N ASP C 273 -51.70 4.20 -33.11
CA ASP C 273 -51.70 4.32 -31.66
C ASP C 273 -50.30 4.12 -31.10
N THR C 274 -49.91 5.02 -30.20
CA THR C 274 -48.59 5.02 -29.56
C THR C 274 -48.74 5.19 -28.06
N VAL C 275 -49.61 4.36 -27.46
CA VAL C 275 -49.93 4.48 -26.04
C VAL C 275 -48.66 4.51 -25.19
N SER C 276 -48.60 5.47 -24.28
CA SER C 276 -47.51 5.59 -23.32
C SER C 276 -48.05 5.66 -21.90
N ARG C 277 -49.11 4.90 -21.62
CA ARG C 277 -49.80 4.83 -20.34
C ARG C 277 -50.01 6.21 -19.71
N GLU C 278 -50.21 7.23 -20.54
CA GLU C 278 -50.46 8.56 -20.03
C GLU C 278 -51.81 8.65 -19.34
N VAL C 279 -52.80 7.89 -19.80
CA VAL C 279 -54.09 7.85 -19.14
C VAL C 279 -53.99 7.18 -17.77
N LEU C 280 -52.93 6.41 -17.53
CA LEU C 280 -52.69 5.81 -16.23
C LEU C 280 -52.10 6.80 -15.24
N ARG C 281 -51.72 8.00 -15.68
CA ARG C 281 -51.20 9.02 -14.79
C ARG C 281 -52.29 9.77 -14.04
N TYR C 282 -53.52 9.74 -14.55
CA TYR C 282 -54.65 10.37 -13.90
C TYR C 282 -55.44 9.33 -13.10
N GLU C 283 -56.00 9.78 -11.97
CA GLU C 283 -56.75 8.89 -11.10
C GLU C 283 -58.16 8.62 -11.60
N GLU C 284 -58.61 9.32 -12.64
CA GLU C 284 -59.97 9.12 -13.14
C GLU C 284 -60.06 7.87 -14.02
N PHE C 285 -59.04 7.61 -14.82
CA PHE C 285 -59.03 6.47 -15.75
C PHE C 285 -57.97 5.45 -15.38
N ALA C 286 -57.79 5.20 -14.08
CA ALA C 286 -56.88 4.18 -13.61
C ALA C 286 -57.55 2.83 -13.42
N ASP C 287 -58.86 2.73 -13.65
CA ASP C 287 -59.58 1.49 -13.44
C ASP C 287 -60.43 1.12 -14.65
N LYS C 288 -60.86 2.13 -15.42
CA LYS C 288 -61.80 1.90 -16.51
C LYS C 288 -61.13 1.43 -17.79
N VAL C 289 -59.84 1.70 -17.97
CA VAL C 289 -59.12 1.32 -19.19
C VAL C 289 -57.93 0.45 -18.80
N LYS C 290 -57.71 -0.61 -19.57
CA LYS C 290 -56.59 -1.53 -19.36
C LYS C 290 -55.90 -1.74 -20.70
N LEU C 291 -54.65 -1.28 -20.80
CA LEU C 291 -53.90 -1.42 -22.03
C LEU C 291 -53.50 -2.88 -22.24
N GLY C 292 -53.00 -3.16 -23.45
CA GLY C 292 -52.55 -4.51 -23.77
C GLY C 292 -51.81 -4.51 -25.10
N ARG C 293 -51.34 -5.70 -25.47
CA ARG C 293 -50.59 -5.89 -26.70
C ARG C 293 -51.04 -7.19 -27.37
N VAL C 294 -51.19 -7.14 -28.68
CA VAL C 294 -51.58 -8.32 -29.45
C VAL C 294 -50.32 -9.12 -29.76
N ARG C 295 -50.26 -10.35 -29.24
CA ARG C 295 -49.12 -11.24 -29.44
C ARG C 295 -49.13 -11.91 -30.82
N ASN C 296 -50.02 -11.49 -31.73
CA ASN C 296 -50.13 -12.10 -33.04
C ASN C 296 -50.13 -11.10 -34.19
N HIS C 297 -50.18 -9.81 -33.91
CA HIS C 297 -50.18 -8.77 -34.94
C HIS C 297 -48.83 -8.07 -34.94
N PHE C 298 -48.18 -8.04 -36.10
CA PHE C 298 -46.86 -7.44 -36.25
C PHE C 298 -46.88 -6.44 -37.40
N ILE C 299 -46.00 -5.44 -37.29
CA ILE C 299 -45.78 -4.47 -38.36
C ILE C 299 -44.28 -4.29 -38.53
N PHE C 300 -43.84 -4.14 -39.77
CA PHE C 300 -42.43 -4.06 -40.10
C PHE C 300 -42.06 -2.65 -40.55
N ASN C 301 -40.84 -2.23 -40.23
CA ASN C 301 -40.31 -0.94 -40.64
C ASN C 301 -38.84 -1.10 -40.98
N VAL C 302 -38.48 -0.90 -42.23
CA VAL C 302 -37.10 -1.08 -42.70
C VAL C 302 -36.72 0.08 -43.60
N GLU C 303 -35.43 0.39 -43.63
CA GLU C 303 -34.88 1.40 -44.53
C GLU C 303 -33.44 1.01 -44.86
N SER C 304 -33.03 1.33 -46.08
CA SER C 304 -31.72 0.94 -46.58
C SER C 304 -30.83 2.16 -46.76
N ALA C 305 -29.56 1.90 -47.06
CA ALA C 305 -28.57 2.96 -47.27
C ALA C 305 -28.45 3.38 -48.72
N GLY C 306 -28.81 2.52 -49.67
CA GLY C 306 -28.72 2.86 -51.07
C GLY C 306 -28.30 1.70 -51.96
N ALA C 307 -27.71 0.67 -51.36
CA ALA C 307 -27.26 -0.49 -52.13
C ALA C 307 -28.44 -1.39 -52.49
N MET C 308 -29.12 -1.92 -51.50
CA MET C 308 -30.31 -2.75 -51.70
C MET C 308 -31.57 -1.93 -51.48
N THR C 309 -32.69 -2.46 -51.97
CA THR C 309 -33.98 -1.83 -51.76
C THR C 309 -34.80 -2.63 -50.76
N PRO C 310 -35.55 -1.96 -49.88
CA PRO C 310 -36.33 -2.71 -48.88
C PRO C 310 -37.44 -3.55 -49.48
N GLU C 311 -37.84 -3.31 -50.73
CA GLU C 311 -38.84 -4.12 -51.39
C GLU C 311 -38.26 -5.34 -52.07
N GLU C 312 -36.93 -5.47 -52.11
CA GLU C 312 -36.25 -6.61 -52.70
C GLU C 312 -35.46 -7.43 -51.69
N ILE C 313 -34.96 -6.80 -50.62
CA ILE C 313 -34.12 -7.49 -49.64
C ILE C 313 -34.86 -8.60 -48.90
N PHE C 314 -36.19 -8.65 -49.01
CA PHE C 314 -36.92 -9.73 -48.36
C PHE C 314 -36.52 -11.09 -48.90
N PHE C 315 -36.19 -11.16 -50.20
CA PHE C 315 -35.64 -12.40 -50.75
C PHE C 315 -34.28 -12.73 -50.12
N LYS C 316 -33.46 -11.71 -49.88
CA LYS C 316 -32.18 -11.92 -49.22
C LYS C 316 -32.32 -12.19 -47.73
N SER C 317 -33.54 -12.21 -47.20
CA SER C 317 -33.79 -12.55 -45.81
C SER C 317 -34.52 -13.87 -45.63
N VAL C 318 -35.29 -14.31 -46.62
CA VAL C 318 -36.04 -15.55 -46.53
C VAL C 318 -35.37 -16.67 -47.31
N ARG C 319 -34.82 -16.36 -48.49
CA ARG C 319 -34.14 -17.38 -49.28
C ARG C 319 -32.90 -17.92 -48.57
N ILE C 320 -32.22 -17.07 -47.80
CA ILE C 320 -31.07 -17.55 -47.05
C ILE C 320 -31.51 -18.41 -45.88
N LEU C 321 -32.73 -18.18 -45.37
CA LEU C 321 -33.29 -19.10 -44.39
C LEU C 321 -33.67 -20.42 -45.03
N LYS C 322 -34.20 -20.37 -46.27
CA LYS C 322 -34.39 -21.59 -47.04
C LYS C 322 -33.07 -22.30 -47.28
N ASN C 323 -32.04 -21.54 -47.66
CA ASN C 323 -30.71 -22.13 -47.83
C ASN C 323 -30.16 -22.65 -46.51
N LYS C 324 -30.56 -22.05 -45.39
CA LYS C 324 -30.09 -22.53 -44.10
C LYS C 324 -30.80 -23.83 -43.71
N ALA C 325 -32.12 -23.88 -43.88
CA ALA C 325 -32.86 -25.09 -43.55
C ALA C 325 -32.45 -26.26 -44.44
N GLU C 326 -32.28 -26.01 -45.74
CA GLU C 326 -31.87 -27.09 -46.63
C GLU C 326 -30.42 -27.49 -46.40
N TYR C 327 -29.58 -26.55 -45.96
CA TYR C 327 -28.19 -26.90 -45.63
C TYR C 327 -28.13 -27.79 -44.41
N LEU C 328 -29.12 -27.71 -43.53
CA LEU C 328 -29.15 -28.56 -42.35
C LEU C 328 -29.71 -29.94 -42.63
N LYS C 329 -30.45 -30.10 -43.73
CA LYS C 329 -31.05 -31.38 -44.04
C LYS C 329 -30.21 -32.22 -45.01
N ASN C 330 -29.45 -31.59 -45.89
CA ASN C 330 -28.57 -32.34 -46.79
C ASN C 330 -27.18 -32.52 -46.21
N CYS C 331 -27.13 -33.04 -44.99
CA CYS C 331 -25.86 -33.26 -44.30
C CYS C 331 -25.96 -34.49 -43.40
N PRO C 332 -25.09 -35.48 -43.57
CA PRO C 332 -25.16 -36.68 -42.75
C PRO C 332 -24.72 -36.41 -41.32
N ILE C 333 -25.13 -37.30 -40.43
CA ILE C 333 -24.78 -37.20 -39.02
C ILE C 333 -23.39 -37.78 -38.80
N THR C 334 -22.65 -37.18 -37.86
CA THR C 334 -21.28 -37.59 -37.57
C THR C 334 -21.19 -37.95 -36.09
N GLN C 335 -20.63 -39.14 -35.82
CA GLN C 335 -20.44 -39.63 -34.45
C GLN C 335 -21.75 -39.65 -33.67
N THR D 12 27.15 -38.53 -15.35
CA THR D 12 28.56 -38.25 -15.10
C THR D 12 28.74 -37.43 -13.82
N ALA D 13 29.08 -38.12 -12.74
CA ALA D 13 29.29 -37.50 -11.43
C ALA D 13 28.05 -36.72 -10.98
N THR D 14 26.95 -37.45 -10.88
CA THR D 14 25.67 -36.89 -10.45
C THR D 14 25.05 -37.78 -9.39
N THR D 15 23.94 -37.32 -8.82
CA THR D 15 23.20 -38.07 -7.82
C THR D 15 22.40 -39.22 -8.41
N LEU D 16 22.44 -39.41 -9.73
CA LEU D 16 21.71 -40.48 -10.38
C LEU D 16 22.57 -41.69 -10.70
N ASN D 17 23.90 -41.51 -10.78
CA ASN D 17 24.82 -42.61 -11.08
C ASN D 17 25.70 -42.98 -9.90
N THR D 18 26.37 -41.99 -9.29
CA THR D 18 27.29 -42.25 -8.19
C THR D 18 26.57 -42.08 -6.86
N PRO D 19 26.73 -43.03 -5.93
CA PRO D 19 26.11 -42.86 -4.61
C PRO D 19 26.69 -41.66 -3.88
N VAL D 20 25.83 -40.94 -3.17
CA VAL D 20 26.25 -39.70 -2.51
C VAL D 20 27.16 -39.99 -1.34
N VAL D 21 26.86 -41.01 -0.55
CA VAL D 21 27.61 -41.34 0.65
C VAL D 21 28.06 -42.80 0.57
N ILE D 22 29.33 -43.04 0.87
CA ILE D 22 29.89 -44.39 0.85
C ILE D 22 30.99 -44.49 1.90
N HIS D 23 30.88 -45.48 2.79
CA HIS D 23 31.84 -45.66 3.86
C HIS D 23 32.02 -47.13 4.15
N ALA D 24 33.24 -47.53 4.51
CA ALA D 24 33.52 -48.93 4.79
C ALA D 24 32.79 -49.38 6.05
N THR D 25 32.38 -50.65 6.07
CA THR D 25 31.60 -51.17 7.18
C THR D 25 32.48 -51.54 8.37
N GLN D 26 33.41 -52.48 8.18
CA GLN D 26 34.23 -52.99 9.26
C GLN D 26 35.64 -53.25 8.72
N LEU D 27 36.44 -53.94 9.53
CA LEU D 27 37.81 -54.26 9.15
C LEU D 27 37.80 -55.20 7.95
N PRO D 28 38.49 -54.87 6.86
CA PRO D 28 38.53 -55.77 5.70
C PRO D 28 39.23 -57.09 6.02
N GLN D 29 38.48 -58.19 5.98
CA GLN D 29 39.03 -59.51 6.23
C GLN D 29 39.63 -60.04 4.93
N HIS D 30 40.94 -60.27 4.92
CA HIS D 30 41.62 -60.71 3.71
C HIS D 30 41.20 -62.14 3.36
N VAL D 31 41.19 -62.43 2.06
CA VAL D 31 40.73 -63.72 1.55
C VAL D 31 41.87 -64.42 0.84
N SER D 32 41.60 -65.63 0.34
CA SER D 32 42.59 -66.41 -0.38
C SER D 32 42.51 -66.10 -1.88
N THR D 33 43.20 -66.91 -2.68
CA THR D 33 43.25 -66.70 -4.13
C THR D 33 42.34 -67.65 -4.89
N ASP D 34 42.25 -68.91 -4.47
CA ASP D 34 41.43 -69.90 -5.17
C ASP D 34 39.94 -69.61 -5.09
N GLU D 35 39.51 -68.72 -4.19
CA GLU D 35 38.09 -68.44 -4.05
C GLU D 35 37.53 -67.59 -5.19
N VAL D 36 38.39 -66.85 -5.89
CA VAL D 36 37.91 -66.01 -6.98
C VAL D 36 37.41 -66.87 -8.13
N LEU D 37 37.86 -68.12 -8.23
CA LEU D 37 37.35 -69.02 -9.25
C LEU D 37 35.89 -69.37 -9.00
N GLN D 38 35.55 -69.64 -7.74
CA GLN D 38 34.16 -69.96 -7.39
C GLN D 38 33.26 -68.75 -7.50
N PHE D 39 33.77 -67.56 -7.17
CA PHE D 39 32.94 -66.36 -7.19
C PHE D 39 32.63 -65.94 -8.62
N LEU D 40 33.65 -65.83 -9.46
CA LEU D 40 33.45 -65.26 -10.81
C LEU D 40 32.67 -66.20 -11.71
N GLU D 41 32.82 -67.52 -11.54
CA GLU D 41 32.08 -68.44 -12.39
C GLU D 41 30.59 -68.41 -12.05
N SER D 42 30.25 -68.28 -10.77
CA SER D 42 28.85 -68.14 -10.39
C SER D 42 28.31 -66.76 -10.75
N PHE D 43 29.17 -65.74 -10.68
CA PHE D 43 28.75 -64.38 -11.07
C PHE D 43 28.41 -64.33 -12.55
N ILE D 44 29.18 -65.01 -13.39
CA ILE D 44 28.90 -65.02 -14.82
C ILE D 44 27.65 -65.85 -15.12
N ASP D 45 27.47 -66.96 -14.41
CA ASP D 45 26.30 -67.80 -14.63
C ASP D 45 25.02 -67.07 -14.30
N GLU D 46 25.01 -66.34 -13.18
CA GLU D 46 23.83 -65.56 -12.82
C GLU D 46 23.70 -64.29 -13.64
N LYS D 47 24.78 -63.84 -14.28
CA LYS D 47 24.73 -62.63 -15.10
C LYS D 47 24.12 -62.90 -16.47
N GLU D 48 24.49 -64.02 -17.10
CA GLU D 48 24.02 -64.35 -18.43
C GLU D 48 22.56 -64.80 -18.47
N ASN D 49 21.83 -64.76 -17.36
CA ASN D 49 20.43 -65.16 -17.36
C ASN D 49 19.57 -64.09 -18.01
N THR D 80 24.85 -52.24 -22.44
CA THR D 80 25.76 -52.02 -23.56
C THR D 80 27.18 -51.79 -23.07
N ASN D 81 27.33 -50.94 -22.06
CA ASN D 81 28.63 -50.62 -21.48
C ASN D 81 29.13 -51.69 -20.52
N LEU D 82 28.45 -52.84 -20.45
CA LEU D 82 28.85 -53.93 -19.57
C LEU D 82 29.22 -55.20 -20.30
N SER D 83 29.05 -55.26 -21.63
CA SER D 83 29.52 -56.40 -22.39
C SER D 83 31.05 -56.48 -22.37
N SER D 84 31.72 -55.33 -22.45
CA SER D 84 33.17 -55.31 -22.31
C SER D 84 33.58 -55.74 -20.90
N SER D 85 32.75 -55.46 -19.90
CA SER D 85 33.02 -55.95 -18.55
C SER D 85 32.98 -57.48 -18.51
N ILE D 86 32.05 -58.08 -19.25
CA ILE D 86 32.02 -59.54 -19.35
C ILE D 86 33.28 -60.05 -20.04
N SER D 87 33.78 -59.32 -21.03
CA SER D 87 34.98 -59.74 -21.75
C SER D 87 36.19 -59.76 -20.83
N GLN D 88 36.37 -58.70 -20.03
CA GLN D 88 37.48 -58.68 -19.09
C GLN D 88 37.25 -59.58 -17.88
N LEU D 89 36.00 -59.96 -17.62
CA LEU D 89 35.73 -60.90 -16.53
C LEU D 89 36.11 -62.32 -16.93
N LYS D 90 35.84 -62.72 -18.17
CA LYS D 90 36.31 -64.01 -18.64
C LYS D 90 37.79 -63.98 -18.96
N ARG D 91 38.34 -62.80 -19.25
CA ARG D 91 39.78 -62.69 -19.48
C ARG D 91 40.57 -62.83 -18.19
N ILE D 92 39.99 -62.40 -17.05
CA ILE D 92 40.62 -62.65 -15.76
C ILE D 92 40.22 -63.99 -15.18
N GLN D 93 39.34 -64.74 -15.85
CA GLN D 93 38.96 -66.08 -15.41
C GLN D 93 39.79 -67.17 -16.07
N ARG D 94 40.41 -66.88 -17.21
CA ARG D 94 41.29 -67.85 -17.86
C ARG D 94 42.68 -67.89 -17.23
N ASP D 95 42.98 -66.99 -16.29
CA ASP D 95 44.31 -66.94 -15.69
C ASP D 95 44.49 -68.04 -14.65
N PHE D 96 43.65 -68.04 -13.62
CA PHE D 96 43.75 -69.00 -12.52
C PHE D 96 43.08 -70.33 -12.82
N LYS D 97 42.66 -70.56 -14.06
CA LYS D 97 42.01 -71.81 -14.45
C LYS D 97 42.78 -72.57 -15.52
N GLY D 98 43.40 -71.88 -16.46
CA GLY D 98 44.16 -72.52 -17.52
C GLY D 98 45.23 -71.58 -18.06
N LEU D 99 45.54 -71.74 -19.34
CA LEU D 99 46.57 -70.94 -19.99
C LEU D 99 46.37 -71.00 -21.50
N PRO D 100 46.28 -69.85 -22.19
CA PRO D 100 46.12 -69.82 -23.65
C PRO D 100 47.40 -70.20 -24.38
N ASP E 2 -17.51 1.25 69.81
CA ASP E 2 -16.31 0.82 69.12
C ASP E 2 -16.15 1.54 67.78
N GLN E 3 -14.90 1.71 67.33
CA GLN E 3 -14.60 2.38 66.08
C GLN E 3 -14.34 1.39 64.94
N GLU E 4 -13.39 0.47 65.15
CA GLU E 4 -13.05 -0.53 64.14
C GLU E 4 -12.93 -1.93 64.75
N ASN E 5 -13.58 -2.18 65.88
CA ASN E 5 -13.53 -3.50 66.49
C ASN E 5 -14.19 -4.54 65.59
N GLU E 6 -15.41 -4.25 65.13
CA GLU E 6 -16.09 -5.15 64.19
C GLU E 6 -15.35 -5.25 62.86
N ARG E 7 -14.53 -4.25 62.52
CA ARG E 7 -13.80 -4.29 61.27
C ARG E 7 -12.62 -5.26 61.34
N ASN E 8 -11.79 -5.12 62.38
CA ASN E 8 -10.63 -5.98 62.50
C ASN E 8 -11.03 -7.43 62.80
N ILE E 9 -12.09 -7.62 63.58
CA ILE E 9 -12.54 -8.98 63.88
C ILE E 9 -13.26 -9.60 62.69
N SER E 10 -13.77 -8.78 61.77
CA SER E 10 -14.39 -9.35 60.57
C SER E 10 -13.33 -9.84 59.60
N ARG E 11 -12.35 -9.00 59.27
CA ARG E 11 -11.28 -9.42 58.38
C ARG E 11 -10.45 -10.54 59.01
N LEU E 12 -10.38 -10.59 60.34
CA LEU E 12 -9.71 -11.71 61.00
C LEU E 12 -10.53 -12.98 60.88
N TRP E 13 -11.85 -12.88 61.10
CA TRP E 13 -12.73 -14.03 60.88
C TRP E 13 -12.72 -14.45 59.42
N ARG E 14 -12.63 -13.48 58.50
CA ARG E 14 -12.52 -13.82 57.09
C ARG E 14 -11.15 -14.43 56.77
N ALA E 15 -10.11 -13.98 57.47
CA ALA E 15 -8.78 -14.55 57.26
C ALA E 15 -8.73 -16.00 57.73
N PHE E 16 -9.20 -16.25 58.96
CA PHE E 16 -9.26 -17.63 59.44
C PHE E 16 -10.27 -18.46 58.65
N ARG E 17 -11.25 -17.79 58.02
CA ARG E 17 -12.20 -18.50 57.17
C ARG E 17 -11.51 -19.11 55.97
N THR E 18 -10.75 -18.30 55.22
CA THR E 18 -10.04 -18.84 54.05
C THR E 18 -8.89 -19.74 54.45
N VAL E 19 -8.37 -19.60 55.67
CA VAL E 19 -7.34 -20.53 56.15
C VAL E 19 -7.92 -21.92 56.32
N LYS E 20 -9.16 -22.01 56.81
CA LYS E 20 -9.85 -23.30 56.85
C LYS E 20 -9.92 -23.93 55.47
N GLU E 21 -10.16 -23.11 54.44
CA GLU E 21 -10.11 -23.60 53.07
C GLU E 21 -8.68 -23.81 52.58
N MET E 22 -7.70 -23.14 53.19
CA MET E 22 -6.31 -23.37 52.82
C MET E 22 -5.85 -24.76 53.24
N VAL E 23 -6.36 -25.26 54.36
CA VAL E 23 -5.96 -26.58 54.84
C VAL E 23 -6.90 -27.65 54.32
N LYS E 24 -8.21 -27.35 54.21
CA LYS E 24 -9.16 -28.33 53.72
C LYS E 24 -8.93 -28.62 52.24
N ASP E 25 -8.81 -27.57 51.41
CA ASP E 25 -8.50 -27.79 50.01
C ASP E 25 -7.08 -28.28 49.79
N ARG E 26 -6.21 -28.14 50.81
CA ARG E 26 -4.87 -28.70 50.71
C ARG E 26 -4.90 -30.23 50.80
N GLY E 27 -5.90 -30.79 51.48
CA GLY E 27 -6.08 -32.22 51.51
C GLY E 27 -5.95 -32.88 52.87
N TYR E 28 -6.15 -32.12 53.94
CA TYR E 28 -6.04 -32.65 55.29
C TYR E 28 -7.41 -32.69 55.96
N PHE E 29 -7.42 -33.16 57.21
CA PHE E 29 -8.66 -33.45 57.92
C PHE E 29 -9.20 -32.17 58.54
N ILE E 30 -10.30 -31.67 57.99
CA ILE E 30 -11.02 -30.50 58.53
C ILE E 30 -12.50 -30.82 58.44
N THR E 31 -13.15 -30.99 59.59
CA THR E 31 -14.56 -31.34 59.62
C THR E 31 -15.42 -30.20 59.08
N GLN E 32 -16.55 -30.57 58.47
CA GLN E 32 -17.44 -29.57 57.90
C GLN E 32 -18.06 -28.70 58.99
N GLU E 33 -18.27 -29.24 60.18
CA GLU E 33 -18.78 -28.43 61.29
C GLU E 33 -17.77 -27.35 61.67
N GLU E 34 -16.48 -27.68 61.64
CA GLU E 34 -15.46 -26.66 61.88
C GLU E 34 -15.34 -25.71 60.70
N VAL E 35 -15.69 -26.17 59.49
CA VAL E 35 -15.68 -25.30 58.32
C VAL E 35 -16.69 -24.19 58.48
N GLU E 36 -17.97 -24.56 58.67
CA GLU E 36 -19.04 -23.58 58.84
C GLU E 36 -19.13 -23.24 60.33
N LEU E 37 -18.44 -22.17 60.72
CA LEU E 37 -18.44 -21.69 62.09
C LEU E 37 -18.78 -20.20 62.08
N PRO E 38 -20.02 -19.83 62.41
CA PRO E 38 -20.44 -18.44 62.30
C PRO E 38 -19.80 -17.53 63.34
N LEU E 39 -20.17 -16.25 63.33
CA LEU E 39 -19.59 -15.29 64.27
C LEU E 39 -20.02 -15.59 65.71
N GLU E 40 -21.16 -16.25 65.89
CA GLU E 40 -21.60 -16.59 67.24
C GLU E 40 -20.58 -17.46 67.95
N ASP E 41 -20.27 -18.62 67.38
CA ASP E 41 -19.24 -19.48 67.96
C ASP E 41 -17.84 -18.92 67.76
N PHE E 42 -17.68 -17.89 66.92
CA PHE E 42 -16.36 -17.33 66.71
C PHE E 42 -15.98 -16.37 67.84
N LYS E 43 -16.90 -15.49 68.23
CA LYS E 43 -16.59 -14.54 69.29
C LYS E 43 -16.90 -15.09 70.68
N ALA E 44 -17.71 -16.14 70.77
CA ALA E 44 -18.00 -16.73 72.07
C ALA E 44 -16.91 -17.71 72.50
N LYS E 45 -16.51 -18.59 71.57
CA LYS E 45 -15.50 -19.58 71.90
C LYS E 45 -14.08 -19.01 71.88
N TYR E 46 -13.81 -18.07 70.97
CA TYR E 46 -12.48 -17.53 70.78
C TYR E 46 -12.28 -16.18 71.49
N CYS E 47 -13.11 -15.19 71.16
CA CYS E 47 -12.92 -13.85 71.72
C CYS E 47 -13.21 -13.85 73.22
N ASP E 48 -12.45 -13.04 73.95
CA ASP E 48 -12.58 -12.96 75.40
C ASP E 48 -13.64 -11.91 75.76
N SER E 49 -13.72 -11.55 77.04
CA SER E 49 -14.71 -10.57 77.47
C SER E 49 -14.36 -9.17 77.00
N MET E 50 -13.06 -8.85 76.88
CA MET E 50 -12.66 -7.53 76.42
C MET E 50 -12.88 -7.37 74.92
N GLY E 51 -12.59 -8.40 74.14
CA GLY E 51 -12.76 -8.35 72.71
C GLY E 51 -11.44 -8.29 71.95
N ARG E 52 -10.41 -8.88 72.51
CA ARG E 52 -9.09 -8.90 71.89
C ARG E 52 -8.74 -10.31 71.43
N PRO E 53 -8.27 -10.47 70.20
CA PRO E 53 -7.93 -11.81 69.71
C PRO E 53 -6.65 -12.32 70.31
N GLN E 54 -6.59 -13.64 70.50
CA GLN E 54 -5.41 -14.33 71.02
C GLN E 54 -4.74 -15.05 69.86
N ARG E 55 -3.55 -14.60 69.48
CA ARG E 55 -2.86 -15.18 68.33
C ARG E 55 -2.23 -16.52 68.67
N LYS E 56 -1.76 -16.68 69.92
CA LYS E 56 -1.16 -17.95 70.32
C LYS E 56 -2.17 -19.09 70.28
N MET E 57 -3.39 -18.84 70.74
CA MET E 57 -4.45 -19.84 70.63
C MET E 57 -5.05 -19.91 69.23
N MET E 58 -4.70 -18.97 68.35
CA MET E 58 -5.10 -19.08 66.94
C MET E 58 -4.21 -20.04 66.17
N SER E 59 -3.00 -20.31 66.65
CA SER E 59 -2.12 -21.25 65.98
C SER E 59 -2.78 -22.63 65.89
N PHE E 60 -2.68 -23.24 64.72
CA PHE E 60 -3.40 -24.47 64.42
C PHE E 60 -2.44 -25.51 63.84
N GLN E 61 -2.74 -26.78 64.10
CA GLN E 61 -1.99 -27.90 63.56
C GLN E 61 -2.94 -28.84 62.85
N ALA E 62 -2.52 -29.32 61.68
CA ALA E 62 -3.34 -30.17 60.83
C ALA E 62 -2.90 -31.62 60.97
N ASN E 63 -3.57 -32.50 60.21
CA ASN E 63 -3.33 -33.92 60.27
C ASN E 63 -3.74 -34.54 58.94
N PRO E 64 -2.86 -35.33 58.31
CA PRO E 64 -3.22 -35.94 57.02
C PRO E 64 -4.36 -36.94 57.17
N THR E 65 -4.97 -37.25 56.03
CA THR E 65 -6.08 -38.20 55.95
C THR E 65 -5.64 -39.46 55.23
N GLU E 66 -6.53 -40.45 55.23
CA GLU E 66 -6.26 -41.69 54.50
C GLU E 66 -6.33 -41.48 52.99
N GLU E 67 -7.16 -40.53 52.53
CA GLU E 67 -7.24 -40.24 51.12
C GLU E 67 -6.00 -39.52 50.62
N SER E 68 -5.37 -38.73 51.48
CA SER E 68 -4.15 -38.02 51.09
C SER E 68 -2.92 -38.91 51.20
N ILE E 69 -2.87 -39.77 52.23
CA ILE E 69 -1.75 -40.69 52.36
C ILE E 69 -1.76 -41.71 51.23
N SER E 70 -2.96 -42.16 50.84
CA SER E 70 -3.07 -43.09 49.71
C SER E 70 -2.58 -42.49 48.41
N LYS E 71 -2.58 -41.16 48.29
CA LYS E 71 -2.06 -40.48 47.11
C LYS E 71 -0.65 -39.95 47.31
N PHE E 72 -0.33 -39.46 48.51
CA PHE E 72 1.01 -38.97 48.82
C PHE E 72 1.59 -39.79 49.95
N PRO E 73 2.60 -40.63 49.70
CA PRO E 73 3.11 -41.49 50.78
C PRO E 73 3.93 -40.72 51.81
N ASP E 74 4.70 -39.71 51.38
CA ASP E 74 5.56 -38.95 52.27
C ASP E 74 4.96 -37.60 52.64
N MET E 75 3.63 -37.52 52.75
CA MET E 75 2.96 -36.28 53.11
C MET E 75 3.06 -36.08 54.62
N GLY E 76 3.91 -35.15 55.03
CA GLY E 76 4.17 -34.90 56.44
C GLY E 76 3.10 -34.03 57.08
N SER E 77 3.40 -33.62 58.31
CA SER E 77 2.47 -32.81 59.10
C SER E 77 2.46 -31.37 58.60
N LEU E 78 1.40 -30.65 58.98
CA LEU E 78 1.21 -29.26 58.61
C LEU E 78 1.05 -28.42 59.87
N TRP E 79 1.81 -27.35 59.98
CA TRP E 79 1.76 -26.44 61.13
C TRP E 79 1.48 -25.03 60.64
N VAL E 80 0.29 -24.53 60.95
CA VAL E 80 -0.12 -23.17 60.58
C VAL E 80 0.06 -22.29 61.80
N GLU E 81 1.05 -21.40 61.76
CA GLU E 81 1.39 -20.54 62.88
C GLU E 81 1.10 -19.08 62.54
N PHE E 82 0.58 -18.35 63.52
CA PHE E 82 0.29 -16.93 63.41
C PHE E 82 1.26 -16.16 64.31
N CYS E 83 1.33 -14.85 64.09
CA CYS E 83 2.30 -14.00 64.76
C CYS E 83 1.60 -12.95 65.60
N ASP E 84 2.01 -12.83 66.86
CA ASP E 84 1.47 -11.79 67.74
C ASP E 84 1.87 -10.40 67.27
N GLU E 85 3.18 -10.14 67.22
CA GLU E 85 3.66 -8.85 66.78
C GLU E 85 3.34 -8.64 65.30
N PRO E 86 2.85 -7.45 64.92
CA PRO E 86 2.54 -7.21 63.50
C PRO E 86 3.76 -7.38 62.61
N SER E 87 4.83 -6.63 62.90
CA SER E 87 6.07 -6.77 62.14
C SER E 87 6.79 -8.04 62.58
N VAL E 88 6.86 -9.03 61.68
CA VAL E 88 7.52 -10.28 62.01
C VAL E 88 9.03 -10.06 62.11
N GLY E 89 9.62 -10.51 63.21
CA GLY E 89 11.03 -10.33 63.46
C GLY E 89 11.76 -11.66 63.46
N VAL E 90 13.10 -11.56 63.45
CA VAL E 90 13.93 -12.76 63.44
C VAL E 90 13.80 -13.54 64.74
N LYS E 91 13.28 -12.92 65.80
CA LYS E 91 13.10 -13.63 67.06
C LYS E 91 11.98 -14.65 66.96
N THR E 92 10.77 -14.20 66.62
CA THR E 92 9.64 -15.11 66.50
C THR E 92 9.81 -16.07 65.32
N MET E 93 10.60 -15.68 64.32
CA MET E 93 10.82 -16.55 63.18
C MET E 93 11.85 -17.63 63.50
N LYS E 94 12.89 -17.27 64.26
CA LYS E 94 13.90 -18.27 64.63
C LYS E 94 13.32 -19.31 65.57
N THR E 95 12.58 -18.87 66.60
CA THR E 95 11.95 -19.83 67.50
C THR E 95 10.88 -20.65 66.81
N PHE E 96 10.31 -20.13 65.71
CA PHE E 96 9.41 -20.94 64.90
C PHE E 96 10.15 -22.11 64.28
N VAL E 97 11.29 -21.84 63.64
CA VAL E 97 12.11 -22.91 63.08
C VAL E 97 12.58 -23.85 64.17
N ILE E 98 12.80 -23.33 65.39
CA ILE E 98 13.12 -24.19 66.52
C ILE E 98 11.99 -25.16 66.79
N HIS E 99 10.75 -24.65 66.82
CA HIS E 99 9.60 -25.53 67.01
C HIS E 99 9.45 -26.51 65.86
N ILE E 100 9.83 -26.09 64.64
CA ILE E 100 9.78 -26.99 63.49
C ILE E 100 10.76 -28.14 63.69
N GLN E 101 11.96 -27.84 64.20
CA GLN E 101 12.97 -28.86 64.42
C GLN E 101 12.75 -29.65 65.70
N GLU E 102 11.86 -29.20 66.59
CA GLU E 102 11.56 -29.93 67.80
C GLU E 102 10.47 -30.97 67.60
N LYS E 103 9.33 -30.56 67.02
CA LYS E 103 8.23 -31.48 66.74
C LYS E 103 8.37 -32.14 65.38
N ASN E 104 9.40 -31.80 64.61
CA ASN E 104 9.68 -32.41 63.31
C ASN E 104 8.49 -32.22 62.35
N PHE E 105 8.14 -30.96 62.11
CA PHE E 105 7.08 -30.64 61.17
C PHE E 105 7.59 -30.78 59.74
N GLN E 106 6.67 -30.64 58.79
CA GLN E 106 7.00 -30.74 57.38
C GLN E 106 6.67 -29.49 56.58
N THR E 107 5.70 -28.69 57.01
CA THR E 107 5.31 -27.48 56.29
C THR E 107 4.89 -26.41 57.29
N GLY E 108 5.42 -25.20 57.13
CA GLY E 108 5.10 -24.11 58.01
C GLY E 108 4.34 -22.99 57.31
N ILE E 109 3.13 -22.70 57.78
CA ILE E 109 2.27 -21.69 57.17
C ILE E 109 2.40 -20.42 58.01
N PHE E 110 3.22 -19.49 57.54
CA PHE E 110 3.31 -18.18 58.16
C PHE E 110 2.09 -17.33 57.82
N VAL E 111 1.59 -16.60 58.82
CA VAL E 111 0.50 -15.65 58.64
C VAL E 111 0.88 -14.39 59.40
N TYR E 112 1.20 -13.32 58.67
CA TYR E 112 1.58 -12.05 59.27
C TYR E 112 0.46 -11.03 59.03
N GLN E 113 0.71 -9.80 59.47
CA GLN E 113 -0.30 -8.74 59.42
C GLN E 113 0.09 -7.61 58.47
N ASN E 114 1.27 -7.03 58.65
CA ASN E 114 1.68 -5.90 57.81
C ASN E 114 2.93 -6.19 56.99
N ASN E 115 4.02 -6.62 57.62
CA ASN E 115 5.27 -6.81 56.90
C ASN E 115 6.20 -7.67 57.73
N ILE E 116 7.26 -8.17 57.08
CA ILE E 116 8.31 -8.97 57.71
C ILE E 116 9.64 -8.28 57.48
N THR E 117 10.53 -8.40 58.45
CA THR E 117 11.86 -7.83 58.31
C THR E 117 12.59 -8.51 57.16
N PRO E 118 13.36 -7.76 56.36
CA PRO E 118 14.04 -8.38 55.21
C PRO E 118 15.04 -9.45 55.58
N SER E 119 15.65 -9.35 56.77
CA SER E 119 16.61 -10.37 57.19
C SER E 119 15.95 -11.69 57.55
N ALA E 120 14.64 -11.68 57.82
CA ALA E 120 13.95 -12.91 58.20
C ALA E 120 13.62 -13.77 56.99
N MET E 121 13.47 -13.17 55.80
CA MET E 121 13.15 -13.93 54.60
C MET E 121 14.34 -14.73 54.07
N LYS E 122 15.56 -14.44 54.53
CA LYS E 122 16.73 -15.19 54.11
C LYS E 122 16.93 -16.48 54.88
N LEU E 123 16.08 -16.77 55.86
CA LEU E 123 16.25 -17.92 56.74
C LEU E 123 15.14 -18.96 56.58
N VAL E 124 14.01 -18.61 55.98
CA VAL E 124 12.92 -19.57 55.82
C VAL E 124 13.27 -20.72 54.88
N PRO E 125 14.13 -20.54 53.81
CA PRO E 125 14.61 -21.70 53.04
C PRO E 125 15.92 -22.28 53.58
N SER E 126 15.91 -22.66 54.86
CA SER E 126 17.13 -23.12 55.54
C SER E 126 17.23 -24.64 55.63
N ILE E 127 16.23 -25.28 56.22
CA ILE E 127 16.27 -26.72 56.48
C ILE E 127 15.18 -27.40 55.66
N PRO E 128 15.52 -27.94 54.49
CA PRO E 128 14.56 -28.77 53.75
C PRO E 128 14.44 -30.14 54.37
N PRO E 129 13.41 -30.92 54.02
CA PRO E 129 12.32 -30.60 53.08
C PRO E 129 11.22 -29.75 53.70
N ALA E 130 11.44 -29.27 54.92
CA ALA E 130 10.46 -28.43 55.60
C ALA E 130 10.42 -27.07 54.92
N THR E 131 9.37 -26.85 54.12
CA THR E 131 9.18 -25.58 53.43
C THR E 131 8.34 -24.65 54.26
N ILE E 132 8.69 -23.36 54.25
CA ILE E 132 8.00 -22.33 55.00
C ILE E 132 7.54 -21.26 54.03
N GLU E 133 6.23 -21.05 53.95
CA GLU E 133 5.65 -20.03 53.09
C GLU E 133 4.81 -19.07 53.91
N THR E 134 4.81 -17.80 53.53
CA THR E 134 4.13 -16.75 54.27
C THR E 134 2.78 -16.42 53.64
N PHE E 135 1.92 -15.80 54.43
CA PHE E 135 0.58 -15.42 54.00
C PHE E 135 0.19 -14.12 54.67
N ASN E 136 -0.35 -13.19 53.89
CA ASN E 136 -0.78 -11.89 54.39
C ASN E 136 -2.29 -11.92 54.63
N GLU E 137 -2.70 -11.67 55.87
CA GLU E 137 -4.13 -11.68 56.19
C GLU E 137 -4.89 -10.54 55.53
N ALA E 138 -4.20 -9.47 55.15
CA ALA E 138 -4.88 -8.34 54.51
C ALA E 138 -5.34 -8.69 53.11
N ALA E 139 -4.43 -9.22 52.28
CA ALA E 139 -4.75 -9.58 50.91
C ALA E 139 -5.39 -10.96 50.79
N LEU E 140 -5.75 -11.59 51.91
CA LEU E 140 -6.36 -12.91 51.92
C LEU E 140 -7.59 -12.92 52.82
N VAL E 141 -8.46 -11.89 52.64
CA VAL E 141 -9.71 -11.84 53.38
C VAL E 141 -10.85 -12.55 52.66
N VAL E 142 -10.62 -13.02 51.44
CA VAL E 142 -11.61 -13.79 50.69
C VAL E 142 -10.92 -15.01 50.09
N ASN E 143 -11.69 -16.08 49.91
CA ASN E 143 -11.17 -17.30 49.30
C ASN E 143 -11.11 -17.11 47.80
N ILE E 144 -9.90 -17.18 47.23
CA ILE E 144 -9.73 -16.91 45.80
C ILE E 144 -10.51 -17.93 44.97
N THR E 145 -10.43 -19.22 45.34
CA THR E 145 -11.09 -20.26 44.58
C THR E 145 -12.60 -20.16 44.61
N HIS E 146 -13.18 -19.30 45.46
CA HIS E 146 -14.61 -19.08 45.46
C HIS E 146 -15.09 -18.26 44.27
N HIS E 147 -14.16 -17.74 43.45
CA HIS E 147 -14.51 -16.95 42.29
C HIS E 147 -14.78 -17.84 41.09
N GLU E 148 -15.65 -17.37 40.19
CA GLU E 148 -15.92 -18.12 38.97
C GLU E 148 -14.79 -17.99 37.95
N LEU E 149 -14.03 -16.89 38.00
CA LEU E 149 -12.96 -16.66 37.05
C LEU E 149 -11.81 -17.65 37.21
N VAL E 150 -11.64 -18.22 38.40
CA VAL E 150 -10.56 -19.18 38.66
C VAL E 150 -11.13 -20.58 38.47
N PRO E 151 -10.55 -21.40 37.58
CA PRO E 151 -11.01 -22.78 37.43
C PRO E 151 -10.72 -23.63 38.67
N LYS E 152 -11.16 -24.88 38.66
CA LYS E 152 -10.91 -25.79 39.76
C LYS E 152 -9.53 -26.41 39.62
N HIS E 153 -8.74 -26.34 40.69
CA HIS E 153 -7.38 -26.84 40.70
C HIS E 153 -7.25 -28.08 41.58
N ILE E 154 -6.47 -29.05 41.12
CA ILE E 154 -6.18 -30.26 41.88
C ILE E 154 -4.69 -30.55 41.72
N ARG E 155 -3.98 -30.60 42.84
CA ARG E 155 -2.55 -30.91 42.79
C ARG E 155 -2.34 -32.35 42.34
N LEU E 156 -1.43 -32.54 41.38
CA LEU E 156 -1.23 -33.83 40.73
C LEU E 156 -0.02 -34.53 41.35
N SER E 157 -0.20 -35.81 41.67
CA SER E 157 0.78 -36.59 42.40
C SER E 157 1.87 -37.11 41.47
N SER E 158 2.69 -38.03 41.98
CA SER E 158 3.79 -38.57 41.18
C SER E 158 3.38 -39.75 40.32
N ASP E 159 2.45 -40.58 40.80
CA ASP E 159 2.01 -41.73 40.01
C ASP E 159 1.28 -41.29 38.76
N GLU E 160 0.33 -40.35 38.89
CA GLU E 160 -0.32 -39.80 37.72
C GLU E 160 0.62 -38.91 36.90
N LYS E 161 1.71 -38.44 37.50
CA LYS E 161 2.70 -37.68 36.74
C LYS E 161 3.43 -38.58 35.77
N ARG E 162 3.87 -39.76 36.22
CA ARG E 162 4.43 -40.74 35.31
C ARG E 162 3.40 -41.19 34.28
N GLU E 163 2.13 -41.29 34.69
CA GLU E 163 1.07 -41.55 33.74
C GLU E 163 0.88 -40.39 32.77
N LEU E 164 1.24 -39.18 33.19
CA LEU E 164 1.12 -38.01 32.32
C LEU E 164 2.26 -37.95 31.33
N LEU E 165 3.49 -38.14 31.80
CA LEU E 165 4.64 -38.12 30.90
C LEU E 165 4.61 -39.28 29.91
N LYS E 166 3.98 -40.38 30.29
CA LYS E 166 3.85 -41.52 29.38
C LYS E 166 2.66 -41.38 28.44
N ARG E 167 1.62 -40.67 28.87
CA ARG E 167 0.44 -40.51 28.04
C ARG E 167 0.67 -39.52 26.90
N TYR E 168 1.36 -38.41 27.18
CA TYR E 168 1.64 -37.39 26.18
C TYR E 168 2.99 -37.58 25.50
N ARG E 169 3.94 -38.25 26.15
CA ARG E 169 5.28 -38.46 25.61
C ARG E 169 5.95 -37.12 25.28
N LEU E 170 6.20 -36.34 26.32
CA LEU E 170 6.85 -35.05 26.20
C LEU E 170 7.85 -34.90 27.33
N LYS E 171 8.38 -33.68 27.50
CA LYS E 171 9.32 -33.38 28.57
C LYS E 171 8.60 -32.72 29.73
N GLU E 172 9.24 -32.76 30.91
CA GLU E 172 8.63 -32.18 32.10
C GLU E 172 8.50 -30.66 31.96
N SER E 173 9.47 -30.01 31.30
CA SER E 173 9.45 -28.57 31.09
C SER E 173 8.87 -28.20 29.73
N GLN E 174 8.00 -29.04 29.17
CA GLN E 174 7.44 -28.80 27.84
C GLN E 174 6.02 -28.27 27.87
N LEU E 175 5.33 -28.39 29.01
CA LEU E 175 3.97 -27.90 29.15
C LEU E 175 3.96 -26.44 29.56
N PRO E 176 2.86 -25.72 29.29
CA PRO E 176 2.77 -24.32 29.75
C PRO E 176 2.84 -24.24 31.26
N ARG E 177 3.78 -23.44 31.75
CA ARG E 177 4.03 -23.33 33.18
C ARG E 177 3.22 -22.20 33.80
N ILE E 178 3.01 -22.30 35.11
CA ILE E 178 2.36 -21.26 35.90
C ILE E 178 3.38 -20.72 36.89
N GLN E 179 3.32 -19.42 37.14
CA GLN E 179 4.30 -18.75 37.99
C GLN E 179 4.27 -19.34 39.41
N ARG E 180 5.46 -19.43 40.01
CA ARG E 180 5.56 -19.92 41.39
C ARG E 180 4.99 -18.90 42.36
N ALA E 181 5.23 -17.62 42.12
CA ALA E 181 4.71 -16.54 42.95
C ALA E 181 3.24 -16.23 42.69
N ASP E 182 2.58 -17.03 41.85
CA ASP E 182 1.17 -16.81 41.59
C ASP E 182 0.36 -17.02 42.86
N PRO E 183 -0.63 -16.16 43.14
CA PRO E 183 -1.42 -16.34 44.37
C PRO E 183 -2.13 -17.67 44.46
N VAL E 184 -2.37 -18.36 43.34
CA VAL E 184 -3.03 -19.66 43.39
C VAL E 184 -2.05 -20.75 43.78
N ALA E 185 -0.86 -20.75 43.17
CA ALA E 185 0.16 -21.73 43.52
C ALA E 185 0.61 -21.55 44.96
N LEU E 186 0.73 -20.30 45.41
CA LEU E 186 1.07 -20.04 46.80
C LEU E 186 -0.10 -20.38 47.73
N TYR E 187 -1.32 -20.31 47.22
CA TYR E 187 -2.49 -20.69 48.02
C TYR E 187 -2.48 -22.19 48.31
N LEU E 188 -2.33 -23.01 47.27
CA LEU E 188 -2.32 -24.46 47.42
C LEU E 188 -1.00 -24.99 47.98
N GLY E 189 0.03 -24.15 48.07
CA GLY E 189 1.33 -24.60 48.53
C GLY E 189 1.95 -25.62 47.60
N LEU E 190 2.20 -25.21 46.36
CA LEU E 190 2.72 -26.10 45.33
C LEU E 190 4.22 -25.90 45.19
N LYS E 191 4.97 -27.00 45.30
CA LYS E 191 6.41 -26.94 45.15
C LYS E 191 6.80 -27.00 43.67
N ARG E 192 8.08 -26.75 43.41
CA ARG E 192 8.58 -26.73 42.04
C ARG E 192 8.81 -28.15 41.52
N GLY E 193 8.28 -28.43 40.34
CA GLY E 193 8.52 -29.70 39.68
C GLY E 193 7.33 -30.65 39.60
N GLU E 194 6.15 -30.25 40.01
CA GLU E 194 4.97 -31.10 39.97
C GLU E 194 3.98 -30.58 38.94
N VAL E 195 2.89 -31.33 38.76
CA VAL E 195 1.85 -31.00 37.80
C VAL E 195 0.61 -30.55 38.56
N VAL E 196 -0.24 -29.78 37.88
CA VAL E 196 -1.50 -29.30 38.44
C VAL E 196 -2.60 -29.61 37.44
N LYS E 197 -3.58 -30.39 37.86
CA LYS E 197 -4.73 -30.75 37.02
C LYS E 197 -5.83 -29.73 37.25
N ILE E 198 -6.15 -28.96 36.23
CA ILE E 198 -7.16 -27.91 36.31
C ILE E 198 -8.29 -28.22 35.32
N ILE E 199 -9.52 -27.94 35.75
CA ILE E 199 -10.70 -28.13 34.92
C ILE E 199 -11.50 -26.83 34.91
N ARG E 200 -12.06 -26.50 33.75
CA ARG E 200 -12.79 -25.24 33.58
C ARG E 200 -13.93 -25.46 32.61
N LYS E 201 -14.72 -24.40 32.39
CA LYS E 201 -15.89 -24.44 31.53
C LYS E 201 -15.69 -23.55 30.32
N SER E 202 -16.59 -23.68 29.35
CA SER E 202 -16.56 -22.87 28.14
C SER E 202 -17.94 -22.88 27.52
N GLU E 203 -18.26 -21.79 26.81
CA GLU E 203 -19.55 -21.64 26.16
C GLU E 203 -19.63 -22.40 24.84
N THR E 204 -18.64 -23.22 24.52
CA THR E 204 -18.65 -24.01 23.29
C THR E 204 -18.31 -25.47 23.49
N SER E 205 -17.68 -25.85 24.60
CA SER E 205 -17.34 -27.25 24.86
C SER E 205 -17.82 -27.68 26.24
N GLY E 206 -17.93 -26.75 27.15
CA GLY E 206 -18.33 -27.05 28.52
C GLY E 206 -17.14 -27.46 29.38
N ARG E 207 -17.27 -28.58 30.08
CA ARG E 207 -16.23 -29.06 30.97
C ARG E 207 -15.05 -29.60 30.16
N TYR E 208 -13.89 -28.98 30.31
CA TYR E 208 -12.67 -29.44 29.66
C TYR E 208 -11.49 -29.17 30.59
N ALA E 209 -10.47 -30.02 30.50
CA ALA E 209 -9.36 -30.01 31.43
C ALA E 209 -8.05 -29.68 30.73
N SER E 210 -7.10 -29.21 31.52
CA SER E 210 -5.74 -28.94 31.05
C SER E 210 -4.79 -29.13 32.22
N TYR E 211 -3.50 -28.99 31.95
CA TYR E 211 -2.46 -29.23 32.95
C TYR E 211 -1.46 -28.07 32.94
N ARG E 212 -1.03 -27.68 34.15
CA ARG E 212 -0.06 -26.61 34.31
C ARG E 212 0.98 -27.05 35.33
N ILE E 213 2.26 -26.86 35.00
CA ILE E 213 3.35 -27.22 35.91
C ILE E 213 3.85 -25.95 36.58
N CYS E 214 3.96 -25.99 37.92
CA CYS E 214 4.31 -24.81 38.71
C CYS E 214 5.81 -24.55 38.59
N MET E 215 6.19 -23.79 37.57
CA MET E 215 7.58 -23.37 37.38
C MET E 215 7.67 -22.20 36.41
N PRO F 55 36.80 -47.72 10.76
CA PRO F 55 35.41 -48.18 10.61
C PRO F 55 34.73 -48.46 11.95
N GLU F 56 35.52 -48.44 13.03
CA GLU F 56 34.94 -48.69 14.35
C GLU F 56 34.00 -47.56 14.76
N ASP F 57 34.39 -46.31 14.48
CA ASP F 57 33.51 -45.18 14.77
C ASP F 57 32.24 -45.27 13.94
N PHE F 58 32.34 -45.76 12.70
CA PHE F 58 31.14 -45.99 11.89
C PHE F 58 30.25 -47.05 12.51
N GLN F 59 30.85 -48.07 13.14
CA GLN F 59 30.04 -49.06 13.86
C GLN F 59 29.35 -48.45 15.06
N GLN F 60 30.00 -47.48 15.73
CA GLN F 60 29.36 -46.78 16.84
C GLN F 60 28.17 -45.96 16.34
N HIS F 61 28.36 -45.22 15.25
CA HIS F 61 27.25 -44.49 14.66
C HIS F 61 26.16 -45.43 14.17
N GLU F 62 26.54 -46.60 13.66
CA GLU F 62 25.55 -47.57 13.21
C GLU F 62 24.77 -48.14 14.40
N GLN F 63 25.45 -48.39 15.52
CA GLN F 63 24.77 -48.95 16.69
C GLN F 63 23.85 -47.93 17.33
N ILE F 64 24.27 -46.66 17.41
CA ILE F 64 23.44 -45.66 18.07
C ILE F 64 22.22 -45.33 17.22
N ARG F 65 22.35 -45.35 15.89
CA ARG F 65 21.19 -45.11 15.05
C ARG F 65 20.27 -46.32 15.03
N ARG F 66 20.82 -47.53 15.20
CA ARG F 66 19.99 -48.72 15.26
C ARG F 66 19.16 -48.74 16.54
N LYS F 67 19.79 -48.52 17.69
CA LYS F 67 19.06 -48.55 18.95
C LYS F 67 18.09 -47.39 19.08
N THR F 68 18.44 -46.22 18.52
CA THR F 68 17.51 -45.10 18.58
C THR F 68 16.35 -45.26 17.59
N LEU F 69 16.57 -46.02 16.50
CA LEU F 69 15.49 -46.23 15.54
C LEU F 69 14.51 -47.28 16.04
N LYS F 70 15.01 -48.37 16.61
CA LYS F 70 14.13 -49.41 17.14
C LYS F 70 13.37 -48.90 18.35
N GLU F 71 14.01 -48.08 19.19
CA GLU F 71 13.32 -47.51 20.34
C GLU F 71 12.35 -46.41 19.91
N LYS F 72 12.68 -45.68 18.85
CA LYS F 72 11.77 -44.68 18.31
C LYS F 72 10.53 -45.30 17.68
N ALA F 73 10.62 -46.54 17.22
CA ALA F 73 9.51 -47.19 16.55
C ALA F 73 8.36 -47.44 17.52
N ILE F 74 7.17 -47.63 16.94
CA ILE F 74 5.97 -47.93 17.70
C ILE F 74 5.34 -49.19 17.12
N PRO F 75 5.02 -50.19 17.94
CA PRO F 75 4.41 -51.41 17.41
C PRO F 75 3.01 -51.14 16.87
N LYS F 76 2.49 -52.14 16.16
CA LYS F 76 1.19 -52.02 15.50
C LYS F 76 0.01 -52.10 16.47
N ASP F 77 0.26 -52.37 17.75
CA ASP F 77 -0.80 -52.45 18.74
C ASP F 77 -0.87 -51.26 19.67
N GLN F 78 0.26 -50.64 20.01
CA GLN F 78 0.28 -49.47 20.86
C GLN F 78 -0.16 -48.19 20.15
N ARG F 79 -0.45 -48.27 18.85
CA ARG F 79 -0.90 -47.10 18.11
C ARG F 79 -2.33 -46.75 18.49
N ALA F 80 -2.56 -45.49 18.85
CA ALA F 80 -3.87 -45.03 19.29
C ALA F 80 -4.21 -43.69 18.66
N THR F 81 -3.92 -43.54 17.36
CA THR F 81 -4.23 -42.33 16.63
C THR F 81 -5.54 -42.52 15.85
N THR F 82 -5.88 -41.54 15.02
CA THR F 82 -7.12 -41.61 14.25
C THR F 82 -6.94 -42.53 13.05
N PRO F 83 -7.74 -43.60 12.92
CA PRO F 83 -7.63 -44.52 11.80
C PRO F 83 -8.46 -44.10 10.59
N TYR F 84 -8.31 -42.84 10.18
CA TYR F 84 -9.04 -42.29 9.04
C TYR F 84 -8.05 -41.81 7.98
N MET F 85 -8.55 -41.67 6.76
CA MET F 85 -7.75 -41.17 5.64
C MET F 85 -7.91 -39.66 5.58
N THR F 86 -6.88 -38.95 6.02
CA THR F 86 -6.94 -37.50 6.07
C THR F 86 -6.86 -36.90 4.66
N LYS F 87 -7.29 -35.65 4.54
CA LYS F 87 -7.20 -34.96 3.26
C LYS F 87 -5.77 -34.60 2.92
N TYR F 88 -4.93 -34.34 3.93
CA TYR F 88 -3.53 -34.04 3.67
C TYR F 88 -2.77 -35.27 3.21
N GLU F 89 -3.01 -36.41 3.86
CA GLU F 89 -2.41 -37.66 3.39
C GLU F 89 -2.99 -38.08 2.04
N ARG F 90 -4.25 -37.71 1.78
CA ARG F 90 -4.85 -38.01 0.48
C ARG F 90 -4.13 -37.26 -0.64
N ALA F 91 -4.04 -35.93 -0.51
CA ALA F 91 -3.32 -35.14 -1.51
C ALA F 91 -1.84 -35.50 -1.55
N ARG F 92 -1.29 -35.98 -0.43
CA ARG F 92 0.11 -36.40 -0.43
C ARG F 92 0.31 -37.64 -1.28
N ILE F 93 -0.51 -38.67 -1.06
CA ILE F 93 -0.36 -39.90 -1.84
C ILE F 93 -0.87 -39.73 -3.27
N LEU F 94 -1.77 -38.79 -3.52
CA LEU F 94 -2.18 -38.52 -4.90
C LEU F 94 -1.07 -37.84 -5.68
N GLY F 95 -0.40 -36.88 -5.06
CA GLY F 95 0.73 -36.22 -5.69
C GLY F 95 1.91 -37.15 -5.87
N THR F 96 2.27 -37.88 -4.81
CA THR F 96 3.38 -38.81 -4.90
C THR F 96 3.12 -39.92 -5.91
N ARG F 97 1.87 -40.40 -5.98
CA ARG F 97 1.53 -41.41 -6.98
C ARG F 97 1.59 -40.84 -8.39
N ALA F 98 1.23 -39.56 -8.56
CA ALA F 98 1.25 -38.96 -9.88
C ALA F 98 2.68 -38.82 -10.41
N LEU F 99 3.59 -38.32 -9.57
CA LEU F 99 4.99 -38.19 -10.00
C LEU F 99 5.66 -39.56 -10.09
N GLN F 100 5.18 -40.54 -9.33
CA GLN F 100 5.75 -41.88 -9.42
C GLN F 100 5.28 -42.59 -10.69
N ILE F 101 4.02 -42.43 -11.05
CA ILE F 101 3.49 -43.10 -12.23
C ILE F 101 3.84 -42.36 -13.52
N SER F 102 4.22 -41.08 -13.43
CA SER F 102 4.58 -40.32 -14.63
C SER F 102 5.95 -40.69 -15.16
N MET F 103 6.71 -41.53 -14.45
CA MET F 103 8.05 -41.94 -14.86
C MET F 103 8.07 -43.42 -15.25
N ASN F 104 7.02 -43.85 -15.96
CA ASN F 104 6.89 -45.23 -16.47
C ASN F 104 6.94 -46.24 -15.31
N ALA F 105 5.93 -46.14 -14.44
CA ALA F 105 5.80 -47.06 -13.31
C ALA F 105 4.79 -48.15 -13.63
N PRO F 106 4.94 -49.34 -13.02
CA PRO F 106 3.97 -50.41 -13.28
C PRO F 106 2.61 -50.13 -12.66
N VAL F 107 1.63 -49.84 -13.50
CA VAL F 107 0.28 -49.55 -13.03
C VAL F 107 -0.44 -50.86 -12.72
N PHE F 108 -1.36 -50.80 -11.75
CA PHE F 108 -2.11 -51.99 -11.33
C PHE F 108 -3.55 -51.99 -11.82
N VAL F 109 -4.05 -50.88 -12.36
CA VAL F 109 -5.41 -50.79 -12.87
C VAL F 109 -5.34 -50.34 -14.32
N ASP F 110 -6.12 -51.00 -15.18
CA ASP F 110 -6.15 -50.65 -16.59
C ASP F 110 -6.71 -49.24 -16.78
N LEU F 111 -6.11 -48.50 -17.71
CA LEU F 111 -6.51 -47.13 -18.00
C LEU F 111 -7.41 -47.11 -19.23
N GLU F 112 -8.54 -46.44 -19.11
CA GLU F 112 -9.50 -46.30 -20.22
C GLU F 112 -9.27 -44.95 -20.91
N GLY F 113 -8.19 -44.89 -21.67
CA GLY F 113 -7.80 -43.66 -22.34
C GLY F 113 -7.61 -42.47 -21.41
N GLU F 114 -7.35 -42.71 -20.14
CA GLU F 114 -7.20 -41.64 -19.16
C GLU F 114 -5.80 -41.05 -19.25
N THR F 115 -5.72 -39.76 -19.55
CA THR F 115 -4.45 -39.07 -19.76
C THR F 115 -4.16 -38.03 -18.68
N ASP F 116 -4.60 -38.28 -17.45
CA ASP F 116 -4.37 -37.38 -16.33
C ASP F 116 -3.75 -38.17 -15.19
N PRO F 117 -2.52 -37.83 -14.76
CA PRO F 117 -1.92 -38.57 -13.63
C PRO F 117 -2.69 -38.42 -12.33
N LEU F 118 -3.28 -37.25 -12.09
CA LEU F 118 -4.05 -37.06 -10.85
C LEU F 118 -5.35 -37.85 -10.87
N ARG F 119 -6.04 -37.84 -12.01
CA ARG F 119 -7.28 -38.61 -12.12
C ARG F 119 -7.02 -40.10 -11.99
N ILE F 120 -5.92 -40.58 -12.58
CA ILE F 120 -5.57 -41.99 -12.46
C ILE F 120 -5.18 -42.32 -11.02
N ALA F 121 -4.47 -41.40 -10.36
CA ALA F 121 -4.10 -41.61 -8.97
C ALA F 121 -5.33 -41.74 -8.08
N MET F 122 -6.37 -40.95 -8.36
CA MET F 122 -7.63 -41.10 -7.64
C MET F 122 -8.32 -42.41 -7.99
N LYS F 123 -8.18 -42.87 -9.24
CA LYS F 123 -8.72 -44.17 -9.62
C LYS F 123 -8.01 -45.29 -8.88
N GLU F 124 -6.73 -45.11 -8.55
CA GLU F 124 -6.03 -46.10 -7.73
C GLU F 124 -6.47 -46.02 -6.28
N LEU F 125 -6.79 -44.83 -5.79
CA LEU F 125 -7.29 -44.69 -4.43
C LEU F 125 -8.68 -45.31 -4.27
N ALA F 126 -9.46 -45.37 -5.35
CA ALA F 126 -10.81 -45.91 -5.25
C ALA F 126 -10.79 -47.42 -5.06
N GLU F 127 -9.82 -48.10 -5.66
CA GLU F 127 -9.72 -49.55 -5.59
C GLU F 127 -8.66 -50.02 -4.60
N LYS F 128 -8.02 -49.11 -3.88
CA LYS F 128 -7.00 -49.43 -2.88
C LYS F 128 -5.82 -50.17 -3.49
N LYS F 129 -5.51 -49.89 -4.75
CA LYS F 129 -4.34 -50.45 -5.42
C LYS F 129 -3.10 -49.57 -5.28
N ILE F 130 -3.14 -48.59 -4.38
CA ILE F 130 -2.03 -47.66 -4.18
C ILE F 130 -0.94 -48.32 -3.34
N PRO F 131 0.25 -48.59 -3.91
CA PRO F 131 1.32 -49.26 -3.17
C PRO F 131 2.24 -48.29 -2.43
N LEU F 132 1.65 -47.40 -1.63
CA LEU F 132 2.40 -46.43 -0.85
C LEU F 132 2.12 -46.63 0.62
N VAL F 133 3.00 -46.05 1.45
CA VAL F 133 2.94 -46.20 2.90
C VAL F 133 3.04 -44.83 3.54
N ILE F 134 2.17 -44.56 4.50
CA ILE F 134 2.16 -43.29 5.23
C ILE F 134 3.00 -43.45 6.49
N ARG F 135 4.05 -42.64 6.61
CA ARG F 135 4.93 -42.63 7.79
C ARG F 135 4.63 -41.37 8.58
N ARG F 136 3.92 -41.52 9.69
CA ARG F 136 3.48 -40.39 10.50
C ARG F 136 4.57 -39.98 11.49
N TYR F 137 4.47 -38.75 11.98
CA TYR F 137 5.41 -38.21 12.94
C TYR F 137 4.70 -37.80 14.23
N LEU F 138 5.48 -37.60 15.27
CA LEU F 138 5.03 -37.11 16.57
C LEU F 138 5.94 -35.98 17.03
N PRO F 139 5.43 -35.05 17.85
CA PRO F 139 6.27 -33.94 18.30
C PRO F 139 7.50 -34.35 19.10
N ASP F 140 7.49 -35.54 19.71
CA ASP F 140 8.61 -36.01 20.50
C ASP F 140 9.67 -36.71 19.66
N GLY F 141 9.49 -36.78 18.35
CA GLY F 141 10.42 -37.49 17.50
C GLY F 141 10.21 -39.00 17.54
N SER F 142 9.01 -39.43 17.16
CA SER F 142 8.67 -40.84 17.10
C SER F 142 7.69 -41.05 15.95
N PHE F 143 7.94 -42.06 15.12
CA PHE F 143 7.15 -42.29 13.93
C PHE F 143 6.12 -43.40 14.16
N GLU F 144 5.24 -43.54 13.17
CA GLU F 144 4.21 -44.59 13.18
C GLU F 144 4.02 -45.08 11.75
N ASP F 145 3.92 -46.40 11.60
CA ASP F 145 3.83 -47.03 10.28
C ASP F 145 2.37 -47.25 9.94
N TRP F 146 1.82 -46.33 9.13
CA TRP F 146 0.46 -46.46 8.62
C TRP F 146 0.49 -47.07 7.23
N SER F 147 -0.28 -48.14 7.04
CA SER F 147 -0.43 -48.78 5.74
C SER F 147 -1.76 -48.39 5.13
N VAL F 148 -1.73 -47.93 3.88
CA VAL F 148 -2.93 -47.44 3.22
C VAL F 148 -3.92 -48.57 2.93
N GLU F 149 -3.49 -49.83 3.00
CA GLU F 149 -4.38 -50.93 2.70
C GLU F 149 -5.47 -51.06 3.77
N GLU F 150 -5.13 -50.87 5.03
CA GLU F 150 -6.07 -50.97 6.13
C GLU F 150 -6.64 -49.62 6.54
N LEU F 151 -6.67 -48.65 5.62
CA LEU F 151 -7.15 -47.30 5.90
C LEU F 151 -8.30 -47.00 4.95
N ILE F 152 -9.45 -46.66 5.52
CA ILE F 152 -10.66 -46.38 4.74
C ILE F 152 -10.72 -44.90 4.43
N VAL F 153 -11.23 -44.57 3.24
CA VAL F 153 -11.37 -43.20 2.78
C VAL F 153 -12.78 -42.72 3.08
N ASP F 154 -12.92 -41.43 3.36
CA ASP F 154 -14.21 -40.83 3.66
C ASP F 154 -15.15 -40.91 2.46
N ASN G 8 49.65 -29.26 22.33
CA ASN G 8 48.75 -29.00 21.22
C ASN G 8 49.50 -29.17 19.89
N GLU G 9 50.80 -29.45 19.98
CA GLU G 9 51.59 -29.64 18.77
C GLU G 9 51.24 -30.95 18.08
N ASN G 10 51.25 -32.06 18.82
CA ASN G 10 50.90 -33.35 18.25
C ASN G 10 49.39 -33.54 18.12
N ARG G 11 48.60 -32.74 18.84
CA ARG G 11 47.15 -32.85 18.75
C ARG G 11 46.64 -32.53 17.35
N GLU G 12 47.32 -31.61 16.66
CA GLU G 12 46.92 -31.28 15.29
C GLU G 12 47.29 -32.40 14.32
N THR G 13 48.49 -32.97 14.48
CA THR G 13 48.94 -34.06 13.61
C THR G 13 48.25 -35.38 13.92
N ALA G 14 47.52 -35.47 15.05
CA ALA G 14 46.81 -36.71 15.36
C ALA G 14 45.73 -37.00 14.32
N ARG G 15 45.08 -35.96 13.82
CA ARG G 15 44.10 -36.13 12.75
C ARG G 15 44.76 -36.27 11.38
N PHE G 16 45.99 -35.77 11.23
CA PHE G 16 46.68 -35.87 9.96
C PHE G 16 47.25 -37.26 9.72
N ILE G 17 47.54 -38.00 10.78
CA ILE G 17 48.14 -39.33 10.62
C ILE G 17 47.07 -40.42 10.46
N LYS G 18 45.89 -40.24 11.07
CA LYS G 18 44.85 -41.25 11.02
C LYS G 18 44.03 -41.20 9.74
N LYS G 19 44.37 -40.33 8.80
CA LYS G 19 43.66 -40.25 7.52
C LYS G 19 44.47 -40.79 6.34
N HIS G 20 45.75 -41.10 6.55
CA HIS G 20 46.59 -41.65 5.50
C HIS G 20 47.08 -43.07 5.78
N LYS G 21 46.97 -43.55 7.03
CA LYS G 21 47.41 -44.88 7.37
C LYS G 21 46.53 -45.93 6.69
N LYS G 22 47.15 -46.85 5.97
CA LYS G 22 46.41 -47.90 5.30
C LYS G 22 45.78 -48.85 6.32
N GLN G 23 44.59 -49.34 6.00
CA GLN G 23 43.86 -50.20 6.93
C GLN G 23 44.43 -51.61 6.97
N VAL G 24 44.44 -52.30 5.82
CA VAL G 24 44.92 -53.67 5.73
C VAL G 24 46.03 -53.72 4.68
N THR G 25 47.11 -54.43 5.01
CA THR G 25 48.24 -54.59 4.11
C THR G 25 48.17 -55.94 3.40
N ASN G 26 48.91 -56.03 2.29
CA ASN G 26 48.97 -57.26 1.50
C ASN G 26 50.36 -57.86 1.58
N PRO G 27 50.59 -58.82 2.47
CA PRO G 27 51.92 -59.44 2.57
C PRO G 27 52.10 -60.49 1.48
N ILE G 28 53.28 -61.12 1.49
CA ILE G 28 53.60 -62.15 0.52
C ILE G 28 53.00 -63.48 0.98
N ASP G 29 52.72 -64.36 0.02
CA ASP G 29 52.10 -65.65 0.31
C ASP G 29 52.68 -66.71 -0.60
N GLU G 30 53.05 -67.85 0.00
CA GLU G 30 53.52 -69.03 -0.73
C GLU G 30 54.81 -68.80 -1.49
N LYS G 31 55.39 -67.60 -1.38
CA LYS G 31 56.63 -67.23 -2.07
C LYS G 31 56.52 -67.51 -3.57
N ASN G 32 55.35 -67.23 -4.14
CA ASN G 32 55.10 -67.42 -5.55
C ASN G 32 55.48 -66.20 -6.40
N GLY G 33 56.32 -65.32 -5.86
CA GLY G 33 56.68 -64.11 -6.56
C GLY G 33 55.71 -62.97 -6.30
N THR G 34 54.46 -63.14 -6.74
CA THR G 34 53.44 -62.11 -6.55
C THR G 34 52.91 -62.18 -5.11
N SER G 35 51.89 -61.38 -4.82
CA SER G 35 51.29 -61.34 -3.50
C SER G 35 49.77 -61.32 -3.63
N ASN G 36 49.09 -61.85 -2.62
CA ASN G 36 47.64 -61.84 -2.56
C ASN G 36 47.17 -60.43 -2.21
N CYS G 37 46.81 -59.66 -3.23
CA CYS G 37 46.39 -58.27 -3.05
C CYS G 37 44.93 -58.03 -3.39
N ILE G 38 44.18 -59.09 -3.68
CA ILE G 38 42.75 -58.97 -3.97
C ILE G 38 41.99 -59.21 -2.67
N VAL G 39 41.42 -58.15 -2.11
CA VAL G 39 40.69 -58.23 -0.85
C VAL G 39 39.22 -57.96 -1.11
N ARG G 40 38.39 -58.29 -0.12
CA ARG G 40 36.94 -58.15 -0.21
C ARG G 40 36.47 -57.32 0.99
N VAL G 41 36.20 -56.04 0.77
CA VAL G 41 35.87 -55.11 1.83
C VAL G 41 34.35 -54.93 1.86
N PRO G 42 33.69 -55.17 3.00
CA PRO G 42 32.27 -54.80 3.11
C PRO G 42 32.11 -53.30 3.29
N ILE G 43 31.25 -52.70 2.49
CA ILE G 43 31.07 -51.26 2.49
C ILE G 43 29.58 -50.94 2.63
N ALA G 44 29.28 -49.80 3.25
CA ALA G 44 27.92 -49.31 3.41
C ALA G 44 27.67 -48.25 2.35
N LEU G 45 26.71 -48.54 1.46
CA LEU G 45 26.44 -47.70 0.30
C LEU G 45 25.09 -47.02 0.45
N TYR G 46 25.08 -45.69 0.35
CA TYR G 46 23.88 -44.88 0.49
C TYR G 46 23.48 -44.39 -0.89
N VAL G 47 22.34 -44.86 -1.39
CA VAL G 47 21.94 -44.66 -2.78
C VAL G 47 20.45 -44.36 -2.86
N SER G 48 20.01 -43.99 -4.05
CA SER G 48 18.61 -43.73 -4.36
C SER G 48 18.04 -44.87 -5.22
N LEU G 49 16.76 -44.72 -5.60
CA LEU G 49 16.09 -45.71 -6.42
C LEU G 49 15.48 -45.07 -7.66
N ALA G 50 14.69 -45.85 -8.41
CA ALA G 50 13.99 -45.37 -9.59
C ALA G 50 12.59 -45.98 -9.59
N PRO G 51 11.55 -45.19 -9.86
CA PRO G 51 10.18 -45.76 -9.85
C PRO G 51 9.97 -46.82 -10.91
N MET G 52 10.70 -46.75 -12.02
CA MET G 52 10.58 -47.77 -13.07
C MET G 52 11.01 -49.14 -12.57
N TYR G 53 11.85 -49.20 -11.54
CA TYR G 53 12.32 -50.46 -10.95
C TYR G 53 11.79 -50.64 -9.53
N LEU G 54 10.55 -50.22 -9.28
CA LEU G 54 9.96 -50.43 -7.96
C LEU G 54 9.63 -51.90 -7.72
N GLU G 55 9.29 -52.64 -8.79
CA GLU G 55 9.03 -54.06 -8.64
C GLU G 55 10.31 -54.87 -8.39
N ASN G 56 11.47 -54.23 -8.47
CA ASN G 56 12.75 -54.87 -8.17
C ASN G 56 13.78 -53.80 -7.82
N PRO G 57 13.73 -53.22 -6.61
CA PRO G 57 14.70 -52.17 -6.27
C PRO G 57 16.14 -52.65 -6.26
N LEU G 58 16.37 -53.90 -5.83
CA LEU G 58 17.73 -54.43 -5.84
C LEU G 58 18.26 -54.57 -7.26
N GLN G 59 17.39 -54.90 -8.21
CA GLN G 59 17.82 -54.98 -9.61
C GLN G 59 18.00 -53.60 -10.21
N GLY G 60 17.18 -52.63 -9.80
CA GLY G 60 17.31 -51.26 -10.25
C GLY G 60 18.66 -50.65 -9.90
N VAL G 61 19.01 -50.67 -8.61
CA VAL G 61 20.31 -50.15 -8.19
C VAL G 61 21.44 -51.00 -8.75
N MET G 62 21.19 -52.29 -9.00
CA MET G 62 22.19 -53.13 -9.61
C MET G 62 22.46 -52.72 -11.06
N LYS G 63 21.44 -52.20 -11.75
CA LYS G 63 21.58 -51.81 -13.14
C LYS G 63 22.11 -50.38 -13.31
N GLN G 64 21.75 -49.48 -12.39
CA GLN G 64 22.11 -48.08 -12.54
C GLN G 64 23.34 -47.68 -11.73
N HIS G 65 23.46 -48.15 -10.49
CA HIS G 65 24.53 -47.74 -9.61
C HIS G 65 25.56 -48.83 -9.34
N LEU G 66 25.41 -50.00 -9.93
CA LEU G 66 26.31 -51.12 -9.65
C LEU G 66 26.99 -51.70 -10.88
N ASN G 67 26.31 -51.74 -12.03
CA ASN G 67 26.96 -52.24 -13.24
C ASN G 67 28.02 -51.28 -13.76
N PRO G 68 27.77 -49.97 -13.88
CA PRO G 68 28.88 -49.05 -14.23
C PRO G 68 29.88 -48.87 -13.10
N LEU G 69 29.57 -49.34 -11.89
CA LEU G 69 30.49 -49.17 -10.76
C LEU G 69 31.70 -50.07 -10.88
N VAL G 70 31.57 -51.22 -11.54
CA VAL G 70 32.64 -52.21 -11.55
C VAL G 70 33.80 -51.73 -12.42
N MET G 71 34.99 -52.28 -12.14
CA MET G 71 36.21 -52.05 -12.90
C MET G 71 36.57 -50.56 -12.96
N LYS G 72 36.82 -49.99 -11.78
CA LYS G 72 37.32 -48.63 -11.68
C LYS G 72 37.83 -48.40 -10.26
N TYR G 73 38.65 -47.36 -10.11
CA TYR G 73 39.25 -47.00 -8.84
C TYR G 73 38.44 -45.92 -8.16
N ASN G 74 38.11 -46.14 -6.89
CA ASN G 74 37.36 -45.19 -6.07
C ASN G 74 38.30 -44.56 -5.04
N ASN G 75 37.74 -43.62 -4.26
CA ASN G 75 38.52 -42.87 -3.30
C ASN G 75 38.41 -43.38 -1.87
N LYS G 76 37.27 -43.95 -1.49
CA LYS G 76 37.07 -44.35 -0.11
C LYS G 76 37.93 -45.57 0.25
N VAL G 77 37.70 -46.70 -0.43
CA VAL G 77 38.47 -47.90 -0.16
C VAL G 77 39.84 -47.88 -0.83
N GLY G 78 40.08 -46.94 -1.74
CA GLY G 78 41.37 -46.77 -2.36
C GLY G 78 41.86 -47.94 -3.19
N GLY G 79 41.00 -48.46 -4.06
CA GLY G 79 41.39 -49.54 -4.94
C GLY G 79 40.44 -49.67 -6.11
N VAL G 80 40.66 -50.71 -6.90
CA VAL G 80 39.86 -51.00 -8.09
C VAL G 80 38.93 -52.16 -7.76
N VAL G 81 37.62 -51.91 -7.89
CA VAL G 81 36.63 -52.93 -7.55
C VAL G 81 36.67 -54.07 -8.57
N LEU G 82 36.41 -55.28 -8.08
CA LEU G 82 36.47 -56.49 -8.90
C LEU G 82 35.28 -57.39 -8.63
N GLY G 83 34.10 -56.81 -8.51
CA GLY G 83 32.88 -57.57 -8.32
C GLY G 83 32.20 -57.22 -7.00
N TYR G 84 30.95 -57.66 -6.92
CA TYR G 84 30.10 -57.39 -5.76
C TYR G 84 29.42 -58.67 -5.30
N GLU G 85 29.01 -58.67 -4.03
CA GLU G 85 28.26 -59.79 -3.46
C GLU G 85 27.59 -59.30 -2.19
N GLY G 86 26.67 -60.11 -1.68
CA GLY G 86 26.00 -59.77 -0.44
C GLY G 86 24.95 -58.69 -0.55
N LEU G 87 24.15 -58.72 -1.61
CA LEU G 87 23.14 -57.69 -1.84
C LEU G 87 22.05 -57.82 -0.78
N LYS G 88 22.08 -56.94 0.20
CA LYS G 88 21.11 -56.93 1.29
C LYS G 88 20.67 -55.50 1.56
N ILE G 89 19.36 -55.27 1.60
CA ILE G 89 18.80 -53.96 1.83
C ILE G 89 18.32 -53.87 3.27
N LEU G 90 18.15 -52.64 3.76
CA LEU G 90 17.72 -52.39 5.13
C LEU G 90 16.41 -51.61 5.12
N ASP G 91 15.53 -51.95 6.05
CA ASP G 91 14.25 -51.27 6.19
C ASP G 91 14.37 -50.12 7.19
N ALA G 92 13.33 -49.30 7.23
CA ALA G 92 13.25 -48.15 8.14
C ALA G 92 12.36 -48.43 9.34
N ASP G 93 12.11 -49.70 9.66
CA ASP G 93 11.27 -50.07 10.79
C ASP G 93 11.60 -51.50 11.18
N PRO G 94 11.46 -51.85 12.45
CA PRO G 94 11.73 -53.23 12.88
C PRO G 94 10.66 -54.18 12.33
N LEU G 95 11.12 -55.30 11.77
CA LEU G 95 10.23 -56.31 11.22
C LEU G 95 9.48 -57.05 12.31
N ASP G 99 10.81 -60.59 9.07
CA ASP G 99 11.50 -61.61 8.28
C ASP G 99 10.76 -61.87 6.98
N THR G 100 9.96 -60.91 6.55
CA THR G 100 9.19 -61.03 5.31
C THR G 100 9.99 -60.49 4.13
N SER G 101 9.55 -60.86 2.93
CA SER G 101 10.23 -60.41 1.71
C SER G 101 9.90 -58.96 1.40
N GLU G 102 8.71 -58.49 1.77
CA GLU G 102 8.33 -57.12 1.48
C GLU G 102 9.13 -56.14 2.34
N LYS G 103 9.56 -55.05 1.71
CA LYS G 103 10.35 -54.01 2.36
C LYS G 103 9.62 -52.68 2.23
N LEU G 104 10.19 -51.64 2.83
CA LEU G 104 9.71 -50.28 2.67
C LEU G 104 10.89 -49.33 2.51
N ILE G 105 10.75 -48.35 1.63
CA ILE G 105 11.81 -47.40 1.31
C ILE G 105 11.26 -46.00 1.47
N LYS G 106 11.96 -45.17 2.24
CA LYS G 106 11.57 -43.78 2.44
C LYS G 106 11.79 -43.01 1.15
N ILE G 107 10.71 -42.58 0.52
CA ILE G 107 10.78 -41.84 -0.73
C ILE G 107 10.85 -40.36 -0.43
N THR G 108 11.68 -39.64 -1.18
CA THR G 108 11.80 -38.21 -0.99
C THR G 108 10.54 -37.52 -1.46
N PRO G 109 9.94 -36.64 -0.66
CA PRO G 109 8.72 -35.94 -1.09
C PRO G 109 8.96 -34.91 -2.19
N ASP G 110 10.19 -34.73 -2.64
CA ASP G 110 10.51 -33.81 -3.72
C ASP G 110 10.68 -34.52 -5.06
N THR G 111 11.55 -35.53 -5.11
CA THR G 111 11.80 -36.31 -6.31
C THR G 111 11.16 -37.68 -6.21
N PRO G 112 10.72 -38.26 -7.33
CA PRO G 112 10.11 -39.59 -7.29
C PRO G 112 11.05 -40.69 -6.81
N PHE G 113 12.34 -40.40 -6.67
CA PHE G 113 13.29 -41.41 -6.21
C PHE G 113 13.22 -41.55 -4.69
N GLY G 114 13.49 -42.76 -4.22
CA GLY G 114 13.51 -43.06 -2.80
C GLY G 114 14.94 -43.28 -2.32
N PHE G 115 15.19 -42.95 -1.06
CA PHE G 115 16.52 -43.06 -0.47
C PHE G 115 16.60 -44.35 0.36
N THR G 116 17.55 -45.22 0.01
CA THR G 116 17.81 -46.43 0.76
C THR G 116 19.27 -46.47 1.20
N TRP G 117 19.53 -47.10 2.34
CA TRP G 117 20.86 -47.21 2.92
C TRP G 117 21.16 -48.70 3.10
N CYS G 118 21.86 -49.29 2.14
CA CYS G 118 22.13 -50.73 2.13
C CYS G 118 23.63 -50.99 2.15
N HIS G 119 24.05 -51.97 2.94
CA HIS G 119 25.44 -52.39 3.01
C HIS G 119 25.66 -53.62 2.13
N VAL G 120 26.76 -53.61 1.38
CA VAL G 120 27.10 -54.71 0.48
C VAL G 120 28.61 -54.92 0.51
N ASN G 121 29.01 -56.19 0.39
CA ASN G 121 30.43 -56.55 0.38
C ASN G 121 30.95 -56.46 -1.05
N LEU G 122 31.90 -55.54 -1.26
CA LEU G 122 32.46 -55.29 -2.58
C LEU G 122 33.88 -55.82 -2.65
N TYR G 123 34.20 -56.47 -3.76
CA TYR G 123 35.57 -56.88 -4.04
C TYR G 123 36.37 -55.68 -4.52
N VAL G 124 37.67 -55.67 -4.20
CA VAL G 124 38.52 -54.54 -4.55
C VAL G 124 39.97 -55.01 -4.53
N TRP G 125 40.77 -54.45 -5.43
CA TRP G 125 42.20 -54.73 -5.50
C TRP G 125 42.96 -53.41 -5.39
N GLN G 126 43.81 -53.30 -4.38
CA GLN G 126 44.58 -52.08 -4.15
C GLN G 126 46.07 -52.42 -4.11
N PRO G 127 46.89 -51.83 -4.98
CA PRO G 127 48.34 -52.02 -4.87
C PRO G 127 48.99 -50.97 -3.98
N GLN G 128 49.81 -51.40 -3.03
CA GLN G 128 50.49 -50.49 -2.13
C GLN G 128 51.74 -49.92 -2.81
N VAL G 129 52.59 -49.25 -2.03
CA VAL G 129 53.81 -48.64 -2.53
C VAL G 129 54.98 -49.44 -1.97
N GLY G 130 55.55 -50.31 -2.80
CA GLY G 130 56.67 -51.13 -2.37
C GLY G 130 56.37 -52.62 -2.38
N ASP G 131 55.37 -53.02 -3.15
CA ASP G 131 54.95 -54.40 -3.26
C ASP G 131 55.39 -54.98 -4.60
N VAL G 132 55.06 -56.25 -4.81
CA VAL G 132 55.44 -56.97 -6.02
C VAL G 132 54.18 -57.52 -6.69
N LEU G 133 54.11 -57.38 -8.01
CA LEU G 133 52.96 -57.85 -8.78
C LEU G 133 53.46 -58.50 -10.07
N GLU G 134 52.51 -59.01 -10.85
CA GLU G 134 52.80 -59.70 -12.10
C GLU G 134 52.59 -58.77 -13.28
N GLY G 135 53.08 -59.18 -14.45
CA GLY G 135 52.88 -58.44 -15.68
C GLY G 135 53.30 -59.20 -16.91
N TYR G 136 52.48 -59.12 -17.96
CA TYR G 136 52.76 -59.77 -19.23
C TYR G 136 53.30 -58.73 -20.21
N ILE G 137 53.46 -59.14 -21.47
CA ILE G 137 53.96 -58.26 -22.53
C ILE G 137 52.77 -57.76 -23.33
N PHE G 138 52.60 -56.43 -23.36
CA PHE G 138 51.51 -55.80 -24.09
C PHE G 138 52.01 -54.91 -25.23
N ILE G 139 52.89 -53.97 -24.94
CA ILE G 139 53.47 -53.08 -25.95
C ILE G 139 54.91 -52.80 -25.55
N GLN G 140 55.79 -52.74 -26.56
CA GLN G 140 57.23 -52.53 -26.35
C GLN G 140 57.65 -51.29 -27.12
N SER G 141 57.65 -50.14 -26.45
CA SER G 141 58.08 -48.89 -27.04
C SER G 141 59.51 -48.58 -26.62
N ALA G 142 59.99 -47.39 -26.98
CA ALA G 142 61.36 -47.01 -26.66
C ALA G 142 61.52 -46.58 -25.20
N SER G 143 60.46 -46.06 -24.59
CA SER G 143 60.51 -45.64 -23.20
C SER G 143 59.25 -46.06 -22.43
N HIS G 144 58.59 -47.11 -22.89
CA HIS G 144 57.34 -47.55 -22.27
C HIS G 144 57.11 -49.01 -22.62
N ILE G 145 57.11 -49.88 -21.63
CA ILE G 145 56.80 -51.29 -21.82
C ILE G 145 55.35 -51.53 -21.38
N GLY G 146 54.70 -52.50 -22.02
CA GLY G 146 53.33 -52.82 -21.73
C GLY G 146 53.24 -53.99 -20.78
N LEU G 147 52.58 -53.77 -19.64
CA LEU G 147 52.40 -54.80 -18.62
C LEU G 147 50.93 -54.90 -18.27
N LEU G 148 50.38 -56.11 -18.30
CA LEU G 148 48.96 -56.36 -18.03
C LEU G 148 48.88 -57.45 -16.96
N ILE G 149 48.79 -57.03 -15.69
CA ILE G 149 48.58 -57.97 -14.60
C ILE G 149 47.17 -58.53 -14.69
N HIS G 150 47.06 -59.85 -14.85
CA HIS G 150 45.78 -60.52 -15.06
C HIS G 150 45.05 -59.96 -16.28
N ASP G 151 45.82 -59.44 -17.25
CA ASP G 151 45.35 -58.89 -18.51
C ASP G 151 44.13 -57.98 -18.36
N ALA G 152 44.02 -57.29 -17.24
CA ALA G 152 42.93 -56.34 -17.02
C ALA G 152 43.43 -54.97 -16.61
N PHE G 153 44.49 -54.89 -15.82
CA PHE G 153 45.01 -53.63 -15.32
C PHE G 153 46.20 -53.23 -16.17
N ASN G 154 46.05 -52.15 -16.93
CA ASN G 154 47.16 -51.64 -17.73
C ASN G 154 48.27 -51.12 -16.82
N ALA G 155 49.46 -50.97 -17.39
CA ALA G 155 50.60 -50.47 -16.64
C ALA G 155 51.50 -49.67 -17.56
N SER G 156 52.30 -48.78 -16.96
CA SER G 156 53.23 -47.95 -17.70
C SER G 156 54.45 -47.70 -16.84
N ILE G 157 55.57 -47.41 -17.50
CA ILE G 157 56.84 -47.14 -16.83
C ILE G 157 57.48 -45.92 -17.47
N LYS G 158 58.28 -45.21 -16.68
CA LYS G 158 59.02 -44.05 -17.15
C LYS G 158 60.41 -44.51 -17.61
N LYS G 159 61.30 -43.54 -17.85
CA LYS G 159 62.65 -43.85 -18.28
C LYS G 159 63.65 -43.93 -17.14
N ASN G 160 63.31 -43.37 -15.97
CA ASN G 160 64.23 -43.31 -14.84
C ASN G 160 63.97 -44.40 -13.81
N ASN G 161 63.10 -45.37 -14.12
CA ASN G 161 62.80 -46.47 -13.21
C ASN G 161 63.32 -47.82 -13.72
N ILE G 162 64.23 -47.80 -14.69
CA ILE G 162 64.80 -49.02 -15.25
C ILE G 162 66.29 -49.07 -14.91
N PRO G 163 66.87 -50.25 -14.69
CA PRO G 163 68.29 -50.32 -14.38
C PRO G 163 69.14 -49.87 -15.56
N VAL G 164 70.39 -49.49 -15.24
CA VAL G 164 71.31 -49.03 -16.27
C VAL G 164 71.71 -50.18 -17.19
N ASP G 165 71.77 -51.40 -16.65
CA ASP G 165 72.17 -52.55 -17.47
C ASP G 165 71.10 -52.90 -18.50
N TRP G 166 69.83 -52.73 -18.16
CA TRP G 166 68.75 -53.02 -19.10
C TRP G 166 68.78 -51.99 -20.23
N THR G 167 68.87 -52.47 -21.47
CA THR G 167 68.96 -51.61 -22.64
C THR G 167 67.91 -52.02 -23.66
N PHE G 168 67.68 -51.14 -24.63
CA PHE G 168 66.72 -51.37 -25.69
C PHE G 168 67.42 -51.29 -27.05
N VAL G 169 66.92 -52.09 -28.00
CA VAL G 169 67.41 -52.11 -29.36
C VAL G 169 66.21 -52.02 -30.29
N HIS G 170 66.24 -51.06 -31.21
CA HIS G 170 65.12 -50.88 -32.13
C HIS G 170 65.07 -52.02 -33.14
N ASN G 171 63.93 -52.15 -33.81
CA ASN G 171 63.71 -53.17 -34.82
C ASN G 171 63.82 -52.57 -36.21
N ASP G 172 64.01 -53.45 -37.20
CA ASP G 172 64.15 -53.04 -38.59
C ASP G 172 63.13 -53.67 -39.52
N VAL G 173 62.65 -54.88 -39.24
CA VAL G 173 61.69 -55.53 -40.11
C VAL G 173 60.30 -54.97 -39.89
N GLU G 174 59.79 -55.09 -38.67
CA GLU G 174 58.46 -54.59 -38.34
C GLU G 174 58.34 -54.28 -36.85
N LEU G 214 57.00 -51.17 -32.67
CA LEU G 214 57.46 -51.93 -31.51
C LEU G 214 58.98 -51.83 -31.37
N GLY G 215 59.50 -52.27 -30.23
CA GLY G 215 60.93 -52.22 -29.99
C GLY G 215 61.46 -53.45 -29.27
N HIS G 216 62.64 -53.91 -29.66
CA HIS G 216 63.27 -55.04 -29.01
C HIS G 216 63.99 -54.59 -27.74
N TRP G 217 64.24 -55.54 -26.85
CA TRP G 217 64.86 -55.26 -25.56
C TRP G 217 65.94 -56.28 -25.28
N VAL G 218 67.01 -55.83 -24.61
CA VAL G 218 68.12 -56.68 -24.22
C VAL G 218 68.41 -56.44 -22.74
N ASP G 219 68.46 -57.52 -21.97
CA ASP G 219 68.68 -57.43 -20.54
C ASP G 219 70.19 -57.47 -20.24
N SER G 220 70.53 -57.62 -18.96
CA SER G 220 71.94 -57.55 -18.56
C SER G 220 72.73 -58.73 -19.10
N ASN G 221 72.20 -59.95 -18.96
CA ASN G 221 72.93 -61.13 -19.42
C ASN G 221 72.78 -61.36 -20.92
N GLY G 222 71.66 -60.93 -21.50
CA GLY G 222 71.48 -61.00 -22.94
C GLY G 222 70.65 -62.16 -23.45
N GLU G 223 69.68 -62.64 -22.69
CA GLU G 223 68.82 -63.73 -23.12
C GLU G 223 67.36 -63.34 -22.92
N PRO G 224 66.50 -63.53 -23.93
CA PRO G 224 65.08 -63.21 -23.75
C PRO G 224 64.43 -64.15 -22.75
N ILE G 225 63.30 -63.70 -22.21
CA ILE G 225 62.54 -64.43 -21.22
C ILE G 225 61.09 -64.52 -21.69
N ASP G 226 60.28 -65.25 -20.92
CA ASP G 226 58.89 -65.50 -21.28
C ASP G 226 58.02 -64.29 -20.95
N GLY G 227 56.73 -64.40 -21.27
CA GLY G 227 55.80 -63.31 -20.99
C GLY G 227 55.60 -63.08 -19.50
N LYS G 228 55.65 -64.14 -18.70
CA LYS G 228 55.52 -64.01 -17.25
C LYS G 228 56.68 -63.20 -16.68
N LEU G 229 56.40 -62.00 -16.18
CA LEU G 229 57.42 -61.07 -15.72
C LEU G 229 57.11 -60.62 -14.30
N ARG G 230 58.07 -60.77 -13.41
CA ARG G 230 57.97 -60.16 -12.09
C ARG G 230 58.03 -58.64 -12.23
N PHE G 231 57.38 -57.94 -11.29
CA PHE G 231 57.30 -56.49 -11.39
C PHE G 231 57.00 -55.91 -10.01
N THR G 232 57.41 -54.66 -9.82
CA THR G 232 57.14 -53.92 -8.60
C THR G 232 56.22 -52.74 -8.91
N VAL G 233 55.64 -52.18 -7.86
CA VAL G 233 54.64 -51.12 -7.98
C VAL G 233 55.21 -49.84 -7.36
N ARG G 234 55.07 -48.73 -8.09
CA ARG G 234 55.54 -47.43 -7.64
C ARG G 234 54.41 -46.43 -7.47
N ASN G 235 53.61 -46.22 -8.51
CA ASN G 235 52.54 -45.23 -8.48
C ASN G 235 51.30 -45.81 -9.15
N VAL G 236 50.16 -45.15 -8.95
CA VAL G 236 48.89 -45.55 -9.54
C VAL G 236 48.16 -44.30 -10.03
N HIS G 237 47.42 -44.45 -11.13
CA HIS G 237 46.63 -43.37 -11.68
C HIS G 237 45.44 -43.95 -12.43
N THR G 238 44.26 -43.40 -12.18
CA THR G 238 43.03 -43.89 -12.80
C THR G 238 42.16 -42.76 -13.38
N THR G 239 42.48 -41.50 -13.12
CA THR G 239 41.67 -40.40 -13.60
C THR G 239 41.61 -40.30 -15.12
N GLY G 240 42.41 -41.10 -15.83
CA GLY G 240 42.37 -41.14 -17.28
C GLY G 240 41.25 -42.00 -17.80
N ARG G 241 41.51 -42.66 -18.93
CA ARG G 241 40.49 -43.51 -19.54
C ARG G 241 40.40 -44.86 -18.84
N VAL G 242 41.50 -45.60 -18.82
CA VAL G 242 41.56 -46.93 -18.21
C VAL G 242 42.56 -46.90 -17.06
N VAL G 243 42.33 -47.76 -16.06
CA VAL G 243 43.22 -47.83 -14.92
C VAL G 243 44.60 -48.28 -15.37
N SER G 244 45.63 -47.62 -14.86
CA SER G 244 47.01 -47.95 -15.20
C SER G 244 47.91 -47.67 -14.01
N VAL G 245 48.74 -48.65 -13.65
CA VAL G 245 49.63 -48.52 -12.52
C VAL G 245 51.05 -48.27 -13.04
N ASP G 246 51.87 -47.68 -12.18
CA ASP G 246 53.27 -47.39 -12.49
C ASP G 246 54.16 -48.12 -11.50
N GLY G 247 55.28 -48.64 -12.00
CA GLY G 247 56.21 -49.39 -11.17
C GLY G 247 57.65 -49.09 -11.53
N THR G 248 58.55 -49.63 -10.71
CA THR G 248 59.98 -49.49 -10.89
C THR G 248 60.60 -50.87 -11.08
N LEU G 249 61.93 -50.90 -11.23
CA LEU G 249 62.67 -52.15 -11.39
C LEU G 249 63.92 -52.20 -10.53
N ILE G 250 64.06 -51.30 -9.55
CA ILE G 250 65.22 -51.26 -8.67
C ILE G 250 64.72 -51.32 -7.23
N SER G 251 65.27 -52.25 -6.46
CA SER G 251 64.88 -52.40 -5.06
C SER G 251 66.11 -52.40 -4.15
N ASN H 3 -60.79 -41.84 -8.14
CA ASN H 3 -62.11 -41.77 -7.52
C ASN H 3 -62.28 -40.47 -6.75
N THR H 4 -63.53 -40.01 -6.66
CA THR H 4 -63.83 -38.78 -5.94
C THR H 4 -64.00 -39.07 -4.45
N LEU H 5 -63.31 -38.29 -3.62
CA LEU H 5 -63.40 -38.43 -2.17
C LEU H 5 -63.95 -37.20 -1.48
N PHE H 6 -64.32 -36.16 -2.22
CA PHE H 6 -64.83 -34.93 -1.62
C PHE H 6 -65.71 -34.22 -2.64
N ASP H 7 -66.89 -33.77 -2.20
CA ASP H 7 -67.83 -33.10 -3.09
C ASP H 7 -68.82 -32.31 -2.25
N ASP H 8 -68.83 -30.99 -2.41
CA ASP H 8 -69.75 -30.13 -1.69
C ASP H 8 -69.82 -28.78 -2.40
N ILE H 9 -70.73 -27.92 -1.94
CA ILE H 9 -70.98 -26.62 -2.54
C ILE H 9 -70.69 -25.54 -1.50
N PHE H 10 -70.02 -24.47 -1.92
CA PHE H 10 -69.63 -23.38 -1.06
C PHE H 10 -70.23 -22.06 -1.56
N GLN H 11 -70.07 -21.02 -0.75
CA GLN H 11 -70.61 -19.70 -1.06
C GLN H 11 -69.55 -18.65 -0.74
N VAL H 12 -69.23 -17.82 -1.74
CA VAL H 12 -68.19 -16.80 -1.57
C VAL H 12 -68.70 -15.71 -0.63
N SER H 13 -67.82 -15.26 0.27
CA SER H 13 -68.14 -14.21 1.23
C SER H 13 -67.41 -12.91 0.95
N GLU H 14 -66.16 -12.97 0.48
CA GLU H 14 -65.40 -11.77 0.18
C GLU H 14 -64.30 -12.12 -0.81
N VAL H 15 -63.92 -11.13 -1.61
CA VAL H 15 -62.88 -11.28 -2.63
C VAL H 15 -61.88 -10.14 -2.47
N ASP H 16 -60.61 -10.49 -2.24
CA ASP H 16 -59.55 -9.50 -2.09
C ASP H 16 -58.38 -9.92 -2.98
N PRO H 17 -57.99 -9.10 -3.96
CA PRO H 17 -56.85 -9.48 -4.82
C PRO H 17 -55.51 -9.45 -4.12
N GLY H 18 -55.38 -8.69 -3.03
CA GLY H 18 -54.10 -8.56 -2.35
C GLY H 18 -53.03 -7.91 -3.19
N ARG H 19 -53.44 -7.04 -4.13
CA ARG H 19 -52.53 -6.31 -5.03
C ARG H 19 -51.73 -7.25 -5.93
N TYR H 20 -52.17 -8.50 -6.06
CA TYR H 20 -51.57 -9.43 -7.02
C TYR H 20 -52.27 -9.28 -8.36
N ASN H 21 -51.50 -9.05 -9.42
CA ASN H 21 -52.07 -8.83 -10.74
C ASN H 21 -52.62 -10.11 -11.36
N LYS H 22 -52.32 -11.28 -10.81
CA LYS H 22 -52.74 -12.54 -11.40
C LYS H 22 -53.69 -13.33 -10.51
N VAL H 23 -53.32 -13.60 -9.27
CA VAL H 23 -54.07 -14.48 -8.38
C VAL H 23 -54.68 -13.67 -7.26
N CYS H 24 -55.99 -13.82 -7.05
CA CYS H 24 -56.70 -13.16 -5.96
C CYS H 24 -56.85 -14.15 -4.81
N ARG H 25 -57.57 -13.74 -3.77
CA ARG H 25 -57.85 -14.59 -2.62
C ARG H 25 -59.36 -14.75 -2.48
N ILE H 26 -59.81 -15.99 -2.33
CA ILE H 26 -61.23 -16.32 -2.28
C ILE H 26 -61.50 -17.06 -0.97
N GLU H 27 -62.17 -16.39 -0.04
CA GLU H 27 -62.64 -17.01 1.19
C GLU H 27 -64.14 -17.29 1.06
N ALA H 28 -64.53 -18.53 1.26
CA ALA H 28 -65.90 -18.96 1.05
C ALA H 28 -66.38 -19.81 2.21
N ALA H 29 -67.65 -19.62 2.59
CA ALA H 29 -68.26 -20.41 3.64
C ALA H 29 -68.94 -21.64 3.04
N SER H 30 -69.50 -22.48 3.89
CA SER H 30 -70.14 -23.72 3.49
C SER H 30 -71.64 -23.64 3.70
N THR H 31 -72.39 -24.22 2.76
CA THR H 31 -73.85 -24.27 2.85
C THR H 31 -74.37 -25.64 3.29
N THR H 32 -73.63 -26.71 3.01
CA THR H 32 -74.04 -28.04 3.42
C THR H 32 -73.73 -28.32 4.89
N GLN H 33 -72.79 -27.58 5.48
CA GLN H 33 -72.43 -27.75 6.88
C GLN H 33 -72.07 -26.39 7.45
N ASP H 34 -72.40 -26.18 8.73
CA ASP H 34 -72.28 -24.86 9.34
C ASP H 34 -70.88 -24.54 9.84
N GLN H 35 -69.95 -25.50 9.81
CA GLN H 35 -68.61 -25.27 10.34
C GLN H 35 -67.51 -25.34 9.30
N CYS H 36 -67.76 -25.96 8.15
CA CYS H 36 -66.74 -26.08 7.12
C CYS H 36 -66.40 -24.72 6.52
N LYS H 37 -65.12 -24.51 6.22
CA LYS H 37 -64.65 -23.28 5.62
C LYS H 37 -63.67 -23.62 4.49
N LEU H 38 -63.28 -22.59 3.75
CA LEU H 38 -62.38 -22.76 2.62
C LEU H 38 -61.72 -21.42 2.29
N THR H 39 -60.46 -21.47 1.87
CA THR H 39 -59.71 -20.30 1.44
C THR H 39 -59.00 -20.64 0.14
N LEU H 40 -59.48 -20.09 -0.97
CA LEU H 40 -58.92 -20.35 -2.29
C LEU H 40 -58.14 -19.14 -2.79
N ASP H 41 -57.11 -19.43 -3.60
CA ASP H 41 -56.33 -18.42 -4.30
C ASP H 41 -56.34 -18.80 -5.77
N ILE H 42 -57.36 -18.34 -6.49
CA ILE H 42 -57.59 -18.74 -7.87
C ILE H 42 -57.23 -17.60 -8.80
N ASN H 43 -56.83 -17.95 -10.02
CA ASN H 43 -56.50 -16.96 -11.04
C ASN H 43 -57.76 -16.21 -11.46
N VAL H 44 -57.54 -15.05 -12.08
CA VAL H 44 -58.65 -14.19 -12.52
C VAL H 44 -58.89 -14.29 -14.01
N GLU H 45 -57.83 -14.46 -14.81
CA GLU H 45 -58.00 -14.55 -16.25
C GLU H 45 -58.35 -15.97 -16.71
N LEU H 46 -58.01 -16.99 -15.93
CA LEU H 46 -58.35 -18.36 -16.27
C LEU H 46 -59.68 -18.80 -15.69
N PHE H 47 -60.13 -18.18 -14.59
CA PHE H 47 -61.39 -18.53 -13.96
C PHE H 47 -61.90 -17.34 -13.16
N PRO H 48 -62.61 -16.41 -13.79
CA PRO H 48 -63.07 -15.21 -13.08
C PRO H 48 -64.16 -15.56 -12.07
N VAL H 49 -64.03 -15.01 -10.87
CA VAL H 49 -64.97 -15.23 -9.78
C VAL H 49 -65.36 -13.89 -9.17
N ALA H 50 -66.66 -13.66 -9.02
CA ALA H 50 -67.17 -12.46 -8.41
C ALA H 50 -67.57 -12.76 -6.96
N ALA H 51 -68.20 -11.79 -6.30
CA ALA H 51 -68.64 -11.98 -4.94
C ALA H 51 -69.99 -12.70 -4.90
N GLN H 52 -70.18 -13.48 -3.84
CA GLN H 52 -71.41 -14.27 -3.63
C GLN H 52 -71.64 -15.22 -4.81
N ASP H 53 -70.70 -16.13 -5.00
CA ASP H 53 -70.78 -17.16 -6.04
C ASP H 53 -70.76 -18.55 -5.41
N SER H 54 -71.37 -19.50 -6.11
CA SER H 54 -71.40 -20.89 -5.66
C SER H 54 -70.16 -21.60 -6.18
N LEU H 55 -69.35 -22.11 -5.26
CA LEU H 55 -68.09 -22.78 -5.58
C LEU H 55 -68.21 -24.25 -5.17
N THR H 56 -68.61 -25.09 -6.12
CA THR H 56 -68.73 -26.53 -5.88
C THR H 56 -67.35 -27.17 -6.06
N VAL H 57 -66.72 -27.52 -4.95
CA VAL H 57 -65.38 -28.08 -4.94
C VAL H 57 -65.45 -29.59 -4.87
N THR H 58 -64.65 -30.27 -5.70
CA THR H 58 -64.58 -31.72 -5.71
C THR H 58 -63.12 -32.14 -5.71
N ILE H 59 -62.69 -32.81 -4.65
CA ILE H 59 -61.32 -33.28 -4.51
C ILE H 59 -61.30 -34.79 -4.77
N ALA H 60 -60.52 -35.20 -5.76
CA ALA H 60 -60.39 -36.60 -6.14
C ALA H 60 -58.92 -37.03 -6.06
N SER H 61 -58.70 -38.32 -6.22
CA SER H 61 -57.35 -38.88 -6.16
C SER H 61 -56.79 -39.23 -7.54
N SER H 62 -57.62 -39.60 -8.49
CA SER H 62 -57.17 -39.96 -9.83
C SER H 62 -58.28 -39.62 -10.82
N LEU H 63 -58.10 -40.06 -12.07
CA LEU H 63 -59.07 -39.81 -13.13
C LEU H 63 -59.35 -41.12 -13.84
N ASN H 64 -60.61 -41.57 -13.78
CA ASN H 64 -61.02 -42.82 -14.42
C ASN H 64 -61.53 -42.56 -15.83
N ALA H 75 -51.21 -47.98 -13.90
CA ALA H 75 -50.28 -47.01 -13.32
C ALA H 75 -49.96 -45.89 -14.31
N THR H 76 -50.20 -44.66 -13.90
CA THR H 76 -49.94 -43.50 -14.75
C THR H 76 -48.44 -43.24 -14.81
N ARG H 77 -47.89 -43.21 -16.03
CA ARG H 77 -46.46 -42.94 -16.20
C ARG H 77 -46.10 -41.53 -15.73
N SER H 78 -46.69 -40.53 -16.38
CA SER H 78 -46.43 -39.13 -16.06
C SER H 78 -47.50 -38.30 -16.76
N TRP H 79 -47.36 -36.98 -16.68
CA TRP H 79 -48.30 -36.09 -17.34
C TRP H 79 -48.11 -36.12 -18.86
N ARG H 80 -49.23 -36.01 -19.58
CA ARG H 80 -49.23 -36.03 -21.03
C ARG H 80 -50.26 -35.02 -21.53
N PRO H 81 -49.93 -34.23 -22.55
CA PRO H 81 -50.91 -33.30 -23.08
C PRO H 81 -52.10 -34.05 -23.66
N PRO H 82 -53.30 -33.47 -23.58
CA PRO H 82 -54.51 -34.18 -24.03
C PRO H 82 -54.51 -34.38 -25.54
N GLN H 83 -54.55 -35.65 -25.95
CA GLN H 83 -54.63 -36.02 -27.36
C GLN H 83 -56.08 -36.25 -27.76
N ALA H 84 -56.28 -36.47 -29.05
CA ALA H 84 -57.62 -36.71 -29.57
C ALA H 84 -58.12 -38.09 -29.15
N GLY H 85 -59.45 -38.22 -29.10
CA GLY H 85 -60.07 -39.49 -28.77
C GLY H 85 -59.90 -39.92 -27.33
N ASP H 86 -59.52 -39.01 -26.44
CA ASP H 86 -59.31 -39.36 -25.04
C ASP H 86 -60.60 -39.14 -24.25
N ARG H 87 -60.56 -39.51 -22.97
CA ARG H 87 -61.70 -39.32 -22.07
C ARG H 87 -61.17 -39.25 -20.64
N SER H 88 -61.76 -38.35 -19.86
CA SER H 88 -61.33 -38.16 -18.47
C SER H 88 -62.44 -37.48 -17.70
N LEU H 89 -62.41 -37.64 -16.38
CA LEU H 89 -63.37 -36.96 -15.51
C LEU H 89 -63.21 -35.45 -15.60
N ALA H 90 -62.01 -34.99 -15.97
CA ALA H 90 -61.78 -33.55 -16.12
C ALA H 90 -62.64 -32.94 -17.22
N ASP H 91 -63.04 -33.75 -18.20
CA ASP H 91 -63.86 -33.23 -19.29
C ASP H 91 -65.25 -32.83 -18.83
N ASP H 92 -65.69 -33.32 -17.67
CA ASP H 92 -67.00 -32.92 -17.15
C ASP H 92 -66.97 -31.55 -16.51
N TYR H 93 -65.81 -31.12 -16.01
CA TYR H 93 -65.64 -29.83 -15.35
C TYR H 93 -64.79 -28.92 -16.23
N ASP H 94 -64.50 -27.72 -15.72
CA ASP H 94 -63.80 -26.70 -16.49
C ASP H 94 -62.52 -26.21 -15.83
N TYR H 95 -62.08 -26.85 -14.74
CA TYR H 95 -60.85 -26.43 -14.07
C TYR H 95 -60.33 -27.57 -13.23
N VAL H 96 -59.04 -27.87 -13.35
CA VAL H 96 -58.40 -28.95 -12.61
C VAL H 96 -57.07 -28.44 -12.05
N MET H 97 -56.82 -28.72 -10.78
CA MET H 97 -55.57 -28.36 -10.11
C MET H 97 -54.76 -29.61 -9.79
N TYR H 98 -53.60 -29.39 -9.16
CA TYR H 98 -52.72 -30.48 -8.76
C TYR H 98 -51.74 -29.96 -7.73
N GLY H 99 -51.64 -30.65 -6.60
CA GLY H 99 -50.70 -30.27 -5.58
C GLY H 99 -50.47 -31.39 -4.58
N THR H 100 -50.00 -31.00 -3.39
CA THR H 100 -49.69 -31.95 -2.34
C THR H 100 -50.13 -31.39 -0.99
N ALA H 101 -50.34 -32.30 -0.04
CA ALA H 101 -50.64 -31.96 1.34
C ALA H 101 -49.44 -32.28 2.21
N TYR H 102 -49.07 -31.34 3.09
CA TYR H 102 -47.85 -31.48 3.88
C TYR H 102 -48.08 -31.52 5.38
N LYS H 103 -49.10 -30.84 5.91
CA LYS H 103 -49.31 -30.77 7.34
C LYS H 103 -50.79 -30.93 7.67
N PHE H 104 -51.08 -31.76 8.66
CA PHE H 104 -52.43 -31.96 9.18
C PHE H 104 -52.43 -31.46 10.63
N GLU H 105 -52.72 -30.17 10.81
CA GLU H 105 -52.70 -29.58 12.14
C GLU H 105 -53.90 -30.05 12.96
N GLU H 106 -53.90 -29.68 14.23
CA GLU H 106 -54.93 -30.09 15.17
C GLU H 106 -55.82 -28.91 15.54
N VAL H 107 -57.13 -29.15 15.54
CA VAL H 107 -58.13 -28.16 15.90
C VAL H 107 -58.88 -28.68 17.12
N SER H 108 -59.90 -27.94 17.57
CA SER H 108 -60.76 -28.38 18.66
C SER H 108 -61.30 -29.78 18.40
N LYS H 109 -61.74 -30.47 19.46
CA LYS H 109 -62.11 -31.87 19.37
C LYS H 109 -63.11 -32.12 18.24
N ASP H 110 -62.94 -33.24 17.56
CA ASP H 110 -63.76 -33.68 16.43
C ASP H 110 -63.64 -32.76 15.22
N LEU H 111 -62.59 -31.94 15.15
CA LEU H 111 -62.34 -31.09 14.00
C LEU H 111 -60.88 -31.25 13.59
N ILE H 112 -60.66 -31.45 12.29
CA ILE H 112 -59.32 -31.64 11.74
C ILE H 112 -59.18 -30.74 10.51
N ALA H 113 -58.24 -29.81 10.57
CA ALA H 113 -57.93 -28.94 9.44
C ALA H 113 -56.64 -29.38 8.78
N VAL H 114 -56.57 -29.19 7.46
CA VAL H 114 -55.42 -29.60 6.67
C VAL H 114 -54.81 -28.37 6.03
N TYR H 115 -53.54 -28.51 5.62
CA TYR H 115 -52.80 -27.47 4.92
C TYR H 115 -52.38 -28.03 3.56
N TYR H 116 -53.24 -27.86 2.57
CA TYR H 116 -52.95 -28.30 1.22
C TYR H 116 -52.24 -27.18 0.45
N SER H 117 -51.51 -27.57 -0.59
CA SER H 117 -50.78 -26.61 -1.41
C SER H 117 -50.64 -27.16 -2.82
N PHE H 118 -50.20 -26.28 -3.73
CA PHE H 118 -49.96 -26.64 -5.12
C PHE H 118 -48.55 -26.26 -5.56
N GLY H 119 -47.65 -26.02 -4.62
CA GLY H 119 -46.34 -25.50 -4.97
C GLY H 119 -46.40 -24.01 -5.26
N GLY H 120 -46.74 -23.22 -4.23
CA GLY H 120 -46.91 -21.79 -4.38
C GLY H 120 -48.34 -21.30 -4.27
N LEU H 121 -49.26 -22.13 -3.76
CA LEU H 121 -50.66 -21.75 -3.65
C LEU H 121 -51.21 -22.43 -2.40
N LEU H 122 -51.45 -21.65 -1.35
CA LEU H 122 -51.80 -22.19 -0.05
C LEU H 122 -53.30 -22.44 0.05
N MET H 123 -53.66 -23.54 0.71
CA MET H 123 -55.06 -23.91 0.97
C MET H 123 -55.29 -23.97 2.47
N ARG H 124 -56.57 -23.98 2.84
CA ARG H 124 -56.96 -24.15 4.24
C ARG H 124 -58.37 -24.71 4.27
N LEU H 125 -58.50 -25.98 4.63
CA LEU H 125 -59.79 -26.66 4.66
C LEU H 125 -60.13 -27.09 6.09
N GLU H 126 -61.41 -27.20 6.37
CA GLU H 126 -61.91 -27.63 7.67
C GLU H 126 -63.06 -28.60 7.47
N GLY H 127 -63.32 -29.41 8.49
CA GLY H 127 -64.39 -30.38 8.42
C GLY H 127 -64.16 -31.50 9.40
N ASN H 128 -65.24 -32.28 9.61
CA ASN H 128 -65.23 -33.42 10.51
C ASN H 128 -65.24 -34.75 9.78
N TYR H 129 -66.08 -34.89 8.77
CA TYR H 129 -66.19 -36.15 8.03
C TYR H 129 -65.03 -36.38 7.07
N ARG H 130 -64.05 -35.48 7.03
CA ARG H 130 -62.90 -35.61 6.16
C ARG H 130 -61.84 -36.57 6.70
N ASN H 131 -61.93 -36.95 7.98
CA ASN H 131 -60.92 -37.79 8.61
C ASN H 131 -60.94 -39.24 8.14
N LEU H 132 -61.81 -39.60 7.19
CA LEU H 132 -61.92 -41.00 6.76
C LEU H 132 -61.42 -41.26 5.35
N ASN H 133 -61.36 -40.25 4.49
CA ASN H 133 -60.99 -40.44 3.09
C ASN H 133 -59.64 -39.86 2.73
N ASN H 134 -59.38 -38.61 3.09
CA ASN H 134 -58.16 -37.93 2.66
C ASN H 134 -57.04 -38.15 3.66
N LEU H 135 -55.81 -38.18 3.14
CA LEU H 135 -54.62 -38.36 3.95
C LEU H 135 -53.44 -37.80 3.15
N LYS H 136 -52.24 -37.91 3.72
CA LYS H 136 -51.05 -37.35 3.08
C LYS H 136 -50.72 -38.16 1.84
N GLN H 137 -50.45 -37.45 0.74
CA GLN H 137 -50.20 -38.09 -0.55
C GLN H 137 -49.38 -37.15 -1.42
N GLU H 138 -49.27 -37.49 -2.70
CA GLU H 138 -48.52 -36.69 -3.66
C GLU H 138 -49.31 -36.31 -4.90
N ASN H 139 -50.45 -36.94 -5.17
CA ASN H 139 -51.24 -36.67 -6.36
C ASN H 139 -52.72 -36.64 -5.95
N ALA H 140 -53.27 -35.44 -5.83
CA ALA H 140 -54.68 -35.25 -5.50
C ALA H 140 -55.23 -34.12 -6.36
N TYR H 141 -56.13 -34.45 -7.28
CA TYR H 141 -56.68 -33.47 -8.21
C TYR H 141 -57.84 -32.73 -7.55
N LEU H 142 -57.83 -31.40 -7.64
CA LEU H 142 -58.90 -30.56 -7.13
C LEU H 142 -59.65 -29.98 -8.33
N LEU H 143 -60.95 -30.25 -8.40
CA LEU H 143 -61.79 -29.81 -9.50
C LEU H 143 -62.94 -28.97 -8.98
N ILE H 144 -63.38 -28.02 -9.79
CA ILE H 144 -64.43 -27.07 -9.42
C ILE H 144 -65.47 -27.03 -10.52
N ARG H 145 -66.74 -27.01 -10.13
CA ARG H 145 -67.84 -26.92 -11.08
C ARG H 145 -68.03 -25.47 -11.52
N ARG H 146 -69.14 -25.20 -12.21
CA ARG H 146 -69.50 -23.87 -12.70
C ARG H 146 -68.46 -23.31 -13.68
N SER I 2 6.64 56.88 39.68
CA SER I 2 5.52 56.77 40.60
C SER I 2 5.59 55.46 41.38
N VAL I 3 4.49 55.10 42.03
CA VAL I 3 4.39 53.87 42.82
C VAL I 3 3.17 53.09 42.33
N VAL I 4 3.40 51.89 41.81
CA VAL I 4 2.34 51.02 41.33
C VAL I 4 2.67 49.59 41.74
N GLY I 5 1.70 48.91 42.35
CA GLY I 5 1.93 47.56 42.80
C GLY I 5 3.02 47.50 43.85
N SER I 6 4.00 46.62 43.63
CA SER I 6 5.14 46.47 44.52
C SER I 6 6.43 46.96 43.88
N LEU I 7 6.35 47.99 43.04
CA LEU I 7 7.52 48.53 42.36
C LEU I 7 7.36 50.04 42.24
N ILE I 8 8.47 50.75 42.44
CA ILE I 8 8.50 52.21 42.36
C ILE I 8 9.51 52.60 41.28
N PHE I 9 9.11 53.54 40.42
CA PHE I 9 9.93 53.98 39.31
C PHE I 9 10.65 55.28 39.65
N CYS I 10 11.49 55.73 38.72
CA CYS I 10 12.23 56.98 38.87
C CYS I 10 12.09 57.80 37.59
N LEU I 11 12.07 59.12 37.74
CA LEU I 11 11.87 60.03 36.63
C LEU I 11 13.13 60.77 36.20
N ASP I 12 14.09 60.97 37.12
CA ASP I 12 15.28 61.72 36.77
C ASP I 12 16.17 60.99 35.77
N CYS I 13 16.01 59.66 35.66
CA CYS I 13 16.75 58.88 34.68
C CYS I 13 15.86 57.99 33.82
N GLY I 14 14.56 57.94 34.09
CA GLY I 14 13.63 57.19 33.29
C GLY I 14 13.87 55.69 33.26
N ASP I 15 13.78 55.04 34.41
CA ASP I 15 13.89 53.59 34.50
C ASP I 15 13.28 53.16 35.83
N LEU I 16 13.49 51.89 36.19
CA LEU I 16 13.07 51.36 37.47
C LEU I 16 14.29 50.90 38.26
N LEU I 17 14.10 50.75 39.56
CA LEU I 17 15.18 50.44 40.50
C LEU I 17 15.02 49.02 41.02
N GLU I 18 16.03 48.57 41.76
CA GLU I 18 16.10 47.19 42.23
C GLU I 18 15.22 47.03 43.48
N ASN I 19 15.32 45.87 44.13
CA ASN I 19 14.54 45.59 45.32
C ASN I 19 15.23 46.21 46.53
N PRO I 20 14.57 47.11 47.27
CA PRO I 20 15.20 47.68 48.47
C PRO I 20 15.55 46.66 49.54
N ASN I 21 15.07 45.43 49.42
CA ASN I 21 15.39 44.38 50.39
C ASN I 21 16.57 43.52 49.98
N ALA I 22 16.78 43.32 48.68
CA ALA I 22 17.93 42.53 48.21
C ALA I 22 19.25 43.25 48.41
N VAL I 23 19.23 44.59 48.52
CA VAL I 23 20.43 45.38 48.72
C VAL I 23 20.31 46.11 50.05
N LEU I 24 21.33 46.90 50.39
CA LEU I 24 21.31 47.67 51.63
C LEU I 24 20.09 48.57 51.68
N GLY I 25 19.59 48.81 52.89
CA GLY I 25 18.38 49.57 53.09
C GLY I 25 18.65 51.03 53.43
N SER I 26 17.61 51.84 53.26
CA SER I 26 17.58 53.28 53.49
C SER I 26 18.48 54.05 52.53
N ASN I 27 19.20 53.39 51.64
CA ASN I 27 20.08 54.05 50.69
C ASN I 27 20.23 53.14 49.47
N VAL I 28 19.58 53.48 48.37
CA VAL I 28 19.67 52.72 47.13
C VAL I 28 19.97 53.67 45.99
N GLU I 29 20.69 53.17 44.98
CA GLU I 29 21.12 53.96 43.84
C GLU I 29 20.47 53.42 42.57
N CYS I 30 20.63 54.18 41.49
CA CYS I 30 20.11 53.78 40.19
C CYS I 30 21.10 52.84 39.51
N SER I 31 20.89 52.58 38.22
CA SER I 31 21.73 51.65 37.47
C SER I 31 22.70 52.33 36.52
N GLN I 32 22.38 53.52 36.03
CA GLN I 32 23.23 54.21 35.07
C GLN I 32 23.83 55.51 35.59
N CYS I 33 23.32 56.06 36.69
CA CYS I 33 23.86 57.31 37.24
C CYS I 33 23.42 57.45 38.68
N LYS I 34 24.30 58.03 39.50
CA LYS I 34 24.06 58.15 40.93
C LYS I 34 23.23 59.38 41.24
N ALA I 35 22.16 59.19 42.00
CA ALA I 35 21.28 60.28 42.41
C ALA I 35 21.01 60.18 43.91
N ILE I 36 20.60 61.31 44.49
CA ILE I 36 20.21 61.34 45.89
C ILE I 36 18.88 60.59 46.03
N TYR I 37 18.91 59.44 46.69
CA TYR I 37 17.77 58.55 46.75
C TYR I 37 18.03 57.46 47.79
N PRO I 38 17.00 56.97 48.51
CA PRO I 38 15.61 57.42 48.52
C PRO I 38 15.26 58.31 49.70
N LYS I 39 13.96 58.57 49.86
CA LYS I 39 13.45 59.27 51.05
C LYS I 39 13.03 58.30 52.15
N SER I 40 13.19 57.00 51.93
CA SER I 40 12.90 55.96 52.91
C SER I 40 11.44 55.95 53.37
N GLN I 41 10.54 56.47 52.54
CA GLN I 41 9.11 56.55 52.85
C GLN I 41 8.28 56.08 51.66
N PHE I 42 8.64 54.93 51.08
CA PHE I 42 7.97 54.47 49.88
C PHE I 42 6.49 54.16 50.11
N SER I 43 6.22 53.12 50.90
CA SER I 43 4.86 52.67 51.17
C SER I 43 4.87 51.44 52.07
N ASN I 44 3.70 50.99 52.49
CA ASN I 44 3.52 49.63 53.01
C ASN I 44 3.08 48.76 51.84
N LEU I 45 3.99 47.92 51.35
CA LEU I 45 3.77 47.22 50.09
C LEU I 45 2.69 46.15 50.26
N LYS I 46 1.57 46.34 49.56
CA LYS I 46 0.50 45.36 49.49
C LYS I 46 0.08 45.17 48.05
N VAL I 47 -0.29 43.94 47.69
CA VAL I 47 -0.76 43.61 46.36
C VAL I 47 -1.73 42.43 46.50
N VAL I 48 -2.63 42.31 45.52
CA VAL I 48 -3.70 41.30 45.56
C VAL I 48 -3.65 40.47 44.29
N THR I 49 -3.70 39.15 44.45
CA THR I 49 -3.77 38.22 43.33
C THR I 49 -4.96 37.30 43.52
N THR I 50 -5.63 36.95 42.42
CA THR I 50 -6.85 36.16 42.48
C THR I 50 -6.88 35.19 41.31
N THR I 51 -7.16 33.92 41.61
CA THR I 51 -7.34 32.91 40.57
C THR I 51 -8.62 33.21 39.78
N ALA I 52 -8.53 33.09 38.46
CA ALA I 52 -9.65 33.40 37.58
C ALA I 52 -10.72 32.31 37.54
N ASP I 53 -10.57 31.26 38.35
CA ASP I 53 -11.54 30.16 38.42
C ASP I 53 -11.74 29.52 37.04
N ASP I 54 -10.64 29.10 36.43
CA ASP I 54 -10.64 28.49 35.10
C ASP I 54 -10.36 27.00 35.15
N ALA I 55 -9.35 26.57 35.90
CA ALA I 55 -8.92 25.18 35.94
C ALA I 55 -9.48 24.43 37.14
N PHE I 56 -10.69 24.79 37.59
CA PHE I 56 -11.36 24.13 38.71
C PHE I 56 -12.66 23.53 38.21
N PRO I 57 -12.62 22.39 37.51
CA PRO I 57 -13.85 21.76 37.03
C PRO I 57 -14.39 20.72 37.99
N SER I 58 -15.72 20.73 38.14
CA SER I 58 -16.39 19.78 39.01
C SER I 58 -17.87 19.76 38.66
N SER I 59 -18.58 18.79 39.25
CA SER I 59 -20.01 18.65 38.96
C SER I 59 -20.81 19.82 39.54
N LEU I 60 -20.40 20.33 40.70
CA LEU I 60 -21.09 21.47 41.29
C LEU I 60 -20.69 22.78 40.62
N ARG I 61 -19.49 22.84 40.03
CA ARG I 61 -19.15 23.97 39.19
C ARG I 61 -20.01 24.02 37.93
N ALA I 62 -20.51 22.86 37.49
CA ALA I 62 -21.38 22.81 36.32
C ALA I 62 -22.83 23.11 36.69
N LYS I 63 -23.24 22.81 37.93
CA LYS I 63 -24.61 23.08 38.35
C LYS I 63 -24.80 24.54 38.73
N LYS I 64 -23.73 25.26 39.06
CA LYS I 64 -23.85 26.68 39.41
C LYS I 64 -24.20 27.53 38.19
N SER I 65 -23.95 27.03 36.98
CA SER I 65 -24.27 27.78 35.77
C SER I 65 -25.78 27.92 35.58
N MET J 1 -14.12 15.66 -33.99
CA MET J 1 -13.23 16.06 -35.08
C MET J 1 -13.98 16.01 -36.41
N ILE J 2 -13.99 14.84 -37.03
CA ILE J 2 -14.67 14.65 -38.31
C ILE J 2 -16.13 14.28 -38.06
N VAL J 3 -16.96 14.52 -39.07
CA VAL J 3 -18.39 14.22 -38.99
C VAL J 3 -18.58 12.71 -38.92
N PRO J 4 -19.15 12.17 -37.85
CA PRO J 4 -19.35 10.72 -37.76
C PRO J 4 -20.44 10.22 -38.71
N VAL J 5 -20.05 9.57 -39.79
CA VAL J 5 -21.00 9.06 -40.77
C VAL J 5 -21.50 7.69 -40.31
N ARG J 6 -22.74 7.36 -40.69
CA ARG J 6 -23.36 6.08 -40.38
C ARG J 6 -23.41 5.85 -38.87
N CYS J 7 -24.26 6.68 -38.24
CA CYS J 7 -24.50 6.62 -36.79
C CYS J 7 -24.56 5.20 -36.28
N PHE J 8 -23.87 4.96 -35.16
CA PHE J 8 -23.67 3.60 -34.67
C PHE J 8 -24.99 2.89 -34.39
N SER J 9 -25.95 3.60 -33.80
CA SER J 9 -27.23 2.98 -33.44
C SER J 9 -28.24 3.02 -34.58
N CYS J 10 -28.40 4.18 -35.21
CA CYS J 10 -29.36 4.30 -36.30
C CYS J 10 -28.82 3.68 -37.59
N GLY J 11 -27.72 4.21 -38.10
CA GLY J 11 -27.13 3.72 -39.32
C GLY J 11 -27.47 4.51 -40.57
N LYS J 12 -28.19 5.62 -40.44
CA LYS J 12 -28.53 6.44 -41.59
C LYS J 12 -27.28 7.08 -42.18
N VAL J 13 -27.37 7.43 -43.47
CA VAL J 13 -26.32 8.19 -44.12
C VAL J 13 -26.40 9.63 -43.62
N VAL J 14 -25.50 10.00 -42.71
CA VAL J 14 -25.57 11.28 -42.02
C VAL J 14 -24.40 12.20 -42.34
N GLY J 15 -23.36 11.70 -42.99
CA GLY J 15 -22.23 12.54 -43.35
C GLY J 15 -22.45 13.47 -44.52
N ASP J 16 -23.69 13.61 -44.98
CA ASP J 16 -24.01 14.45 -46.13
C ASP J 16 -24.81 15.70 -45.77
N LYS J 17 -25.62 15.65 -44.71
CA LYS J 17 -26.46 16.77 -44.32
C LYS J 17 -25.72 17.80 -43.48
N TRP J 18 -24.39 17.74 -43.42
CA TRP J 18 -23.64 18.69 -42.60
C TRP J 18 -23.64 20.07 -43.24
N GLU J 19 -23.14 20.17 -44.48
CA GLU J 19 -23.10 21.46 -45.15
C GLU J 19 -24.51 21.98 -45.44
N SER J 20 -25.48 21.09 -45.64
CA SER J 20 -26.87 21.52 -45.80
C SER J 20 -27.40 22.13 -44.51
N TYR J 21 -27.09 21.51 -43.37
CA TYR J 21 -27.51 22.07 -42.08
C TYR J 21 -26.87 23.43 -41.84
N LEU J 22 -25.61 23.58 -42.22
CA LEU J 22 -24.94 24.87 -42.07
C LEU J 22 -25.60 25.93 -42.94
N ASN J 23 -25.99 25.56 -44.17
CA ASN J 23 -26.65 26.51 -45.05
C ASN J 23 -28.03 26.91 -44.52
N LEU J 24 -28.74 25.97 -43.90
CA LEU J 24 -30.03 26.30 -43.30
C LEU J 24 -29.86 27.31 -42.18
N LEU J 25 -28.76 27.21 -41.43
CA LEU J 25 -28.49 28.19 -40.37
C LEU J 25 -27.89 29.48 -40.91
N GLN J 26 -27.37 29.46 -42.14
CA GLN J 26 -26.73 30.65 -42.69
C GLN J 26 -27.75 31.64 -43.26
N GLU J 27 -28.52 31.21 -44.26
CA GLU J 27 -29.39 32.11 -44.99
C GLU J 27 -30.80 31.53 -45.12
N ASP J 28 -31.33 30.99 -44.02
CA ASP J 28 -32.73 30.57 -44.01
C ASP J 28 -33.50 30.97 -42.75
N GLU J 29 -32.82 31.28 -41.64
CA GLU J 29 -33.40 31.75 -40.39
C GLU J 29 -34.25 30.70 -39.69
N LEU J 30 -34.40 29.50 -40.24
CA LEU J 30 -35.15 28.45 -39.56
C LEU J 30 -34.42 28.02 -38.30
N ASP J 31 -35.18 27.74 -37.25
CA ASP J 31 -34.61 27.36 -35.97
C ASP J 31 -34.16 25.90 -36.03
N GLU J 32 -33.72 25.36 -34.88
CA GLU J 32 -33.19 24.01 -34.86
C GLU J 32 -34.27 22.97 -35.12
N GLY J 33 -35.49 23.22 -34.65
CA GLY J 33 -36.54 22.22 -34.70
C GLY J 33 -36.98 21.83 -36.09
N THR J 34 -37.49 22.79 -36.86
CA THR J 34 -38.04 22.48 -38.17
C THR J 34 -36.98 22.32 -39.26
N ALA J 35 -35.76 22.82 -39.02
CA ALA J 35 -34.71 22.70 -40.03
C ALA J 35 -33.96 21.38 -39.90
N LEU J 36 -33.58 21.01 -38.67
CA LEU J 36 -32.91 19.73 -38.47
C LEU J 36 -33.84 18.57 -38.82
N SER J 37 -35.15 18.75 -38.62
CA SER J 37 -36.12 17.74 -39.03
C SER J 37 -36.37 17.78 -40.53
N ARG J 38 -36.25 18.95 -41.16
CA ARG J 38 -36.42 19.04 -42.61
C ARG J 38 -35.32 18.32 -43.36
N LEU J 39 -34.14 18.16 -42.74
CA LEU J 39 -33.04 17.46 -43.39
C LEU J 39 -33.39 16.01 -43.65
N GLY J 40 -34.30 15.43 -42.87
CA GLY J 40 -34.66 14.04 -43.02
C GLY J 40 -34.20 13.18 -41.86
N LEU J 41 -34.12 13.80 -40.68
CA LEU J 41 -33.71 13.12 -39.46
C LEU J 41 -34.93 12.99 -38.55
N LYS J 42 -35.38 11.76 -38.32
CA LYS J 42 -36.59 11.51 -37.56
C LYS J 42 -36.38 10.68 -36.30
N ARG J 43 -35.29 9.93 -36.20
CA ARG J 43 -35.03 9.09 -35.04
C ARG J 43 -34.17 9.82 -34.02
N TYR J 44 -34.34 9.44 -32.76
CA TYR J 44 -33.73 10.18 -31.65
C TYR J 44 -32.21 10.20 -31.76
N CYS J 45 -31.60 9.04 -32.02
CA CYS J 45 -30.14 8.97 -32.07
C CYS J 45 -29.58 9.81 -33.21
N CYS J 46 -30.27 9.86 -34.34
CA CYS J 46 -29.81 10.67 -35.46
C CYS J 46 -30.06 12.16 -35.25
N ARG J 47 -31.03 12.52 -34.40
CA ARG J 47 -31.21 13.91 -34.03
C ARG J 47 -29.99 14.42 -33.26
N ARG J 48 -29.56 13.67 -32.24
CA ARG J 48 -28.43 14.11 -31.43
C ARG J 48 -27.11 13.91 -32.15
N MET J 49 -27.05 13.00 -33.13
CA MET J 49 -25.79 12.71 -33.82
C MET J 49 -25.29 13.94 -34.57
N ILE J 50 -26.14 14.53 -35.41
CA ILE J 50 -25.73 15.70 -36.19
C ILE J 50 -25.68 16.95 -35.31
N LEU J 51 -26.61 17.05 -34.35
CA LEU J 51 -26.70 18.24 -33.51
C LEU J 51 -25.50 18.38 -32.58
N THR J 52 -24.88 17.27 -32.19
CA THR J 52 -23.81 17.29 -31.20
C THR J 52 -22.43 17.54 -31.81
N HIS J 53 -22.30 17.49 -33.13
CA HIS J 53 -20.98 17.59 -33.75
C HIS J 53 -20.32 18.92 -33.42
N VAL J 54 -19.00 18.89 -33.28
CA VAL J 54 -18.23 20.06 -32.90
C VAL J 54 -17.35 20.58 -34.04
N ASP J 55 -17.13 19.80 -35.09
CA ASP J 55 -16.32 20.15 -36.26
C ASP J 55 -15.01 20.85 -35.86
N LEU J 56 -14.22 20.12 -35.07
CA LEU J 56 -12.91 20.60 -34.65
C LEU J 56 -11.87 20.53 -35.77
N ILE J 57 -12.26 20.08 -36.97
CA ILE J 57 -11.32 19.99 -38.08
C ILE J 57 -10.82 21.37 -38.49
N GLU J 58 -11.63 22.41 -38.26
CA GLU J 58 -11.20 23.76 -38.57
C GLU J 58 -10.00 24.17 -37.72
N LYS J 59 -9.97 23.71 -36.46
CA LYS J 59 -8.80 23.96 -35.62
C LYS J 59 -7.62 23.07 -35.99
N PHE J 60 -7.89 21.86 -36.47
CA PHE J 60 -6.84 20.95 -36.90
C PHE J 60 -6.23 21.31 -38.24
N LEU J 61 -6.79 22.30 -38.95
CA LEU J 61 -6.32 22.68 -40.27
C LEU J 61 -5.55 24.00 -40.29
N ARG J 62 -5.56 24.76 -39.20
CA ARG J 62 -4.88 26.05 -39.16
C ARG J 62 -3.38 25.94 -39.04
N TYR J 63 -2.82 24.73 -39.12
CA TYR J 63 -1.37 24.51 -39.00
C TYR J 63 -0.93 23.62 -40.16
N ASN J 64 -0.28 24.22 -41.14
CA ASN J 64 0.21 23.50 -42.32
C ASN J 64 1.72 23.69 -42.45
N PRO J 65 2.53 22.67 -42.17
CA PRO J 65 3.98 22.82 -42.32
C PRO J 65 4.46 22.86 -43.76
N LEU J 66 3.57 22.73 -44.75
CA LEU J 66 3.95 22.71 -46.16
C LEU J 66 3.51 23.98 -46.87
N GLU J 67 3.43 25.10 -46.17
CA GLU J 67 3.02 26.36 -46.75
C GLU J 67 3.46 27.49 -45.83
N LYS J 68 4.01 28.55 -46.43
CA LYS J 68 4.48 29.70 -45.68
C LYS J 68 3.33 30.40 -44.97
N ARG J 69 3.33 30.35 -43.64
CA ARG J 69 2.28 30.95 -42.82
C ARG J 69 0.92 30.38 -43.19
N ASP K 43 -20.36 -32.09 -45.92
CA ASP K 43 -19.72 -31.52 -44.74
C ASP K 43 -19.89 -32.44 -43.53
N ARG K 44 -18.89 -32.45 -42.65
CA ARG K 44 -18.91 -33.27 -41.45
C ARG K 44 -18.78 -32.46 -40.17
N GLU K 45 -18.69 -31.14 -40.26
CA GLU K 45 -18.53 -30.28 -39.09
C GLU K 45 -19.76 -29.43 -38.79
N LYS K 46 -20.80 -29.51 -39.63
CA LYS K 46 -21.99 -28.71 -39.39
C LYS K 46 -22.85 -29.31 -38.28
N ILE K 47 -23.33 -30.54 -38.49
CA ILE K 47 -24.12 -31.26 -37.51
C ILE K 47 -23.29 -32.42 -36.99
N LYS K 48 -23.31 -32.61 -35.66
CA LYS K 48 -22.51 -33.65 -35.02
C LYS K 48 -23.30 -34.24 -33.86
N LEU K 49 -23.49 -35.56 -33.88
CA LEU K 49 -24.16 -36.23 -32.78
C LEU K 49 -23.24 -36.28 -31.56
N LEU K 50 -23.76 -35.85 -30.41
CA LEU K 50 -23.01 -35.82 -29.16
C LEU K 50 -23.54 -36.95 -28.28
N THR K 51 -22.94 -38.13 -28.43
CA THR K 51 -23.40 -39.33 -27.74
C THR K 51 -23.02 -39.35 -26.26
N GLN K 52 -22.36 -38.32 -25.75
CA GLN K 52 -21.98 -38.27 -24.34
C GLN K 52 -23.19 -38.16 -23.42
N ALA K 53 -24.37 -37.80 -23.94
CA ALA K 53 -25.56 -37.70 -23.12
C ALA K 53 -26.79 -38.35 -23.73
N THR K 54 -26.68 -38.94 -24.92
CA THR K 54 -27.83 -39.55 -25.57
C THR K 54 -28.16 -40.89 -24.92
N SER K 55 -29.34 -41.41 -25.26
CA SER K 55 -29.79 -42.70 -24.76
C SER K 55 -29.39 -43.81 -25.73
N GLU K 56 -29.93 -45.01 -25.53
CA GLU K 56 -29.58 -46.16 -26.35
C GLU K 56 -30.64 -46.49 -27.39
N ASP K 57 -31.89 -46.06 -27.20
CA ASP K 57 -33.01 -46.75 -28.20
C ASP K 57 -32.57 -45.44 -28.86
N GLY K 58 -32.48 -44.39 -28.06
CA GLY K 58 -32.07 -43.08 -28.56
C GLY K 58 -33.45 -42.65 -28.41
N THR K 59 -33.94 -42.61 -27.17
CA THR K 59 -35.09 -41.75 -26.86
C THR K 59 -34.69 -40.28 -26.88
N SER K 60 -33.49 -39.96 -26.40
CA SER K 60 -32.98 -38.60 -26.38
C SER K 60 -31.89 -38.43 -27.44
N ALA K 61 -31.62 -37.18 -27.79
CA ALA K 61 -30.63 -36.87 -28.81
C ALA K 61 -30.02 -35.51 -28.53
N SER K 62 -28.69 -35.45 -28.52
CA SER K 62 -27.94 -34.21 -28.36
C SER K 62 -27.30 -33.86 -29.70
N PHE K 63 -27.77 -32.78 -30.31
CA PHE K 63 -27.27 -32.33 -31.60
C PHE K 63 -26.38 -31.12 -31.40
N GLN K 64 -25.21 -31.12 -32.04
CA GLN K 64 -24.24 -30.04 -31.94
C GLN K 64 -24.10 -29.39 -33.31
N ILE K 65 -24.32 -28.07 -33.36
CA ILE K 65 -24.22 -27.31 -34.60
C ILE K 65 -23.36 -26.08 -34.36
N VAL K 66 -22.71 -25.63 -35.43
CA VAL K 66 -21.77 -24.51 -35.34
C VAL K 66 -22.34 -23.31 -36.09
N GLU K 67 -21.74 -22.15 -35.84
CA GLU K 67 -22.07 -20.86 -36.46
C GLU K 67 -23.58 -20.68 -36.64
N GLU K 68 -24.29 -20.74 -35.51
CA GLU K 68 -25.72 -20.50 -35.47
C GLU K 68 -26.04 -19.57 -34.30
N ASP K 69 -27.31 -19.21 -34.18
CA ASP K 69 -27.77 -18.30 -33.13
C ASP K 69 -29.24 -18.58 -32.89
N HIS K 70 -29.90 -17.69 -32.15
CA HIS K 70 -31.32 -17.86 -31.86
C HIS K 70 -32.20 -17.74 -33.10
N THR K 71 -31.64 -17.29 -34.23
CA THR K 71 -32.40 -17.32 -35.48
C THR K 71 -32.84 -18.74 -35.82
N LEU K 72 -31.98 -19.71 -35.55
CA LEU K 72 -32.32 -21.13 -35.72
C LEU K 72 -32.60 -21.83 -34.40
N GLY K 73 -32.01 -21.36 -33.30
CA GLY K 73 -32.28 -21.99 -32.01
C GLY K 73 -33.70 -21.75 -31.53
N ASN K 74 -34.17 -20.51 -31.64
CA ASN K 74 -35.52 -20.18 -31.17
C ASN K 74 -36.57 -20.62 -32.17
N ALA K 75 -36.29 -20.47 -33.47
CA ALA K 75 -37.25 -20.87 -34.49
C ALA K 75 -37.45 -22.38 -34.50
N LEU K 76 -36.36 -23.14 -34.45
CA LEU K 76 -36.48 -24.60 -34.38
C LEU K 76 -37.17 -25.03 -33.09
N ARG K 77 -36.94 -24.32 -31.99
CA ARG K 77 -37.61 -24.63 -30.73
C ARG K 77 -39.11 -24.45 -30.85
N TYR K 78 -39.55 -23.35 -31.47
CA TYR K 78 -40.98 -23.08 -31.58
C TYR K 78 -41.67 -24.00 -32.57
N VAL K 79 -40.93 -24.54 -33.53
CA VAL K 79 -41.55 -25.40 -34.54
C VAL K 79 -41.42 -26.89 -34.18
N ILE K 80 -40.40 -27.26 -33.41
CA ILE K 80 -40.28 -28.65 -32.98
C ILE K 80 -41.30 -28.97 -31.89
N MET K 81 -41.60 -28.01 -31.01
CA MET K 81 -42.53 -28.26 -29.92
C MET K 81 -43.93 -28.58 -30.42
N LYS K 82 -44.29 -28.16 -31.63
CA LYS K 82 -45.60 -28.46 -32.19
C LYS K 82 -45.73 -29.89 -32.67
N ASN K 83 -44.67 -30.67 -32.61
CA ASN K 83 -44.74 -32.09 -32.92
C ASN K 83 -45.39 -32.82 -31.75
N PRO K 84 -46.55 -33.45 -31.93
CA PRO K 84 -47.23 -34.10 -30.80
C PRO K 84 -46.50 -35.32 -30.25
N ASP K 85 -45.33 -35.67 -30.78
CA ASP K 85 -44.55 -36.81 -30.32
C ASP K 85 -43.20 -36.35 -29.79
N VAL K 86 -43.20 -35.27 -29.02
CA VAL K 86 -41.99 -34.72 -28.43
C VAL K 86 -42.24 -34.53 -26.93
N GLU K 87 -41.43 -35.18 -26.11
CA GLU K 87 -41.57 -35.07 -24.66
C GLU K 87 -40.72 -33.96 -24.06
N PHE K 88 -39.63 -33.58 -24.73
CA PHE K 88 -38.77 -32.51 -24.22
C PHE K 88 -37.90 -32.00 -25.37
N CYS K 89 -37.62 -30.69 -25.32
CA CYS K 89 -36.77 -30.04 -26.30
C CYS K 89 -36.29 -28.72 -25.72
N GLY K 90 -35.24 -28.17 -26.33
CA GLY K 90 -34.68 -26.92 -25.86
C GLY K 90 -33.30 -26.63 -26.43
N TYR K 91 -32.96 -25.36 -26.54
CA TYR K 91 -31.63 -24.93 -26.96
C TYR K 91 -30.80 -24.52 -25.76
N SER K 92 -29.50 -24.37 -25.99
CA SER K 92 -28.57 -23.99 -24.93
C SER K 92 -27.41 -23.22 -25.55
N ILE K 93 -26.85 -22.31 -24.76
CA ILE K 93 -25.73 -21.48 -25.21
C ILE K 93 -24.47 -21.89 -24.44
N PRO K 94 -23.56 -22.65 -25.07
CA PRO K 94 -22.29 -22.93 -24.38
C PRO K 94 -21.52 -21.68 -24.00
N HIS K 95 -21.31 -20.78 -24.96
CA HIS K 95 -20.74 -19.46 -24.67
C HIS K 95 -21.08 -18.52 -25.82
N PRO K 96 -21.68 -17.36 -25.54
CA PRO K 96 -22.08 -16.45 -26.63
C PRO K 96 -20.92 -15.91 -27.42
N SER K 97 -19.71 -15.86 -26.86
CA SER K 97 -18.57 -15.30 -27.57
C SER K 97 -18.08 -16.22 -28.70
N GLU K 98 -18.35 -17.52 -28.61
CA GLU K 98 -17.91 -18.48 -29.63
C GLU K 98 -19.15 -19.08 -30.29
N ASN K 99 -19.12 -19.13 -31.62
CA ASN K 99 -20.27 -19.57 -32.42
C ASN K 99 -20.35 -21.10 -32.38
N LEU K 100 -21.03 -21.62 -31.37
CA LEU K 100 -21.27 -23.05 -31.26
C LEU K 100 -22.44 -23.26 -30.32
N LEU K 101 -23.48 -23.95 -30.78
CA LEU K 101 -24.68 -24.20 -29.99
C LEU K 101 -25.02 -25.68 -30.02
N ASN K 102 -25.78 -26.10 -29.02
CA ASN K 102 -26.20 -27.50 -28.89
C ASN K 102 -27.65 -27.54 -28.43
N ILE K 103 -28.48 -28.24 -29.19
CA ILE K 103 -29.89 -28.43 -28.88
C ILE K 103 -30.11 -29.88 -28.47
N ARG K 104 -31.01 -30.09 -27.52
CA ARG K 104 -31.32 -31.42 -26.99
C ARG K 104 -32.81 -31.67 -27.16
N ILE K 105 -33.15 -32.69 -27.96
CA ILE K 105 -34.54 -33.01 -28.26
C ILE K 105 -34.83 -34.43 -27.77
N GLN K 106 -36.02 -34.62 -27.21
CA GLN K 106 -36.48 -35.92 -26.75
C GLN K 106 -37.86 -36.20 -27.31
N THR K 107 -38.08 -37.42 -27.76
CA THR K 107 -39.33 -37.82 -28.38
C THR K 107 -39.89 -39.06 -27.66
N TYR K 108 -41.11 -39.42 -28.03
CA TYR K 108 -41.74 -40.62 -27.50
C TYR K 108 -41.41 -41.82 -28.40
N GLY K 109 -42.06 -42.95 -28.14
CA GLY K 109 -41.86 -44.12 -28.97
C GLY K 109 -42.47 -43.95 -30.35
N GLU K 110 -42.29 -44.99 -31.17
CA GLU K 110 -42.82 -45.08 -32.53
C GLU K 110 -42.28 -44.01 -33.46
N THR K 111 -41.29 -43.24 -33.02
CA THR K 111 -40.71 -42.18 -33.83
C THR K 111 -39.28 -41.92 -33.37
N THR K 112 -38.34 -41.94 -34.31
CA THR K 112 -36.94 -41.74 -33.99
C THR K 112 -36.62 -40.25 -33.90
N ALA K 113 -35.49 -39.96 -33.24
CA ALA K 113 -35.09 -38.57 -33.03
C ALA K 113 -34.68 -37.91 -34.35
N VAL K 114 -33.96 -38.63 -35.21
CA VAL K 114 -33.52 -38.06 -36.47
C VAL K 114 -34.69 -37.78 -37.39
N ASP K 115 -35.76 -38.57 -37.28
CA ASP K 115 -36.96 -38.29 -38.08
C ASP K 115 -37.73 -37.09 -37.53
N ALA K 116 -37.73 -36.91 -36.21
CA ALA K 116 -38.38 -35.73 -35.64
C ALA K 116 -37.69 -34.46 -36.08
N LEU K 117 -36.36 -34.44 -36.04
CA LEU K 117 -35.62 -33.28 -36.52
C LEU K 117 -35.76 -33.11 -38.02
N GLN K 118 -35.85 -34.22 -38.77
CA GLN K 118 -36.05 -34.14 -40.22
C GLN K 118 -37.38 -33.49 -40.55
N LYS K 119 -38.47 -33.99 -39.93
CA LYS K 119 -39.77 -33.36 -40.12
C LYS K 119 -39.77 -31.91 -39.65
N GLY K 120 -38.99 -31.60 -38.61
CA GLY K 120 -38.86 -30.22 -38.19
C GLY K 120 -38.26 -29.34 -39.28
N LEU K 121 -37.14 -29.78 -39.87
CA LEU K 121 -36.53 -29.02 -40.95
C LEU K 121 -37.47 -28.91 -42.15
N LYS K 122 -38.26 -29.96 -42.41
CA LYS K 122 -39.28 -29.87 -43.45
C LYS K 122 -40.32 -28.82 -43.11
N ASP K 123 -40.63 -28.65 -41.81
CA ASP K 123 -41.54 -27.59 -41.41
C ASP K 123 -40.92 -26.21 -41.59
N LEU K 124 -39.59 -26.11 -41.45
CA LEU K 124 -38.91 -24.85 -41.76
C LEU K 124 -39.06 -24.51 -43.23
N MET K 125 -38.76 -25.48 -44.11
CA MET K 125 -38.88 -25.24 -45.54
C MET K 125 -40.31 -24.89 -45.94
N ASP K 126 -41.29 -25.59 -45.35
CA ASP K 126 -42.68 -25.30 -45.66
C ASP K 126 -43.10 -23.94 -45.10
N LEU K 127 -42.61 -23.58 -43.91
CA LEU K 127 -42.98 -22.31 -43.30
C LEU K 127 -42.48 -21.14 -44.13
N CYS K 128 -41.19 -21.14 -44.48
CA CYS K 128 -40.66 -20.08 -45.32
C CYS K 128 -41.21 -20.14 -46.74
N ASP K 129 -41.77 -21.27 -47.14
CA ASP K 129 -42.37 -21.38 -48.46
C ASP K 129 -43.69 -20.60 -48.53
N VAL K 130 -44.58 -20.82 -47.56
CA VAL K 130 -45.86 -20.12 -47.56
C VAL K 130 -45.68 -18.65 -47.24
N VAL K 131 -44.75 -18.33 -46.34
CA VAL K 131 -44.47 -16.92 -46.04
C VAL K 131 -43.94 -16.21 -47.28
N GLU K 132 -43.12 -16.89 -48.06
CA GLU K 132 -42.63 -16.29 -49.31
C GLU K 132 -43.75 -16.22 -50.35
N SER K 133 -44.56 -17.29 -50.46
CA SER K 133 -45.59 -17.33 -51.50
C SER K 133 -46.67 -16.29 -51.26
N LYS K 134 -47.21 -16.23 -50.03
CA LYS K 134 -48.28 -15.28 -49.74
C LYS K 134 -47.79 -13.84 -49.87
N PHE K 135 -46.57 -13.56 -49.38
CA PHE K 135 -46.01 -12.22 -49.55
C PHE K 135 -45.79 -11.88 -51.01
N THR K 136 -45.46 -12.90 -51.83
CA THR K 136 -45.28 -12.66 -53.26
C THR K 136 -46.61 -12.30 -53.92
N GLU K 137 -47.69 -12.95 -53.52
CA GLU K 137 -49.00 -12.64 -54.08
C GLU K 137 -49.48 -11.27 -53.62
N LYS K 138 -49.16 -10.88 -52.38
CA LYS K 138 -49.58 -9.59 -51.88
C LYS K 138 -48.77 -8.46 -52.51
N ILE K 139 -47.45 -8.65 -52.63
CA ILE K 139 -46.62 -7.63 -53.26
C ILE K 139 -46.92 -7.52 -54.75
N LYS K 140 -47.50 -8.57 -55.35
CA LYS K 140 -47.94 -8.49 -56.73
C LYS K 140 -49.31 -7.85 -56.87
N SER K 141 -50.16 -8.01 -55.86
CA SER K 141 -51.53 -7.49 -55.87
C SER K 141 -51.69 -6.33 -54.89
N MET K 142 -50.69 -5.46 -54.83
CA MET K 142 -50.74 -4.28 -53.95
C MET K 142 -51.96 -3.40 -54.26
N LYS L 28 14.22 16.25 -49.24
CA LYS L 28 12.87 15.87 -48.81
C LYS L 28 12.56 16.47 -47.44
N TYR L 29 13.28 17.51 -47.06
CA TYR L 29 13.11 18.17 -45.79
C TYR L 29 12.44 19.53 -45.98
N ILE L 30 11.78 20.00 -44.93
CA ILE L 30 11.05 21.25 -44.94
C ILE L 30 11.53 22.10 -43.77
N CYS L 31 11.66 23.41 -43.99
CA CYS L 31 12.04 24.32 -42.93
C CYS L 31 10.89 24.49 -41.93
N ALA L 32 11.16 25.25 -40.87
CA ALA L 32 10.17 25.47 -39.81
C ALA L 32 9.46 26.82 -39.96
N GLU L 33 10.21 27.90 -40.11
CA GLU L 33 9.61 29.23 -40.23
C GLU L 33 9.31 29.61 -41.67
N CYS L 34 10.12 29.14 -42.62
CA CYS L 34 9.91 29.47 -44.03
C CYS L 34 9.20 28.38 -44.81
N SER L 35 9.19 27.14 -44.29
CA SER L 35 8.54 26.01 -44.94
C SER L 35 9.08 25.78 -46.36
N SER L 36 10.34 26.10 -46.59
CA SER L 36 10.94 25.94 -47.90
C SER L 36 11.43 24.51 -48.08
N LYS L 37 10.99 23.85 -49.15
CA LYS L 37 11.41 22.50 -49.42
C LYS L 37 12.83 22.48 -49.97
N LEU L 38 13.64 21.55 -49.47
CA LEU L 38 15.03 21.43 -49.88
C LEU L 38 15.48 19.99 -49.68
N SER L 39 16.72 19.71 -50.07
CA SER L 39 17.29 18.38 -49.94
C SER L 39 18.81 18.50 -49.97
N LEU L 40 19.46 18.12 -48.86
CA LEU L 40 20.91 18.19 -48.75
C LEU L 40 21.46 16.81 -48.42
N SER L 41 22.71 16.58 -48.82
CA SER L 41 23.38 15.32 -48.59
C SER L 41 24.15 15.39 -47.27
N ARG L 42 24.98 14.38 -47.00
CA ARG L 42 25.76 14.35 -45.78
C ARG L 42 26.92 15.34 -45.86
N THR L 43 27.51 15.62 -44.70
CA THR L 43 28.64 16.55 -44.55
C THR L 43 28.33 17.94 -45.09
N ASP L 44 27.05 18.29 -45.19
CA ASP L 44 26.63 19.60 -45.68
C ASP L 44 26.09 20.43 -44.53
N ALA L 45 26.25 21.75 -44.65
CA ALA L 45 25.78 22.67 -43.62
C ALA L 45 24.26 22.59 -43.46
N VAL L 46 23.80 22.11 -42.31
CA VAL L 46 22.38 21.96 -42.05
C VAL L 46 21.81 23.32 -41.63
N ARG L 47 21.30 24.07 -42.60
CA ARG L 47 20.72 25.39 -42.33
C ARG L 47 19.75 25.71 -43.46
N CYS L 48 18.66 26.39 -43.11
CA CYS L 48 17.68 26.78 -44.11
C CYS L 48 18.31 27.74 -45.11
N LYS L 49 17.92 27.60 -46.38
CA LYS L 49 18.55 28.35 -47.46
C LYS L 49 18.23 29.84 -47.44
N ASP L 50 17.37 30.31 -46.53
CA ASP L 50 17.07 31.74 -46.41
C ASP L 50 17.22 32.28 -45.00
N CYS L 51 17.15 31.45 -43.97
CA CYS L 51 17.29 31.90 -42.59
C CYS L 51 18.20 30.94 -41.84
N GLY L 52 18.78 31.45 -40.75
CA GLY L 52 19.67 30.66 -39.92
C GLY L 52 18.93 29.79 -38.93
N HIS L 53 18.28 28.75 -39.41
CA HIS L 53 17.48 27.85 -38.58
C HIS L 53 18.12 26.47 -38.54
N ARG L 54 17.74 25.70 -37.53
CA ARG L 54 18.27 24.36 -37.31
C ARG L 54 17.22 23.27 -37.35
N ILE L 55 16.03 23.52 -36.78
CA ILE L 55 14.99 22.51 -36.74
C ILE L 55 14.44 22.29 -38.14
N LEU L 56 14.48 21.05 -38.61
CA LEU L 56 14.01 20.68 -39.93
C LEU L 56 13.02 19.52 -39.84
N LEU L 57 11.96 19.61 -40.61
CA LEU L 57 10.96 18.55 -40.70
C LEU L 57 11.24 17.69 -41.93
N LYS L 58 10.46 16.61 -42.07
CA LYS L 58 10.63 15.66 -43.15
C LYS L 58 9.30 15.46 -43.88
N ALA L 59 9.39 15.22 -45.17
CA ALA L 59 8.23 14.98 -46.02
C ALA L 59 8.02 13.48 -46.23
N ARG L 60 6.78 13.10 -46.48
CA ARG L 60 6.42 11.71 -46.70
C ARG L 60 6.64 11.35 -48.16
N THR L 61 7.48 10.35 -48.40
CA THR L 61 7.76 9.89 -49.75
C THR L 61 6.71 8.87 -50.17
N LYS L 62 6.34 8.90 -51.45
CA LYS L 62 5.30 8.01 -51.95
C LYS L 62 5.75 6.55 -51.87
N ARG L 63 4.90 5.72 -51.28
CA ARG L 63 5.16 4.29 -51.15
C ARG L 63 3.87 3.60 -50.74
N LEU L 64 3.63 2.42 -51.30
CA LEU L 64 2.42 1.67 -51.00
C LEU L 64 2.42 1.19 -49.56
N VAL L 65 1.28 1.34 -48.89
CA VAL L 65 1.08 0.86 -47.52
C VAL L 65 -0.34 0.33 -47.41
N GLN L 66 -0.49 -0.80 -46.72
CA GLN L 66 -1.76 -1.51 -46.65
C GLN L 66 -2.37 -1.32 -45.26
N PHE L 67 -3.58 -0.77 -45.23
CA PHE L 67 -4.35 -0.61 -44.00
C PHE L 67 -5.65 -1.40 -44.10
N GLU L 68 -6.32 -1.56 -42.97
CA GLU L 68 -7.58 -2.28 -42.89
C GLU L 68 -8.65 -1.36 -42.32
N ALA L 69 -9.86 -1.47 -42.87
CA ALA L 69 -10.97 -0.59 -42.51
C ALA L 69 -11.59 -1.10 -41.19
N ARG L 70 -10.98 -0.68 -40.09
CA ARG L 70 -11.48 -0.99 -38.76
C ARG L 70 -11.22 0.16 -37.79
N SER M 8 -25.73 72.62 23.18
CA SER M 8 -25.35 73.95 23.63
C SER M 8 -24.35 74.58 22.68
N GLU M 9 -24.86 75.38 21.73
CA GLU M 9 -23.99 76.04 20.77
C GLU M 9 -23.12 77.09 21.45
N ILE M 10 -21.87 77.18 21.01
CA ILE M 10 -20.91 78.14 21.56
C ILE M 10 -20.03 78.65 20.43
N GLU M 11 -19.51 79.86 20.61
CA GLU M 11 -18.75 80.54 19.58
C GLU M 11 -17.26 80.47 19.85
N ILE M 12 -16.46 81.00 18.91
CA ILE M 12 -15.01 81.01 19.00
C ILE M 12 -14.53 82.45 18.80
N GLU M 13 -13.54 82.85 19.60
CA GLU M 13 -13.03 84.21 19.57
C GLU M 13 -11.59 84.30 19.11
N SER M 14 -10.68 83.55 19.71
CA SER M 14 -9.25 83.73 19.50
C SER M 14 -8.72 82.77 18.45
N VAL M 15 -8.04 83.31 17.45
CA VAL M 15 -7.32 82.54 16.45
C VAL M 15 -5.90 83.07 16.35
N GLN M 16 -5.03 82.29 15.72
CA GLN M 16 -3.63 82.66 15.60
C GLN M 16 -3.06 82.06 14.32
N ASP M 17 -1.77 82.29 14.08
CA ASP M 17 -1.09 81.78 12.91
C ASP M 17 0.19 81.05 13.28
N GLN M 18 0.80 81.43 14.40
CA GLN M 18 2.04 80.84 14.86
C GLN M 18 1.83 80.26 16.26
N PRO M 19 2.09 78.98 16.48
CA PRO M 19 1.83 78.37 17.79
C PRO M 19 2.97 78.62 18.77
N SER M 20 2.61 78.60 20.06
CA SER M 20 3.58 78.72 21.13
C SER M 20 3.41 77.67 22.23
N VAL M 21 2.28 76.99 22.29
CA VAL M 21 2.03 75.98 23.31
C VAL M 21 2.36 74.61 22.72
N ALA M 22 2.53 73.63 23.61
CA ALA M 22 2.87 72.28 23.17
C ALA M 22 2.45 71.29 24.24
N VAL M 23 1.96 70.12 23.81
CA VAL M 23 1.68 69.00 24.69
C VAL M 23 2.75 67.95 24.46
N GLY M 24 3.39 67.52 25.55
CA GLY M 24 4.47 66.54 25.49
C GLY M 24 4.07 65.25 26.17
N SER M 25 4.46 64.13 25.57
CA SER M 25 4.17 62.80 26.10
C SER M 25 5.50 62.10 26.37
N PHE M 26 5.88 62.00 27.64
CA PHE M 26 7.09 61.29 28.04
C PHE M 26 6.77 59.87 28.50
N PHE M 27 5.96 59.76 29.54
CA PHE M 27 5.48 58.47 30.06
C PHE M 27 4.40 58.77 31.09
N LYS M 28 3.93 57.73 31.78
CA LYS M 28 2.90 57.87 32.80
C LYS M 28 3.53 58.10 34.16
N GLY M 29 3.07 59.14 34.86
CA GLY M 29 3.55 59.42 36.19
C GLY M 29 4.88 60.15 36.23
N PHE M 30 4.93 61.36 35.68
CA PHE M 30 6.11 62.21 35.72
C PHE M 30 5.93 63.23 36.83
N ARG M 31 6.82 63.20 37.83
CA ARG M 31 6.67 64.06 39.01
C ARG M 31 6.86 65.54 38.71
N ALA M 32 7.31 65.89 37.50
CA ALA M 32 7.46 67.27 37.07
C ALA M 32 8.29 68.10 38.05
N PRO M 33 9.60 67.90 38.11
CA PRO M 33 10.41 68.70 39.05
C PRO M 33 10.40 70.18 38.74
N SER M 34 10.44 70.55 37.46
CA SER M 34 10.37 71.94 37.00
C SER M 34 11.46 72.79 37.65
N ASP M 35 12.71 72.42 37.33
CA ASP M 35 13.87 73.14 37.84
C ASP M 35 14.85 73.58 36.76
N THR M 36 14.58 73.26 35.50
CA THR M 36 15.46 73.64 34.41
C THR M 36 14.65 73.80 33.13
N THR M 37 14.91 74.87 32.39
CA THR M 37 14.20 75.17 31.16
C THR M 37 14.86 74.47 29.99
N PHE M 38 14.07 73.74 29.21
CA PHE M 38 14.54 73.06 28.01
C PHE M 38 14.10 73.81 26.77
N ASP M 39 15.00 73.90 25.78
CA ASP M 39 14.75 74.68 24.58
C ASP M 39 13.93 73.88 23.57
N LEU M 40 13.33 74.62 22.64
CA LEU M 40 12.48 74.05 21.60
C LEU M 40 12.84 74.68 20.26
N TYR M 41 13.29 73.85 19.32
CA TYR M 41 13.64 74.30 17.99
C TYR M 41 12.46 74.05 17.05
N LYS M 42 12.23 74.99 16.14
CA LYS M 42 11.05 74.98 15.29
C LYS M 42 11.45 74.80 13.82
N LYS M 43 10.46 74.93 12.94
CA LYS M 43 10.68 74.81 11.50
C LYS M 43 9.92 75.92 10.78
N LYS M 44 9.82 75.82 9.46
CA LYS M 44 9.14 76.81 8.62
C LYS M 44 9.75 78.20 8.80
N GLU M 47 7.60 71.40 3.98
CA GLU M 47 6.31 71.01 4.54
C GLU M 47 5.91 71.92 5.70
N LYS M 48 5.04 71.41 6.56
CA LYS M 48 4.51 72.21 7.66
C LYS M 48 4.22 71.29 8.85
N ASP M 49 4.00 71.92 10.00
CA ASP M 49 3.60 71.24 11.24
C ASP M 49 4.64 70.20 11.65
N GLU M 50 5.85 70.68 11.93
CA GLU M 50 6.93 69.85 12.45
C GLU M 50 7.78 70.68 13.40
N PHE M 51 8.06 70.15 14.58
CA PHE M 51 8.84 70.84 15.59
C PHE M 51 9.70 69.81 16.34
N VAL M 52 10.52 70.31 17.26
CA VAL M 52 11.43 69.46 18.02
C VAL M 52 11.83 70.21 19.28
N LEU M 53 12.26 69.47 20.30
CA LEU M 53 12.75 70.09 21.53
C LEU M 53 13.75 69.15 22.18
N HIS M 54 14.64 69.75 22.98
CA HIS M 54 15.66 69.00 23.71
C HIS M 54 15.91 69.69 25.04
N GLY M 55 16.67 69.03 25.90
CA GLY M 55 17.01 69.59 27.20
C GLY M 55 18.19 68.86 27.80
N GLU M 56 18.70 69.42 28.89
CA GLU M 56 19.85 68.86 29.59
C GLU M 56 19.67 69.04 31.09
N ASN M 57 20.19 68.08 31.85
CA ASN M 57 20.20 68.14 33.31
C ASN M 57 21.44 67.41 33.80
N GLU M 58 21.52 67.19 35.11
CA GLU M 58 22.64 66.45 35.68
C GLU M 58 22.53 64.95 35.47
N ARG M 59 21.30 64.42 35.33
CA ARG M 59 21.10 63.01 35.01
C ARG M 59 20.02 62.81 33.97
N LEU M 60 19.53 63.87 33.33
CA LEU M 60 18.41 63.78 32.39
C LEU M 60 18.68 64.66 31.19
N GLU M 61 18.25 64.19 30.01
CA GLU M 61 18.31 64.98 28.79
C GLU M 61 17.03 64.75 28.01
N TYR M 62 16.36 65.84 27.63
CA TYR M 62 15.11 65.76 26.91
C TYR M 62 15.37 65.59 25.41
N GLU M 63 14.46 64.88 24.74
CA GLU M 63 14.54 64.67 23.30
C GLU M 63 13.14 64.35 22.80
N GLY M 64 12.53 65.29 22.07
CA GLY M 64 11.18 65.11 21.60
C GLY M 64 10.92 65.60 20.20
N TYR M 65 10.27 64.77 19.39
CA TYR M 65 9.91 65.10 18.02
C TYR M 65 8.40 65.07 17.86
N THR M 66 7.92 65.52 16.71
CA THR M 66 6.49 65.65 16.45
C THR M 66 6.14 64.81 15.22
N ASP M 67 5.92 63.51 15.44
CA ASP M 67 5.38 62.57 14.46
C ASP M 67 5.92 62.84 13.05
N SER M 68 7.24 62.73 12.93
CA SER M 68 7.90 62.99 11.64
C SER M 68 7.33 62.11 10.53
N SER M 69 6.78 60.95 10.87
CA SER M 69 6.15 60.10 9.87
C SER M 69 4.88 60.73 9.32
N SER M 70 3.91 61.01 10.19
CA SER M 70 2.64 61.60 9.78
C SER M 70 2.21 62.63 10.83
N GLN M 71 2.54 63.89 10.58
CA GLN M 71 2.10 64.99 11.44
C GLN M 71 1.47 66.10 10.60
N ALA M 72 1.89 66.19 9.34
CA ALA M 72 1.39 67.26 8.48
C ALA M 72 -0.10 67.11 8.16
N SER M 73 -0.69 65.93 8.39
CA SER M 73 -2.09 65.69 8.15
C SER M 73 -2.88 65.50 9.44
N ASN M 74 -2.46 66.17 10.52
CA ASN M 74 -3.13 66.06 11.80
C ASN M 74 -2.75 67.28 12.64
N GLN M 75 -3.73 67.79 13.40
CA GLN M 75 -3.52 68.98 14.21
C GLN M 75 -4.38 68.89 15.46
N TYR M 76 -3.83 69.35 16.58
CA TYR M 76 -4.54 69.42 17.85
C TYR M 76 -4.69 70.87 18.28
N VAL M 77 -5.79 71.15 18.99
CA VAL M 77 -6.05 72.49 19.49
C VAL M 77 -6.33 72.41 20.99
N VAL M 78 -6.24 73.56 21.65
CA VAL M 78 -6.48 73.66 23.09
C VAL M 78 -7.15 75.01 23.37
N GLY M 79 -7.86 75.07 24.48
CA GLY M 79 -8.54 76.29 24.87
C GLY M 79 -8.76 76.35 26.36
N LEU M 80 -9.66 77.23 26.78
CA LEU M 80 -10.04 77.38 28.18
C LEU M 80 -11.46 77.90 28.25
N PHE M 81 -12.13 77.64 29.37
CA PHE M 81 -13.48 78.15 29.59
C PHE M 81 -13.76 78.24 31.08
N ASN M 82 -14.47 79.30 31.45
CA ASN M 82 -14.89 79.58 32.81
C ASN M 82 -16.41 79.45 32.89
N PRO M 83 -16.96 79.29 34.09
CA PRO M 83 -18.43 79.24 34.20
C PRO M 83 -19.12 80.49 33.69
N GLU M 84 -18.51 81.66 33.85
CA GLU M 84 -19.09 82.88 33.30
C GLU M 84 -18.91 82.96 31.79
N LYS M 85 -17.74 82.53 31.30
CA LYS M 85 -17.48 82.60 29.87
C LYS M 85 -18.21 81.51 29.10
N LYS M 86 -18.01 80.25 29.50
CA LYS M 86 -18.59 79.08 28.86
C LYS M 86 -18.16 78.92 27.40
N SER M 87 -17.16 79.68 26.95
CA SER M 87 -16.70 79.64 25.58
C SER M 87 -15.23 79.23 25.54
N ILE M 88 -14.83 78.65 24.41
CA ILE M 88 -13.47 78.18 24.21
C ILE M 88 -12.79 79.08 23.19
N GLN M 89 -11.45 78.97 23.14
CA GLN M 89 -10.64 79.71 22.18
C GLN M 89 -9.70 78.72 21.50
N LEU M 90 -9.84 78.59 20.18
CA LEU M 90 -9.05 77.63 19.43
C LEU M 90 -7.60 78.09 19.37
N TYR M 91 -6.70 77.30 19.95
CA TYR M 91 -5.27 77.59 19.97
C TYR M 91 -4.51 76.37 19.46
N LYS M 92 -3.65 76.59 18.47
CA LYS M 92 -2.91 75.49 17.86
C LYS M 92 -1.94 74.88 18.86
N ALA M 93 -2.13 73.59 19.17
CA ALA M 93 -1.29 72.87 20.13
C ALA M 93 -0.57 71.74 19.38
N PRO M 94 0.64 71.99 18.88
CA PRO M 94 1.40 70.92 18.21
C PRO M 94 1.77 69.82 19.19
N VAL M 95 1.30 68.61 18.91
CA VAL M 95 1.58 67.48 19.78
C VAL M 95 3.01 67.00 19.56
N LEU M 96 3.64 66.53 20.64
CA LEU M 96 5.03 66.09 20.60
C LEU M 96 5.21 64.87 21.49
N VAL M 97 5.89 63.86 20.95
CA VAL M 97 6.28 62.67 21.72
C VAL M 97 7.76 62.77 22.03
N SER M 98 8.13 62.45 23.27
CA SER M 98 9.50 62.60 23.73
C SER M 98 9.95 61.34 24.46
N LYS M 99 11.27 61.19 24.58
CA LYS M 99 11.89 60.06 25.26
C LYS M 99 13.05 60.59 26.09
N VAL M 100 13.01 60.36 27.40
CA VAL M 100 14.08 60.81 28.28
C VAL M 100 15.33 59.97 28.03
N VAL M 101 16.43 60.64 27.67
CA VAL M 101 17.68 59.96 27.34
C VAL M 101 18.70 60.24 28.42
N SER M 102 19.69 59.35 28.52
CA SER M 102 20.79 59.51 29.47
C SER M 102 22.12 59.40 28.73
N LYS M 103 23.23 59.37 29.47
CA LYS M 103 24.57 59.32 28.89
C LYS M 103 25.38 58.21 29.55
N SER M 104 25.43 57.05 28.91
CA SER M 104 26.29 55.95 29.32
C SER M 104 26.95 55.32 28.10
N SER M 105 27.36 56.16 27.16
CA SER M 105 27.86 55.74 25.85
C SER M 105 29.38 55.59 25.90
N LYS M 106 30.01 55.55 24.72
CA LYS M 106 31.46 55.55 24.53
C LYS M 106 32.14 54.39 25.26
N ASN M 107 31.80 53.18 24.81
CA ASN M 107 32.55 51.99 25.17
C ASN M 107 32.42 50.98 24.03
N LEU M 108 33.55 50.40 23.63
CA LEU M 108 33.58 49.53 22.46
C LEU M 108 34.80 48.62 22.56
N ARG M 109 34.66 47.42 21.99
CA ARG M 109 35.74 46.44 21.93
C ARG M 109 36.22 46.31 20.49
N GLY M 110 37.53 46.43 20.30
CA GLY M 110 38.12 46.33 18.97
C GLY M 110 38.04 44.94 18.38
N THR M 182 56.85 -0.95 -7.57
CA THR M 182 56.71 -2.35 -8.00
C THR M 182 55.22 -2.76 -8.06
N SER M 183 54.52 -2.13 -8.99
CA SER M 183 53.14 -2.51 -9.31
C SER M 183 53.02 -3.97 -9.73
N ASN M 184 54.14 -4.63 -10.04
CA ASN M 184 54.27 -6.06 -10.30
C ASN M 184 53.72 -6.49 -11.65
N ASP M 185 53.12 -5.59 -12.42
CA ASP M 185 52.59 -5.95 -13.74
C ASP M 185 52.19 -4.68 -14.47
N ARG M 186 52.32 -4.72 -15.80
CA ARG M 186 51.88 -3.67 -16.69
C ARG M 186 51.44 -4.35 -17.98
N PRO M 187 50.40 -3.84 -18.65
CA PRO M 187 49.98 -4.47 -19.92
C PRO M 187 51.00 -4.37 -21.02
N THR M 188 51.94 -3.41 -20.93
CA THR M 188 53.01 -3.24 -21.90
C THR M 188 54.21 -4.11 -21.54
N PRO M 189 54.92 -4.64 -22.53
CA PRO M 189 56.11 -5.45 -22.24
C PRO M 189 57.21 -4.62 -21.60
N LEU M 190 58.26 -5.31 -21.17
CA LEU M 190 59.38 -4.65 -20.51
C LEU M 190 60.13 -3.78 -21.49
N ALA M 191 60.23 -2.49 -21.18
CA ALA M 191 60.92 -1.51 -22.01
C ALA M 191 62.07 -0.89 -21.24
N ASN M 192 63.11 -0.49 -21.96
CA ASN M 192 64.28 0.12 -21.37
C ASN M 192 64.16 1.63 -21.36
N ILE M 193 64.88 2.27 -20.44
CA ILE M 193 64.82 3.72 -20.27
C ILE M 193 66.16 4.40 -20.49
N ASP M 194 67.25 3.65 -20.66
CA ASP M 194 68.58 4.22 -20.81
C ASP M 194 69.16 4.03 -22.21
N ALA M 195 68.32 3.73 -23.19
CA ALA M 195 68.79 3.55 -24.55
C ALA M 195 69.12 4.91 -25.18
N THR M 196 69.84 4.86 -26.31
CA THR M 196 70.29 6.05 -27.00
C THR M 196 69.54 6.33 -28.29
N ASP M 197 69.22 5.30 -29.06
CA ASP M 197 68.53 5.46 -30.33
C ASP M 197 67.04 5.19 -30.17
N VAL M 198 66.25 5.76 -31.09
CA VAL M 198 64.81 5.58 -31.05
C VAL M 198 64.44 4.13 -31.41
N GLU M 199 65.15 3.55 -32.39
CA GLU M 199 64.91 2.17 -32.77
C GLU M 199 65.40 1.18 -31.73
N GLN M 200 66.15 1.62 -30.73
CA GLN M 200 66.68 0.74 -29.70
C GLN M 200 66.05 0.94 -28.33
N ILE M 201 65.19 1.96 -28.18
CA ILE M 201 64.51 2.18 -26.91
C ILE M 201 63.62 1.00 -26.54
N TYR M 202 63.19 0.22 -27.53
CA TYR M 202 62.43 -1.02 -27.33
C TYR M 202 63.03 -2.08 -28.23
N PRO M 203 63.88 -2.96 -27.70
CA PRO M 203 64.62 -3.89 -28.55
C PRO M 203 63.71 -4.93 -29.20
N ILE M 204 64.17 -5.44 -30.34
CA ILE M 204 63.43 -6.48 -31.05
C ILE M 204 63.40 -7.79 -30.28
N GLU M 205 64.34 -7.99 -29.36
CA GLU M 205 64.34 -9.20 -28.55
C GLU M 205 63.10 -9.27 -27.65
N SER M 206 62.58 -8.12 -27.22
CA SER M 206 61.40 -8.11 -26.38
C SER M 206 60.14 -8.52 -27.14
N ILE M 207 60.18 -8.52 -28.47
CA ILE M 207 59.05 -8.95 -29.28
C ILE M 207 59.14 -10.44 -29.59
N ILE M 208 60.25 -10.88 -30.15
CA ILE M 208 60.49 -12.27 -30.49
C ILE M 208 61.74 -12.73 -29.76
N PRO M 209 61.68 -13.81 -28.97
CA PRO M 209 62.87 -14.25 -28.23
C PRO M 209 63.91 -14.85 -29.16
N LYS M 210 65.07 -15.14 -28.58
CA LYS M 210 66.17 -15.73 -29.35
C LYS M 210 65.81 -17.12 -29.88
N LYS M 211 65.03 -17.89 -29.12
CA LYS M 211 64.66 -19.24 -29.55
C LYS M 211 63.74 -19.22 -30.76
N GLU M 212 63.02 -18.13 -30.99
CA GLU M 212 62.08 -18.02 -32.11
C GLU M 212 62.56 -17.10 -33.22
N LEU M 213 63.41 -16.12 -32.92
CA LEU M 213 63.89 -15.20 -33.95
C LEU M 213 64.85 -15.86 -34.93
N GLN M 214 65.52 -16.94 -34.51
CA GLN M 214 66.48 -17.61 -35.39
C GLN M 214 65.81 -18.50 -36.42
N PHE M 215 64.49 -18.72 -36.33
CA PHE M 215 63.77 -19.55 -37.27
C PHE M 215 62.98 -18.75 -38.29
N ILE M 216 63.29 -17.46 -38.44
CA ILE M 216 62.62 -16.60 -39.42
C ILE M 216 63.46 -16.66 -40.70
N ARG M 217 63.15 -17.64 -41.55
CA ARG M 217 63.82 -17.81 -42.83
C ARG M 217 63.04 -17.01 -43.87
N VAL M 218 63.45 -15.75 -44.06
CA VAL M 218 62.74 -14.84 -44.95
C VAL M 218 63.74 -14.24 -45.93
N SER M 219 64.97 -14.75 -45.91
CA SER M 219 66.00 -14.25 -46.83
C SER M 219 65.67 -14.55 -48.28
N SER M 220 64.91 -15.63 -48.54
CA SER M 220 64.51 -16.00 -49.88
C SER M 220 63.27 -15.25 -50.37
N ILE M 221 62.88 -14.19 -49.68
CA ILE M 221 61.70 -13.41 -50.07
C ILE M 221 62.08 -12.17 -50.86
N LEU M 222 63.17 -11.50 -50.49
CA LEU M 222 63.63 -10.32 -51.21
C LEU M 222 64.20 -10.63 -52.58
N LYS M 223 64.21 -11.90 -52.99
CA LYS M 223 64.71 -12.25 -54.32
C LYS M 223 63.66 -12.04 -55.40
N GLU M 224 62.41 -12.36 -55.09
CA GLU M 224 61.33 -12.18 -56.06
C GLU M 224 60.98 -10.70 -56.20
N ALA M 225 60.37 -10.37 -57.34
CA ALA M 225 59.99 -9.00 -57.66
C ALA M 225 58.49 -8.81 -57.77
N ASP M 226 57.74 -9.83 -58.18
CA ASP M 226 56.29 -9.70 -58.33
C ASP M 226 55.65 -9.54 -56.96
N LYS M 227 54.80 -8.50 -56.84
CA LYS M 227 54.17 -8.21 -55.55
C LYS M 227 53.16 -9.29 -55.16
N GLU M 228 52.49 -9.90 -56.14
CA GLU M 228 51.51 -10.94 -55.82
C GLU M 228 52.19 -12.22 -55.33
N LYS M 229 53.38 -12.53 -55.87
CA LYS M 229 54.08 -13.73 -55.44
C LYS M 229 54.71 -13.55 -54.06
N LYS M 230 55.00 -12.31 -53.67
CA LYS M 230 55.59 -12.04 -52.36
C LYS M 230 54.56 -12.00 -51.23
N LEU M 231 53.28 -12.22 -51.54
CA LEU M 231 52.23 -12.19 -50.53
C LEU M 231 51.50 -13.52 -50.37
N GLU M 232 51.64 -14.45 -51.31
CA GLU M 232 50.96 -15.73 -51.24
C GLU M 232 51.68 -16.74 -50.35
N LEU M 233 52.81 -16.38 -49.76
CA LEU M 233 53.54 -17.27 -48.86
C LEU M 233 53.52 -16.82 -47.41
N PHE M 234 53.12 -15.58 -47.14
CA PHE M 234 53.00 -15.12 -45.76
C PHE M 234 51.88 -15.88 -45.05
N PRO M 235 51.99 -16.06 -43.73
CA PRO M 235 50.98 -16.85 -43.00
C PRO M 235 49.57 -16.26 -43.06
N TYR M 236 49.40 -14.99 -43.41
CA TYR M 236 48.09 -14.34 -43.36
C TYR M 236 47.78 -13.71 -44.70
N GLN M 237 46.58 -14.02 -45.22
CA GLN M 237 46.05 -13.40 -46.43
C GLN M 237 44.58 -13.09 -46.21
N ASN M 238 44.17 -11.86 -46.49
CA ASN M 238 42.79 -11.44 -46.29
C ASN M 238 42.36 -10.60 -47.49
N ASN M 239 41.19 -9.97 -47.37
CA ASN M 239 40.65 -9.12 -48.42
C ASN M 239 41.20 -7.70 -48.38
N SER M 240 42.08 -7.38 -47.44
CA SER M 240 42.66 -6.05 -47.32
C SER M 240 44.07 -6.03 -47.89
N LYS M 241 44.72 -4.87 -47.78
CA LYS M 241 46.06 -4.68 -48.32
C LYS M 241 46.95 -3.96 -47.30
N TYR M 242 46.69 -4.17 -46.01
CA TYR M 242 47.47 -3.49 -44.98
C TYR M 242 48.90 -4.04 -44.90
N VAL M 243 49.09 -5.33 -45.13
CA VAL M 243 50.42 -5.92 -45.06
C VAL M 243 51.28 -5.39 -46.21
N ALA M 244 50.68 -5.16 -47.37
CA ALA M 244 51.41 -4.66 -48.53
C ALA M 244 51.71 -3.17 -48.46
N LYS M 245 51.10 -2.45 -47.51
CA LYS M 245 51.38 -1.02 -47.39
C LYS M 245 52.81 -0.78 -46.93
N LYS M 246 53.29 -1.54 -45.95
CA LYS M 246 54.66 -1.44 -45.50
C LYS M 246 55.64 -2.17 -46.42
N LEU M 247 55.15 -3.16 -47.18
CA LEU M 247 55.97 -3.95 -48.09
C LEU M 247 56.43 -3.16 -49.31
N ASP M 248 55.94 -1.93 -49.50
CA ASP M 248 56.21 -1.20 -50.73
C ASP M 248 57.66 -0.73 -50.79
N SER M 249 58.22 -0.29 -49.66
CA SER M 249 59.48 0.46 -49.66
C SER M 249 60.59 -0.27 -48.92
N LEU M 250 60.73 -1.58 -49.15
CA LEU M 250 61.89 -2.31 -48.64
C LEU M 250 62.13 -3.53 -49.52
N THR M 251 63.29 -3.56 -50.17
CA THR M 251 63.70 -4.72 -50.96
C THR M 251 65.15 -5.14 -50.73
N GLN M 252 66.01 -4.25 -50.24
CA GLN M 252 67.43 -4.53 -50.03
C GLN M 252 67.63 -5.30 -48.72
N PRO M 253 68.55 -6.27 -48.70
CA PRO M 253 68.84 -6.98 -47.44
C PRO M 253 69.42 -6.09 -46.35
N SER M 254 69.66 -4.81 -46.65
CA SER M 254 70.14 -3.87 -45.65
C SER M 254 69.06 -3.49 -44.64
N GLN M 255 67.82 -3.93 -44.84
CA GLN M 255 66.70 -3.62 -43.95
C GLN M 255 66.01 -4.90 -43.51
N MET M 256 66.80 -5.87 -43.06
CA MET M 256 66.26 -7.15 -42.59
C MET M 256 65.42 -6.96 -41.33
N THR M 257 65.94 -6.13 -40.40
CA THR M 257 65.20 -5.88 -39.16
C THR M 257 63.83 -5.27 -39.44
N LYS M 258 63.75 -4.42 -40.46
CA LYS M 258 62.45 -3.89 -40.86
C LYS M 258 61.60 -4.93 -41.58
N LEU M 259 62.22 -5.98 -42.12
CA LEU M 259 61.51 -7.00 -42.87
C LEU M 259 61.29 -8.28 -42.08
N GLN M 260 62.19 -8.60 -41.14
CA GLN M 260 62.00 -9.78 -40.30
C GLN M 260 60.70 -9.68 -39.50
N LEU M 261 60.43 -8.51 -38.93
CA LEU M 261 59.20 -8.30 -38.19
C LEU M 261 58.01 -8.16 -39.15
N LEU M 262 58.30 -7.64 -40.35
CA LEU M 262 57.26 -7.53 -41.37
C LEU M 262 56.74 -8.91 -41.75
N TYR M 263 57.63 -9.90 -41.83
CA TYR M 263 57.19 -11.28 -42.00
C TYR M 263 56.43 -11.75 -40.76
N TYR M 264 56.88 -11.35 -39.57
CA TYR M 264 56.16 -11.68 -38.35
C TYR M 264 54.81 -10.97 -38.29
N LEU M 265 54.70 -9.78 -38.90
CA LEU M 265 53.44 -9.05 -38.91
C LEU M 265 52.30 -9.89 -39.49
N SER M 266 52.61 -10.71 -40.50
CA SER M 266 51.60 -11.59 -41.07
C SER M 266 51.09 -12.58 -40.03
N LEU M 267 52.01 -13.32 -39.40
CA LEU M 267 51.66 -14.23 -38.32
C LEU M 267 51.16 -13.50 -37.08
N LEU M 268 51.26 -12.17 -37.06
CA LEU M 268 50.96 -11.38 -35.86
C LEU M 268 49.48 -11.01 -35.77
N LEU M 269 48.94 -10.36 -36.82
CA LEU M 269 47.58 -9.84 -36.78
C LEU M 269 46.52 -10.92 -36.99
N GLY M 270 46.93 -12.17 -37.25
CA GLY M 270 45.94 -13.21 -37.46
C GLY M 270 45.23 -13.64 -36.19
N VAL M 271 45.93 -13.62 -35.06
CA VAL M 271 45.32 -14.03 -33.79
C VAL M 271 44.32 -12.99 -33.31
N TYR M 272 44.40 -11.76 -33.80
CA TYR M 272 43.49 -10.71 -33.34
C TYR M 272 42.11 -10.83 -33.98
N GLU M 273 42.07 -10.89 -35.31
CA GLU M 273 40.79 -10.94 -36.01
C GLU M 273 40.07 -12.26 -35.84
N ASN M 274 40.76 -13.30 -35.39
CA ASN M 274 40.17 -14.62 -35.15
C ASN M 274 40.30 -15.02 -33.69
N ARG M 275 40.00 -14.08 -32.78
CA ARG M 275 40.02 -14.39 -31.36
C ARG M 275 38.89 -15.32 -30.94
N ARG M 276 37.97 -15.66 -31.85
CA ARG M 276 36.86 -16.53 -31.50
C ARG M 276 37.33 -17.97 -31.33
N VAL M 277 38.26 -18.43 -32.17
CA VAL M 277 38.72 -19.80 -32.11
C VAL M 277 39.51 -20.01 -30.82
N ASN M 278 39.40 -21.22 -30.24
CA ASN M 278 40.04 -21.53 -28.97
C ASN M 278 41.15 -22.57 -29.11
N ASN M 279 41.29 -23.24 -30.24
CA ASN M 279 42.30 -24.27 -30.42
C ASN M 279 43.18 -23.92 -31.62
N LYS M 280 44.39 -24.47 -31.60
CA LYS M 280 45.36 -24.19 -32.66
C LYS M 280 45.05 -24.95 -33.95
N THR M 281 44.37 -26.09 -33.85
CA THR M 281 44.07 -26.87 -35.05
C THR M 281 43.12 -26.12 -35.98
N LYS M 282 42.04 -25.57 -35.43
CA LYS M 282 41.13 -24.78 -36.25
C LYS M 282 41.74 -23.45 -36.66
N LEU M 283 42.61 -22.89 -35.82
CA LEU M 283 43.32 -21.67 -36.19
C LEU M 283 44.33 -21.93 -37.31
N LEU M 284 44.93 -23.12 -37.33
CA LEU M 284 45.90 -23.46 -38.37
C LEU M 284 45.23 -23.64 -39.73
N GLU M 285 43.91 -23.85 -39.76
CA GLU M 285 43.22 -23.99 -41.04
C GLU M 285 43.25 -22.71 -41.84
N ARG M 286 43.30 -21.55 -41.17
CA ARG M 286 43.37 -20.27 -41.87
C ARG M 286 44.80 -19.95 -42.28
N LEU M 287 45.73 -19.98 -41.31
CA LEU M 287 47.12 -19.69 -41.60
C LEU M 287 47.71 -20.81 -42.46
N ASN M 288 48.19 -20.45 -43.66
CA ASN M 288 48.71 -21.42 -44.61
C ASN M 288 50.10 -21.86 -44.18
N SER M 289 50.15 -22.86 -43.30
CA SER M 289 51.37 -23.49 -42.82
C SER M 289 52.33 -22.49 -42.18
N PRO M 290 51.99 -21.93 -41.02
CA PRO M 290 52.91 -21.02 -40.34
C PRO M 290 53.91 -21.80 -39.49
N PRO M 291 55.01 -21.17 -39.10
CA PRO M 291 55.95 -21.84 -38.19
C PRO M 291 55.29 -22.14 -36.85
N GLU M 292 55.36 -23.41 -36.44
CA GLU M 292 54.69 -23.82 -35.20
C GLU M 292 55.34 -23.21 -33.97
N ILE M 293 56.65 -22.98 -34.00
CA ILE M 293 57.33 -22.44 -32.83
C ILE M 293 56.96 -20.98 -32.60
N LEU M 294 56.66 -20.24 -33.67
CA LEU M 294 56.33 -18.83 -33.51
C LEU M 294 54.97 -18.65 -32.84
N VAL M 295 53.97 -19.40 -33.28
CA VAL M 295 52.63 -19.25 -32.71
C VAL M 295 52.56 -19.88 -31.31
N ASP M 296 53.40 -20.88 -31.05
CA ASP M 296 53.38 -21.53 -29.74
C ASP M 296 53.81 -20.56 -28.65
N GLY M 297 54.85 -19.76 -28.91
CA GLY M 297 55.30 -18.80 -27.91
C GLY M 297 54.30 -17.69 -27.65
N ILE M 298 53.46 -17.37 -28.64
CA ILE M 298 52.44 -16.35 -28.45
C ILE M 298 51.39 -16.83 -27.46
N LEU M 299 51.03 -18.11 -27.54
CA LEU M 299 50.04 -18.66 -26.61
C LEU M 299 50.54 -18.64 -25.18
N SER M 300 51.81 -18.97 -24.97
CA SER M 300 52.38 -19.03 -23.63
C SER M 300 52.51 -17.65 -22.98
N ARG M 301 52.31 -16.57 -23.74
CA ARG M 301 52.47 -15.22 -23.20
C ARG M 301 51.33 -14.27 -23.57
N PHE M 302 50.34 -14.71 -24.35
CA PHE M 302 49.25 -13.81 -24.73
C PHE M 302 47.89 -14.48 -24.68
N THR M 303 47.77 -15.70 -24.16
CA THR M 303 46.49 -16.38 -24.06
C THR M 303 46.37 -17.06 -22.71
N VAL M 304 45.16 -17.49 -22.38
CA VAL M 304 44.89 -18.24 -21.16
C VAL M 304 45.01 -19.72 -21.47
N ILE M 305 45.84 -20.43 -20.72
CA ILE M 305 46.13 -21.83 -20.99
C ILE M 305 45.00 -22.69 -20.45
N LYS M 306 44.52 -23.62 -21.29
CA LYS M 306 43.49 -24.57 -20.88
C LYS M 306 44.04 -25.99 -21.03
N PRO M 307 44.31 -26.70 -19.94
CA PRO M 307 44.89 -28.05 -20.06
C PRO M 307 43.85 -29.10 -20.36
N GLY M 308 44.27 -30.11 -21.10
CA GLY M 308 43.42 -31.25 -21.44
C GLY M 308 44.12 -32.28 -22.29
N GLN M 309 43.90 -33.56 -21.99
CA GLN M 309 44.55 -34.62 -22.75
C GLN M 309 44.04 -34.69 -24.17
N PHE M 310 42.71 -34.65 -24.34
CA PHE M 310 42.15 -34.66 -25.69
C PHE M 310 42.54 -33.41 -26.46
N GLY M 311 42.77 -32.30 -25.76
CA GLY M 311 43.22 -31.08 -26.42
C GLY M 311 44.68 -31.11 -26.80
N ARG M 312 45.54 -31.44 -25.84
CA ARG M 312 46.98 -31.45 -26.12
C ARG M 312 47.36 -32.48 -27.18
N SER M 313 46.55 -33.54 -27.32
CA SER M 313 46.81 -34.52 -28.38
C SER M 313 46.75 -33.88 -29.75
N LYS M 314 45.85 -32.91 -29.93
CA LYS M 314 45.78 -32.19 -31.20
C LYS M 314 46.82 -31.09 -31.27
N ASP M 315 46.74 -30.12 -30.37
CA ASP M 315 47.69 -29.00 -30.31
C ASP M 315 47.46 -28.28 -28.98
N ARG M 316 48.12 -27.14 -28.81
CA ARG M 316 48.03 -26.37 -27.56
C ARG M 316 46.74 -25.57 -27.55
N SER M 317 45.82 -25.93 -26.67
CA SER M 317 44.59 -25.17 -26.51
C SER M 317 44.88 -23.86 -25.76
N TYR M 318 43.95 -22.91 -25.91
CA TYR M 318 44.16 -21.57 -25.36
C TYR M 318 42.81 -20.85 -25.29
N PHE M 319 42.85 -19.60 -24.84
CA PHE M 319 41.69 -18.72 -24.76
C PHE M 319 42.21 -17.31 -24.52
N ILE M 320 41.49 -16.33 -25.07
CA ILE M 320 41.90 -14.94 -25.04
C ILE M 320 40.89 -14.16 -24.20
N ASP M 321 41.27 -13.80 -22.98
CA ASP M 321 40.45 -12.94 -22.15
C ASP M 321 40.71 -11.48 -22.51
N PRO M 322 39.75 -10.58 -22.25
CA PRO M 322 39.93 -9.18 -22.63
C PRO M 322 41.16 -8.52 -22.02
N GLN M 323 41.72 -9.08 -20.94
CA GLN M 323 43.01 -8.60 -20.45
C GLN M 323 44.11 -8.87 -21.48
N ASN M 324 44.04 -10.00 -22.17
CA ASN M 324 44.97 -10.27 -23.25
C ASN M 324 44.66 -9.45 -24.49
N GLU M 325 43.38 -9.10 -24.71
CA GLU M 325 43.04 -8.18 -25.78
C GLU M 325 43.71 -6.83 -25.59
N ASP M 326 44.00 -6.46 -24.34
CA ASP M 326 44.74 -5.24 -24.06
C ASP M 326 46.25 -5.43 -24.20
N LYS M 327 46.73 -6.68 -24.10
CA LYS M 327 48.15 -6.96 -24.25
C LYS M 327 48.53 -7.29 -25.69
N ILE M 328 47.58 -7.74 -26.51
CA ILE M 328 47.90 -8.00 -27.91
C ILE M 328 47.97 -6.71 -28.71
N LEU M 329 47.31 -5.66 -28.24
CA LEU M 329 47.40 -4.35 -28.89
C LEU M 329 48.76 -3.69 -28.67
N CYS M 330 49.64 -4.31 -27.88
CA CYS M 330 50.96 -3.73 -27.64
C CYS M 330 51.89 -3.94 -28.82
N TYR M 331 51.98 -5.18 -29.33
CA TYR M 331 52.79 -5.42 -30.51
C TYR M 331 52.18 -4.80 -31.76
N ILE M 332 50.87 -4.51 -31.74
CA ILE M 332 50.25 -3.79 -32.84
C ILE M 332 50.82 -2.39 -32.95
N LEU M 333 50.95 -1.70 -31.82
CA LEU M 333 51.28 -0.28 -31.79
C LEU M 333 52.74 0.00 -31.51
N ALA M 334 53.57 -1.03 -31.36
CA ALA M 334 54.99 -0.85 -31.08
C ALA M 334 55.91 -1.32 -32.19
N ILE M 335 55.41 -2.13 -33.14
CA ILE M 335 56.24 -2.61 -34.24
C ILE M 335 55.98 -1.74 -35.46
N ILE M 336 54.75 -1.25 -35.61
CA ILE M 336 54.42 -0.32 -36.69
C ILE M 336 55.28 0.93 -36.60
N MET M 337 55.65 1.33 -35.38
CA MET M 337 56.54 2.48 -35.17
C MET M 337 57.83 2.33 -35.97
N HIS M 338 58.48 1.17 -35.81
CA HIS M 338 59.72 0.91 -36.53
C HIS M 338 59.50 0.79 -38.03
N LEU M 339 58.28 0.46 -38.46
CA LEU M 339 58.00 0.31 -39.88
C LEU M 339 57.90 1.66 -40.58
N ASP M 340 57.14 2.59 -40.00
CA ASP M 340 56.92 3.90 -40.60
C ASP M 340 57.87 4.96 -40.06
N ASN M 341 59.04 4.55 -39.58
CA ASN M 341 60.07 5.48 -39.08
C ASN M 341 59.56 6.31 -37.92
N PHE M 342 58.75 5.69 -37.05
CA PHE M 342 58.28 6.29 -35.80
C PHE M 342 57.49 7.58 -36.02
N ILE M 343 56.62 7.58 -37.04
CA ILE M 343 55.60 8.62 -37.19
C ILE M 343 54.30 7.89 -37.52
N VAL M 344 53.48 7.63 -36.51
CA VAL M 344 52.24 6.88 -36.66
C VAL M 344 51.07 7.85 -36.63
N GLU M 345 50.19 7.73 -37.61
CA GLU M 345 48.98 8.55 -37.67
C GLU M 345 47.86 7.88 -36.88
N ILE M 346 46.97 8.70 -36.33
CA ILE M 346 45.97 8.21 -35.39
C ILE M 346 44.77 7.62 -36.14
N THR M 347 44.23 8.34 -37.11
CA THR M 347 42.98 7.93 -37.75
C THR M 347 43.12 6.68 -38.61
N PRO M 348 44.17 6.50 -39.42
CA PRO M 348 44.26 5.25 -40.20
C PRO M 348 44.48 4.03 -39.33
N LEU M 349 45.16 4.18 -38.19
CA LEU M 349 45.35 3.05 -37.29
C LEU M 349 44.04 2.60 -36.66
N ALA M 350 43.13 3.54 -36.38
CA ALA M 350 41.84 3.17 -35.81
C ALA M 350 40.95 2.48 -36.84
N HIS M 351 41.11 2.81 -38.11
CA HIS M 351 40.28 2.18 -39.14
C HIS M 351 40.73 0.75 -39.44
N GLU M 352 42.05 0.52 -39.52
CA GLU M 352 42.55 -0.82 -39.84
C GLU M 352 42.52 -1.76 -38.64
N LEU M 353 42.53 -1.24 -37.43
CA LEU M 353 42.46 -2.08 -36.23
C LEU M 353 41.03 -2.29 -35.74
N ASN M 354 40.04 -1.66 -36.37
CA ASN M 354 38.64 -1.77 -35.96
C ASN M 354 38.45 -1.37 -34.50
N LEU M 355 39.07 -0.25 -34.12
CA LEU M 355 39.00 0.26 -32.76
C LEU M 355 38.67 1.74 -32.77
N LYS M 356 38.13 2.21 -31.66
CA LYS M 356 37.81 3.62 -31.53
C LYS M 356 39.09 4.43 -31.40
N PRO M 357 39.17 5.60 -32.04
CA PRO M 357 40.39 6.42 -31.94
C PRO M 357 40.76 6.79 -30.52
N SER M 358 39.79 6.89 -29.61
CA SER M 358 40.11 7.20 -28.23
C SER M 358 40.85 6.05 -27.56
N LYS M 359 40.49 4.81 -27.89
CA LYS M 359 41.17 3.66 -27.33
C LYS M 359 42.58 3.50 -27.91
N VAL M 360 42.77 3.90 -29.16
CA VAL M 360 44.09 3.77 -29.78
C VAL M 360 45.05 4.80 -29.17
N VAL M 361 44.57 6.02 -28.93
CA VAL M 361 45.42 7.05 -28.35
C VAL M 361 45.82 6.68 -26.92
N SER M 362 44.89 6.11 -26.15
CA SER M 362 45.19 5.70 -24.79
C SER M 362 46.21 4.57 -24.73
N LEU M 363 46.33 3.79 -25.80
CA LEU M 363 47.32 2.70 -25.82
C LEU M 363 48.73 3.25 -26.00
N PHE M 364 48.89 4.40 -26.64
CA PHE M 364 50.20 5.03 -26.74
C PHE M 364 50.72 5.43 -25.36
N ARG M 365 49.83 5.91 -24.49
CA ARG M 365 50.25 6.42 -23.19
C ARG M 365 50.72 5.32 -22.25
N VAL M 366 50.28 4.09 -22.45
CA VAL M 366 50.74 3.00 -21.59
C VAL M 366 52.05 2.39 -22.12
N LEU M 367 52.30 2.49 -23.42
CA LEU M 367 53.57 2.04 -23.97
C LEU M 367 54.71 3.01 -23.68
N GLY M 368 54.39 4.26 -23.36
CA GLY M 368 55.39 5.27 -23.07
C GLY M 368 55.53 6.34 -24.14
N ALA M 369 54.70 6.32 -25.17
CA ALA M 369 54.76 7.32 -26.23
C ALA M 369 54.13 8.63 -25.76
N ILE M 370 54.27 9.65 -26.59
CA ILE M 370 53.74 10.98 -26.31
C ILE M 370 52.87 11.39 -27.51
N VAL M 371 51.57 11.50 -27.28
CA VAL M 371 50.62 11.86 -28.33
C VAL M 371 50.30 13.35 -28.22
N LYS M 372 50.30 14.04 -29.35
CA LYS M 372 50.02 15.46 -29.39
C LYS M 372 49.67 15.85 -30.82
N GLY M 373 49.25 17.10 -30.99
CA GLY M 373 48.89 17.60 -32.30
C GLY M 373 50.07 17.58 -33.26
N ALA M 374 49.73 17.54 -34.54
CA ALA M 374 50.74 17.52 -35.59
C ALA M 374 51.37 18.90 -35.78
N THR M 375 52.69 18.92 -35.94
CA THR M 375 53.40 20.17 -36.16
C THR M 375 53.19 20.64 -37.60
N VAL M 376 53.76 21.81 -37.92
CA VAL M 376 53.60 22.37 -39.26
C VAL M 376 54.34 21.52 -40.29
N ALA M 377 55.44 20.88 -39.90
CA ALA M 377 56.18 20.04 -40.84
C ALA M 377 55.59 18.65 -40.95
N GLN M 378 55.15 18.09 -39.82
CA GLN M 378 54.57 16.75 -39.83
C GLN M 378 53.19 16.73 -40.47
N ALA M 379 52.48 17.85 -40.51
CA ALA M 379 51.18 17.91 -41.16
C ALA M 379 51.31 17.94 -42.67
N GLU M 380 52.40 18.50 -43.20
CA GLU M 380 52.60 18.58 -44.64
C GLU M 380 53.13 17.27 -45.22
N ALA M 381 53.73 16.41 -44.39
CA ALA M 381 54.27 15.15 -44.90
C ALA M 381 53.18 14.22 -45.40
N PHE M 382 51.99 14.25 -44.79
CA PHE M 382 50.89 13.39 -45.19
C PHE M 382 49.90 14.08 -46.10
N GLY M 383 49.77 15.40 -46.03
CA GLY M 383 48.87 16.12 -46.90
C GLY M 383 47.51 16.38 -46.29
N ILE M 384 47.47 16.85 -45.05
CA ILE M 384 46.23 17.18 -44.38
C ILE M 384 46.15 18.70 -44.22
N PRO M 385 44.95 19.28 -44.15
CA PRO M 385 44.84 20.74 -44.04
C PRO M 385 45.48 21.27 -42.76
N LYS M 386 46.04 22.47 -42.84
CA LYS M 386 46.71 23.09 -41.72
C LYS M 386 45.74 23.63 -40.67
N SER M 387 44.49 23.91 -41.06
CA SER M 387 43.53 24.46 -40.12
C SER M 387 43.10 23.46 -39.05
N THR M 388 43.30 22.17 -39.30
CA THR M 388 42.94 21.13 -38.35
C THR M 388 44.16 20.42 -37.76
N ALA M 389 45.35 21.00 -37.91
CA ALA M 389 46.56 20.36 -37.42
C ALA M 389 46.55 20.20 -35.90
N ALA M 390 45.81 21.06 -35.20
CA ALA M 390 45.71 20.94 -33.74
C ALA M 390 44.76 19.83 -33.33
N SER M 391 43.65 19.67 -34.05
CA SER M 391 42.67 18.65 -33.76
C SER M 391 42.97 17.31 -34.43
N TYR M 392 43.96 17.26 -35.30
CA TYR M 392 44.35 16.04 -36.00
C TYR M 392 45.72 15.63 -35.44
N LYS M 393 45.70 14.89 -34.34
CA LYS M 393 46.91 14.52 -33.64
C LYS M 393 47.62 13.36 -34.33
N ILE M 394 48.90 13.20 -33.99
CA ILE M 394 49.73 12.12 -34.48
C ILE M 394 50.39 11.43 -33.28
N ALA M 395 51.24 10.45 -33.58
CA ALA M 395 51.97 9.71 -32.56
C ALA M 395 53.47 9.88 -32.79
N THR M 396 54.21 9.95 -31.69
CA THR M 396 55.66 10.09 -31.74
C THR M 396 56.25 9.63 -30.41
N MET M 397 57.58 9.58 -30.37
CA MET M 397 58.29 9.17 -29.17
C MET M 397 59.71 9.71 -29.18
N LYS M 398 60.08 10.45 -28.14
CA LYS M 398 61.37 11.11 -28.05
C LYS M 398 62.27 10.38 -27.05
N VAL M 399 63.57 10.57 -27.22
CA VAL M 399 64.57 9.99 -26.33
C VAL M 399 65.14 11.10 -25.45
N PRO M 400 65.49 10.83 -24.18
CA PRO M 400 65.36 9.53 -23.51
C PRO M 400 63.92 9.18 -23.12
N PHE M 401 63.71 7.93 -22.71
CA PHE M 401 62.37 7.48 -22.36
C PHE M 401 61.88 8.17 -21.10
N LYS M 402 60.59 8.52 -21.10
CA LYS M 402 60.01 9.22 -19.95
C LYS M 402 59.95 8.32 -18.74
N LEU M 403 60.47 8.80 -17.62
CA LEU M 403 60.49 8.03 -16.38
C LEU M 403 59.08 7.85 -15.82
N SER N 24 22.37 72.12 19.08
CA SER N 24 21.65 72.40 17.83
C SER N 24 21.42 71.13 17.02
N ILE N 25 20.67 70.21 17.63
CA ILE N 25 20.23 68.98 16.99
C ILE N 25 18.71 69.00 16.95
N PRO N 26 18.07 68.84 15.77
CA PRO N 26 18.73 68.66 14.48
C PRO N 26 19.16 69.98 13.83
N ASP N 27 19.35 69.95 12.51
CA ASP N 27 19.80 71.09 11.72
C ASP N 27 18.65 71.76 10.99
N GLY N 28 17.48 71.87 11.64
CA GLY N 28 16.28 72.34 10.98
C GLY N 28 16.27 73.82 10.61
N PHE N 29 15.08 74.38 10.47
CA PHE N 29 14.94 75.69 9.82
C PHE N 29 15.23 76.85 10.77
N LYS N 30 14.44 76.99 11.83
CA LYS N 30 14.53 78.20 12.65
C LYS N 30 14.00 77.92 14.05
N LYS N 31 14.70 78.44 15.06
CA LYS N 31 14.26 78.28 16.44
C LYS N 31 13.08 79.19 16.74
N CYS N 32 12.45 78.95 17.90
CA CYS N 32 11.27 79.72 18.29
C CYS N 32 11.65 81.15 18.65
N LYS N 33 10.82 82.11 18.20
CA LYS N 33 11.02 83.51 18.50
C LYS N 33 9.76 84.23 18.96
N HIS N 34 8.57 83.73 18.63
CA HIS N 34 7.31 84.39 18.97
C HIS N 34 6.57 83.56 20.00
N LEU N 35 6.02 84.23 21.01
CA LEU N 35 5.27 83.60 22.10
C LEU N 35 3.99 84.37 22.35
N LYS N 36 3.09 83.74 23.10
CA LYS N 36 1.82 84.35 23.47
C LYS N 36 1.52 84.05 24.93
N ASN N 37 0.91 85.01 25.61
CA ASN N 37 0.62 84.88 27.03
C ASN N 37 -0.78 84.31 27.23
N PHE N 38 -0.91 83.35 28.14
CA PHE N 38 -2.19 82.73 28.44
C PHE N 38 -2.75 83.28 29.74
N PRO N 39 -3.95 83.84 29.74
CA PRO N 39 -4.55 84.27 31.01
C PRO N 39 -4.98 83.08 31.85
N LEU N 40 -4.24 82.81 32.93
CA LEU N 40 -4.51 81.68 33.81
C LEU N 40 -4.63 82.20 35.23
N ASN N 41 -5.78 81.95 35.85
CA ASN N 41 -6.05 82.38 37.22
C ASN N 41 -5.77 81.30 38.25
N GLY N 42 -6.16 80.06 37.96
CA GLY N 42 -5.96 78.97 38.91
C GLY N 42 -6.98 78.98 40.03
N ASP N 43 -8.26 78.98 39.67
CA ASP N 43 -9.32 79.01 40.66
C ASP N 43 -9.31 77.73 41.50
N ASN N 44 -9.70 77.87 42.77
CA ASN N 44 -9.72 76.74 43.69
C ASN N 44 -10.85 75.78 43.34
N LYS N 49 -17.25 76.17 36.85
CA LYS N 49 -16.79 76.32 38.23
C LYS N 49 -15.28 76.45 38.29
N GLN N 50 -14.60 75.91 37.28
CA GLN N 50 -13.15 75.90 37.24
C GLN N 50 -12.69 76.04 35.79
N GLN N 51 -11.80 76.98 35.54
CA GLN N 51 -11.30 77.21 34.18
C GLN N 51 -10.32 76.12 33.79
N GLN N 52 -10.74 75.25 32.87
CA GLN N 52 -9.94 74.10 32.47
C GLN N 52 -9.75 74.11 30.96
N VAL N 53 -8.81 73.29 30.49
CA VAL N 53 -8.45 73.28 29.08
C VAL N 53 -9.44 72.46 28.27
N TRP N 54 -9.37 72.63 26.95
CA TRP N 54 -10.30 71.99 26.03
C TRP N 54 -9.55 71.58 24.78
N LEU N 55 -9.28 70.28 24.63
CA LEU N 55 -8.56 69.75 23.47
C LEU N 55 -9.46 68.77 22.75
N ILE N 56 -9.46 68.84 21.41
CA ILE N 56 -10.22 67.93 20.57
C ILE N 56 -9.27 67.31 19.54
N LYS N 57 -9.80 66.37 18.77
CA LYS N 57 -9.07 65.75 17.68
C LYS N 57 -9.84 65.92 16.39
N PHE N 58 -9.12 66.27 15.32
CA PHE N 58 -9.76 66.56 14.03
C PHE N 58 -8.76 66.31 12.91
N PRO N 59 -9.23 65.93 11.73
CA PRO N 59 -8.31 65.73 10.60
C PRO N 59 -7.79 67.03 10.02
N SER N 60 -7.06 66.94 8.91
CA SER N 60 -6.54 68.14 8.27
C SER N 60 -7.62 68.90 7.51
N ASN N 61 -8.51 68.17 6.82
CA ASN N 61 -9.60 68.78 6.07
C ASN N 61 -10.75 69.10 7.02
N VAL N 62 -10.63 70.24 7.70
CA VAL N 62 -11.58 70.67 8.71
C VAL N 62 -11.92 72.13 8.49
N ASP N 63 -12.73 72.68 9.40
CA ASP N 63 -13.20 74.06 9.34
C ASP N 63 -12.61 74.90 10.47
N ILE N 64 -11.32 74.70 10.76
CA ILE N 64 -10.67 75.41 11.86
C ILE N 64 -10.72 76.93 11.71
N SER N 65 -10.99 77.43 10.51
CA SER N 65 -11.07 78.85 10.27
C SER N 65 -12.46 79.35 9.89
N LYS N 66 -13.24 78.55 9.17
CA LYS N 66 -14.56 78.98 8.70
C LYS N 66 -15.70 78.56 9.61
N LEU N 67 -15.42 77.83 10.69
CA LEU N 67 -16.45 77.42 11.64
C LEU N 67 -16.52 78.43 12.78
N LYS N 68 -17.74 78.84 13.12
CA LYS N 68 -17.95 79.84 14.17
C LYS N 68 -18.70 79.28 15.37
N SER N 69 -19.27 78.09 15.28
CA SER N 69 -20.05 77.53 16.38
C SER N 69 -19.82 76.02 16.46
N LEU N 70 -19.91 75.50 17.69
CA LEU N 70 -19.78 74.07 17.94
C LEU N 70 -20.60 73.68 19.17
N PRO N 71 -21.61 72.82 19.02
CA PRO N 71 -22.47 72.48 20.17
C PRO N 71 -21.75 71.53 21.12
N VAL N 72 -21.86 71.83 22.42
CA VAL N 72 -21.39 70.94 23.48
C VAL N 72 -22.59 70.26 24.11
N ASP N 73 -22.45 68.98 24.43
CA ASP N 73 -23.58 68.19 24.89
C ASP N 73 -23.11 67.21 25.96
N PHE N 74 -23.99 66.26 26.29
CA PHE N 74 -23.74 65.21 27.26
C PHE N 74 -22.94 64.09 26.61
N GLU N 75 -22.93 62.91 27.23
CA GLU N 75 -22.31 61.72 26.66
C GLU N 75 -22.57 61.64 25.15
N SER N 76 -21.53 61.29 24.40
CA SER N 76 -21.43 61.66 22.99
C SER N 76 -22.59 61.18 22.14
N SER N 77 -23.45 62.12 21.73
CA SER N 77 -24.48 61.86 20.74
C SER N 77 -24.83 63.21 20.10
N THR N 78 -24.25 63.48 18.94
CA THR N 78 -24.43 64.76 18.26
C THR N 78 -23.93 64.62 16.83
N THR N 79 -23.96 65.73 16.09
CA THR N 79 -23.54 65.75 14.70
C THR N 79 -23.36 67.21 14.27
N MET N 80 -22.28 67.48 13.56
CA MET N 80 -22.01 68.81 13.01
C MET N 80 -22.70 68.96 11.66
N THR N 81 -22.94 70.22 11.28
CA THR N 81 -23.67 70.54 10.05
C THR N 81 -22.83 71.50 9.21
N ILE N 82 -22.04 70.95 8.29
CA ILE N 82 -21.29 71.74 7.32
C ILE N 82 -21.48 71.12 5.94
N ASP N 83 -20.74 71.62 4.95
CA ASP N 83 -20.93 71.19 3.56
C ASP N 83 -20.92 69.67 3.42
N LYS N 84 -19.96 69.00 4.08
CA LYS N 84 -19.91 67.54 3.98
C LYS N 84 -20.97 66.89 4.84
N HIS N 85 -21.20 67.42 6.05
CA HIS N 85 -22.31 67.01 6.92
C HIS N 85 -22.22 65.54 7.30
N ASP N 86 -21.09 65.16 7.90
CA ASP N 86 -20.96 63.84 8.51
C ASP N 86 -19.90 63.95 9.61
N TYR N 87 -20.36 64.15 10.85
CA TYR N 87 -19.46 64.34 11.98
C TYR N 87 -20.12 63.84 13.25
N LYS N 88 -19.29 63.58 14.26
CA LYS N 88 -19.77 63.12 15.55
C LYS N 88 -18.69 63.37 16.58
N ILE N 89 -19.00 64.17 17.60
CA ILE N 89 -18.04 64.54 18.63
C ILE N 89 -18.00 63.42 19.67
N MET N 90 -16.91 62.67 19.70
CA MET N 90 -16.74 61.59 20.66
C MET N 90 -16.01 62.10 21.89
N ASP N 91 -16.31 61.48 23.04
CA ASP N 91 -15.67 61.82 24.30
C ASP N 91 -15.03 60.56 24.89
N ASP N 92 -14.03 60.78 25.74
CA ASP N 92 -13.33 59.69 26.40
C ASP N 92 -12.88 60.13 27.78
N THR N 93 -13.14 59.30 28.78
CA THR N 93 -12.82 59.62 30.17
C THR N 93 -11.39 59.21 30.54
N ASP N 94 -11.06 57.93 30.35
CA ASP N 94 -9.74 57.43 30.69
C ASP N 94 -8.83 57.42 29.46
N ASN N 106 -0.70 61.54 33.03
CA ASN N 106 -0.83 60.94 31.71
C ASN N 106 0.05 61.65 30.68
N MET N 107 -0.42 62.81 30.22
CA MET N 107 0.29 63.62 29.25
C MET N 107 0.45 65.03 29.79
N THR N 108 1.69 65.52 29.82
CA THR N 108 2.00 66.82 30.39
C THR N 108 1.89 67.91 29.34
N LEU N 109 1.31 69.04 29.73
CA LEU N 109 1.16 70.20 28.86
C LEU N 109 1.95 71.36 29.43
N LEU N 110 2.83 71.93 28.62
CA LEU N 110 3.62 73.10 29.03
C LEU N 110 2.84 74.37 28.76
N VAL N 111 2.95 75.32 29.68
CA VAL N 111 2.23 76.59 29.60
C VAL N 111 3.27 77.71 29.45
N PRO N 112 3.35 78.35 28.32
CA PRO N 112 4.30 79.46 28.13
C PRO N 112 3.87 80.73 28.84
N SER N 113 4.20 80.81 30.14
CA SER N 113 3.82 81.98 30.93
C SER N 113 4.48 83.25 30.43
N GLU N 114 5.69 83.14 29.88
CA GLU N 114 6.40 84.31 29.35
C GLU N 114 7.24 83.85 28.16
N SER N 115 8.13 84.73 27.69
CA SER N 115 8.81 84.56 26.41
C SER N 115 10.19 83.92 26.53
N LYS N 116 11.02 84.37 27.49
CA LYS N 116 12.42 83.96 27.51
C LYS N 116 12.57 82.46 27.74
N GLU N 117 11.60 81.82 28.38
CA GLU N 117 11.64 80.37 28.55
C GLU N 117 10.69 79.63 27.61
N SER N 118 9.63 80.29 27.13
CA SER N 118 8.70 79.79 26.14
C SER N 118 7.91 78.57 26.61
N LEU N 119 8.08 78.16 27.88
CA LEU N 119 7.38 76.99 28.38
C LEU N 119 7.53 76.92 29.90
N LYS N 120 6.53 76.33 30.55
CA LYS N 120 6.57 76.06 31.98
C LYS N 120 5.98 74.68 32.22
N ILE N 121 5.73 74.38 33.49
CA ILE N 121 5.12 73.12 33.90
C ILE N 121 3.81 73.43 34.61
N ALA N 122 2.71 72.96 34.04
CA ALA N 122 1.39 73.19 34.63
C ALA N 122 1.20 72.29 35.84
N SER N 123 1.06 72.90 37.02
CA SER N 123 0.90 72.16 38.25
C SER N 123 0.14 73.02 39.25
N THR N 124 -0.85 72.42 39.92
CA THR N 124 -1.66 73.11 40.91
C THR N 124 -1.19 72.83 42.34
N ALA N 125 -1.03 71.56 42.69
CA ALA N 125 -0.58 71.19 44.03
C ALA N 125 0.93 70.93 44.04
N PRO N 130 1.32 66.94 38.78
CA PRO N 130 1.20 68.01 37.79
C PRO N 130 -0.25 68.43 37.56
N LEU N 131 -0.74 68.28 36.33
CA LEU N 131 -2.11 68.64 35.98
C LEU N 131 -2.68 67.57 35.07
N GLN N 132 -3.70 66.86 35.55
CA GLN N 132 -4.33 65.80 34.78
C GLN N 132 -5.51 66.38 33.98
N PHE N 133 -6.29 65.50 33.36
CA PHE N 133 -7.46 65.90 32.58
C PHE N 133 -8.62 64.99 32.93
N ASP N 134 -9.80 65.35 32.43
CA ASP N 134 -11.03 64.65 32.79
C ASP N 134 -11.69 63.91 31.62
N LYS N 135 -11.93 64.59 30.50
CA LYS N 135 -12.67 63.98 29.40
C LYS N 135 -12.11 64.55 28.09
N VAL N 136 -11.20 63.80 27.46
CA VAL N 136 -10.60 64.24 26.21
C VAL N 136 -11.62 64.11 25.08
N PHE N 137 -11.58 65.05 24.14
CA PHE N 137 -12.50 65.09 23.01
C PHE N 137 -11.79 64.59 21.76
N SER N 138 -12.53 63.88 20.91
CA SER N 138 -12.01 63.35 19.65
C SER N 138 -13.15 63.32 18.64
N VAL N 139 -13.14 64.27 17.71
CA VAL N 139 -14.19 64.39 16.71
C VAL N 139 -13.96 63.35 15.61
N SER N 140 -15.01 62.63 15.25
CA SER N 140 -14.97 61.62 14.20
C SER N 140 -15.95 61.99 13.09
N GLU N 141 -15.84 61.28 11.97
CA GLU N 141 -16.68 61.49 10.81
C GLU N 141 -17.52 60.24 10.59
N THR N 142 -18.75 60.24 11.11
CA THR N 142 -19.66 59.12 10.98
C THR N 142 -20.53 59.34 9.74
N ALA N 143 -20.04 58.86 8.60
CA ALA N 143 -20.80 58.99 7.36
C ALA N 143 -22.05 58.11 7.41
N LYS N 144 -23.21 58.73 7.17
CA LYS N 144 -24.48 58.01 7.21
C LYS N 144 -24.54 56.94 6.12
N ILE N 145 -24.53 55.67 6.52
CA ILE N 145 -24.60 54.55 5.59
C ILE N 145 -26.03 54.42 5.08
N PRO N 146 -26.25 54.50 3.76
CA PRO N 146 -27.62 54.35 3.23
C PRO N 146 -28.18 52.96 3.49
N ALA N 147 -29.20 52.79 4.31
CA ALA N 147 -29.61 51.40 4.55
C ALA N 147 -31.07 50.93 4.49
N ILE N 148 -31.23 49.62 4.47
CA ILE N 148 -32.54 48.95 4.52
C ILE N 148 -33.49 48.95 3.32
N ASP N 149 -32.95 49.00 2.10
CA ASP N 149 -33.82 48.98 0.93
C ASP N 149 -34.15 47.52 0.57
N TYR N 150 -35.22 47.00 1.18
CA TYR N 150 -35.65 45.62 0.92
C TYR N 150 -36.85 45.61 -0.02
N SER N 151 -36.66 46.18 -1.20
CA SER N 151 -37.71 46.23 -2.21
C SER N 151 -37.29 45.62 -3.54
N LYS N 152 -36.04 45.75 -3.94
CA LYS N 152 -35.56 45.17 -5.19
C LYS N 152 -34.74 43.90 -5.00
N VAL N 153 -34.15 43.69 -3.82
CA VAL N 153 -33.37 42.49 -3.59
C VAL N 153 -34.26 41.30 -3.27
N ARG N 154 -35.44 41.54 -2.71
CA ARG N 154 -36.39 40.48 -2.37
C ARG N 154 -37.41 40.39 -3.50
N VAL N 155 -37.13 39.51 -4.46
CA VAL N 155 -37.98 39.33 -5.64
C VAL N 155 -38.57 37.93 -5.60
N PRO N 156 -39.85 37.76 -5.91
CA PRO N 156 -40.43 36.41 -5.99
C PRO N 156 -39.70 35.56 -7.00
N ARG N 157 -39.06 34.49 -6.52
CA ARG N 157 -38.22 33.65 -7.35
C ARG N 157 -39.07 32.84 -8.31
N LYS N 158 -38.87 33.05 -9.61
CA LYS N 158 -39.55 32.25 -10.61
C LYS N 158 -38.95 30.84 -10.63
N ASP N 159 -39.79 29.86 -10.98
CA ASP N 159 -39.36 28.47 -10.95
C ASP N 159 -38.32 28.20 -12.04
N VAL N 160 -38.72 28.33 -13.30
CA VAL N 160 -37.83 28.05 -14.44
C VAL N 160 -38.47 28.63 -15.70
N PRO N 161 -37.68 29.23 -16.60
CA PRO N 161 -38.26 29.69 -17.88
C PRO N 161 -38.65 28.53 -18.79
N LYS N 162 -39.95 28.34 -18.99
CA LYS N 162 -40.44 27.25 -19.82
C LYS N 162 -40.41 27.65 -21.28
N VAL N 163 -39.82 26.78 -22.11
CA VAL N 163 -39.67 27.08 -23.53
C VAL N 163 -41.03 27.01 -24.22
N GLU N 164 -41.31 27.99 -25.08
CA GLU N 164 -42.57 28.09 -25.80
C GLU N 164 -42.33 27.91 -27.29
N GLY N 165 -43.35 27.40 -27.98
CA GLY N 165 -43.26 27.17 -29.41
C GLY N 165 -42.52 25.91 -29.78
N LEU N 166 -43.04 24.76 -29.36
CA LEU N 166 -42.42 23.48 -29.62
C LEU N 166 -43.26 22.67 -30.59
N LYS N 167 -42.58 21.84 -31.38
CA LYS N 167 -43.23 20.92 -32.31
C LYS N 167 -42.89 19.50 -31.91
N LEU N 168 -43.89 18.62 -31.93
CA LEU N 168 -43.76 17.26 -31.44
C LEU N 168 -43.44 16.30 -32.59
N GLU N 169 -42.44 15.46 -32.39
CA GLU N 169 -42.14 14.35 -33.28
C GLU N 169 -42.13 13.07 -32.46
N HIS N 170 -42.71 12.00 -33.01
CA HIS N 170 -43.01 10.82 -32.22
C HIS N 170 -42.95 9.59 -33.12
N PHE N 171 -43.49 8.48 -32.64
CA PHE N 171 -43.35 7.17 -33.27
C PHE N 171 -44.28 7.02 -34.46
N ALA N 172 -44.46 5.78 -34.92
CA ALA N 172 -45.17 5.48 -36.17
C ALA N 172 -44.43 6.10 -37.36
N THR N 173 -43.21 5.61 -37.58
CA THR N 173 -42.32 6.13 -38.61
C THR N 173 -42.85 5.93 -40.02
N GLY N 174 -43.98 5.24 -40.19
CA GLY N 174 -44.53 5.05 -41.53
C GLY N 174 -44.98 6.34 -42.20
N TYR N 175 -45.22 7.38 -41.41
CA TYR N 175 -45.58 8.69 -41.95
C TYR N 175 -45.37 9.74 -40.86
N ASP N 176 -45.28 11.00 -41.29
CA ASP N 176 -45.04 12.10 -40.36
C ASP N 176 -46.34 12.76 -39.91
N ALA N 177 -47.28 12.96 -40.83
CA ALA N 177 -48.55 13.60 -40.49
C ALA N 177 -49.69 12.59 -40.59
ZN ZN R . 39.70 -7.40 41.54
ZN ZN S . 36.70 -17.98 -8.97
ZN ZN T . 35.17 -28.05 3.61
ZN ZN U . 17.88 56.20 38.88
ZN ZN V . -28.65 7.84 -35.36
ZN ZN W . 13.92 28.87 -43.03
#